data_7FRX
#
_entry.id   7FRX
#
_cell.length_a   208.844
_cell.length_b   113.199
_cell.length_c   189.150
_cell.angle_alpha   90.000
_cell.angle_beta   90.990
_cell.angle_gamma   90.000
#
_symmetry.space_group_name_H-M   'C 1 2 1'
#
loop_
_entity.id
_entity.type
_entity.pdbx_description
1 polymer 'Pyruvate kinase PKLR'
2 non-polymer 1,6-di-O-phosphono-beta-D-fructofuranose
3 non-polymer 'OXALATE ION'
4 non-polymer 'MAGNESIUM ION'
5 non-polymer 'POTASSIUM ION'
6 non-polymer N-{[4-(3,4-dihydroxybenzene-1-sulfonyl)phenyl]methyl}-3,4-dihydroxybenzene-1-sulfonamide
7 water water
#
_entity_poly.entity_id   1
_entity_poly.type   'polypeptide(L)'
_entity_poly.pdbx_seq_one_letter_code
;GSMEGPAGYLRRADVAQLTQELGTAFFQQQQLPAAMADTFLEHLCLLDIDSEPVAARSTSIIATIGPASRSVERLKEMIK
AGMNIARLNFSHGSHEYHAESIANVREAVESFAGSPLSYRPVAIALDTKGPGSGPGLSEQDVRDLRFGVEHGVDIVFASF
VRKASDVAAVRAALGPEGHGIKIISKIENHEGVKRFDEILEVSDGIMVARGDLGIEIPAEKVFLAQKMMIGRCNLAGKPV
VCATQMLESMITKPRPTRAETSDVANAVLDGADCIMLSGETAKGNFPVEAVKMQHAIAREAEAAVYHRQLFEELRRAAPL
SRDPTEVTAIGAVEAAFKCCAAAIIVLTTTGRSAQLLSRYRPRAAVIAVTRSAQAARQVHLCRGVFPLLYREPPEAIWAD
DVDRRVQFGIESGKLRGFLRVGDLVIVVTGWRPGSGYTNIMRVLSIS
;
_entity_poly.pdbx_strand_id   A,B,C,D,E,F,G,H
#
# COMPACT_ATOMS: atom_id res chain seq x y z
N ALA A 25 1.40 25.99 -24.00
CA ALA A 25 0.17 25.73 -24.76
C ALA A 25 0.49 25.25 -26.17
N PHE A 26 1.56 25.78 -26.77
CA PHE A 26 1.98 25.39 -28.13
C PHE A 26 2.27 23.89 -28.19
N PHE A 27 2.99 23.38 -27.18
CA PHE A 27 3.37 21.98 -27.13
C PHE A 27 2.27 21.01 -26.71
N GLN A 28 1.07 21.49 -26.38
CA GLN A 28 -0.05 20.62 -26.05
C GLN A 28 -0.96 20.39 -27.28
N GLN A 29 -1.02 21.39 -28.20
CA GLN A 29 -1.84 21.38 -29.42
C GLN A 29 -1.24 20.47 -30.50
N GLN A 30 -2.00 20.28 -31.61
CA GLN A 30 -1.64 19.51 -32.81
C GLN A 30 -0.94 18.17 -32.53
N GLN A 31 -1.40 17.45 -31.49
CA GLN A 31 -0.84 16.16 -31.08
C GLN A 31 0.68 16.21 -30.90
N LEU A 32 1.24 17.35 -30.47
CA LEU A 32 2.69 17.45 -30.29
C LEU A 32 3.25 16.48 -29.25
N PRO A 33 2.59 16.18 -28.10
CA PRO A 33 3.12 15.12 -27.22
C PRO A 33 3.25 13.77 -27.96
N ALA A 34 2.23 13.39 -28.77
CA ALA A 34 2.31 12.14 -29.55
C ALA A 34 3.39 12.21 -30.66
N ALA A 35 3.64 13.42 -31.18
CA ALA A 35 4.65 13.63 -32.21
C ALA A 35 6.07 13.46 -31.66
N MET A 36 6.30 13.84 -30.40
CA MET A 36 7.63 13.72 -29.80
C MET A 36 7.93 12.31 -29.23
N ALA A 37 7.01 11.36 -29.36
CA ALA A 37 7.19 10.03 -28.77
C ALA A 37 8.34 9.26 -29.34
N ASP A 38 9.00 8.47 -28.51
CA ASP A 38 10.17 7.68 -28.88
C ASP A 38 9.84 6.39 -29.65
N THR A 39 8.60 5.89 -29.53
CA THR A 39 8.17 4.68 -30.23
C THR A 39 6.78 4.90 -30.83
N PHE A 40 6.40 4.10 -31.82
CA PHE A 40 5.06 4.18 -32.40
C PHE A 40 4.00 3.81 -31.32
N LEU A 41 4.32 2.84 -30.44
CA LEU A 41 3.40 2.46 -29.35
C LEU A 41 3.12 3.68 -28.44
N GLU A 42 4.17 4.38 -27.99
CA GLU A 42 4.03 5.58 -27.15
C GLU A 42 3.30 6.68 -27.91
N HIS A 43 3.54 6.80 -29.24
CA HIS A 43 2.84 7.77 -30.09
C HIS A 43 1.33 7.54 -30.03
N LEU A 44 0.91 6.27 -30.18
CA LEU A 44 -0.51 5.91 -30.10
C LEU A 44 -1.08 6.23 -28.71
N CYS A 45 -0.35 5.84 -27.65
CA CYS A 45 -0.77 6.06 -26.26
C CYS A 45 -0.97 7.56 -25.92
N LEU A 46 -0.26 8.44 -26.61
CA LEU A 46 -0.31 9.88 -26.35
C LEU A 46 -1.31 10.65 -27.20
N LEU A 47 -2.01 9.99 -28.15
CA LEU A 47 -3.02 10.68 -28.97
C LEU A 47 -4.14 11.20 -28.06
N ASP A 48 -4.50 12.48 -28.23
CA ASP A 48 -5.40 13.17 -27.32
C ASP A 48 -6.53 13.85 -28.05
N ILE A 49 -7.77 13.45 -27.75
CA ILE A 49 -8.97 14.05 -28.35
C ILE A 49 -9.12 15.54 -28.00
N ASP A 50 -8.48 16.00 -26.92
CA ASP A 50 -8.52 17.42 -26.52
C ASP A 50 -7.38 18.24 -27.14
N SER A 51 -6.44 17.62 -27.88
CA SER A 51 -5.35 18.34 -28.52
C SER A 51 -5.85 18.81 -29.87
N GLU A 52 -6.16 20.11 -29.99
CA GLU A 52 -6.78 20.66 -31.20
C GLU A 52 -5.81 20.87 -32.34
N PRO A 53 -6.25 20.59 -33.58
CA PRO A 53 -5.37 20.83 -34.74
C PRO A 53 -5.16 22.34 -34.93
N VAL A 54 -3.96 22.72 -35.37
CA VAL A 54 -3.65 24.13 -35.58
C VAL A 54 -3.27 24.39 -37.03
N ALA A 55 -2.50 23.48 -37.63
CA ALA A 55 -2.10 23.62 -39.03
C ALA A 55 -3.27 23.56 -40.00
N ALA A 56 -3.10 24.17 -41.17
CA ALA A 56 -4.11 24.14 -42.20
C ALA A 56 -4.20 22.72 -42.75
N ARG A 57 -5.41 22.32 -43.20
CA ARG A 57 -5.65 20.99 -43.73
C ARG A 57 -4.82 20.78 -44.99
N SER A 58 -3.94 19.79 -44.97
CA SER A 58 -2.98 19.50 -46.02
C SER A 58 -3.41 18.51 -47.09
N THR A 59 -4.32 17.55 -46.78
CA THR A 59 -4.75 16.55 -47.76
C THR A 59 -5.87 17.16 -48.59
N SER A 60 -5.68 17.24 -49.91
CA SER A 60 -6.70 17.83 -50.78
C SER A 60 -7.94 16.99 -50.91
N ILE A 61 -9.07 17.68 -51.11
CA ILE A 61 -10.35 17.02 -51.29
C ILE A 61 -10.78 17.13 -52.74
N ILE A 62 -11.07 15.99 -53.35
CA ILE A 62 -11.58 15.93 -54.72
C ILE A 62 -13.08 15.66 -54.61
N ALA A 63 -13.91 16.55 -55.18
CA ALA A 63 -15.36 16.35 -55.15
C ALA A 63 -15.87 16.12 -56.57
N THR A 64 -16.66 15.07 -56.76
CA THR A 64 -17.22 14.77 -58.07
C THR A 64 -18.42 15.68 -58.33
N ILE A 65 -18.44 16.31 -59.51
CA ILE A 65 -19.52 17.22 -59.88
C ILE A 65 -20.67 16.43 -60.52
N GLY A 66 -21.88 16.76 -60.12
CA GLY A 66 -23.08 16.15 -60.67
C GLY A 66 -24.32 16.98 -60.37
N PRO A 67 -25.52 16.39 -60.53
CA PRO A 67 -26.75 17.15 -60.25
C PRO A 67 -26.83 17.82 -58.87
N ALA A 68 -26.24 17.18 -57.84
CA ALA A 68 -26.28 17.75 -56.49
C ALA A 68 -25.25 18.87 -56.25
N SER A 69 -24.28 19.03 -57.15
CA SER A 69 -23.19 19.97 -56.93
C SER A 69 -22.83 20.80 -58.18
N ARG A 70 -23.78 21.01 -59.09
CA ARG A 70 -23.50 21.73 -60.33
C ARG A 70 -23.80 23.22 -60.33
N SER A 71 -24.77 23.69 -59.52
CA SER A 71 -25.12 25.11 -59.53
C SER A 71 -24.00 25.98 -58.96
N VAL A 72 -23.77 27.16 -59.55
CA VAL A 72 -22.75 28.11 -59.12
C VAL A 72 -22.83 28.41 -57.62
N GLU A 73 -24.04 28.59 -57.09
CA GLU A 73 -24.24 28.87 -55.67
C GLU A 73 -23.79 27.68 -54.81
N ARG A 74 -24.05 26.44 -55.29
CA ARG A 74 -23.65 25.20 -54.64
C ARG A 74 -22.12 25.06 -54.65
N LEU A 75 -21.49 25.33 -55.81
CA LEU A 75 -20.05 25.25 -55.97
C LEU A 75 -19.32 26.27 -55.10
N LYS A 76 -19.94 27.43 -54.81
CA LYS A 76 -19.32 28.43 -53.92
C LYS A 76 -19.27 27.89 -52.50
N GLU A 77 -20.34 27.22 -52.05
CA GLU A 77 -20.38 26.63 -50.72
C GLU A 77 -19.38 25.47 -50.61
N MET A 78 -19.19 24.70 -51.69
CA MET A 78 -18.25 23.59 -51.69
CA MET A 78 -18.25 23.59 -51.69
C MET A 78 -16.81 24.08 -51.65
N ILE A 79 -16.51 25.22 -52.30
CA ILE A 79 -15.16 25.80 -52.28
C ILE A 79 -14.87 26.26 -50.84
N LYS A 80 -15.85 26.93 -50.21
CA LYS A 80 -15.73 27.41 -48.83
C LYS A 80 -15.60 26.23 -47.84
N ALA A 81 -16.26 25.11 -48.13
CA ALA A 81 -16.19 23.91 -47.29
C ALA A 81 -14.82 23.19 -47.39
N GLY A 82 -14.10 23.41 -48.48
CA GLY A 82 -12.77 22.82 -48.64
C GLY A 82 -12.46 22.08 -49.94
N MET A 83 -13.37 22.08 -50.92
CA MET A 83 -13.11 21.40 -52.19
C MET A 83 -11.90 22.04 -52.89
N ASN A 84 -10.91 21.22 -53.27
CA ASN A 84 -9.70 21.73 -53.94
C ASN A 84 -9.67 21.31 -55.41
N ILE A 85 -10.26 20.15 -55.74
CA ILE A 85 -10.27 19.60 -57.10
C ILE A 85 -11.69 19.17 -57.46
N ALA A 86 -12.19 19.64 -58.61
CA ALA A 86 -13.50 19.25 -59.09
C ALA A 86 -13.31 18.12 -60.10
N ARG A 87 -13.96 16.97 -59.87
CA ARG A 87 -13.83 15.82 -60.77
C ARG A 87 -15.06 15.73 -61.69
N LEU A 88 -14.83 15.62 -63.00
CA LEU A 88 -15.93 15.45 -63.95
C LEU A 88 -15.89 14.01 -64.34
N ASN A 89 -16.98 13.30 -64.10
CA ASN A 89 -17.03 11.88 -64.43
C ASN A 89 -17.56 11.73 -65.86
N PHE A 90 -16.67 11.43 -66.81
CA PHE A 90 -17.08 11.31 -68.21
C PHE A 90 -17.73 9.97 -68.57
N SER A 91 -17.98 9.09 -67.59
CA SER A 91 -18.68 7.83 -67.84
C SER A 91 -20.16 8.11 -68.18
N HIS A 92 -20.72 9.21 -67.64
CA HIS A 92 -22.09 9.66 -67.85
C HIS A 92 -22.06 11.17 -68.10
N GLY A 93 -22.87 11.65 -69.04
CA GLY A 93 -22.93 13.08 -69.34
C GLY A 93 -22.34 13.47 -70.67
N SER A 94 -23.05 14.34 -71.40
CA SER A 94 -22.61 14.80 -72.71
C SER A 94 -21.53 15.89 -72.59
N HIS A 95 -20.82 16.17 -73.70
CA HIS A 95 -19.80 17.22 -73.75
C HIS A 95 -20.40 18.59 -73.40
N GLU A 96 -21.66 18.84 -73.81
CA GLU A 96 -22.36 20.10 -73.50
C GLU A 96 -22.58 20.23 -71.99
N TYR A 97 -22.92 19.12 -71.32
CA TYR A 97 -23.15 19.05 -69.89
C TYR A 97 -21.83 19.33 -69.16
N HIS A 98 -20.75 18.62 -69.51
CA HIS A 98 -19.46 18.83 -68.88
C HIS A 98 -18.88 20.22 -69.10
N ALA A 99 -19.11 20.83 -70.29
CA ALA A 99 -18.65 22.20 -70.53
C ALA A 99 -19.37 23.19 -69.61
N GLU A 100 -20.66 22.94 -69.34
CA GLU A 100 -21.44 23.79 -68.44
C GLU A 100 -20.95 23.61 -67.00
N SER A 101 -20.59 22.38 -66.59
CA SER A 101 -20.04 22.11 -65.26
C SER A 101 -18.74 22.89 -65.07
N ILE A 102 -17.83 22.83 -66.08
CA ILE A 102 -16.56 23.56 -66.07
C ILE A 102 -16.78 25.07 -65.93
N ALA A 103 -17.73 25.62 -66.71
CA ALA A 103 -18.04 27.04 -66.65
C ALA A 103 -18.57 27.43 -65.27
N ASN A 104 -19.41 26.57 -64.66
CA ASN A 104 -19.98 26.85 -63.34
C ASN A 104 -18.91 26.81 -62.26
N VAL A 105 -17.96 25.87 -62.37
CA VAL A 105 -16.84 25.76 -61.42
C VAL A 105 -16.00 27.02 -61.53
N ARG A 106 -15.59 27.39 -62.75
CA ARG A 106 -14.79 28.60 -62.99
C ARG A 106 -15.48 29.88 -62.51
N GLU A 107 -16.80 29.99 -62.69
CA GLU A 107 -17.53 31.17 -62.23
C GLU A 107 -17.51 31.25 -60.69
N ALA A 108 -17.74 30.11 -60.03
CA ALA A 108 -17.71 30.05 -58.57
C ALA A 108 -16.31 30.35 -58.02
N VAL A 109 -15.26 29.81 -58.65
CA VAL A 109 -13.87 30.03 -58.23
C VAL A 109 -13.48 31.50 -58.39
N GLU A 110 -13.81 32.08 -59.56
CA GLU A 110 -13.44 33.46 -59.82
C GLU A 110 -14.26 34.49 -59.04
N SER A 111 -15.38 34.08 -58.43
CA SER A 111 -16.15 34.99 -57.58
C SER A 111 -15.36 35.43 -56.31
N PHE A 112 -14.23 34.75 -55.99
CA PHE A 112 -13.38 35.06 -54.85
C PHE A 112 -12.04 35.75 -55.24
N ALA A 113 -11.82 35.99 -56.56
CA ALA A 113 -10.61 36.62 -57.09
C ALA A 113 -10.40 38.09 -56.70
N GLY A 114 -11.45 38.75 -56.21
CA GLY A 114 -11.39 40.14 -55.78
C GLY A 114 -10.47 40.39 -54.60
N SER A 115 -10.14 39.34 -53.84
CA SER A 115 -9.21 39.43 -52.73
C SER A 115 -8.04 38.48 -53.02
N PRO A 116 -7.00 38.99 -53.70
CA PRO A 116 -5.88 38.11 -54.09
C PRO A 116 -5.13 37.41 -52.97
N LEU A 117 -5.10 38.00 -51.77
CA LEU A 117 -4.42 37.40 -50.61
C LEU A 117 -5.15 36.18 -50.03
N SER A 118 -6.43 35.97 -50.40
CA SER A 118 -7.19 34.82 -49.89
C SER A 118 -7.76 33.90 -50.99
N TYR A 119 -7.62 34.27 -52.28
CA TYR A 119 -8.12 33.50 -53.42
C TYR A 119 -7.60 32.06 -53.40
N ARG A 120 -8.52 31.10 -53.56
CA ARG A 120 -8.16 29.69 -53.57
C ARG A 120 -8.33 29.08 -54.95
N PRO A 121 -7.22 28.70 -55.59
CA PRO A 121 -7.33 28.00 -56.88
C PRO A 121 -8.03 26.64 -56.72
N VAL A 122 -8.75 26.19 -57.75
CA VAL A 122 -9.45 24.90 -57.75
C VAL A 122 -9.14 24.18 -59.06
N ALA A 123 -8.56 22.98 -59.00
CA ALA A 123 -8.24 22.24 -60.21
C ALA A 123 -9.46 21.57 -60.83
N ILE A 124 -9.41 21.28 -62.13
CA ILE A 124 -10.48 20.58 -62.82
C ILE A 124 -9.88 19.29 -63.37
N ALA A 125 -10.44 18.17 -62.96
CA ALA A 125 -9.94 16.85 -63.36
C ALA A 125 -10.96 16.13 -64.20
N LEU A 126 -10.53 15.52 -65.29
CA LEU A 126 -11.41 14.78 -66.18
C LEU A 126 -11.18 13.30 -65.91
N ASP A 127 -12.22 12.59 -65.50
CA ASP A 127 -12.12 11.16 -65.22
C ASP A 127 -12.71 10.42 -66.42
N THR A 128 -11.88 9.67 -67.13
CA THR A 128 -12.31 8.98 -68.34
C THR A 128 -13.26 7.80 -68.12
N LYS A 129 -14.08 7.51 -69.14
CA LYS A 129 -15.02 6.41 -69.12
C LYS A 129 -14.27 5.08 -69.05
N GLY A 130 -13.17 4.97 -69.78
CA GLY A 130 -12.35 3.76 -69.75
C GLY A 130 -12.37 2.95 -71.02
N PRO A 131 -11.59 1.86 -71.04
CA PRO A 131 -11.51 1.02 -72.24
C PRO A 131 -12.69 0.07 -72.47
N GLY A 132 -13.48 -0.18 -71.42
CA GLY A 132 -14.60 -1.11 -71.48
C GLY A 132 -14.11 -2.51 -71.76
N SER A 133 -14.67 -3.16 -72.77
CA SER A 133 -14.25 -4.51 -73.16
C SER A 133 -12.99 -4.52 -74.07
N GLY A 134 -12.55 -3.34 -74.52
CA GLY A 134 -11.40 -3.22 -75.40
C GLY A 134 -10.07 -3.47 -74.73
N GLY A 136 -7.26 -1.37 -75.14
CA GLY A 136 -6.56 -0.11 -74.93
C GLY A 136 -7.47 1.10 -75.01
N LEU A 137 -6.92 2.24 -75.44
CA LEU A 137 -7.64 3.51 -75.53
C LEU A 137 -8.85 3.48 -76.47
N SER A 138 -10.05 3.65 -75.89
CA SER A 138 -11.29 3.64 -76.64
C SER A 138 -11.47 4.93 -77.47
N GLU A 139 -12.34 4.88 -78.48
CA GLU A 139 -12.62 6.03 -79.34
C GLU A 139 -13.29 7.16 -78.56
N GLN A 140 -14.16 6.81 -77.58
CA GLN A 140 -14.82 7.82 -76.77
C GLN A 140 -13.78 8.53 -75.91
N ASP A 141 -12.82 7.79 -75.34
CA ASP A 141 -11.76 8.38 -74.54
C ASP A 141 -10.91 9.34 -75.36
N VAL A 142 -10.62 9.00 -76.63
CA VAL A 142 -9.86 9.91 -77.51
C VAL A 142 -10.60 11.25 -77.67
N ARG A 143 -11.91 11.20 -77.88
CA ARG A 143 -12.74 12.40 -78.03
C ARG A 143 -12.86 13.18 -76.72
N ASP A 144 -12.98 12.47 -75.59
CA ASP A 144 -13.11 13.12 -74.30
C ASP A 144 -11.80 13.77 -73.86
N LEU A 145 -10.67 13.14 -74.16
CA LEU A 145 -9.36 13.70 -73.85
C LEU A 145 -9.10 14.96 -74.69
N ARG A 146 -9.56 14.95 -75.96
CA ARG A 146 -9.45 16.11 -76.85
C ARG A 146 -10.28 17.26 -76.28
N PHE A 147 -11.50 16.95 -75.78
CA PHE A 147 -12.39 17.93 -75.13
C PHE A 147 -11.67 18.53 -73.92
N GLY A 148 -11.01 17.68 -73.12
CA GLY A 148 -10.27 18.10 -71.94
C GLY A 148 -9.20 19.13 -72.27
N VAL A 149 -8.42 18.88 -73.31
CA VAL A 149 -7.38 19.81 -73.76
C VAL A 149 -8.01 21.13 -74.23
N GLU A 150 -9.07 21.05 -75.04
CA GLU A 150 -9.75 22.24 -75.56
C GLU A 150 -10.39 23.08 -74.46
N HIS A 151 -10.82 22.44 -73.36
CA HIS A 151 -11.42 23.17 -72.24
C HIS A 151 -10.45 23.47 -71.08
N GLY A 152 -9.16 23.24 -71.30
CA GLY A 152 -8.11 23.54 -70.32
C GLY A 152 -8.18 22.81 -68.99
N VAL A 153 -8.51 21.50 -69.00
CA VAL A 153 -8.52 20.73 -67.75
C VAL A 153 -7.08 20.58 -67.23
N ASP A 154 -6.92 20.47 -65.91
CA ASP A 154 -5.60 20.39 -65.31
C ASP A 154 -5.08 18.98 -65.16
N ILE A 155 -5.99 18.04 -64.93
CA ILE A 155 -5.64 16.65 -64.63
C ILE A 155 -6.56 15.68 -65.36
N VAL A 156 -6.02 14.50 -65.66
CA VAL A 156 -6.80 13.39 -66.20
C VAL A 156 -6.68 12.22 -65.23
N PHE A 157 -7.82 11.66 -64.80
CA PHE A 157 -7.83 10.45 -63.99
C PHE A 157 -8.12 9.37 -65.04
N ALA A 158 -7.08 8.67 -65.49
CA ALA A 158 -7.23 7.66 -66.54
C ALA A 158 -7.75 6.34 -65.99
N SER A 159 -8.97 5.95 -66.38
CA SER A 159 -9.60 4.72 -65.89
C SER A 159 -8.96 3.44 -66.40
N PHE A 160 -8.99 2.41 -65.56
CA PHE A 160 -8.51 1.05 -65.83
C PHE A 160 -7.12 0.99 -66.48
N VAL A 161 -6.12 1.64 -65.87
CA VAL A 161 -4.76 1.58 -66.40
C VAL A 161 -4.17 0.23 -66.01
N ARG A 162 -3.76 -0.57 -67.00
CA ARG A 162 -3.25 -1.92 -66.74
C ARG A 162 -1.76 -2.09 -67.04
N LYS A 163 -1.15 -1.14 -67.76
CA LYS A 163 0.26 -1.23 -68.15
C LYS A 163 0.77 0.15 -68.61
N ALA A 164 2.10 0.29 -68.75
CA ALA A 164 2.73 1.55 -69.17
C ALA A 164 2.23 2.06 -70.53
N SER A 165 1.95 1.16 -71.49
CA SER A 165 1.47 1.58 -72.82
C SER A 165 0.09 2.24 -72.77
N ASP A 166 -0.72 1.94 -71.74
CA ASP A 166 -2.01 2.59 -71.56
C ASP A 166 -1.80 4.08 -71.25
N VAL A 167 -0.79 4.39 -70.42
CA VAL A 167 -0.47 5.77 -70.06
C VAL A 167 0.07 6.53 -71.27
N ALA A 168 0.93 5.87 -72.07
CA ALA A 168 1.49 6.46 -73.28
C ALA A 168 0.38 6.81 -74.27
N ALA A 169 -0.65 5.95 -74.38
CA ALA A 169 -1.78 6.20 -75.27
C ALA A 169 -2.59 7.42 -74.80
N VAL A 170 -2.79 7.58 -73.48
CA VAL A 170 -3.50 8.74 -72.93
C VAL A 170 -2.70 10.01 -73.23
N ARG A 171 -1.38 9.94 -73.02
CA ARG A 171 -0.46 11.05 -73.26
C ARG A 171 -0.52 11.49 -74.74
N ALA A 172 -0.50 10.51 -75.66
CA ALA A 172 -0.57 10.81 -77.09
C ALA A 172 -1.90 11.47 -77.46
N ALA A 173 -3.02 11.00 -76.88
CA ALA A 173 -4.35 11.56 -77.14
C ALA A 173 -4.50 13.00 -76.64
N LEU A 174 -3.70 13.41 -75.66
CA LEU A 174 -3.73 14.80 -75.19
C LEU A 174 -3.06 15.77 -76.19
N GLY A 175 -2.25 15.23 -77.11
CA GLY A 175 -1.58 16.00 -78.17
C GLY A 175 -0.48 16.93 -77.69
N PRO A 176 0.03 17.74 -78.62
CA PRO A 176 1.09 18.69 -78.25
C PRO A 176 0.59 19.84 -77.35
N GLU A 177 -0.70 20.17 -77.40
CA GLU A 177 -1.25 21.24 -76.55
C GLU A 177 -1.54 20.78 -75.10
N GLY A 178 -1.55 19.48 -74.85
CA GLY A 178 -1.84 18.94 -73.53
C GLY A 178 -0.64 18.38 -72.80
N HIS A 179 0.57 18.83 -73.17
CA HIS A 179 1.82 18.40 -72.55
C HIS A 179 1.91 18.69 -71.04
N GLY A 180 1.18 19.71 -70.59
CA GLY A 180 1.18 20.14 -69.19
C GLY A 180 0.13 19.52 -68.31
N ILE A 181 -0.80 18.74 -68.88
CA ILE A 181 -1.86 18.10 -68.09
C ILE A 181 -1.27 16.91 -67.31
N LYS A 182 -1.62 16.80 -66.01
CA LYS A 182 -1.13 15.71 -65.19
C LYS A 182 -1.95 14.46 -65.42
N ILE A 183 -1.29 13.31 -65.59
CA ILE A 183 -1.99 12.05 -65.77
C ILE A 183 -1.90 11.23 -64.49
N ILE A 184 -3.05 11.00 -63.86
CA ILE A 184 -3.15 10.18 -62.65
C ILE A 184 -3.76 8.85 -63.09
N SER A 185 -2.99 7.77 -63.03
CA SER A 185 -3.48 6.45 -63.45
C SER A 185 -4.34 5.79 -62.37
N LYS A 186 -5.55 5.36 -62.75
CA LYS A 186 -6.43 4.67 -61.83
C LYS A 186 -6.12 3.17 -61.85
N ILE A 187 -5.77 2.60 -60.69
CA ILE A 187 -5.48 1.16 -60.57
C ILE A 187 -6.78 0.54 -60.10
N GLU A 188 -7.40 -0.26 -60.98
CA GLU A 188 -8.74 -0.82 -60.73
C GLU A 188 -8.85 -2.33 -60.84
N ASN A 189 -7.76 -3.03 -61.13
CA ASN A 189 -7.80 -4.48 -61.29
C ASN A 189 -6.49 -5.15 -60.92
N HIS A 190 -6.47 -6.50 -60.96
CA HIS A 190 -5.29 -7.26 -60.59
C HIS A 190 -4.08 -6.90 -61.45
N GLU A 191 -4.26 -6.76 -62.77
CA GLU A 191 -3.14 -6.44 -63.65
C GLU A 191 -2.51 -5.10 -63.32
N GLY A 192 -3.33 -4.09 -63.01
CA GLY A 192 -2.83 -2.78 -62.62
C GLY A 192 -1.97 -2.84 -61.37
N VAL A 193 -2.38 -3.68 -60.39
CA VAL A 193 -1.63 -3.87 -59.15
C VAL A 193 -0.30 -4.57 -59.43
N LYS A 194 -0.33 -5.64 -60.25
CA LYS A 194 0.88 -6.38 -60.58
C LYS A 194 1.88 -5.59 -61.42
N ARG A 195 1.37 -4.75 -62.31
CA ARG A 195 2.23 -3.90 -63.14
C ARG A 195 2.35 -2.49 -62.59
N PHE A 196 2.07 -2.29 -61.29
CA PHE A 196 2.12 -1.00 -60.63
C PHE A 196 3.41 -0.22 -60.88
N ASP A 197 4.57 -0.84 -60.69
CA ASP A 197 5.84 -0.15 -60.83
C ASP A 197 6.04 0.49 -62.20
N GLU A 198 5.70 -0.23 -63.28
CA GLU A 198 5.85 0.32 -64.64
C GLU A 198 4.82 1.42 -64.92
N ILE A 199 3.63 1.33 -64.31
CA ILE A 199 2.59 2.33 -64.47
C ILE A 199 2.98 3.62 -63.75
N LEU A 200 3.42 3.51 -62.48
CA LEU A 200 3.84 4.67 -61.69
C LEU A 200 5.00 5.41 -62.36
N GLU A 201 5.96 4.66 -62.92
CA GLU A 201 7.13 5.23 -63.57
C GLU A 201 6.79 6.25 -64.66
N VAL A 202 5.75 5.99 -65.46
CA VAL A 202 5.35 6.90 -66.54
C VAL A 202 4.15 7.79 -66.20
N SER A 203 3.56 7.65 -65.02
CA SER A 203 2.42 8.47 -64.63
C SER A 203 2.87 9.63 -63.74
N ASP A 204 2.04 10.68 -63.64
CA ASP A 204 2.32 11.76 -62.70
C ASP A 204 1.89 11.36 -61.27
N GLY A 205 0.96 10.41 -61.15
CA GLY A 205 0.45 9.93 -59.88
C GLY A 205 -0.52 8.77 -60.05
N ILE A 206 -1.11 8.34 -58.95
CA ILE A 206 -1.99 7.16 -58.96
C ILE A 206 -3.28 7.42 -58.19
N MET A 207 -4.35 6.76 -58.61
CA MET A 207 -5.59 6.76 -57.85
C MET A 207 -5.87 5.31 -57.47
N VAL A 208 -6.09 5.04 -56.17
CA VAL A 208 -6.48 3.72 -55.70
C VAL A 208 -7.99 3.72 -55.90
N ALA A 209 -8.47 3.20 -57.03
CA ALA A 209 -9.88 3.23 -57.40
C ALA A 209 -10.53 1.99 -56.81
N ARG A 210 -10.91 2.09 -55.55
CA ARG A 210 -11.38 0.97 -54.75
C ARG A 210 -12.70 0.35 -55.17
N GLY A 211 -13.57 1.09 -55.88
CA GLY A 211 -14.84 0.57 -56.35
C GLY A 211 -14.67 -0.63 -57.25
N ASP A 212 -14.01 -0.44 -58.39
CA ASP A 212 -13.75 -1.52 -59.32
C ASP A 212 -12.71 -2.49 -58.77
N LEU A 213 -11.68 -1.97 -58.06
CA LEU A 213 -10.67 -2.85 -57.46
C LEU A 213 -11.29 -3.89 -56.51
N GLY A 214 -12.27 -3.46 -55.73
CA GLY A 214 -12.99 -4.31 -54.78
C GLY A 214 -13.90 -5.36 -55.39
N ILE A 215 -14.14 -5.28 -56.71
CA ILE A 215 -14.92 -6.25 -57.48
C ILE A 215 -13.95 -7.14 -58.31
N GLU A 216 -12.82 -6.58 -58.75
CA GLU A 216 -11.80 -7.26 -59.55
C GLU A 216 -10.93 -8.19 -58.71
N ILE A 217 -10.65 -7.81 -57.47
CA ILE A 217 -9.89 -8.65 -56.53
C ILE A 217 -10.78 -8.90 -55.28
N PRO A 218 -10.49 -9.90 -54.43
CA PRO A 218 -11.32 -10.11 -53.22
C PRO A 218 -11.41 -8.82 -52.38
N ALA A 219 -12.62 -8.49 -51.90
CA ALA A 219 -12.86 -7.28 -51.13
C ALA A 219 -11.94 -7.14 -49.91
N GLU A 220 -11.62 -8.28 -49.28
CA GLU A 220 -10.76 -8.32 -48.11
C GLU A 220 -9.28 -8.06 -48.41
N LYS A 221 -8.90 -7.91 -49.69
CA LYS A 221 -7.50 -7.65 -50.05
C LYS A 221 -7.26 -6.20 -50.47
N VAL A 222 -8.33 -5.41 -50.70
CA VAL A 222 -8.20 -4.02 -51.15
C VAL A 222 -7.31 -3.17 -50.24
N PHE A 223 -7.41 -3.33 -48.90
CA PHE A 223 -6.58 -2.54 -48.00
C PHE A 223 -5.08 -2.79 -48.20
N LEU A 224 -4.71 -4.02 -48.59
CA LEU A 224 -3.30 -4.34 -48.85
C LEU A 224 -2.83 -3.60 -50.11
N ALA A 225 -3.66 -3.58 -51.16
CA ALA A 225 -3.33 -2.87 -52.40
C ALA A 225 -3.26 -1.37 -52.13
N GLN A 226 -4.20 -0.84 -51.33
CA GLN A 226 -4.20 0.60 -50.99
C GLN A 226 -2.93 0.97 -50.24
N LYS A 227 -2.62 0.24 -49.18
CA LYS A 227 -1.44 0.55 -48.37
C LYS A 227 -0.13 0.40 -49.15
N MET A 228 -0.03 -0.63 -50.00
CA MET A 228 1.16 -0.84 -50.83
C MET A 228 1.33 0.31 -51.83
N MET A 229 0.26 0.67 -52.57
CA MET A 229 0.33 1.74 -53.58
C MET A 229 0.61 3.09 -52.97
N ILE A 230 0.02 3.38 -51.80
CA ILE A 230 0.29 4.64 -51.12
C ILE A 230 1.77 4.68 -50.68
N GLY A 231 2.25 3.58 -50.11
CA GLY A 231 3.66 3.48 -49.71
C GLY A 231 4.61 3.68 -50.88
N ARG A 232 4.35 3.02 -52.03
CA ARG A 232 5.22 3.15 -53.20
C ARG A 232 5.16 4.55 -53.83
N CYS A 233 3.98 5.20 -53.80
CA CYS A 233 3.87 6.57 -54.30
C CYS A 233 4.62 7.54 -53.39
N ASN A 234 4.53 7.33 -52.06
CA ASN A 234 5.25 8.17 -51.10
C ASN A 234 6.76 8.01 -51.32
N LEU A 235 7.22 6.78 -51.56
CA LEU A 235 8.64 6.52 -51.82
CA LEU A 235 8.63 6.49 -51.84
C LEU A 235 9.08 7.23 -53.11
N ALA A 236 8.26 7.20 -54.15
CA ALA A 236 8.55 7.85 -55.42
C ALA A 236 8.35 9.39 -55.40
N GLY A 237 7.69 9.92 -54.38
CA GLY A 237 7.42 11.34 -54.31
C GLY A 237 6.37 11.78 -55.33
N LYS A 238 5.43 10.86 -55.68
CA LYS A 238 4.37 11.16 -56.63
C LYS A 238 3.00 11.11 -55.96
N PRO A 239 2.09 12.03 -56.35
CA PRO A 239 0.77 12.04 -55.69
C PRO A 239 -0.04 10.76 -55.77
N VAL A 240 -0.75 10.46 -54.68
CA VAL A 240 -1.62 9.28 -54.63
C VAL A 240 -2.98 9.70 -54.05
N VAL A 241 -4.06 9.26 -54.71
CA VAL A 241 -5.42 9.58 -54.31
C VAL A 241 -6.10 8.33 -53.76
N CYS A 242 -6.81 8.46 -52.62
CA CYS A 242 -7.63 7.34 -52.14
C CYS A 242 -9.06 7.67 -52.55
N ALA A 243 -9.76 6.70 -53.15
CA ALA A 243 -11.10 6.97 -53.66
C ALA A 243 -12.10 5.88 -53.37
N THR A 244 -13.41 6.25 -53.42
CA THR A 244 -14.64 5.46 -53.46
C THR A 244 -15.15 4.95 -52.13
N GLN A 245 -16.40 5.31 -51.84
CA GLN A 245 -17.20 4.91 -50.69
C GLN A 245 -16.62 5.35 -49.35
N MET A 246 -15.80 6.43 -49.36
CA MET A 246 -15.18 6.92 -48.12
C MET A 246 -16.21 7.39 -47.12
N LEU A 247 -17.28 8.08 -47.59
CA LEU A 247 -18.38 8.55 -46.74
C LEU A 247 -19.72 8.16 -47.41
N GLU A 248 -19.79 6.97 -48.00
CA GLU A 248 -20.94 6.47 -48.76
C GLU A 248 -22.31 6.71 -48.13
N SER A 249 -22.50 6.38 -46.84
CA SER A 249 -23.79 6.56 -46.19
C SER A 249 -24.28 8.02 -46.23
N MET A 250 -23.36 9.00 -46.39
CA MET A 250 -23.74 10.40 -46.47
C MET A 250 -24.47 10.77 -47.78
N ILE A 251 -24.65 9.82 -48.71
CA ILE A 251 -25.46 10.05 -49.90
C ILE A 251 -26.94 10.28 -49.45
N THR A 252 -27.39 9.55 -48.40
CA THR A 252 -28.75 9.71 -47.88
C THR A 252 -28.83 10.18 -46.42
N LYS A 253 -27.73 10.05 -45.64
CA LYS A 253 -27.76 10.45 -44.23
C LYS A 253 -26.88 11.66 -43.92
N PRO A 254 -27.29 12.51 -42.96
CA PRO A 254 -26.50 13.72 -42.66
C PRO A 254 -25.16 13.48 -41.94
N ARG A 255 -25.01 12.29 -41.34
CA ARG A 255 -23.79 11.95 -40.61
C ARG A 255 -23.27 10.61 -41.13
N PRO A 256 -21.93 10.46 -41.17
CA PRO A 256 -21.38 9.18 -41.66
C PRO A 256 -21.31 8.10 -40.58
N THR A 257 -20.99 6.86 -40.98
CA THR A 257 -20.83 5.78 -40.03
C THR A 257 -19.43 5.87 -39.34
N ARG A 258 -19.23 5.09 -38.28
CA ARG A 258 -17.95 5.03 -37.59
C ARG A 258 -16.86 4.43 -38.50
N ALA A 259 -17.22 3.50 -39.40
CA ALA A 259 -16.27 2.91 -40.34
C ALA A 259 -15.82 3.95 -41.39
N GLU A 260 -16.72 4.85 -41.79
CA GLU A 260 -16.42 5.86 -42.78
C GLU A 260 -15.47 6.92 -42.27
N THR A 261 -15.67 7.42 -41.04
CA THR A 261 -14.73 8.41 -40.48
C THR A 261 -13.35 7.77 -40.30
N SER A 262 -13.33 6.51 -39.85
CA SER A 262 -12.11 5.74 -39.67
C SER A 262 -11.39 5.58 -41.04
N ASP A 263 -12.14 5.28 -42.11
CA ASP A 263 -11.54 5.09 -43.43
C ASP A 263 -10.86 6.36 -43.94
N VAL A 264 -11.49 7.51 -43.71
CA VAL A 264 -10.91 8.78 -44.14
C VAL A 264 -9.63 9.05 -43.35
N ALA A 265 -9.70 8.88 -42.02
CA ALA A 265 -8.54 9.09 -41.16
C ALA A 265 -7.40 8.18 -41.52
N ASN A 266 -7.69 6.89 -41.77
CA ASN A 266 -6.66 5.91 -42.10
C ASN A 266 -6.07 6.13 -43.48
N ALA A 267 -6.83 6.69 -44.43
CA ALA A 267 -6.25 6.99 -45.76
C ALA A 267 -5.20 8.08 -45.61
N VAL A 268 -5.47 9.09 -44.77
CA VAL A 268 -4.52 10.17 -44.50
C VAL A 268 -3.30 9.60 -43.75
N LEU A 269 -3.53 8.80 -42.70
CA LEU A 269 -2.43 8.19 -41.95
C LEU A 269 -1.58 7.28 -42.82
N ASP A 270 -2.20 6.59 -43.80
CA ASP A 270 -1.49 5.72 -44.76
C ASP A 270 -0.49 6.52 -45.59
N GLY A 271 -0.83 7.78 -45.91
CA GLY A 271 0.02 8.68 -46.70
C GLY A 271 -0.62 9.24 -47.96
N ALA A 272 -1.95 9.14 -48.09
CA ALA A 272 -2.63 9.66 -49.29
C ALA A 272 -2.49 11.17 -49.41
N ASP A 273 -2.18 11.65 -50.61
CA ASP A 273 -2.08 13.09 -50.86
C ASP A 273 -3.46 13.70 -50.99
N CYS A 274 -4.40 12.97 -51.60
CA CYS A 274 -5.78 13.42 -51.81
C CYS A 274 -6.76 12.36 -51.35
N ILE A 275 -7.94 12.80 -50.96
CA ILE A 275 -9.08 11.95 -50.66
C ILE A 275 -10.23 12.39 -51.57
N MET A 276 -11.12 11.46 -51.91
CA MET A 276 -12.16 11.74 -52.90
C MET A 276 -13.57 11.44 -52.44
N LEU A 277 -14.52 12.16 -53.04
CA LEU A 277 -15.95 11.97 -52.86
C LEU A 277 -16.55 11.76 -54.24
N SER A 278 -17.39 10.73 -54.39
CA SER A 278 -18.02 10.44 -55.68
C SER A 278 -19.54 10.72 -55.60
N GLY A 279 -20.37 9.70 -55.37
CA GLY A 279 -21.81 9.85 -55.22
C GLY A 279 -22.19 10.80 -54.10
N GLU A 280 -21.34 10.89 -53.06
CA GLU A 280 -21.54 11.77 -51.90
C GLU A 280 -21.71 13.22 -52.33
N THR A 281 -20.99 13.66 -53.37
CA THR A 281 -21.10 15.05 -53.85
C THR A 281 -21.80 15.16 -55.20
N ALA A 282 -21.75 14.10 -56.02
CA ALA A 282 -22.35 14.13 -57.34
C ALA A 282 -23.87 14.03 -57.31
N LYS A 283 -24.43 13.14 -56.48
CA LYS A 283 -25.88 12.95 -56.46
C LYS A 283 -26.54 12.92 -55.10
N GLY A 284 -25.76 12.87 -54.03
CA GLY A 284 -26.30 12.77 -52.69
C GLY A 284 -27.00 14.00 -52.15
N ASN A 285 -27.69 13.83 -51.04
CA ASN A 285 -28.44 14.92 -50.42
C ASN A 285 -27.62 15.83 -49.53
N PHE A 286 -26.36 15.47 -49.24
CA PHE A 286 -25.52 16.28 -48.35
C PHE A 286 -24.11 16.54 -48.95
N PRO A 287 -24.00 17.10 -50.18
CA PRO A 287 -22.66 17.30 -50.76
C PRO A 287 -21.72 18.22 -49.97
N VAL A 288 -22.24 19.34 -49.46
CA VAL A 288 -21.43 20.29 -48.70
C VAL A 288 -21.00 19.68 -47.37
N GLU A 289 -21.91 18.97 -46.71
CA GLU A 289 -21.63 18.31 -45.43
C GLU A 289 -20.56 17.22 -45.60
N ALA A 290 -20.57 16.51 -46.74
CA ALA A 290 -19.58 15.46 -47.03
C ALA A 290 -18.18 16.08 -47.17
N VAL A 291 -18.08 17.24 -47.83
CA VAL A 291 -16.82 17.96 -47.97
C VAL A 291 -16.35 18.43 -46.59
N LYS A 292 -17.26 19.00 -45.79
CA LYS A 292 -16.92 19.48 -44.46
C LYS A 292 -16.40 18.36 -43.56
N MET A 293 -17.02 17.17 -43.67
CA MET A 293 -16.65 16.00 -42.88
C MET A 293 -15.24 15.52 -43.26
N GLN A 294 -14.93 15.45 -44.57
CA GLN A 294 -13.59 15.05 -45.00
C GLN A 294 -12.56 16.07 -44.53
N HIS A 295 -12.90 17.38 -44.58
CA HIS A 295 -11.99 18.41 -44.10
C HIS A 295 -11.69 18.23 -42.60
N ALA A 296 -12.75 18.03 -41.78
CA ALA A 296 -12.62 17.89 -40.35
C ALA A 296 -11.79 16.67 -39.97
N ILE A 297 -12.03 15.53 -40.62
CA ILE A 297 -11.28 14.31 -40.33
C ILE A 297 -9.81 14.46 -40.77
N ALA A 298 -9.56 14.93 -41.99
CA ALA A 298 -8.19 15.08 -42.51
C ALA A 298 -7.32 15.94 -41.62
N ARG A 299 -7.84 17.07 -41.13
CA ARG A 299 -7.08 17.94 -40.22
C ARG A 299 -6.68 17.19 -38.94
N GLU A 300 -7.62 16.41 -38.37
CA GLU A 300 -7.33 15.65 -37.15
C GLU A 300 -6.29 14.56 -37.44
N ALA A 301 -6.42 13.87 -38.58
CA ALA A 301 -5.51 12.78 -38.94
C ALA A 301 -4.12 13.27 -39.28
N GLU A 302 -4.00 14.44 -39.91
CA GLU A 302 -2.69 14.99 -40.25
C GLU A 302 -1.87 15.32 -39.02
N ALA A 303 -2.51 15.82 -37.96
CA ALA A 303 -1.80 16.11 -36.72
C ALA A 303 -1.36 14.80 -36.01
N ALA A 304 -2.10 13.69 -36.23
CA ALA A 304 -1.81 12.38 -35.66
C ALA A 304 -0.72 11.58 -36.43
N VAL A 305 -0.16 12.16 -37.52
CA VAL A 305 0.93 11.51 -38.26
C VAL A 305 2.19 11.48 -37.35
N TYR A 306 2.89 10.36 -37.32
CA TYR A 306 4.08 10.19 -36.49
C TYR A 306 5.31 10.69 -37.26
N HIS A 307 5.45 12.03 -37.38
CA HIS A 307 6.55 12.65 -38.13
C HIS A 307 7.93 12.19 -37.73
N ARG A 308 8.17 11.89 -36.45
CA ARG A 308 9.52 11.45 -36.02
C ARG A 308 10.03 10.26 -36.84
N GLN A 309 9.21 9.21 -36.98
CA GLN A 309 9.62 8.05 -37.77
C GLN A 309 9.40 8.25 -39.26
N LEU A 310 8.28 8.87 -39.63
CA LEU A 310 7.98 9.12 -41.04
C LEU A 310 9.09 9.92 -41.75
N PHE A 311 9.52 11.05 -41.16
CA PHE A 311 10.59 11.86 -41.76
C PHE A 311 11.87 11.07 -41.86
N GLU A 312 12.25 10.37 -40.77
CA GLU A 312 13.46 9.57 -40.82
C GLU A 312 13.46 8.54 -41.93
N GLU A 313 12.32 7.83 -42.11
CA GLU A 313 12.22 6.83 -43.16
C GLU A 313 12.20 7.42 -44.56
N LEU A 314 11.47 8.52 -44.76
CA LEU A 314 11.41 9.18 -46.07
C LEU A 314 12.77 9.75 -46.44
N ARG A 315 13.46 10.35 -45.47
CA ARG A 315 14.77 10.91 -45.70
C ARG A 315 15.77 9.82 -46.08
N ARG A 316 15.79 8.69 -45.33
CA ARG A 316 16.71 7.57 -45.58
C ARG A 316 16.44 6.90 -46.94
N ALA A 317 15.16 6.73 -47.30
CA ALA A 317 14.78 6.07 -48.53
C ALA A 317 14.97 6.92 -49.78
N ALA A 318 14.88 8.26 -49.68
CA ALA A 318 15.05 9.13 -50.86
C ALA A 318 16.51 9.02 -51.33
N PRO A 319 16.72 8.64 -52.59
CA PRO A 319 18.09 8.39 -53.05
C PRO A 319 18.99 9.58 -52.99
N LEU A 320 20.31 9.33 -52.94
CA LEU A 320 21.30 10.40 -53.00
C LEU A 320 21.16 11.09 -54.37
N SER A 321 21.32 12.43 -54.41
CA SER A 321 21.09 13.15 -55.64
C SER A 321 22.01 14.30 -55.81
N ARG A 322 22.34 14.60 -57.06
CA ARG A 322 23.13 15.77 -57.38
CA ARG A 322 23.15 15.76 -57.40
C ARG A 322 22.29 16.89 -58.02
N ASP A 323 20.95 16.76 -58.00
CA ASP A 323 20.03 17.77 -58.50
C ASP A 323 19.88 18.82 -57.42
N PRO A 324 20.23 20.10 -57.68
CA PRO A 324 20.15 21.11 -56.61
C PRO A 324 18.77 21.34 -56.02
N THR A 325 17.68 21.14 -56.79
CA THR A 325 16.32 21.32 -56.26
C THR A 325 16.05 20.22 -55.20
N GLU A 326 16.45 18.95 -55.52
CA GLU A 326 16.35 17.78 -54.63
C GLU A 326 17.15 18.01 -53.34
N VAL A 327 18.37 18.53 -53.46
CA VAL A 327 19.26 18.79 -52.34
C VAL A 327 18.73 19.93 -51.45
N THR A 328 18.24 21.00 -52.09
CA THR A 328 17.69 22.13 -51.35
C THR A 328 16.44 21.71 -50.60
N ALA A 329 15.59 20.87 -51.21
CA ALA A 329 14.34 20.44 -50.60
C ALA A 329 14.55 19.70 -49.26
N ILE A 330 15.50 18.74 -49.22
CA ILE A 330 15.76 18.01 -47.99
C ILE A 330 16.35 18.91 -46.92
N GLY A 331 17.25 19.81 -47.33
CA GLY A 331 17.84 20.78 -46.40
C GLY A 331 16.78 21.69 -45.81
N ALA A 332 15.84 22.14 -46.63
CA ALA A 332 14.74 23.03 -46.18
C ALA A 332 13.78 22.33 -45.23
N VAL A 333 13.41 21.07 -45.53
CA VAL A 333 12.49 20.32 -44.65
C VAL A 333 13.16 20.01 -43.30
N GLU A 334 14.46 19.67 -43.34
CA GLU A 334 15.22 19.41 -42.12
C GLU A 334 15.27 20.70 -41.28
N ALA A 335 15.58 21.85 -41.91
CA ALA A 335 15.62 23.15 -41.24
C ALA A 335 14.26 23.51 -40.64
N ALA A 336 13.16 23.25 -41.37
CA ALA A 336 11.81 23.55 -40.89
C ALA A 336 11.51 22.78 -39.59
N PHE A 337 11.85 21.48 -39.54
CA PHE A 337 11.61 20.68 -38.35
C PHE A 337 12.46 21.17 -37.17
N LYS A 338 13.71 21.57 -37.44
CA LYS A 338 14.63 22.04 -36.40
C LYS A 338 14.11 23.27 -35.63
N CYS A 339 13.43 24.18 -36.34
CA CYS A 339 12.96 25.41 -35.70
C CYS A 339 11.46 25.48 -35.52
N CYS A 340 10.71 24.38 -35.76
CA CYS A 340 9.24 24.38 -35.69
C CYS A 340 8.68 25.44 -36.62
N ALA A 341 9.24 25.54 -37.84
CA ALA A 341 8.82 26.55 -38.80
C ALA A 341 7.34 26.43 -39.10
N ALA A 342 6.66 27.56 -39.17
CA ALA A 342 5.24 27.57 -39.48
C ALA A 342 5.01 27.24 -40.95
N ALA A 343 5.96 27.62 -41.83
CA ALA A 343 5.81 27.40 -43.25
C ALA A 343 7.14 27.37 -43.98
N ILE A 344 7.13 26.78 -45.17
CA ILE A 344 8.21 26.80 -46.11
C ILE A 344 7.62 27.54 -47.30
N ILE A 345 8.11 28.75 -47.59
CA ILE A 345 7.63 29.51 -48.73
C ILE A 345 8.51 29.20 -49.90
N VAL A 346 7.93 28.74 -51.00
CA VAL A 346 8.72 28.36 -52.16
C VAL A 346 8.21 29.05 -53.42
N LEU A 347 9.13 29.54 -54.24
CA LEU A 347 8.77 30.14 -55.54
C LEU A 347 8.85 29.00 -56.55
N THR A 348 7.81 28.82 -57.38
CA THR A 348 7.81 27.72 -58.35
C THR A 348 7.05 28.10 -59.61
N THR A 349 7.56 27.66 -60.77
CA THR A 349 6.94 27.95 -62.05
C THR A 349 6.03 26.79 -62.44
N THR A 350 6.54 25.55 -62.32
CA THR A 350 5.82 24.34 -62.70
C THR A 350 5.19 23.58 -61.52
N GLY A 351 5.58 23.90 -60.30
CA GLY A 351 5.16 23.20 -59.10
C GLY A 351 6.19 22.22 -58.58
N ARG A 352 7.21 21.86 -59.41
CA ARG A 352 8.23 20.88 -59.06
C ARG A 352 8.98 21.15 -57.74
N SER A 353 9.43 22.39 -57.49
CA SER A 353 10.14 22.69 -56.24
C SER A 353 9.22 22.45 -55.01
N ALA A 354 7.91 22.72 -55.15
CA ALA A 354 6.96 22.50 -54.05
C ALA A 354 6.72 20.98 -53.87
N GLN A 355 6.63 20.23 -54.98
CA GLN A 355 6.44 18.79 -54.94
C GLN A 355 7.62 18.10 -54.23
N LEU A 356 8.86 18.56 -54.48
CA LEU A 356 10.04 17.97 -53.85
C LEU A 356 10.11 18.26 -52.35
N LEU A 357 9.49 19.36 -51.90
CA LEU A 357 9.43 19.65 -50.48
C LEU A 357 8.35 18.73 -49.84
N SER A 358 7.18 18.62 -50.50
CA SER A 358 6.01 17.81 -50.09
C SER A 358 6.36 16.32 -49.88
N ARG A 359 7.25 15.78 -50.71
CA ARG A 359 7.62 14.38 -50.63
C ARG A 359 8.23 13.98 -49.28
N TYR A 360 8.80 14.94 -48.53
CA TYR A 360 9.36 14.66 -47.20
C TYR A 360 8.35 14.82 -46.08
N ARG A 361 7.10 15.14 -46.42
CA ARG A 361 6.03 15.32 -45.46
C ARG A 361 6.36 16.26 -44.31
N PRO A 362 6.77 17.50 -44.60
CA PRO A 362 7.01 18.45 -43.50
C PRO A 362 5.71 18.74 -42.72
N ARG A 363 5.82 19.06 -41.44
CA ARG A 363 4.67 19.52 -40.67
C ARG A 363 4.37 20.97 -41.13
N ALA A 364 5.42 21.75 -41.47
CA ALA A 364 5.32 23.12 -41.98
C ALA A 364 4.56 23.12 -43.29
N ALA A 365 3.62 24.05 -43.43
CA ALA A 365 2.85 24.21 -44.66
C ALA A 365 3.81 24.62 -45.79
N VAL A 366 3.63 24.10 -47.00
CA VAL A 366 4.46 24.48 -48.12
C VAL A 366 3.65 25.52 -48.91
N ILE A 367 3.97 26.81 -48.73
CA ILE A 367 3.26 27.88 -49.40
C ILE A 367 3.95 28.11 -50.74
N ALA A 368 3.30 27.70 -51.82
CA ALA A 368 3.89 27.80 -53.15
C ALA A 368 3.39 29.06 -53.86
N VAL A 369 4.29 30.04 -54.09
CA VAL A 369 3.99 31.28 -54.80
C VAL A 369 4.34 31.08 -56.26
N THR A 370 3.34 31.14 -57.15
CA THR A 370 3.54 30.93 -58.59
C THR A 370 2.74 31.94 -59.40
N ARG A 371 3.22 32.23 -60.60
CA ARG A 371 2.45 33.07 -61.53
C ARG A 371 1.55 32.20 -62.41
N SER A 372 1.92 30.91 -62.62
CA SER A 372 1.13 29.99 -63.42
C SER A 372 -0.19 29.59 -62.74
N ALA A 373 -1.32 29.96 -63.36
CA ALA A 373 -2.64 29.61 -62.87
C ALA A 373 -2.82 28.07 -62.89
N GLN A 374 -2.29 27.41 -63.94
CA GLN A 374 -2.40 25.95 -64.03
C GLN A 374 -1.57 25.24 -62.95
N ALA A 375 -0.31 25.66 -62.71
CA ALA A 375 0.51 25.04 -61.67
C ALA A 375 -0.13 25.25 -60.30
N ALA A 376 -0.77 26.41 -60.06
CA ALA A 376 -1.44 26.69 -58.80
C ALA A 376 -2.58 25.68 -58.58
N ARG A 377 -3.32 25.32 -59.64
CA ARG A 377 -4.39 24.34 -59.53
C ARG A 377 -3.81 22.93 -59.36
N GLN A 378 -2.79 22.57 -60.14
CA GLN A 378 -2.23 21.22 -60.12
C GLN A 378 -1.49 20.84 -58.83
N VAL A 379 -0.88 21.80 -58.12
CA VAL A 379 -0.13 21.45 -56.91
C VAL A 379 -1.03 20.99 -55.76
N HIS A 380 -2.38 21.11 -55.91
CA HIS A 380 -3.31 20.55 -54.93
C HIS A 380 -3.14 19.02 -54.88
N LEU A 381 -2.54 18.38 -55.91
CA LEU A 381 -2.29 16.95 -55.91
C LEU A 381 -1.24 16.54 -54.85
N CYS A 382 -0.40 17.48 -54.39
CA CYS A 382 0.67 17.19 -53.45
C CYS A 382 0.29 17.61 -52.05
N ARG A 383 0.32 16.67 -51.09
CA ARG A 383 -0.05 16.99 -49.72
C ARG A 383 0.75 18.15 -49.13
N GLY A 384 0.03 19.04 -48.49
CA GLY A 384 0.62 20.16 -47.78
C GLY A 384 1.12 21.30 -48.62
N VAL A 385 0.78 21.32 -49.92
CA VAL A 385 1.15 22.45 -50.78
C VAL A 385 -0.07 23.37 -50.89
N PHE A 386 0.12 24.63 -50.45
CA PHE A 386 -0.90 25.67 -50.46
C PHE A 386 -0.54 26.68 -51.56
N PRO A 387 -1.23 26.58 -52.70
CA PRO A 387 -0.89 27.47 -53.82
C PRO A 387 -1.41 28.90 -53.71
N LEU A 388 -0.55 29.85 -54.06
CA LEU A 388 -0.88 31.27 -54.06
C LEU A 388 -0.59 31.80 -55.45
N LEU A 389 -1.60 32.32 -56.14
CA LEU A 389 -1.43 32.84 -57.48
C LEU A 389 -0.96 34.30 -57.41
N TYR A 390 0.25 34.57 -57.88
CA TYR A 390 0.83 35.91 -57.82
C TYR A 390 0.32 36.81 -58.95
N ARG A 391 -0.39 37.88 -58.60
CA ARG A 391 -0.92 38.82 -59.58
C ARG A 391 -0.57 40.28 -59.28
N GLU A 392 0.54 40.50 -58.58
CA GLU A 392 0.97 41.86 -58.24
CA GLU A 392 1.00 41.85 -58.24
C GLU A 392 1.89 42.41 -59.35
N PRO A 393 1.98 43.75 -59.48
CA PRO A 393 2.84 44.31 -60.55
C PRO A 393 4.29 43.86 -60.48
N PRO A 394 4.92 43.66 -61.64
CA PRO A 394 6.33 43.22 -61.65
C PRO A 394 7.31 44.29 -61.19
N GLU A 395 8.48 43.82 -60.76
CA GLU A 395 9.59 44.67 -60.35
C GLU A 395 10.64 44.61 -61.47
N ALA A 396 11.31 45.75 -61.74
CA ALA A 396 12.32 45.84 -62.79
C ALA A 396 13.56 45.00 -62.44
N ILE A 397 13.95 44.99 -61.17
CA ILE A 397 15.11 44.21 -60.72
C ILE A 397 14.63 42.81 -60.28
N TRP A 398 15.09 41.72 -60.97
CA TRP A 398 14.71 40.32 -60.67
C TRP A 398 14.83 39.97 -59.18
N ALA A 399 15.91 40.38 -58.50
CA ALA A 399 16.05 40.14 -57.06
C ALA A 399 14.94 40.82 -56.25
N ASP A 400 14.51 42.03 -56.66
CA ASP A 400 13.41 42.74 -56.00
C ASP A 400 12.07 42.04 -56.27
N ASP A 401 11.92 41.43 -57.46
CA ASP A 401 10.69 40.73 -57.83
C ASP A 401 10.54 39.46 -56.97
N VAL A 402 11.67 38.74 -56.76
CA VAL A 402 11.77 37.56 -55.93
C VAL A 402 11.37 37.94 -54.50
N ASP A 403 11.98 39.00 -53.93
CA ASP A 403 11.69 39.46 -52.58
CA ASP A 403 11.69 39.47 -52.58
C ASP A 403 10.23 39.82 -52.38
N ARG A 404 9.63 40.42 -53.40
CA ARG A 404 8.23 40.83 -53.34
C ARG A 404 7.31 39.61 -53.35
N ARG A 405 7.65 38.57 -54.11
CA ARG A 405 6.86 37.34 -54.11
C ARG A 405 6.91 36.63 -52.76
N VAL A 406 8.08 36.65 -52.11
CA VAL A 406 8.28 36.09 -50.78
C VAL A 406 7.44 36.88 -49.76
N GLN A 407 7.49 38.23 -49.83
CA GLN A 407 6.67 39.07 -48.93
C GLN A 407 5.17 38.86 -49.18
N PHE A 408 4.77 38.54 -50.43
CA PHE A 408 3.38 38.22 -50.75
C PHE A 408 2.98 36.89 -50.05
N GLY A 409 3.88 35.88 -50.08
CA GLY A 409 3.66 34.62 -49.40
C GLY A 409 3.46 34.83 -47.90
N ILE A 410 4.27 35.76 -47.33
CA ILE A 410 4.15 36.09 -45.91
C ILE A 410 2.82 36.80 -45.59
N GLU A 411 2.41 37.79 -46.40
CA GLU A 411 1.15 38.51 -46.18
C GLU A 411 -0.07 37.59 -46.33
N SER A 412 -0.09 36.76 -47.39
CA SER A 412 -1.18 35.80 -47.58
C SER A 412 -1.20 34.79 -46.41
N GLY A 413 -0.03 34.36 -45.97
CA GLY A 413 0.08 33.44 -44.85
C GLY A 413 -0.45 34.03 -43.57
N LYS A 414 -0.19 35.31 -43.33
CA LYS A 414 -0.69 35.98 -42.13
C LYS A 414 -2.22 36.08 -42.17
N LEU A 415 -2.77 36.50 -43.33
CA LEU A 415 -4.21 36.64 -43.48
C LEU A 415 -4.93 35.30 -43.31
N ARG A 416 -4.36 34.22 -43.86
CA ARG A 416 -4.99 32.91 -43.79
C ARG A 416 -4.76 32.13 -42.50
N GLY A 417 -3.96 32.67 -41.59
CA GLY A 417 -3.69 32.00 -40.32
C GLY A 417 -2.50 31.05 -40.31
N PHE A 418 -1.76 30.96 -41.43
CA PHE A 418 -0.58 30.13 -41.55
C PHE A 418 0.56 30.68 -40.71
N LEU A 419 0.71 32.01 -40.69
CA LEU A 419 1.83 32.69 -40.06
C LEU A 419 1.42 33.77 -39.12
N ARG A 420 2.28 34.03 -38.15
CA ARG A 420 2.13 35.10 -37.18
C ARG A 420 3.50 35.75 -36.97
N VAL A 421 3.51 36.99 -36.47
CA VAL A 421 4.73 37.71 -36.13
C VAL A 421 5.50 36.91 -35.07
N GLY A 422 6.81 36.75 -35.29
CA GLY A 422 7.61 35.95 -34.37
C GLY A 422 7.87 34.53 -34.88
N ASP A 423 7.06 34.05 -35.84
CA ASP A 423 7.28 32.71 -36.41
C ASP A 423 8.57 32.70 -37.24
N LEU A 424 9.14 31.51 -37.42
CA LEU A 424 10.26 31.35 -38.33
C LEU A 424 9.72 30.67 -39.58
N VAL A 425 10.22 31.06 -40.73
CA VAL A 425 9.85 30.46 -41.98
C VAL A 425 11.13 30.09 -42.74
N ILE A 426 11.01 29.09 -43.61
CA ILE A 426 12.09 28.70 -44.47
C ILE A 426 11.70 29.18 -45.85
N VAL A 427 12.59 29.90 -46.55
CA VAL A 427 12.27 30.42 -47.88
C VAL A 427 13.13 29.73 -48.91
N VAL A 428 12.49 29.15 -49.93
CA VAL A 428 13.19 28.41 -50.97
C VAL A 428 13.05 29.12 -52.31
N THR A 429 14.18 29.55 -52.88
CA THR A 429 14.24 30.26 -54.16
C THR A 429 15.38 29.66 -55.04
N GLY A 430 15.61 30.24 -56.22
CA GLY A 430 16.65 29.84 -57.14
C GLY A 430 17.60 31.00 -57.49
N TRP A 431 18.68 30.69 -58.21
CA TRP A 431 19.72 31.69 -58.50
C TRP A 431 19.49 32.51 -59.79
N ARG A 432 18.58 32.07 -60.65
CA ARG A 432 18.27 32.76 -61.89
C ARG A 432 16.79 32.51 -62.29
N PRO A 433 16.20 33.37 -63.15
CA PRO A 433 14.80 33.12 -63.56
C PRO A 433 14.62 31.83 -64.36
N GLY A 434 13.39 31.37 -64.46
CA GLY A 434 13.07 30.14 -65.18
C GLY A 434 13.04 28.93 -64.27
N SER A 435 12.31 27.88 -64.68
CA SER A 435 12.18 26.64 -63.93
C SER A 435 13.48 25.84 -63.92
N GLY A 436 13.70 25.08 -62.85
CA GLY A 436 14.82 24.16 -62.73
C GLY A 436 16.07 24.67 -62.04
N TYR A 437 16.04 25.89 -61.49
CA TYR A 437 17.22 26.47 -60.86
C TYR A 437 17.10 26.72 -59.36
N THR A 438 16.15 26.05 -58.67
CA THR A 438 16.03 26.19 -57.21
C THR A 438 17.32 25.66 -56.56
N ASN A 439 17.95 26.46 -55.72
CA ASN A 439 19.19 26.07 -55.06
C ASN A 439 19.44 26.84 -53.75
N ILE A 440 18.46 27.61 -53.25
CA ILE A 440 18.68 28.43 -52.06
C ILE A 440 17.62 28.20 -50.99
N MET A 441 18.08 28.12 -49.75
CA MET A 441 17.19 28.02 -48.59
CA MET A 441 17.23 27.97 -48.57
C MET A 441 17.63 29.08 -47.59
N ARG A 442 16.67 29.87 -47.09
CA ARG A 442 16.96 30.95 -46.15
C ARG A 442 16.05 30.84 -44.92
N VAL A 443 16.57 31.17 -43.74
CA VAL A 443 15.78 31.15 -42.50
C VAL A 443 15.37 32.58 -42.18
N LEU A 444 14.06 32.87 -42.16
CA LEU A 444 13.55 34.22 -41.96
C LEU A 444 12.61 34.34 -40.76
N SER A 445 12.76 35.40 -39.98
CA SER A 445 11.87 35.68 -38.86
C SER A 445 10.72 36.56 -39.36
N ILE A 446 9.47 36.20 -39.04
CA ILE A 446 8.32 36.97 -39.47
C ILE A 446 8.15 38.25 -38.68
N SER A 447 8.15 39.37 -39.43
CA SER A 447 7.92 40.76 -39.05
C SER A 447 9.01 41.34 -38.16
N ARG B 12 20.07 -0.67 -52.12
CA ARG B 12 20.85 -0.34 -53.32
C ARG B 12 20.19 0.79 -54.13
N ALA B 13 18.84 0.83 -54.13
CA ALA B 13 18.09 1.86 -54.87
C ALA B 13 18.38 3.27 -54.36
N ASP B 14 18.71 3.41 -53.07
CA ASP B 14 19.03 4.71 -52.48
C ASP B 14 20.38 5.27 -52.99
N VAL B 15 21.27 4.41 -53.53
CA VAL B 15 22.56 4.88 -54.05
C VAL B 15 22.80 4.49 -55.52
N ALA B 16 21.82 3.87 -56.21
CA ALA B 16 22.00 3.38 -57.58
C ALA B 16 22.29 4.46 -58.64
N GLN B 17 21.53 5.55 -58.67
CA GLN B 17 21.75 6.61 -59.66
C GLN B 17 23.06 7.33 -59.41
N LEU B 18 23.37 7.63 -58.14
CA LEU B 18 24.64 8.27 -57.82
C LEU B 18 25.84 7.35 -58.05
N THR B 19 25.65 6.02 -57.92
CA THR B 19 26.71 5.07 -58.21
C THR B 19 26.96 5.08 -59.72
N GLN B 20 25.90 5.12 -60.55
CA GLN B 20 26.08 5.19 -62.00
C GLN B 20 26.80 6.49 -62.40
N GLU B 21 26.46 7.61 -61.77
CA GLU B 21 27.05 8.91 -62.08
C GLU B 21 28.47 9.09 -61.60
N LEU B 22 28.72 8.81 -60.33
CA LEU B 22 30.05 8.98 -59.74
C LEU B 22 30.99 7.79 -59.92
N GLY B 23 30.44 6.63 -60.23
CA GLY B 23 31.20 5.41 -60.45
C GLY B 23 31.33 4.51 -59.25
N THR B 24 31.60 3.22 -59.50
CA THR B 24 31.78 2.26 -58.42
C THR B 24 33.05 2.54 -57.65
N ALA B 25 34.12 3.10 -58.30
CA ALA B 25 35.36 3.38 -57.56
C ALA B 25 35.13 4.39 -56.45
N PHE B 26 34.29 5.42 -56.72
CA PHE B 26 33.98 6.46 -55.73
C PHE B 26 33.36 5.82 -54.46
N PHE B 27 32.41 4.91 -54.66
CA PHE B 27 31.70 4.27 -53.57
C PHE B 27 32.47 3.16 -52.88
N GLN B 28 33.69 2.84 -53.33
CA GLN B 28 34.51 1.84 -52.64
C GLN B 28 35.49 2.53 -51.69
N GLN B 29 35.87 3.79 -51.97
CA GLN B 29 36.80 4.58 -51.17
C GLN B 29 36.16 5.12 -49.88
N GLN B 30 36.98 5.72 -49.01
CA GLN B 30 36.63 6.38 -47.76
C GLN B 30 35.62 5.62 -46.90
N GLN B 31 35.73 4.28 -46.86
CA GLN B 31 34.84 3.42 -46.09
C GLN B 31 33.37 3.65 -46.40
N LEU B 32 33.04 4.04 -47.65
CA LEU B 32 31.65 4.31 -48.01
C LEU B 32 30.75 3.06 -47.88
N PRO B 33 31.18 1.80 -48.21
CA PRO B 33 30.31 0.66 -47.94
C PRO B 33 29.97 0.55 -46.44
N ALA B 34 30.94 0.74 -45.55
CA ALA B 34 30.71 0.70 -44.10
C ALA B 34 29.84 1.88 -43.64
N ALA B 35 29.95 3.02 -44.32
CA ALA B 35 29.16 4.21 -44.01
C ALA B 35 27.68 4.01 -44.34
N MET B 36 27.36 3.26 -45.39
CA MET B 36 25.97 3.03 -45.80
C MET B 36 25.29 1.87 -45.04
N ALA B 37 25.99 1.22 -44.08
CA ALA B 37 25.44 0.07 -43.39
C ALA B 37 24.24 0.39 -42.54
N ASP B 38 23.30 -0.56 -42.45
CA ASP B 38 22.06 -0.38 -41.69
C ASP B 38 22.23 -0.57 -40.19
N THR B 39 23.32 -1.24 -39.75
CA THR B 39 23.54 -1.45 -38.32
C THR B 39 25.01 -1.19 -38.00
N PHE B 40 25.33 -0.92 -36.72
CA PHE B 40 26.73 -0.74 -36.31
C PHE B 40 27.51 -2.04 -36.53
N LEU B 41 26.88 -3.21 -36.28
CA LEU B 41 27.53 -4.50 -36.52
C LEU B 41 27.95 -4.64 -37.99
N GLU B 42 27.02 -4.35 -38.92
CA GLU B 42 27.33 -4.44 -40.35
C GLU B 42 28.36 -3.39 -40.74
N HIS B 43 28.34 -2.20 -40.10
CA HIS B 43 29.32 -1.14 -40.33
C HIS B 43 30.73 -1.68 -40.01
N LEU B 44 30.88 -2.35 -38.85
CA LEU B 44 32.17 -2.95 -38.48
C LEU B 44 32.59 -4.02 -39.49
N CYS B 45 31.67 -4.94 -39.86
CA CYS B 45 31.94 -6.02 -40.80
C CYS B 45 32.39 -5.51 -42.18
N LEU B 46 31.99 -4.30 -42.56
CA LEU B 46 32.33 -3.74 -43.87
C LEU B 46 33.57 -2.88 -43.89
N LEU B 47 34.22 -2.63 -42.73
CA LEU B 47 35.46 -1.82 -42.70
C LEU B 47 36.53 -2.55 -43.54
N ASP B 48 37.19 -1.81 -44.42
CA ASP B 48 38.08 -2.40 -45.41
C ASP B 48 39.43 -1.71 -45.44
N ILE B 49 40.51 -2.46 -45.18
CA ILE B 49 41.86 -1.88 -45.22
C ILE B 49 42.28 -1.44 -46.64
N ASP B 50 41.60 -1.92 -47.67
CA ASP B 50 41.86 -1.49 -49.06
C ASP B 50 41.02 -0.27 -49.47
N SER B 51 40.13 0.23 -48.60
CA SER B 51 39.33 1.40 -48.88
C SER B 51 40.11 2.61 -48.43
N GLU B 52 40.72 3.31 -49.38
CA GLU B 52 41.60 4.44 -49.08
C GLU B 52 40.87 5.71 -48.69
N PRO B 53 41.40 6.45 -47.70
CA PRO B 53 40.78 7.73 -47.35
C PRO B 53 40.95 8.75 -48.49
N VAL B 54 39.96 9.62 -48.67
CA VAL B 54 39.99 10.62 -49.73
C VAL B 54 39.94 12.01 -49.12
N ALA B 55 39.10 12.21 -48.11
CA ALA B 55 38.91 13.51 -47.49
C ALA B 55 40.15 14.03 -46.80
N ALA B 56 40.26 15.37 -46.72
CA ALA B 56 41.33 16.04 -45.99
C ALA B 56 41.18 15.69 -44.49
N ARG B 57 42.30 15.57 -43.78
CA ARG B 57 42.28 15.19 -42.37
C ARG B 57 41.60 16.25 -41.56
N SER B 58 40.54 15.87 -40.84
CA SER B 58 39.72 16.81 -40.11
C SER B 58 40.05 17.00 -38.61
N THR B 59 40.68 16.02 -37.94
CA THR B 59 41.00 16.16 -36.52
C THR B 59 42.31 16.90 -36.41
N SER B 60 42.32 18.04 -35.71
CA SER B 60 43.55 18.82 -35.60
C SER B 60 44.59 18.18 -34.72
N ILE B 61 45.85 18.44 -35.05
CA ILE B 61 46.96 17.95 -34.30
C ILE B 61 47.59 19.08 -33.52
N ILE B 62 47.72 18.87 -32.20
CA ILE B 62 48.40 19.82 -31.32
C ILE B 62 49.78 19.24 -31.05
N ALA B 63 50.84 19.99 -31.36
CA ALA B 63 52.20 19.53 -31.07
C ALA B 63 52.83 20.42 -30.00
N THR B 64 53.39 19.81 -28.97
CA THR B 64 54.05 20.56 -27.90
C THR B 64 55.43 21.00 -28.37
N ILE B 65 55.75 22.29 -28.19
CA ILE B 65 57.03 22.82 -28.62
C ILE B 65 58.07 22.63 -27.52
N GLY B 66 59.26 22.22 -27.93
CA GLY B 66 60.37 22.03 -27.02
C GLY B 66 61.68 21.95 -27.78
N PRO B 67 62.76 21.48 -27.11
CA PRO B 67 64.06 21.40 -27.79
C PRO B 67 64.08 20.65 -29.12
N ALA B 68 63.25 19.61 -29.27
CA ALA B 68 63.21 18.83 -30.52
C ALA B 68 62.39 19.49 -31.63
N SER B 69 61.61 20.52 -31.33
CA SER B 69 60.71 21.12 -32.31
C SER B 69 60.70 22.64 -32.26
N ARG B 70 61.80 23.26 -31.85
CA ARG B 70 61.86 24.71 -31.67
C ARG B 70 62.44 25.49 -32.82
N SER B 71 63.39 24.92 -33.56
CA SER B 71 64.00 25.65 -34.66
C SER B 71 62.98 25.96 -35.77
N VAL B 72 63.17 27.09 -36.48
CA VAL B 72 62.30 27.53 -37.56
C VAL B 72 62.23 26.47 -38.67
N GLU B 73 63.36 25.87 -39.00
CA GLU B 73 63.44 24.85 -40.04
C GLU B 73 62.64 23.60 -39.65
N ARG B 74 62.72 23.19 -38.37
CA ARG B 74 61.99 22.02 -37.87
C ARG B 74 60.49 22.33 -37.83
N LEU B 75 60.13 23.55 -37.41
CA LEU B 75 58.74 23.99 -37.37
C LEU B 75 58.09 24.02 -38.75
N LYS B 76 58.86 24.35 -39.80
CA LYS B 76 58.35 24.35 -41.18
C LYS B 76 58.00 22.92 -41.59
N GLU B 77 58.85 21.94 -41.22
CA GLU B 77 58.56 20.54 -41.54
C GLU B 77 57.34 20.04 -40.75
N MET B 78 57.15 20.51 -39.51
CA MET B 78 56.02 20.11 -38.69
CA MET B 78 56.02 20.11 -38.69
C MET B 78 54.71 20.68 -39.25
N ILE B 79 54.75 21.91 -39.80
CA ILE B 79 53.56 22.52 -40.39
C ILE B 79 53.18 21.72 -41.64
N LYS B 80 54.18 21.35 -42.46
CA LYS B 80 53.97 20.55 -43.66
C LYS B 80 53.46 19.15 -43.32
N ALA B 81 53.91 18.57 -42.19
CA ALA B 81 53.47 17.25 -41.73
C ALA B 81 52.02 17.24 -41.21
N GLY B 82 51.51 18.41 -40.82
CA GLY B 82 50.13 18.53 -40.36
C GLY B 82 49.88 19.21 -39.02
N MET B 83 50.89 19.78 -38.36
CA MET B 83 50.67 20.48 -37.08
C MET B 83 49.72 21.68 -37.30
N ASN B 84 48.64 21.75 -36.52
CA ASN B 84 47.68 22.84 -36.63
C ASN B 84 47.76 23.79 -35.44
N ILE B 85 48.14 23.27 -34.26
CA ILE B 85 48.22 24.05 -33.02
C ILE B 85 49.54 23.78 -32.34
N ALA B 86 50.27 24.83 -31.97
CA ALA B 86 51.54 24.71 -31.26
C ALA B 86 51.25 24.95 -29.78
N ARG B 87 51.59 23.97 -28.92
CA ARG B 87 51.36 24.09 -27.50
C ARG B 87 52.64 24.49 -26.76
N LEU B 88 52.56 25.53 -25.93
CA LEU B 88 53.70 25.99 -25.14
C LEU B 88 53.41 25.55 -23.71
N ASN B 89 54.22 24.65 -23.17
CA ASN B 89 53.99 24.15 -21.81
C ASN B 89 54.69 25.07 -20.80
N PHE B 90 53.90 25.91 -20.11
CA PHE B 90 54.45 26.84 -19.13
C PHE B 90 54.85 26.19 -17.79
N SER B 91 54.79 24.85 -17.71
CA SER B 91 55.31 24.15 -16.53
C SER B 91 56.86 24.22 -16.53
N HIS B 92 57.50 24.44 -17.70
CA HIS B 92 58.95 24.53 -17.84
C HIS B 92 59.31 25.74 -18.72
N GLY B 93 60.53 26.26 -18.58
CA GLY B 93 60.99 27.36 -19.40
C GLY B 93 60.56 28.73 -18.95
N SER B 94 61.42 29.72 -19.18
CA SER B 94 61.16 31.09 -18.79
C SER B 94 60.26 31.81 -19.81
N HIS B 95 59.82 33.04 -19.50
CA HIS B 95 59.06 33.85 -20.43
C HIS B 95 59.90 34.14 -21.70
N GLU B 96 61.22 34.31 -21.54
CA GLU B 96 62.12 34.57 -22.66
C GLU B 96 62.17 33.35 -23.60
N TYR B 97 62.21 32.15 -23.02
CA TYR B 97 62.24 30.90 -23.79
C TYR B 97 60.94 30.79 -24.61
N HIS B 98 59.77 31.00 -23.97
CA HIS B 98 58.48 30.90 -24.65
C HIS B 98 58.27 31.98 -25.69
N ALA B 99 58.79 33.21 -25.47
CA ALA B 99 58.68 34.27 -26.47
C ALA B 99 59.45 33.91 -27.73
N GLU B 100 60.61 33.25 -27.58
CA GLU B 100 61.41 32.84 -28.71
C GLU B 100 60.72 31.69 -29.47
N SER B 101 60.03 30.77 -28.74
CA SER B 101 59.28 29.69 -29.36
C SER B 101 58.15 30.28 -30.21
N ILE B 102 57.40 31.26 -29.66
CA ILE B 102 56.32 31.96 -30.37
C ILE B 102 56.85 32.64 -31.64
N ALA B 103 57.98 33.34 -31.54
CA ALA B 103 58.59 34.03 -32.69
C ALA B 103 59.00 33.01 -33.76
N ASN B 104 59.56 31.86 -33.36
CA ASN B 104 59.98 30.83 -34.31
C ASN B 104 58.78 30.19 -35.01
N VAL B 105 57.69 29.98 -34.27
CA VAL B 105 56.46 29.42 -34.85
C VAL B 105 55.91 30.43 -35.87
N ARG B 106 55.77 31.70 -35.48
CA ARG B 106 55.28 32.74 -36.38
C ARG B 106 56.14 32.91 -37.63
N GLU B 107 57.47 32.82 -37.50
CA GLU B 107 58.35 32.93 -38.67
C GLU B 107 58.13 31.76 -39.62
N ALA B 108 58.02 30.54 -39.08
CA ALA B 108 57.77 29.33 -39.89
C ALA B 108 56.39 29.42 -40.58
N VAL B 109 55.36 29.86 -39.86
CA VAL B 109 54.00 29.99 -40.40
C VAL B 109 53.95 31.03 -41.52
N GLU B 110 54.54 32.20 -41.27
CA GLU B 110 54.52 33.27 -42.25
C GLU B 110 55.41 33.03 -43.46
N SER B 111 56.32 32.03 -43.41
CA SER B 111 57.12 31.67 -44.57
C SER B 111 56.26 31.11 -45.74
N PHE B 112 54.99 30.75 -45.47
CA PHE B 112 54.06 30.23 -46.48
C PHE B 112 52.98 31.26 -46.92
N ALA B 113 52.99 32.50 -46.34
CA ALA B 113 52.02 33.57 -46.61
C ALA B 113 52.03 34.17 -48.01
N GLY B 114 53.10 33.92 -48.75
CA GLY B 114 53.26 34.44 -50.10
C GLY B 114 52.20 33.97 -51.07
N SER B 115 51.59 32.82 -50.77
CA SER B 115 50.51 32.29 -51.59
C SER B 115 49.26 32.19 -50.72
N PRO B 116 48.43 33.24 -50.75
CA PRO B 116 47.20 33.25 -49.93
C PRO B 116 46.21 32.10 -50.16
N LEU B 117 46.16 31.55 -51.38
CA LEU B 117 45.26 30.44 -51.71
C LEU B 117 45.69 29.10 -51.05
N SER B 118 46.93 29.00 -50.53
CA SER B 118 47.41 27.77 -49.90
C SER B 118 47.93 27.93 -48.45
N TYR B 119 48.01 29.18 -47.95
CA TYR B 119 48.50 29.49 -46.61
C TYR B 119 47.75 28.71 -45.52
N ARG B 120 48.49 28.14 -44.58
CA ARG B 120 47.91 27.41 -43.46
C ARG B 120 48.10 28.11 -42.12
N PRO B 121 47.01 28.63 -41.53
CA PRO B 121 47.14 29.25 -40.20
C PRO B 121 47.52 28.19 -39.13
N VAL B 122 48.24 28.61 -38.08
CA VAL B 122 48.64 27.73 -36.98
C VAL B 122 48.35 28.44 -35.68
N ALA B 123 47.52 27.86 -34.79
CA ALA B 123 47.20 28.48 -33.51
C ALA B 123 48.32 28.31 -32.50
N ILE B 124 48.39 29.21 -31.52
CA ILE B 124 49.38 29.14 -30.45
C ILE B 124 48.61 29.02 -29.16
N ALA B 125 48.86 27.93 -28.41
CA ALA B 125 48.16 27.64 -27.17
C ALA B 125 49.11 27.67 -26.00
N LEU B 126 48.70 28.32 -24.92
CA LEU B 126 49.51 28.42 -23.71
C LEU B 126 48.93 27.44 -22.70
N ASP B 127 49.73 26.48 -22.26
CA ASP B 127 49.29 25.49 -21.28
C ASP B 127 49.86 25.90 -19.93
N THR B 128 49.00 26.27 -18.99
CA THR B 128 49.42 26.76 -17.69
C THR B 128 50.06 25.71 -16.76
N LYS B 129 50.91 26.18 -15.85
CA LYS B 129 51.58 25.34 -14.86
C LYS B 129 50.53 24.73 -13.91
N GLY B 130 49.55 25.53 -13.51
CA GLY B 130 48.49 25.04 -12.63
C GLY B 130 48.52 25.58 -11.22
N PRO B 131 47.52 25.19 -10.42
CA PRO B 131 47.43 25.71 -9.05
C PRO B 131 48.38 25.09 -8.04
N GLY B 132 48.96 23.94 -8.36
CA GLY B 132 49.85 23.23 -7.45
C GLY B 132 49.09 22.76 -6.22
N SER B 133 49.60 23.07 -5.03
CA SER B 133 48.90 22.72 -3.78
C SER B 133 47.82 23.75 -3.37
N GLY B 134 47.73 24.87 -4.09
CA GLY B 134 46.77 25.94 -3.81
C GLY B 134 45.34 25.61 -4.20
N PRO B 135 44.39 26.41 -3.71
CA PRO B 135 42.97 26.13 -4.02
C PRO B 135 42.43 26.73 -5.33
N GLY B 136 43.15 27.69 -5.90
CA GLY B 136 42.73 28.35 -7.13
C GLY B 136 43.88 28.89 -7.95
N LEU B 137 43.65 30.01 -8.67
CA LEU B 137 44.65 30.61 -9.55
C LEU B 137 45.94 31.05 -8.85
N SER B 138 47.06 30.43 -9.21
CA SER B 138 48.36 30.72 -8.64
C SER B 138 48.94 32.05 -9.17
N GLU B 139 49.90 32.64 -8.44
CA GLU B 139 50.54 33.89 -8.85
C GLU B 139 51.33 33.71 -10.14
N GLN B 140 51.97 32.55 -10.33
CA GLN B 140 52.72 32.29 -11.56
C GLN B 140 51.76 32.23 -12.75
N ASP B 141 50.58 31.60 -12.57
CA ASP B 141 49.58 31.54 -13.63
C ASP B 141 49.09 32.93 -14.01
N VAL B 142 48.91 33.83 -13.03
CA VAL B 142 48.50 35.21 -13.32
C VAL B 142 49.53 35.91 -14.24
N ARG B 143 50.82 35.73 -13.95
CA ARG B 143 51.88 36.31 -14.74
C ARG B 143 52.00 35.67 -16.13
N ASP B 144 51.82 34.34 -16.20
CA ASP B 144 51.90 33.62 -17.47
C ASP B 144 50.72 33.95 -18.36
N LEU B 145 49.53 34.11 -17.79
CA LEU B 145 48.34 34.47 -18.56
C LEU B 145 48.47 35.90 -19.10
N ARG B 146 49.09 36.80 -18.31
CA ARG B 146 49.35 38.18 -18.77
C ARG B 146 50.37 38.16 -19.92
N PHE B 147 51.38 37.27 -19.85
CA PHE B 147 52.36 37.08 -20.93
C PHE B 147 51.63 36.62 -22.20
N GLY B 148 50.70 35.66 -22.04
CA GLY B 148 49.90 35.13 -23.13
C GLY B 148 49.14 36.21 -23.88
N VAL B 149 48.46 37.09 -23.14
CA VAL B 149 47.73 38.20 -23.73
C VAL B 149 48.68 39.16 -24.46
N GLU B 150 49.80 39.52 -23.81
CA GLU B 150 50.80 40.43 -24.41
C GLU B 150 51.45 39.86 -25.66
N HIS B 151 51.57 38.54 -25.75
CA HIS B 151 52.15 37.90 -26.94
C HIS B 151 51.12 37.37 -27.95
N GLY B 152 49.83 37.71 -27.76
CA GLY B 152 48.76 37.34 -28.68
C GLY B 152 48.48 35.85 -28.87
N VAL B 153 48.53 35.06 -27.77
CA VAL B 153 48.19 33.64 -27.89
C VAL B 153 46.70 33.48 -28.22
N ASP B 154 46.35 32.40 -28.91
CA ASP B 154 44.98 32.18 -29.32
C ASP B 154 44.16 31.40 -28.32
N ILE B 155 44.81 30.49 -27.60
CA ILE B 155 44.13 29.56 -26.70
C ILE B 155 44.90 29.40 -25.40
N VAL B 156 44.18 29.12 -24.32
CA VAL B 156 44.76 28.77 -23.05
C VAL B 156 44.26 27.35 -22.69
N PHE B 157 45.18 26.44 -22.37
CA PHE B 157 44.82 25.12 -21.85
C PHE B 157 45.01 25.32 -20.35
N ALA B 158 43.92 25.54 -19.62
CA ALA B 158 43.97 25.80 -18.17
C ALA B 158 44.12 24.52 -17.37
N SER B 159 45.26 24.33 -16.71
CA SER B 159 45.53 23.12 -15.93
C SER B 159 44.69 22.98 -14.66
N PHE B 160 44.36 21.74 -14.30
CA PHE B 160 43.64 21.34 -13.10
C PHE B 160 42.37 22.15 -12.82
N VAL B 161 41.47 22.27 -13.82
CA VAL B 161 40.21 22.96 -13.60
C VAL B 161 39.29 22.04 -12.80
N ARG B 162 38.83 22.51 -11.63
CA ARG B 162 38.01 21.70 -10.72
C ARG B 162 36.57 22.18 -10.56
N LYS B 163 36.28 23.42 -10.97
CA LYS B 163 34.96 24.02 -10.82
C LYS B 163 34.84 25.26 -11.72
N ALA B 164 33.61 25.75 -11.90
CA ALA B 164 33.33 26.93 -12.73
C ALA B 164 34.12 28.18 -12.30
N SER B 165 34.31 28.40 -10.99
CA SER B 165 35.05 29.58 -10.52
C SER B 165 36.52 29.58 -10.94
N ASP B 166 37.09 28.39 -11.21
CA ASP B 166 38.46 28.30 -11.69
C ASP B 166 38.57 28.92 -13.08
N VAL B 167 37.58 28.67 -13.95
CA VAL B 167 37.62 29.21 -15.30
C VAL B 167 37.34 30.74 -15.26
N ALA B 168 36.45 31.19 -14.35
CA ALA B 168 36.19 32.62 -14.20
C ALA B 168 37.46 33.36 -13.78
N ALA B 169 38.29 32.74 -12.91
CA ALA B 169 39.55 33.31 -12.47
C ALA B 169 40.53 33.42 -13.64
N VAL B 170 40.58 32.39 -14.52
CA VAL B 170 41.45 32.43 -15.70
C VAL B 170 41.01 33.56 -16.62
N ARG B 171 39.69 33.66 -16.85
CA ARG B 171 39.11 34.69 -17.70
CA ARG B 171 39.12 34.70 -17.70
C ARG B 171 39.46 36.09 -17.17
N ALA B 172 39.34 36.31 -15.85
CA ALA B 172 39.67 37.60 -15.23
C ALA B 172 41.15 37.93 -15.40
N ALA B 173 42.04 36.94 -15.22
CA ALA B 173 43.48 37.13 -15.39
C ALA B 173 43.90 37.49 -16.82
N LEU B 174 43.08 37.12 -17.81
CA LEU B 174 43.37 37.49 -19.20
C LEU B 174 43.09 39.01 -19.46
N GLY B 175 42.33 39.64 -18.57
CA GLY B 175 42.02 41.06 -18.66
C GLY B 175 41.07 41.45 -19.78
N PRO B 176 40.87 42.76 -19.95
CA PRO B 176 39.96 43.22 -21.01
C PRO B 176 40.48 42.99 -22.42
N GLU B 177 41.81 42.94 -22.59
CA GLU B 177 42.40 42.70 -23.91
C GLU B 177 42.41 41.20 -24.33
N GLY B 178 42.13 40.29 -23.41
CA GLY B 178 42.16 38.86 -23.71
C GLY B 178 40.80 38.19 -23.80
N HIS B 179 39.75 38.97 -24.10
CA HIS B 179 38.38 38.46 -24.19
C HIS B 179 38.20 37.47 -25.36
N GLY B 180 38.99 37.62 -26.41
CA GLY B 180 38.91 36.75 -27.59
C GLY B 180 39.65 35.43 -27.48
N ILE B 181 40.47 35.25 -26.44
CA ILE B 181 41.24 34.03 -26.23
C ILE B 181 40.32 32.88 -25.81
N LYS B 182 40.47 31.70 -26.43
CA LYS B 182 39.63 30.55 -26.09
C LYS B 182 40.18 29.87 -24.84
N ILE B 183 39.31 29.52 -23.90
CA ILE B 183 39.75 28.81 -22.70
C ILE B 183 39.32 27.35 -22.80
N ILE B 184 40.30 26.45 -22.85
CA ILE B 184 40.06 25.01 -22.88
C ILE B 184 40.42 24.50 -21.49
N SER B 185 39.42 24.04 -20.73
CA SER B 185 39.67 23.55 -19.39
C SER B 185 40.21 22.13 -19.37
N LYS B 186 41.34 21.90 -18.68
CA LYS B 186 41.92 20.57 -18.57
C LYS B 186 41.30 19.85 -17.38
N ILE B 187 40.68 18.68 -17.62
CA ILE B 187 40.06 17.88 -16.55
C ILE B 187 41.10 16.84 -16.17
N GLU B 188 41.63 16.96 -14.96
CA GLU B 188 42.75 16.15 -14.52
C GLU B 188 42.55 15.41 -13.21
N ASN B 189 41.37 15.51 -12.59
CA ASN B 189 41.13 14.84 -11.31
C ASN B 189 39.66 14.47 -11.11
N HIS B 190 39.34 13.76 -10.02
CA HIS B 190 37.99 13.33 -9.73
C HIS B 190 37.02 14.49 -9.65
N GLU B 191 37.39 15.58 -8.96
CA GLU B 191 36.49 16.73 -8.83
C GLU B 191 36.14 17.35 -10.18
N GLY B 192 37.11 17.47 -11.08
CA GLY B 192 36.87 17.99 -12.42
C GLY B 192 35.88 17.16 -13.20
N VAL B 193 35.95 15.81 -13.06
CA VAL B 193 35.01 14.89 -13.70
C VAL B 193 33.62 15.04 -13.09
N LYS B 194 33.53 15.08 -11.76
CA LYS B 194 32.23 15.23 -11.09
C LYS B 194 31.55 16.58 -11.36
N ARG B 195 32.34 17.65 -11.46
CA ARG B 195 31.80 18.97 -11.75
C ARG B 195 31.93 19.34 -13.23
N PHE B 196 32.07 18.33 -14.11
CA PHE B 196 32.22 18.53 -15.53
C PHE B 196 31.18 19.46 -16.15
N ASP B 197 29.89 19.23 -15.89
CA ASP B 197 28.83 20.03 -16.50
C ASP B 197 28.96 21.52 -16.24
N GLU B 198 29.26 21.92 -15.00
CA GLU B 198 29.42 23.34 -14.68
C GLU B 198 30.69 23.93 -15.30
N ILE B 199 31.74 23.12 -15.45
CA ILE B 199 33.00 23.54 -16.07
C ILE B 199 32.80 23.75 -17.55
N LEU B 200 32.18 22.79 -18.25
CA LEU B 200 31.94 22.89 -19.67
C LEU B 200 31.07 24.09 -20.01
N GLU B 201 30.06 24.35 -19.19
CA GLU B 201 29.13 25.47 -19.41
C GLU B 201 29.84 26.82 -19.57
N VAL B 202 30.88 27.06 -18.78
CA VAL B 202 31.62 28.34 -18.84
C VAL B 202 32.93 28.28 -19.61
N SER B 203 33.32 27.10 -20.13
CA SER B 203 34.56 26.98 -20.90
C SER B 203 34.26 27.01 -22.41
N ASP B 204 35.28 27.31 -23.23
CA ASP B 204 35.12 27.20 -24.68
C ASP B 204 35.25 25.72 -25.14
N GLY B 205 35.93 24.90 -24.34
CA GLY B 205 36.14 23.49 -24.64
C GLY B 205 36.86 22.78 -23.52
N ILE B 206 37.20 21.51 -23.73
CA ILE B 206 37.79 20.68 -22.70
C ILE B 206 38.99 19.90 -23.21
N MET B 207 39.95 19.63 -22.34
CA MET B 207 41.04 18.72 -22.66
C MET B 207 40.95 17.57 -21.67
N VAL B 208 40.93 16.32 -22.19
CA VAL B 208 40.96 15.14 -21.35
C VAL B 208 42.45 14.93 -21.08
N ALA B 209 42.93 15.43 -19.95
CA ALA B 209 44.35 15.42 -19.61
C ALA B 209 44.63 14.12 -18.88
N ARG B 210 44.87 13.06 -19.66
CA ARG B 210 44.95 11.69 -19.15
C ARG B 210 46.13 11.38 -18.26
N GLY B 211 47.23 12.13 -18.38
CA GLY B 211 48.40 11.90 -17.54
C GLY B 211 48.09 12.03 -16.06
N ASP B 212 47.64 13.22 -15.63
CA ASP B 212 47.26 13.45 -14.24
C ASP B 212 45.97 12.74 -13.89
N LEU B 213 45.00 12.69 -14.83
CA LEU B 213 43.75 11.97 -14.57
C LEU B 213 43.99 10.49 -14.19
N GLY B 214 44.94 9.85 -14.88
CA GLY B 214 45.31 8.46 -14.65
C GLY B 214 46.04 8.18 -13.34
N ILE B 215 46.47 9.23 -12.65
CA ILE B 215 47.11 9.16 -11.33
C ILE B 215 46.08 9.58 -10.24
N GLU B 216 45.17 10.49 -10.56
CA GLU B 216 44.14 10.99 -9.65
C GLU B 216 42.99 10.01 -9.47
N ILE B 217 42.63 9.27 -10.53
CA ILE B 217 41.59 8.23 -10.47
C ILE B 217 42.23 6.88 -10.89
N PRO B 218 41.60 5.72 -10.60
CA PRO B 218 42.19 4.44 -11.04
C PRO B 218 42.45 4.42 -12.55
N ALA B 219 43.63 3.94 -12.95
CA ALA B 219 44.04 3.92 -14.36
C ALA B 219 43.01 3.22 -15.26
N GLU B 220 42.36 2.17 -14.75
CA GLU B 220 41.36 1.40 -15.48
C GLU B 220 40.04 2.15 -15.68
N LYS B 221 39.87 3.35 -15.10
CA LYS B 221 38.65 4.13 -15.27
C LYS B 221 38.80 5.30 -16.22
N VAL B 222 40.03 5.67 -16.62
CA VAL B 222 40.28 6.81 -17.48
C VAL B 222 39.49 6.76 -18.78
N PHE B 223 39.39 5.58 -19.42
CA PHE B 223 38.63 5.47 -20.68
C PHE B 223 37.17 5.87 -20.52
N LEU B 224 36.58 5.62 -19.33
CA LEU B 224 35.18 5.98 -19.07
C LEU B 224 35.05 7.50 -19.02
N ALA B 225 36.00 8.16 -18.35
CA ALA B 225 36.01 9.63 -18.24
C ALA B 225 36.24 10.23 -19.61
N GLN B 226 37.17 9.67 -20.40
CA GLN B 226 37.45 10.17 -21.75
C GLN B 226 36.20 10.07 -22.63
N LYS B 227 35.58 8.89 -22.70
CA LYS B 227 34.41 8.69 -23.54
C LYS B 227 33.21 9.55 -23.11
N MET B 228 33.00 9.70 -21.80
CA MET B 228 31.93 10.53 -21.26
C MET B 228 32.15 12.02 -21.63
N MET B 229 33.35 12.55 -21.39
CA MET B 229 33.64 13.94 -21.66
C MET B 229 33.60 14.26 -23.14
N ILE B 230 34.08 13.34 -23.99
CA ILE B 230 34.00 13.56 -25.44
C ILE B 230 32.53 13.56 -25.87
N GLY B 231 31.74 12.62 -25.36
CA GLY B 231 30.31 12.57 -25.65
C GLY B 231 29.58 13.83 -25.23
N ARG B 232 29.85 14.32 -24.01
CA ARG B 232 29.19 15.55 -23.53
C ARG B 232 29.62 16.80 -24.30
N CYS B 233 30.90 16.87 -24.71
CA CYS B 233 31.38 17.99 -25.52
C CYS B 233 30.75 17.95 -26.91
N ASN B 234 30.61 16.75 -27.51
CA ASN B 234 29.96 16.60 -28.82
C ASN B 234 28.49 17.03 -28.70
N LEU B 235 27.81 16.65 -27.60
CA LEU B 235 26.42 17.03 -27.37
C LEU B 235 26.31 18.57 -27.28
N ALA B 236 27.25 19.21 -26.58
CA ALA B 236 27.27 20.66 -26.41
C ALA B 236 27.80 21.42 -27.63
N GLY B 237 28.43 20.73 -28.58
CA GLY B 237 29.02 21.37 -29.74
C GLY B 237 30.23 22.20 -29.40
N LYS B 238 30.99 21.78 -28.37
CA LYS B 238 32.21 22.47 -27.95
C LYS B 238 33.43 21.59 -28.15
N PRO B 239 34.56 22.17 -28.57
CA PRO B 239 35.75 21.35 -28.83
C PRO B 239 36.26 20.52 -27.65
N VAL B 240 36.74 19.32 -27.96
CA VAL B 240 37.31 18.44 -26.95
C VAL B 240 38.64 17.89 -27.49
N VAL B 241 39.67 17.92 -26.65
CA VAL B 241 41.01 17.46 -26.99
C VAL B 241 41.32 16.17 -26.25
N CYS B 242 41.88 15.18 -26.93
CA CYS B 242 42.37 13.99 -26.22
C CYS B 242 43.89 14.15 -26.10
N ALA B 243 44.43 13.94 -24.91
CA ALA B 243 45.86 14.19 -24.70
C ALA B 243 46.55 13.12 -23.87
N THR B 244 47.90 13.05 -24.03
CA THR B 244 48.92 12.35 -23.25
C THR B 244 49.15 10.89 -23.60
N GLN B 245 50.41 10.58 -23.94
CA GLN B 245 50.93 9.25 -24.23
C GLN B 245 50.29 8.57 -25.41
N MET B 246 49.71 9.34 -26.33
CA MET B 246 49.03 8.77 -27.49
C MET B 246 50.00 7.98 -28.37
N LEU B 247 51.23 8.50 -28.58
CA LEU B 247 52.26 7.80 -29.37
C LEU B 247 53.58 7.83 -28.57
N GLU B 248 53.51 7.66 -27.24
CA GLU B 248 54.64 7.73 -26.33
C GLU B 248 55.93 7.05 -26.80
N SER B 249 55.86 5.79 -27.25
CA SER B 249 57.06 5.07 -27.68
C SER B 249 57.81 5.76 -28.83
N MET B 250 57.11 6.64 -29.60
CA MET B 250 57.75 7.35 -30.70
C MET B 250 58.74 8.45 -30.22
N ILE B 251 58.88 8.65 -28.89
CA ILE B 251 59.88 9.53 -28.33
C ILE B 251 61.28 8.94 -28.69
N THR B 252 61.43 7.60 -28.71
CA THR B 252 62.70 6.96 -29.05
C THR B 252 62.64 6.02 -30.27
N LYS B 253 61.43 5.57 -30.67
CA LYS B 253 61.31 4.65 -31.78
C LYS B 253 60.66 5.26 -33.02
N PRO B 254 61.09 4.86 -34.23
CA PRO B 254 60.50 5.45 -35.45
C PRO B 254 59.05 5.01 -35.74
N ARG B 255 58.60 3.89 -35.12
CA ARG B 255 57.25 3.38 -35.30
C ARG B 255 56.59 3.22 -33.92
N PRO B 256 55.28 3.50 -33.81
CA PRO B 256 54.59 3.34 -32.52
C PRO B 256 54.17 1.89 -32.22
N THR B 257 53.69 1.64 -31.00
CA THR B 257 53.18 0.30 -30.65
C THR B 257 51.75 0.12 -31.22
N ARG B 258 51.24 -1.11 -31.19
CA ARG B 258 49.88 -1.40 -31.66
C ARG B 258 48.84 -0.75 -30.76
N ALA B 259 49.12 -0.61 -29.45
CA ALA B 259 48.19 0.05 -28.53
C ALA B 259 48.12 1.55 -28.82
N GLU B 260 49.23 2.16 -29.21
CA GLU B 260 49.30 3.59 -29.52
C GLU B 260 48.52 3.96 -30.76
N THR B 261 48.65 3.19 -31.86
CA THR B 261 47.87 3.50 -33.07
C THR B 261 46.38 3.33 -32.79
N SER B 262 46.04 2.27 -32.00
CA SER B 262 44.67 2.00 -31.60
C SER B 262 44.12 3.18 -30.77
N ASP B 263 44.92 3.69 -29.84
CA ASP B 263 44.50 4.81 -28.98
C ASP B 263 44.16 6.06 -29.81
N VAL B 264 45.00 6.38 -30.81
CA VAL B 264 44.75 7.53 -31.66
C VAL B 264 43.48 7.34 -32.46
N ALA B 265 43.33 6.16 -33.07
CA ALA B 265 42.15 5.87 -33.87
C ALA B 265 40.87 5.92 -33.03
N ASN B 266 40.91 5.34 -31.82
CA ASN B 266 39.77 5.33 -30.94
C ASN B 266 39.43 6.70 -30.38
N ALA B 267 40.42 7.60 -30.20
CA ALA B 267 40.12 8.95 -29.74
C ALA B 267 39.31 9.69 -30.83
N VAL B 268 39.66 9.48 -32.11
CA VAL B 268 38.95 10.09 -33.23
C VAL B 268 37.57 9.48 -33.33
N LEU B 269 37.46 8.12 -33.25
CA LEU B 269 36.16 7.46 -33.30
C LEU B 269 35.26 7.87 -32.14
N ASP B 270 35.83 8.13 -30.98
CA ASP B 270 35.08 8.59 -29.79
C ASP B 270 34.41 9.93 -30.06
N GLY B 271 35.08 10.81 -30.83
CA GLY B 271 34.55 12.11 -31.20
C GLY B 271 35.45 13.29 -30.88
N ALA B 272 36.75 13.04 -30.59
CA ALA B 272 37.66 14.12 -30.26
C ALA B 272 37.87 15.07 -31.43
N ASP B 273 37.82 16.37 -31.15
CA ASP B 273 38.07 17.38 -32.18
C ASP B 273 39.56 17.50 -32.46
N CYS B 274 40.40 17.38 -31.41
CA CYS B 274 41.85 17.47 -31.51
C CYS B 274 42.51 16.31 -30.82
N ILE B 275 43.70 15.96 -31.31
CA ILE B 275 44.57 14.97 -30.66
C ILE B 275 45.90 15.68 -30.40
N MET B 276 46.61 15.23 -29.37
CA MET B 276 47.81 15.92 -28.93
C MET B 276 49.04 15.06 -28.84
N LEU B 277 50.19 15.70 -29.00
CA LEU B 277 51.51 15.11 -28.83
C LEU B 277 52.24 15.98 -27.79
N SER B 278 52.89 15.34 -26.81
CA SER B 278 53.61 16.05 -25.75
C SER B 278 55.14 15.80 -25.93
N GLY B 279 55.72 14.84 -25.18
CA GLY B 279 57.12 14.48 -25.29
C GLY B 279 57.51 14.02 -26.69
N GLU B 280 56.53 13.42 -27.42
CA GLU B 280 56.75 12.96 -28.80
C GLU B 280 57.28 14.07 -29.71
N THR B 281 56.81 15.30 -29.54
CA THR B 281 57.28 16.43 -30.36
C THR B 281 58.20 17.38 -29.56
N ALA B 282 57.99 17.50 -28.24
CA ALA B 282 58.79 18.41 -27.43
C ALA B 282 60.24 17.98 -27.27
N LYS B 283 60.49 16.69 -27.00
CA LYS B 283 61.85 16.22 -26.73
C LYS B 283 62.28 14.97 -27.48
N GLY B 284 61.36 14.29 -28.16
CA GLY B 284 61.67 13.04 -28.83
C GLY B 284 62.55 13.13 -30.06
N ASN B 285 63.00 11.97 -30.55
CA ASN B 285 63.85 11.90 -31.72
C ASN B 285 63.10 11.85 -33.03
N PHE B 286 61.77 11.73 -33.01
CA PHE B 286 60.99 11.66 -34.24
C PHE B 286 59.80 12.62 -34.19
N PRO B 287 59.99 13.95 -33.94
CA PRO B 287 58.83 14.85 -33.84
C PRO B 287 57.99 14.94 -35.12
N VAL B 288 58.64 15.01 -36.29
CA VAL B 288 57.94 15.13 -37.56
C VAL B 288 57.20 13.82 -37.87
N GLU B 289 57.86 12.68 -37.62
CA GLU B 289 57.27 11.36 -37.85
C GLU B 289 56.06 11.11 -36.94
N ALA B 290 56.07 11.64 -35.70
CA ALA B 290 54.97 11.54 -34.76
C ALA B 290 53.74 12.29 -35.30
N VAL B 291 53.97 13.51 -35.87
CA VAL B 291 52.91 14.31 -36.45
C VAL B 291 52.36 13.56 -37.68
N LYS B 292 53.24 13.03 -38.53
CA LYS B 292 52.82 12.29 -39.73
C LYS B 292 51.98 11.05 -39.35
N MET B 293 52.35 10.35 -38.27
CA MET B 293 51.64 9.16 -37.82
C MET B 293 50.25 9.53 -37.31
N GLN B 294 50.11 10.61 -36.51
CA GLN B 294 48.79 11.06 -36.07
C GLN B 294 47.93 11.47 -37.27
N HIS B 295 48.54 12.13 -38.27
CA HIS B 295 47.81 12.54 -39.47
C HIS B 295 47.29 11.31 -40.22
N ALA B 296 48.16 10.29 -40.42
CA ALA B 296 47.78 9.07 -41.15
C ALA B 296 46.68 8.30 -40.42
N ILE B 297 46.78 8.17 -39.09
CA ILE B 297 45.75 7.42 -38.34
C ILE B 297 44.43 8.20 -38.32
N ALA B 298 44.48 9.52 -38.06
CA ALA B 298 43.27 10.33 -38.01
C ALA B 298 42.49 10.27 -39.32
N ARG B 299 43.15 10.35 -40.48
CA ARG B 299 42.42 10.24 -41.77
C ARG B 299 41.74 8.88 -41.94
N GLU B 300 42.40 7.80 -41.50
CA GLU B 300 41.79 6.47 -41.58
C GLU B 300 40.60 6.39 -40.64
N ALA B 301 40.74 6.91 -39.42
CA ALA B 301 39.68 6.83 -38.41
C ALA B 301 38.47 7.70 -38.73
N GLU B 302 38.71 8.86 -39.34
CA GLU B 302 37.62 9.75 -39.74
C GLU B 302 36.73 9.10 -40.77
N ALA B 303 37.32 8.38 -41.73
CA ALA B 303 36.54 7.69 -42.76
C ALA B 303 35.72 6.53 -42.15
N ALA B 304 36.21 5.92 -41.04
CA ALA B 304 35.57 4.80 -40.34
C ALA B 304 34.46 5.23 -39.38
N VAL B 305 34.19 6.55 -39.26
CA VAL B 305 33.10 7.03 -38.41
C VAL B 305 31.76 6.57 -39.02
N TYR B 306 30.82 6.11 -38.20
CA TYR B 306 29.53 5.62 -38.67
C TYR B 306 28.56 6.81 -38.78
N HIS B 307 28.72 7.65 -39.81
CA HIS B 307 27.92 8.85 -40.00
C HIS B 307 26.43 8.61 -40.01
N ARG B 308 25.95 7.48 -40.55
CA ARG B 308 24.51 7.21 -40.58
C ARG B 308 23.85 7.33 -39.20
N GLN B 309 24.42 6.67 -38.17
CA GLN B 309 23.85 6.75 -36.83
C GLN B 309 24.29 8.01 -36.12
N LEU B 310 25.54 8.42 -36.29
CA LEU B 310 26.06 9.63 -35.64
C LEU B 310 25.22 10.87 -35.99
N PHE B 311 24.96 11.09 -37.28
CA PHE B 311 24.17 12.24 -37.71
C PHE B 311 22.75 12.20 -37.14
N GLU B 312 22.10 11.02 -37.19
CA GLU B 312 20.76 10.84 -36.62
C GLU B 312 20.73 11.16 -35.13
N GLU B 313 21.73 10.70 -34.37
CA GLU B 313 21.77 10.96 -32.94
C GLU B 313 22.09 12.40 -32.62
N LEU B 314 23.00 13.04 -33.38
CA LEU B 314 23.33 14.45 -33.15
C LEU B 314 22.09 15.32 -33.41
N ARG B 315 21.32 15.04 -34.48
CA ARG B 315 20.08 15.78 -34.75
C ARG B 315 19.02 15.56 -33.67
N ARG B 316 18.80 14.31 -33.26
CA ARG B 316 17.80 13.99 -32.26
C ARG B 316 18.14 14.60 -30.88
N ALA B 317 19.43 14.63 -30.52
CA ALA B 317 19.85 15.16 -29.23
C ALA B 317 19.89 16.67 -29.20
N ALA B 318 20.21 17.30 -30.34
CA ALA B 318 20.29 18.77 -30.40
C ALA B 318 18.89 19.33 -30.21
N PRO B 319 18.72 20.17 -29.16
CA PRO B 319 17.38 20.72 -28.91
C PRO B 319 16.89 21.57 -30.07
N LEU B 320 15.56 21.75 -30.18
CA LEU B 320 14.98 22.60 -31.20
C LEU B 320 15.53 24.02 -31.04
N SER B 321 15.83 24.68 -32.15
CA SER B 321 16.45 25.99 -32.05
C SER B 321 15.80 27.01 -32.91
N ARG B 322 15.72 28.23 -32.39
CA ARG B 322 15.20 29.35 -33.17
C ARG B 322 16.35 30.27 -33.61
N ASP B 323 17.62 29.86 -33.44
CA ASP B 323 18.76 30.64 -33.86
C ASP B 323 19.00 30.30 -35.33
N PRO B 324 18.91 31.30 -36.22
CA PRO B 324 19.07 30.99 -37.66
C PRO B 324 20.41 30.37 -38.04
N THR B 325 21.50 30.66 -37.31
CA THR B 325 22.81 30.06 -37.64
C THR B 325 22.75 28.56 -37.41
N GLU B 326 22.15 28.15 -36.29
CA GLU B 326 21.99 26.75 -35.92
C GLU B 326 21.07 26.04 -36.92
N VAL B 327 19.96 26.67 -37.29
CA VAL B 327 18.99 26.10 -38.24
C VAL B 327 19.62 25.94 -39.63
N THR B 328 20.40 26.95 -40.06
CA THR B 328 21.06 26.88 -41.36
C THR B 328 22.12 25.78 -41.36
N ALA B 329 22.87 25.64 -40.25
CA ALA B 329 23.92 24.65 -40.12
C ALA B 329 23.40 23.22 -40.32
N ILE B 330 22.27 22.85 -39.68
CA ILE B 330 21.73 21.50 -39.82
C ILE B 330 21.21 21.27 -41.23
N GLY B 331 20.59 22.30 -41.83
CA GLY B 331 20.11 22.20 -43.20
C GLY B 331 21.26 22.00 -44.17
N ALA B 332 22.37 22.71 -43.95
CA ALA B 332 23.56 22.60 -44.81
C ALA B 332 24.24 21.23 -44.70
N VAL B 333 24.33 20.68 -43.49
CA VAL B 333 24.97 19.39 -43.28
C VAL B 333 24.10 18.29 -43.90
N GLU B 334 22.76 18.40 -43.76
CA GLU B 334 21.82 17.47 -44.37
C GLU B 334 21.97 17.50 -45.89
N ALA B 335 22.03 18.72 -46.47
CA ALA B 335 22.19 18.89 -47.91
C ALA B 335 23.53 18.29 -48.40
N ALA B 336 24.61 18.50 -47.64
CA ALA B 336 25.93 17.99 -48.00
C ALA B 336 25.91 16.45 -48.08
N PHE B 337 25.25 15.78 -47.09
CA PHE B 337 25.15 14.32 -47.08
C PHE B 337 24.32 13.82 -48.27
N LYS B 338 23.24 14.52 -48.62
CA LYS B 338 22.35 14.16 -49.71
C LYS B 338 23.05 14.05 -51.06
N CYS B 339 24.03 14.94 -51.31
CA CYS B 339 24.70 14.97 -52.61
C CYS B 339 26.14 14.53 -52.57
N CYS B 340 26.66 14.04 -51.42
CA CYS B 340 28.07 13.68 -51.24
C CYS B 340 28.94 14.89 -51.57
N ALA B 341 28.53 16.08 -51.07
CA ALA B 341 29.27 17.32 -51.33
C ALA B 341 30.72 17.17 -50.87
N ALA B 342 31.66 17.71 -51.66
CA ALA B 342 33.06 17.65 -51.29
C ALA B 342 33.34 18.63 -50.14
N ALA B 343 32.62 19.77 -50.09
CA ALA B 343 32.86 20.77 -49.05
C ALA B 343 31.63 21.62 -48.73
N ILE B 344 31.64 22.30 -47.58
CA ILE B 344 30.67 23.29 -47.17
C ILE B 344 31.51 24.56 -47.01
N ILE B 345 31.27 25.59 -47.82
CA ILE B 345 32.02 26.84 -47.70
C ILE B 345 31.22 27.77 -46.84
N VAL B 346 31.81 28.31 -45.79
CA VAL B 346 31.11 29.20 -44.88
C VAL B 346 31.87 30.50 -44.63
N LEU B 347 31.16 31.63 -44.63
CA LEU B 347 31.76 32.92 -44.29
C LEU B 347 31.58 33.10 -42.79
N THR B 348 32.65 33.46 -42.07
CA THR B 348 32.55 33.62 -40.63
C THR B 348 33.50 34.69 -40.12
N THR B 349 33.07 35.46 -39.13
CA THR B 349 33.86 36.53 -38.55
C THR B 349 34.57 35.99 -37.30
N THR B 350 33.81 35.30 -36.44
CA THR B 350 34.33 34.76 -35.17
C THR B 350 34.66 33.27 -35.19
N GLY B 351 34.19 32.56 -36.22
CA GLY B 351 34.34 31.12 -36.31
C GLY B 351 33.06 30.37 -35.95
N ARG B 352 32.10 31.04 -35.27
CA ARG B 352 30.86 30.44 -34.77
C ARG B 352 30.02 29.70 -35.84
N SER B 353 29.82 30.28 -37.03
CA SER B 353 29.04 29.59 -38.07
C SER B 353 29.74 28.28 -38.50
N ALA B 354 31.07 28.26 -38.52
CA ALA B 354 31.82 27.06 -38.88
C ALA B 354 31.73 26.02 -37.73
N GLN B 355 31.76 26.48 -36.47
CA GLN B 355 31.65 25.60 -35.31
C GLN B 355 30.28 24.92 -35.28
N LEU B 356 29.21 25.65 -35.66
CA LEU B 356 27.87 25.04 -35.67
C LEU B 356 27.69 24.02 -36.80
N LEU B 357 28.47 24.15 -37.89
CA LEU B 357 28.43 23.14 -38.95
C LEU B 357 29.21 21.89 -38.44
N SER B 358 30.39 22.12 -37.86
CA SER B 358 31.28 21.10 -37.31
C SER B 358 30.60 20.20 -36.24
N ARG B 359 29.73 20.76 -35.41
CA ARG B 359 29.03 20.01 -34.35
C ARG B 359 28.15 18.87 -34.91
N TYR B 360 27.69 18.99 -36.17
CA TYR B 360 26.89 17.91 -36.79
C TYR B 360 27.73 16.87 -37.51
N ARG B 361 29.07 16.98 -37.42
CA ARG B 361 30.01 16.04 -37.97
C ARG B 361 29.75 15.68 -39.43
N PRO B 362 29.73 16.68 -40.35
CA PRO B 362 29.61 16.35 -41.76
C PRO B 362 30.84 15.61 -42.25
N ARG B 363 30.66 14.77 -43.26
CA ARG B 363 31.78 14.14 -43.94
C ARG B 363 32.47 15.23 -44.83
N ALA B 364 31.68 16.17 -45.39
CA ALA B 364 32.18 17.28 -46.20
C ALA B 364 33.07 18.19 -45.34
N ALA B 365 34.20 18.61 -45.91
CA ALA B 365 35.11 19.55 -45.27
C ALA B 365 34.40 20.88 -45.08
N VAL B 366 34.61 21.56 -43.97
CA VAL B 366 34.01 22.88 -43.74
C VAL B 366 35.11 23.91 -44.03
N ILE B 367 35.04 24.55 -45.19
CA ILE B 367 36.02 25.55 -45.60
C ILE B 367 35.54 26.91 -45.06
N ALA B 368 36.22 27.42 -44.04
CA ALA B 368 35.79 28.65 -43.40
C ALA B 368 36.58 29.86 -43.92
N VAL B 369 35.91 30.81 -44.59
CA VAL B 369 36.55 32.01 -45.11
C VAL B 369 36.35 33.14 -44.13
N THR B 370 37.47 33.67 -43.63
CA THR B 370 37.41 34.74 -42.64
C THR B 370 38.49 35.80 -42.86
N ARG B 371 38.22 37.03 -42.43
CA ARG B 371 39.22 38.11 -42.46
C ARG B 371 40.00 38.13 -41.11
N SER B 372 39.44 37.52 -40.04
CA SER B 372 40.09 37.48 -38.75
C SER B 372 41.22 36.44 -38.72
N ALA B 373 42.47 36.91 -38.60
CA ALA B 373 43.62 36.01 -38.51
C ALA B 373 43.50 35.14 -37.23
N GLN B 374 42.99 35.72 -36.13
CA GLN B 374 42.83 34.97 -34.90
C GLN B 374 41.74 33.88 -35.02
N ALA B 375 40.58 34.21 -35.62
CA ALA B 375 39.52 33.22 -35.80
C ALA B 375 40.01 32.09 -36.71
N ALA B 376 40.83 32.41 -37.74
CA ALA B 376 41.39 31.42 -38.64
C ALA B 376 42.26 30.42 -37.85
N ARG B 377 43.04 30.90 -36.86
CA ARG B 377 43.85 30.01 -36.02
C ARG B 377 42.98 29.22 -35.04
N GLN B 378 42.01 29.88 -34.38
CA GLN B 378 41.20 29.24 -33.37
C GLN B 378 40.25 28.15 -33.89
N VAL B 379 39.75 28.27 -35.15
CA VAL B 379 38.81 27.27 -35.66
C VAL B 379 39.44 25.88 -35.84
N HIS B 380 40.77 25.77 -35.73
CA HIS B 380 41.44 24.46 -35.74
C HIS B 380 40.96 23.61 -34.54
N LEU B 381 40.36 24.22 -33.50
CA LEU B 381 39.80 23.49 -32.38
C LEU B 381 38.56 22.65 -32.77
N CYS B 382 37.90 22.97 -33.89
CA CYS B 382 36.68 22.31 -34.32
C CYS B 382 36.95 21.35 -35.43
N ARG B 383 36.56 20.08 -35.23
CA ARG B 383 36.82 19.06 -36.23
C ARG B 383 36.26 19.40 -37.61
N GLY B 384 37.11 19.25 -38.62
CA GLY B 384 36.68 19.41 -40.00
C GLY B 384 36.60 20.84 -40.50
N VAL B 385 37.11 21.80 -39.73
CA VAL B 385 37.10 23.19 -40.19
C VAL B 385 38.48 23.53 -40.76
N PHE B 386 38.51 23.92 -42.03
CA PHE B 386 39.72 24.28 -42.79
C PHE B 386 39.71 25.81 -43.00
N PRO B 387 40.48 26.54 -42.18
CA PRO B 387 40.44 28.01 -42.28
C PRO B 387 41.20 28.62 -43.46
N LEU B 388 40.57 29.61 -44.11
CA LEU B 388 41.16 30.34 -45.22
C LEU B 388 41.16 31.80 -44.84
N LEU B 389 42.34 32.38 -44.69
CA LEU B 389 42.45 33.78 -44.33
C LEU B 389 42.34 34.67 -45.58
N TYR B 390 41.28 35.49 -45.65
CA TYR B 390 40.99 36.41 -46.74
C TYR B 390 41.66 37.75 -46.44
N ARG B 391 42.54 38.19 -47.35
CA ARG B 391 43.32 39.41 -47.11
C ARG B 391 42.86 40.64 -47.92
N GLU B 392 41.94 40.48 -48.88
CA GLU B 392 41.48 41.60 -49.70
C GLU B 392 40.60 42.61 -48.97
N PRO B 393 40.76 43.90 -49.31
CA PRO B 393 39.91 44.92 -48.68
C PRO B 393 38.46 44.83 -49.13
N PRO B 394 37.52 45.30 -48.28
CA PRO B 394 36.10 45.21 -48.64
C PRO B 394 35.67 45.95 -49.89
N GLU B 395 34.84 45.29 -50.73
CA GLU B 395 34.25 45.86 -51.93
C GLU B 395 33.24 46.94 -51.52
N ALA B 396 32.93 47.88 -52.45
CA ALA B 396 31.98 48.94 -52.18
C ALA B 396 30.58 48.35 -51.95
N ILE B 397 30.19 47.37 -52.76
CA ILE B 397 28.89 46.72 -52.59
C ILE B 397 29.08 45.45 -51.76
N TRP B 398 28.44 45.38 -50.59
CA TRP B 398 28.54 44.25 -49.68
C TRP B 398 28.23 42.89 -50.33
N ALA B 399 27.16 42.79 -51.16
CA ALA B 399 26.85 41.54 -51.85
C ALA B 399 27.99 41.07 -52.77
N ASP B 400 28.73 42.01 -53.39
CA ASP B 400 29.88 41.67 -54.22
C ASP B 400 31.04 41.18 -53.35
N ASP B 401 31.23 41.77 -52.16
CA ASP B 401 32.28 41.38 -51.22
C ASP B 401 32.04 39.94 -50.74
N VAL B 402 30.77 39.59 -50.48
CA VAL B 402 30.35 38.27 -50.07
C VAL B 402 30.65 37.28 -51.18
N ASP B 403 30.23 37.58 -52.42
CA ASP B 403 30.49 36.74 -53.58
C ASP B 403 31.97 36.49 -53.85
N ARG B 404 32.79 37.54 -53.68
CA ARG B 404 34.24 37.39 -53.88
C ARG B 404 34.85 36.44 -52.86
N ARG B 405 34.35 36.47 -51.62
CA ARG B 405 34.84 35.58 -50.58
C ARG B 405 34.44 34.14 -50.83
N VAL B 406 33.23 33.92 -51.38
CA VAL B 406 32.76 32.58 -51.72
C VAL B 406 33.63 32.03 -52.86
N GLN B 407 33.91 32.87 -53.88
CA GLN B 407 34.76 32.48 -55.00
C GLN B 407 36.19 32.20 -54.55
N PHE B 408 36.69 32.94 -53.56
CA PHE B 408 38.02 32.71 -52.97
C PHE B 408 38.06 31.32 -52.33
N GLY B 409 36.98 30.92 -51.66
CA GLY B 409 36.87 29.60 -51.05
C GLY B 409 36.87 28.51 -52.10
N ILE B 410 36.14 28.73 -53.22
CA ILE B 410 36.09 27.77 -54.34
C ILE B 410 37.46 27.64 -55.00
N GLU B 411 38.12 28.77 -55.30
CA GLU B 411 39.45 28.78 -55.92
C GLU B 411 40.51 28.17 -55.02
N SER B 412 40.49 28.46 -53.71
CA SER B 412 41.43 27.82 -52.78
C SER B 412 41.14 26.33 -52.72
N GLY B 413 39.86 25.96 -52.72
CA GLY B 413 39.41 24.57 -52.67
C GLY B 413 39.89 23.76 -53.85
N LYS B 414 39.81 24.35 -55.04
CA LYS B 414 40.25 23.71 -56.27
C LYS B 414 41.76 23.54 -56.25
N LEU B 415 42.49 24.58 -55.87
CA LEU B 415 43.94 24.57 -55.79
C LEU B 415 44.43 23.55 -54.79
N ARG B 416 43.77 23.40 -53.63
CA ARG B 416 44.20 22.46 -52.61
C ARG B 416 43.73 21.01 -52.81
N GLY B 417 42.90 20.76 -53.80
CA GLY B 417 42.40 19.41 -54.06
C GLY B 417 41.10 19.05 -53.34
N PHE B 418 40.51 20.01 -52.59
CA PHE B 418 39.24 19.78 -51.90
C PHE B 418 38.09 19.70 -52.91
N LEU B 419 38.16 20.50 -53.97
CA LEU B 419 37.10 20.60 -54.96
C LEU B 419 37.58 20.35 -56.37
N ARG B 420 36.73 19.71 -57.15
CA ARG B 420 36.97 19.38 -58.54
C ARG B 420 35.77 19.83 -59.39
N VAL B 421 35.99 20.10 -60.69
CA VAL B 421 34.91 20.47 -61.59
C VAL B 421 33.85 19.33 -61.62
N GLY B 422 32.58 19.68 -61.50
CA GLY B 422 31.52 18.69 -61.43
C GLY B 422 31.04 18.43 -60.01
N ASP B 423 31.85 18.79 -58.99
CA ASP B 423 31.45 18.61 -57.59
C ASP B 423 30.32 19.54 -57.23
N LEU B 424 29.56 19.18 -56.19
CA LEU B 424 28.57 20.06 -55.63
C LEU B 424 29.17 20.57 -54.31
N VAL B 425 28.92 21.84 -54.03
CA VAL B 425 29.38 22.50 -52.81
C VAL B 425 28.16 23.16 -52.14
N ILE B 426 28.17 23.21 -50.81
CA ILE B 426 27.11 23.87 -50.07
C ILE B 426 27.72 25.17 -49.58
N VAL B 427 27.05 26.32 -49.82
CA VAL B 427 27.59 27.61 -49.41
C VAL B 427 26.74 28.24 -48.32
N VAL B 428 27.33 28.61 -47.22
CA VAL B 428 26.63 29.17 -46.08
C VAL B 428 27.05 30.64 -45.83
N THR B 429 26.08 31.55 -45.95
CA THR B 429 26.31 33.01 -45.78
C THR B 429 25.18 33.62 -44.88
N GLY B 430 25.20 34.95 -44.68
CA GLY B 430 24.21 35.66 -43.88
C GLY B 430 23.56 36.81 -44.66
N TRP B 431 22.52 37.41 -44.08
CA TRP B 431 21.73 38.43 -44.77
C TRP B 431 22.24 39.88 -44.59
N ARG B 432 23.13 40.10 -43.63
CA ARG B 432 23.69 41.43 -43.37
C ARG B 432 25.11 41.30 -42.81
N PRO B 433 25.94 42.37 -42.90
CA PRO B 433 27.29 42.28 -42.33
C PRO B 433 27.29 42.12 -40.82
N GLY B 434 28.42 41.69 -40.28
CA GLY B 434 28.57 41.48 -38.86
C GLY B 434 28.29 40.03 -38.47
N SER B 435 28.84 39.63 -37.34
CA SER B 435 28.69 38.30 -36.78
C SER B 435 27.26 38.06 -36.27
N GLY B 436 26.79 36.81 -36.35
CA GLY B 436 25.49 36.41 -35.81
C GLY B 436 24.30 36.40 -36.76
N TYR B 437 24.51 36.66 -38.04
CA TYR B 437 23.40 36.74 -38.99
C TYR B 437 23.40 35.70 -40.09
N THR B 438 24.12 34.58 -39.91
CA THR B 438 24.12 33.50 -40.90
C THR B 438 22.70 32.93 -41.00
N ASN B 439 22.15 32.84 -42.21
CA ASN B 439 20.80 32.34 -42.39
C ASN B 439 20.55 31.79 -43.79
N ILE B 440 21.58 31.66 -44.62
CA ILE B 440 21.40 31.20 -46.00
C ILE B 440 22.27 29.98 -46.35
N MET B 441 21.67 29.03 -47.06
CA MET B 441 22.39 27.88 -47.56
CA MET B 441 22.34 27.84 -47.55
C MET B 441 22.09 27.76 -49.05
N ARG B 442 23.13 27.61 -49.87
CA ARG B 442 22.98 27.50 -51.33
C ARG B 442 23.70 26.27 -51.86
N VAL B 443 23.13 25.61 -52.86
CA VAL B 443 23.76 24.45 -53.51
C VAL B 443 24.38 24.93 -54.83
N LEU B 444 25.70 24.83 -54.97
CA LEU B 444 26.38 25.28 -56.19
CA LEU B 444 26.39 25.29 -56.17
C LEU B 444 27.17 24.17 -56.89
N SER B 445 27.13 24.15 -58.24
CA SER B 445 27.87 23.17 -59.02
C SER B 445 29.21 23.80 -59.41
N ILE B 446 30.33 23.08 -59.19
CA ILE B 446 31.65 23.60 -59.50
C ILE B 446 31.93 23.53 -61.00
N SER B 447 32.20 24.66 -61.63
CA SER B 447 32.50 24.69 -63.06
C SER B 447 33.97 24.98 -63.34
N GLU C 21 15.07 -26.44 -46.38
CA GLU C 21 14.39 -27.03 -45.21
C GLU C 21 12.91 -26.59 -45.16
N LEU C 22 12.62 -25.31 -45.45
CA LEU C 22 11.25 -24.83 -45.46
C LEU C 22 10.76 -24.52 -46.89
N GLY C 23 11.67 -24.11 -47.76
CA GLY C 23 11.36 -23.80 -49.16
C GLY C 23 11.09 -22.33 -49.42
N THR C 24 11.24 -21.93 -50.69
CA THR C 24 10.99 -20.55 -51.10
C THR C 24 9.51 -20.21 -51.04
N ALA C 25 8.61 -21.19 -51.25
CA ALA C 25 7.17 -20.95 -51.21
C ALA C 25 6.74 -20.51 -49.81
N PHE C 26 7.34 -21.08 -48.76
CA PHE C 26 7.05 -20.73 -47.37
C PHE C 26 7.29 -19.23 -47.13
N PHE C 27 8.43 -18.73 -47.61
CA PHE C 27 8.81 -17.34 -47.40
C PHE C 27 8.09 -16.32 -48.30
N GLN C 28 7.22 -16.78 -49.21
CA GLN C 28 6.43 -15.87 -50.03
C GLN C 28 5.02 -15.64 -49.44
N GLN C 29 4.50 -16.63 -48.69
CA GLN C 29 3.18 -16.61 -48.06
C GLN C 29 3.16 -15.71 -46.81
N GLN C 30 1.93 -15.49 -46.25
CA GLN C 30 1.64 -14.74 -45.03
C GLN C 30 2.42 -13.41 -44.90
N GLN C 31 2.58 -12.69 -46.02
CA GLN C 31 3.28 -11.41 -46.07
C GLN C 31 4.68 -11.46 -45.46
N LEU C 32 5.37 -12.62 -45.53
CA LEU C 32 6.70 -12.76 -44.96
C LEU C 32 7.72 -11.77 -45.59
N PRO C 33 7.73 -11.46 -46.90
CA PRO C 33 8.64 -10.41 -47.41
C PRO C 33 8.41 -9.06 -46.71
N ALA C 34 7.14 -8.65 -46.52
CA ALA C 34 6.82 -7.39 -45.81
C ALA C 34 7.18 -7.48 -44.32
N ALA C 35 7.11 -8.67 -43.73
CA ALA C 35 7.45 -8.91 -42.33
C ALA C 35 8.96 -8.74 -42.09
N MET C 36 9.80 -9.11 -43.07
CA MET C 36 11.26 -9.00 -42.91
C MET C 36 11.80 -7.61 -43.25
N ALA C 37 10.95 -6.64 -43.59
CA ALA C 37 11.41 -5.32 -44.00
C ALA C 37 12.11 -4.55 -42.89
N ASP C 38 13.11 -3.75 -43.27
CA ASP C 38 13.90 -2.97 -42.33
C ASP C 38 13.22 -1.68 -41.87
N THR C 39 12.23 -1.19 -42.63
CA THR C 39 11.51 0.02 -42.24
C THR C 39 10.01 -0.19 -42.43
N PHE C 40 9.18 0.63 -41.78
CA PHE C 40 7.73 0.55 -41.97
C PHE C 40 7.38 0.93 -43.43
N LEU C 41 8.10 1.90 -44.02
CA LEU C 41 7.87 2.29 -45.42
C LEU C 41 8.09 1.08 -46.35
N GLU C 42 9.21 0.37 -46.19
CA GLU C 42 9.50 -0.82 -47.02
C GLU C 42 8.49 -1.93 -46.73
N HIS C 43 8.02 -2.05 -45.46
CA HIS C 43 7.00 -3.02 -45.07
C HIS C 43 5.72 -2.77 -45.90
N LEU C 44 5.28 -1.50 -45.99
CA LEU C 44 4.11 -1.15 -46.78
C LEU C 44 4.33 -1.48 -48.26
N CYS C 45 5.50 -1.09 -48.80
CA CYS C 45 5.83 -1.29 -50.22
C CYS C 45 5.86 -2.77 -50.61
N LEU C 46 6.12 -3.67 -49.65
CA LEU C 46 6.19 -5.11 -49.91
C LEU C 46 4.90 -5.89 -49.68
N LEU C 47 3.81 -5.21 -49.22
CA LEU C 47 2.53 -5.91 -49.02
C LEU C 47 2.05 -6.42 -50.38
N ASP C 48 1.62 -7.68 -50.42
CA ASP C 48 1.30 -8.35 -51.67
C ASP C 48 -0.07 -9.01 -51.61
N ILE C 49 -0.98 -8.62 -52.51
CA ILE C 49 -2.32 -9.22 -52.61
C ILE C 49 -2.27 -10.71 -52.99
N ASP C 50 -1.17 -11.18 -53.59
CA ASP C 50 -1.01 -12.60 -53.94
C ASP C 50 -0.36 -13.41 -52.83
N SER C 51 0.06 -12.79 -51.71
CA SER C 51 0.67 -13.51 -50.61
C SER C 51 -0.48 -13.97 -49.70
N GLU C 52 -0.81 -15.27 -49.78
CA GLU C 52 -1.95 -15.81 -49.06
C GLU C 52 -1.72 -16.05 -47.58
N PRO C 53 -2.73 -15.74 -46.75
CA PRO C 53 -2.60 -16.01 -45.31
C PRO C 53 -2.52 -17.51 -45.05
N VAL C 54 -1.73 -17.91 -44.05
CA VAL C 54 -1.60 -19.32 -43.72
C VAL C 54 -2.04 -19.58 -42.29
N ALA C 55 -1.72 -18.65 -41.38
CA ALA C 55 -2.06 -18.82 -39.98
C ALA C 55 -3.57 -18.79 -39.73
N ALA C 56 -3.99 -19.42 -38.64
CA ALA C 56 -5.39 -19.41 -38.22
C ALA C 56 -5.73 -17.96 -37.80
N ARG C 57 -6.98 -17.54 -38.03
CA ARG C 57 -7.43 -16.20 -37.68
C ARG C 57 -7.33 -15.99 -36.16
N SER C 58 -6.55 -14.98 -35.76
CA SER C 58 -6.25 -14.74 -34.35
C SER C 58 -7.15 -13.69 -33.65
N THR C 59 -7.77 -12.76 -34.38
CA THR C 59 -8.63 -11.74 -33.77
C THR C 59 -10.02 -12.34 -33.59
N SER C 60 -10.51 -12.42 -32.36
CA SER C 60 -11.84 -13.00 -32.14
C SER C 60 -12.97 -12.15 -32.66
N ILE C 61 -14.05 -12.81 -33.05
CA ILE C 61 -15.24 -12.15 -33.55
C ILE C 61 -16.35 -12.25 -32.51
N ILE C 62 -16.91 -11.10 -32.13
CA ILE C 62 -18.04 -11.04 -31.22
C ILE C 62 -19.28 -10.76 -32.08
N ALA C 63 -20.30 -11.62 -31.98
CA ALA C 63 -21.52 -11.39 -32.74
C ALA C 63 -22.68 -11.15 -31.77
N THR C 64 -23.47 -10.10 -32.01
CA THR C 64 -24.59 -9.79 -31.16
C THR C 64 -25.77 -10.66 -31.55
N ILE C 65 -26.39 -11.30 -30.54
CA ILE C 65 -27.53 -12.17 -30.77
C ILE C 65 -28.83 -11.38 -30.79
N GLY C 66 -29.69 -11.69 -31.73
CA GLY C 66 -30.99 -11.06 -31.86
C GLY C 66 -31.91 -11.87 -32.76
N PRO C 67 -33.02 -11.29 -33.21
CA PRO C 67 -33.95 -12.04 -34.08
C PRO C 67 -33.33 -12.70 -35.32
N ALA C 68 -32.32 -12.06 -35.94
CA ALA C 68 -31.66 -12.62 -37.12
C ALA C 68 -30.64 -13.73 -36.81
N SER C 69 -30.28 -13.92 -35.54
CA SER C 69 -29.24 -14.88 -35.19
C SER C 69 -29.54 -15.69 -33.94
N ARG C 70 -30.79 -15.90 -33.64
CA ARG C 70 -31.20 -16.59 -32.41
C ARG C 70 -31.46 -18.08 -32.51
N SER C 71 -31.94 -18.53 -33.65
CA SER C 71 -32.25 -19.95 -33.82
C SER C 71 -30.99 -20.80 -33.74
N VAL C 72 -31.13 -22.03 -33.23
CA VAL C 72 -30.03 -22.98 -33.09
C VAL C 72 -29.36 -23.25 -34.44
N GLU C 73 -30.17 -23.38 -35.50
CA GLU C 73 -29.61 -23.64 -36.82
C GLU C 73 -28.79 -22.47 -37.36
N ARG C 74 -29.25 -21.23 -37.11
CA ARG C 74 -28.53 -20.06 -37.52
C ARG C 74 -27.24 -19.89 -36.70
N LEU C 75 -27.31 -20.19 -35.39
CA LEU C 75 -26.15 -20.13 -34.51
C LEU C 75 -25.07 -21.13 -34.90
N LYS C 76 -25.46 -22.32 -35.42
CA LYS C 76 -24.49 -23.32 -35.89
C LYS C 76 -23.74 -22.77 -37.10
N GLU C 77 -24.44 -22.09 -38.01
CA GLU C 77 -23.79 -21.49 -39.18
C GLU C 77 -22.84 -20.35 -38.76
N MET C 78 -23.22 -19.60 -37.72
CA MET C 78 -22.38 -18.51 -37.22
CA MET C 78 -22.38 -18.51 -37.22
C MET C 78 -21.12 -19.04 -36.54
N ILE C 79 -21.22 -20.17 -35.84
CA ILE C 79 -20.06 -20.78 -35.20
C ILE C 79 -19.09 -21.26 -36.31
N LYS C 80 -19.64 -21.89 -37.36
CA LYS C 80 -18.85 -22.36 -38.50
C LYS C 80 -18.19 -21.22 -39.25
N ALA C 81 -18.89 -20.07 -39.33
CA ALA C 81 -18.37 -18.89 -39.99
C ALA C 81 -17.21 -18.22 -39.20
N GLY C 82 -17.14 -18.47 -37.89
CA GLY C 82 -16.07 -17.91 -37.08
C GLY C 82 -16.44 -17.18 -35.79
N MET C 83 -17.74 -17.14 -35.41
CA MET C 83 -18.14 -16.48 -34.17
C MET C 83 -17.47 -17.13 -32.95
N ASN C 84 -16.76 -16.33 -32.13
CA ASN C 84 -16.08 -16.84 -30.93
C ASN C 84 -16.79 -16.43 -29.65
N ILE C 85 -17.47 -15.26 -29.68
CA ILE C 85 -18.15 -14.70 -28.50
C ILE C 85 -19.54 -14.27 -28.91
N ALA C 86 -20.56 -14.70 -28.16
CA ALA C 86 -21.95 -14.29 -28.40
C ALA C 86 -22.28 -13.16 -27.43
N ARG C 87 -22.70 -12.02 -27.96
CA ARG C 87 -23.04 -10.87 -27.13
C ARG C 87 -24.56 -10.76 -26.95
N LEU C 88 -25.00 -10.67 -25.69
CA LEU C 88 -26.41 -10.50 -25.37
C LEU C 88 -26.59 -9.05 -24.97
N ASN C 89 -27.34 -8.27 -25.75
CA ASN C 89 -27.55 -6.86 -25.45
C ASN C 89 -28.75 -6.69 -24.50
N PHE C 90 -28.46 -6.46 -23.20
CA PHE C 90 -29.51 -6.30 -22.22
C PHE C 90 -30.24 -4.94 -22.27
N SER C 91 -29.93 -4.10 -23.26
CA SER C 91 -30.71 -2.87 -23.48
C SER C 91 -32.12 -3.23 -23.97
N HIS C 92 -32.32 -4.43 -24.57
CA HIS C 92 -33.62 -4.88 -25.07
C HIS C 92 -33.85 -6.34 -24.66
N GLY C 93 -35.10 -6.75 -24.58
CA GLY C 93 -35.44 -8.14 -24.27
C GLY C 93 -35.47 -8.46 -22.79
N SER C 94 -36.37 -9.38 -22.42
CA SER C 94 -36.54 -9.78 -21.04
C SER C 94 -35.49 -10.81 -20.62
N HIS C 95 -35.45 -11.17 -19.32
CA HIS C 95 -34.57 -12.20 -18.83
C HIS C 95 -34.92 -13.55 -19.48
N GLU C 96 -36.22 -13.81 -19.73
CA GLU C 96 -36.69 -15.03 -20.38
C GLU C 96 -36.15 -15.11 -21.82
N TYR C 97 -36.16 -13.99 -22.56
CA TYR C 97 -35.67 -13.91 -23.92
C TYR C 97 -34.15 -14.23 -23.93
N HIS C 98 -33.38 -13.58 -23.03
CA HIS C 98 -31.93 -13.82 -22.96
C HIS C 98 -31.56 -15.21 -22.49
N ALA C 99 -32.36 -15.81 -21.58
CA ALA C 99 -32.07 -17.18 -21.13
C ALA C 99 -32.24 -18.16 -22.31
N GLU C 100 -33.22 -17.91 -23.19
CA GLU C 100 -33.45 -18.74 -24.35
C GLU C 100 -32.31 -18.56 -25.37
N SER C 101 -31.80 -17.33 -25.53
CA SER C 101 -30.65 -17.07 -26.41
C SER C 101 -29.42 -17.86 -25.90
N ILE C 102 -29.15 -17.82 -24.58
CA ILE C 102 -28.03 -18.54 -23.97
C ILE C 102 -28.17 -20.05 -24.20
N ALA C 103 -29.39 -20.59 -23.99
CA ALA C 103 -29.64 -22.02 -24.19
C ALA C 103 -29.43 -22.39 -25.67
N ASN C 104 -29.86 -21.53 -26.61
CA ASN C 104 -29.70 -21.80 -28.04
C ASN C 104 -28.23 -21.78 -28.43
N VAL C 105 -27.44 -20.84 -27.87
CA VAL C 105 -25.99 -20.77 -28.13
C VAL C 105 -25.33 -22.05 -27.61
N ARG C 106 -25.60 -22.42 -26.35
CA ARG C 106 -25.02 -23.63 -25.76
C ARG C 106 -25.42 -24.92 -26.53
N GLU C 107 -26.67 -24.99 -27.03
CA GLU C 107 -27.09 -26.15 -27.83
C GLU C 107 -26.31 -26.20 -29.14
N ALA C 108 -26.17 -25.07 -29.82
CA ALA C 108 -25.42 -25.00 -31.08
C ALA C 108 -23.95 -25.35 -30.85
N VAL C 109 -23.31 -24.84 -29.78
CA VAL C 109 -21.91 -25.11 -29.47
C VAL C 109 -21.69 -26.60 -29.17
N GLU C 110 -22.57 -27.17 -28.32
CA GLU C 110 -22.44 -28.57 -27.95
C GLU C 110 -22.81 -29.56 -29.06
N SER C 111 -23.47 -29.10 -30.14
CA SER C 111 -23.76 -29.96 -31.29
C SER C 111 -22.50 -30.42 -32.04
N PHE C 112 -21.33 -29.79 -31.75
CA PHE C 112 -20.05 -30.14 -32.36
C PHE C 112 -19.14 -30.94 -31.44
N ALA C 113 -19.55 -31.24 -30.20
CA ALA C 113 -18.71 -32.01 -29.30
C ALA C 113 -18.31 -33.41 -29.85
N GLY C 114 -19.00 -33.87 -30.90
CA GLY C 114 -18.71 -35.14 -31.56
C GLY C 114 -17.45 -35.08 -32.40
N SER C 115 -17.24 -33.96 -33.11
CA SER C 115 -16.05 -33.81 -33.95
C SER C 115 -14.96 -32.90 -33.35
N PRO C 116 -13.80 -33.50 -33.01
CA PRO C 116 -12.70 -32.68 -32.46
C PRO C 116 -12.21 -31.56 -33.38
N LEU C 117 -12.29 -31.76 -34.70
CA LEU C 117 -11.87 -30.80 -35.73
C LEU C 117 -12.82 -29.58 -35.80
N SER C 118 -14.09 -29.73 -35.39
CA SER C 118 -15.05 -28.64 -35.45
C SER C 118 -15.48 -28.05 -34.11
N TYR C 119 -15.49 -28.84 -33.02
CA TYR C 119 -15.91 -28.33 -31.71
C TYR C 119 -15.01 -27.17 -31.24
N ARG C 120 -15.62 -26.09 -30.77
CA ARG C 120 -14.88 -24.94 -30.28
C ARG C 120 -15.62 -24.26 -29.13
N PRO C 121 -14.93 -23.86 -28.06
CA PRO C 121 -15.61 -23.07 -27.01
C PRO C 121 -16.12 -21.74 -27.58
N VAL C 122 -17.28 -21.28 -27.11
CA VAL C 122 -17.85 -19.99 -27.52
C VAL C 122 -18.22 -19.26 -26.24
N ALA C 123 -17.65 -18.07 -26.00
CA ALA C 123 -17.95 -17.32 -24.77
C ALA C 123 -19.31 -16.62 -24.86
N ILE C 124 -19.91 -16.36 -23.71
CA ILE C 124 -21.17 -15.63 -23.65
C ILE C 124 -20.93 -14.35 -22.86
N ALA C 125 -21.19 -13.21 -23.49
CA ALA C 125 -20.95 -11.90 -22.91
C ALA C 125 -22.28 -11.18 -22.71
N LEU C 126 -22.44 -10.57 -21.53
CA LEU C 126 -23.65 -9.83 -21.20
C LEU C 126 -23.32 -8.34 -21.30
N ASP C 127 -24.00 -7.62 -22.18
CA ASP C 127 -23.76 -6.20 -22.38
C ASP C 127 -24.87 -5.45 -21.64
N THR C 128 -24.51 -4.73 -20.59
CA THR C 128 -25.49 -4.05 -19.75
C THR C 128 -26.19 -2.85 -20.40
N LYS C 129 -27.40 -2.57 -19.91
CA LYS C 129 -28.20 -1.43 -20.37
C LYS C 129 -27.49 -0.12 -20.05
N GLY C 130 -26.92 -0.02 -18.86
CA GLY C 130 -26.17 1.17 -18.47
C GLY C 130 -26.83 2.01 -17.40
N PRO C 131 -26.14 3.07 -16.97
CA PRO C 131 -26.68 3.91 -15.88
C PRO C 131 -27.82 4.85 -16.29
N GLY C 134 -28.50 8.42 -14.76
CA GLY C 134 -28.53 8.16 -13.32
C GLY C 134 -27.16 8.12 -12.70
N PRO C 135 -27.12 8.27 -11.35
CA PRO C 135 -25.82 8.27 -10.64
C PRO C 135 -25.09 6.90 -10.68
N GLY C 136 -25.19 6.06 -9.63
CA GLY C 136 -24.49 4.78 -9.57
C GLY C 136 -24.98 3.69 -10.51
N LEU C 137 -24.83 2.42 -10.10
CA LEU C 137 -25.34 1.29 -10.90
C LEU C 137 -26.87 1.30 -10.88
N SER C 138 -27.53 1.21 -12.05
CA SER C 138 -28.99 1.20 -12.10
C SER C 138 -29.54 -0.09 -11.49
N GLU C 139 -30.80 -0.06 -11.03
CA GLU C 139 -31.44 -1.24 -10.44
C GLU C 139 -31.51 -2.36 -11.48
N GLN C 140 -31.82 -1.99 -12.74
CA GLN C 140 -31.90 -2.97 -13.80
C GLN C 140 -30.53 -3.63 -14.02
N ASP C 141 -29.42 -2.86 -14.01
CA ASP C 141 -28.09 -3.44 -14.15
C ASP C 141 -27.77 -4.40 -13.01
N VAL C 142 -28.17 -4.08 -11.74
CA VAL C 142 -27.93 -4.99 -10.61
C VAL C 142 -28.64 -6.34 -10.87
N ARG C 143 -29.89 -6.28 -11.36
CA ARG C 143 -30.66 -7.50 -11.63
C ARG C 143 -30.13 -8.27 -12.83
N ASP C 144 -29.68 -7.57 -13.86
CA ASP C 144 -29.14 -8.20 -15.05
C ASP C 144 -27.78 -8.84 -14.78
N LEU C 145 -26.95 -8.20 -13.94
CA LEU C 145 -25.66 -8.76 -13.55
C LEU C 145 -25.86 -10.03 -12.70
N ARG C 146 -26.89 -10.03 -11.84
CA ARG C 146 -27.26 -11.19 -11.04
C ARG C 146 -27.71 -12.34 -11.97
N PHE C 147 -28.51 -12.01 -13.01
CA PHE C 147 -28.93 -12.98 -14.01
C PHE C 147 -27.70 -13.59 -14.70
N GLY C 148 -26.72 -12.75 -15.04
CA GLY C 148 -25.48 -13.18 -15.66
C GLY C 148 -24.73 -14.22 -14.83
N VAL C 149 -24.60 -13.98 -13.52
CA VAL C 149 -23.97 -14.92 -12.62
C VAL C 149 -24.76 -16.23 -12.56
N GLU C 150 -26.10 -16.12 -12.40
CA GLU C 150 -26.96 -17.31 -12.31
C GLU C 150 -26.95 -18.14 -13.57
N HIS C 151 -26.74 -17.51 -14.73
CA HIS C 151 -26.69 -18.24 -16.00
C HIS C 151 -25.26 -18.56 -16.49
N GLY C 152 -24.25 -18.31 -15.66
CA GLY C 152 -22.86 -18.64 -15.96
C GLY C 152 -22.22 -17.92 -17.13
N VAL C 153 -22.52 -16.60 -17.30
CA VAL C 153 -21.91 -15.84 -18.40
C VAL C 153 -20.39 -15.71 -18.12
N ASP C 154 -19.61 -15.55 -19.19
CA ASP C 154 -18.16 -15.47 -19.06
C ASP C 154 -17.64 -14.05 -18.91
N ILE C 155 -18.32 -13.11 -19.54
CA ILE C 155 -17.87 -11.73 -19.65
C ILE C 155 -19.03 -10.76 -19.48
N VAL C 156 -18.73 -9.57 -18.95
CA VAL C 156 -19.66 -8.46 -18.87
C VAL C 156 -19.06 -7.30 -19.68
N PHE C 157 -19.82 -6.74 -20.62
CA PHE C 157 -19.42 -5.52 -21.32
C PHE C 157 -20.20 -4.44 -20.54
N ALA C 158 -19.54 -3.74 -19.63
CA ALA C 158 -20.19 -2.74 -18.78
C ALA C 158 -20.37 -1.41 -19.52
N SER C 159 -21.62 -1.02 -19.78
CA SER C 159 -21.92 0.20 -20.52
C SER C 159 -21.62 1.47 -19.77
N PHE C 160 -21.22 2.51 -20.52
CA PHE C 160 -20.93 3.86 -20.03
C PHE C 160 -20.07 3.91 -18.78
N VAL C 161 -18.89 3.25 -18.80
CA VAL C 161 -17.97 3.33 -17.67
C VAL C 161 -17.27 4.68 -17.74
N ARG C 162 -17.36 5.46 -16.65
CA ARG C 162 -16.78 6.81 -16.65
C ARG C 162 -15.64 7.00 -15.71
N LYS C 163 -15.50 6.11 -14.72
CA LYS C 163 -14.50 6.22 -13.68
C LYS C 163 -14.29 4.86 -13.02
N ALA C 164 -13.21 4.71 -12.23
CA ALA C 164 -12.89 3.47 -11.54
C ALA C 164 -14.02 2.97 -10.63
N SER C 165 -14.74 3.86 -9.93
CA SER C 165 -15.82 3.43 -9.04
C SER C 165 -16.99 2.78 -9.77
N ASP C 166 -17.17 3.08 -11.06
CA ASP C 166 -18.20 2.42 -11.87
C ASP C 166 -17.84 0.93 -12.03
N VAL C 167 -16.56 0.63 -12.25
CA VAL C 167 -16.08 -0.75 -12.40
C VAL C 167 -16.22 -1.48 -11.07
N ALA C 168 -15.87 -0.82 -9.95
CA ALA C 168 -15.97 -1.42 -8.62
C ALA C 168 -17.44 -1.80 -8.32
N ALA C 169 -18.39 -0.96 -8.75
CA ALA C 169 -19.81 -1.22 -8.53
C ALA C 169 -20.25 -2.46 -9.33
N VAL C 170 -19.75 -2.59 -10.58
CA VAL C 170 -20.08 -3.76 -11.41
C VAL C 170 -19.50 -5.01 -10.76
N ARG C 171 -18.25 -4.93 -10.29
CA ARG C 171 -17.55 -6.02 -9.62
C ARG C 171 -18.33 -6.49 -8.37
N ALA C 172 -18.79 -5.53 -7.55
CA ALA C 172 -19.59 -5.84 -6.36
C ALA C 172 -20.91 -6.53 -6.73
N ALA C 173 -21.58 -6.06 -7.80
CA ALA C 173 -22.85 -6.66 -8.24
C ALA C 173 -22.67 -8.09 -8.80
N LEU C 174 -21.41 -8.50 -9.15
CA LEU C 174 -21.14 -9.88 -9.58
C LEU C 174 -21.06 -10.85 -8.38
N GLY C 175 -21.09 -10.30 -7.17
CA GLY C 175 -21.35 -10.98 -5.93
C GLY C 175 -20.45 -12.07 -5.51
N PRO C 176 -20.98 -12.96 -4.64
CA PRO C 176 -20.12 -13.99 -4.10
C PRO C 176 -19.75 -15.06 -5.13
N GLU C 177 -20.61 -15.30 -6.13
CA GLU C 177 -20.36 -16.39 -7.08
C GLU C 177 -19.71 -15.99 -8.42
N GLY C 178 -19.71 -14.73 -8.79
CA GLY C 178 -19.22 -14.31 -10.09
C GLY C 178 -17.92 -13.53 -10.18
N HIS C 179 -17.01 -13.75 -9.22
CA HIS C 179 -15.73 -13.06 -9.23
C HIS C 179 -14.82 -13.45 -10.41
N GLY C 180 -15.03 -14.62 -11.00
CA GLY C 180 -14.23 -15.05 -12.14
C GLY C 180 -14.69 -14.48 -13.48
N ILE C 181 -15.83 -13.75 -13.51
CA ILE C 181 -16.35 -13.15 -14.75
C ILE C 181 -15.46 -11.96 -15.14
N LYS C 182 -15.10 -11.86 -16.43
CA LYS C 182 -14.26 -10.78 -16.89
C LYS C 182 -15.10 -9.51 -17.11
N ILE C 183 -14.60 -8.37 -16.64
CA ILE C 183 -15.29 -7.12 -16.85
C ILE C 183 -14.56 -6.31 -17.92
N ILE C 184 -15.22 -6.09 -19.04
CA ILE C 184 -14.72 -5.29 -20.13
C ILE C 184 -15.47 -3.94 -20.04
N SER C 185 -14.76 -2.86 -19.72
CA SER C 185 -15.40 -1.55 -19.59
C SER C 185 -15.60 -0.89 -20.93
N LYS C 186 -16.83 -0.45 -21.21
CA LYS C 186 -17.14 0.23 -22.46
C LYS C 186 -16.88 1.72 -22.29
N ILE C 187 -16.01 2.30 -23.12
CA ILE C 187 -15.70 3.72 -23.08
C ILE C 187 -16.57 4.35 -24.13
N GLU C 188 -17.55 5.15 -23.70
CA GLU C 188 -18.56 5.70 -24.59
C GLU C 188 -18.72 7.21 -24.54
N ASN C 189 -17.92 7.91 -23.74
CA ASN C 189 -18.05 9.36 -23.64
C ASN C 189 -16.72 10.06 -23.31
N HIS C 190 -16.71 11.40 -23.29
CA HIS C 190 -15.51 12.17 -23.01
C HIS C 190 -14.90 11.83 -21.67
N GLU C 191 -15.74 11.71 -20.61
CA GLU C 191 -15.21 11.41 -19.28
C GLU C 191 -14.50 10.04 -19.22
N GLY C 192 -15.06 9.03 -19.88
CA GLY C 192 -14.43 7.71 -19.95
C GLY C 192 -13.07 7.76 -20.62
N VAL C 193 -12.93 8.57 -21.68
CA VAL C 193 -11.65 8.75 -22.38
C VAL C 193 -10.64 9.47 -21.47
N LYS C 194 -11.08 10.56 -20.80
CA LYS C 194 -10.19 11.30 -19.91
C LYS C 194 -9.75 10.52 -18.69
N ARG C 195 -10.64 9.67 -18.15
CA ARG C 195 -10.30 8.85 -17.00
C ARG C 195 -9.92 7.42 -17.40
N PHE C 196 -9.53 7.21 -18.66
CA PHE C 196 -9.14 5.91 -19.19
C PHE C 196 -8.15 5.14 -18.33
N ASP C 197 -7.04 5.77 -17.90
CA ASP C 197 -6.02 5.05 -17.16
C ASP C 197 -6.53 4.43 -15.87
N GLU C 198 -7.35 5.18 -15.11
CA GLU C 198 -7.90 4.61 -13.87
C GLU C 198 -8.94 3.53 -14.14
N ILE C 199 -9.66 3.61 -15.26
CA ILE C 199 -10.65 2.61 -15.63
C ILE C 199 -9.94 1.31 -16.05
N LEU C 200 -8.93 1.42 -16.93
CA LEU C 200 -8.18 0.25 -17.39
C LEU C 200 -7.50 -0.48 -16.23
N GLU C 201 -6.95 0.27 -15.26
CA GLU C 201 -6.27 -0.31 -14.11
C GLU C 201 -7.12 -1.32 -13.34
N VAL C 202 -8.44 -1.04 -13.18
CA VAL C 202 -9.33 -1.94 -12.44
C VAL C 202 -10.20 -2.84 -13.33
N SER C 203 -10.09 -2.71 -14.67
CA SER C 203 -10.89 -3.52 -15.58
C SER C 203 -10.06 -4.70 -16.12
N ASP C 204 -10.73 -5.74 -16.61
CA ASP C 204 -10.02 -6.83 -17.30
C ASP C 204 -9.67 -6.43 -18.75
N GLY C 205 -10.41 -5.49 -19.31
CA GLY C 205 -10.21 -5.02 -20.67
C GLY C 205 -11.14 -3.88 -21.02
N ILE C 206 -11.11 -3.46 -22.29
CA ILE C 206 -11.86 -2.28 -22.73
C ILE C 206 -12.60 -2.53 -24.02
N MET C 207 -13.75 -1.88 -24.20
CA MET C 207 -14.42 -1.88 -25.47
C MET C 207 -14.47 -0.43 -25.96
N VAL C 208 -14.00 -0.16 -27.19
CA VAL C 208 -14.11 1.15 -27.80
C VAL C 208 -15.51 1.15 -28.39
N ALA C 209 -16.48 1.69 -27.64
CA ALA C 209 -17.89 1.67 -28.03
C ALA C 209 -18.16 2.89 -28.86
N ARG C 210 -17.85 2.79 -30.17
CA ARG C 210 -17.86 3.90 -31.10
C ARG C 210 -19.22 4.52 -31.40
N GLY C 211 -20.30 3.79 -31.21
CA GLY C 211 -21.64 4.33 -31.45
C GLY C 211 -21.93 5.53 -30.60
N ASP C 212 -21.95 5.34 -29.27
CA ASP C 212 -22.18 6.42 -28.34
C ASP C 212 -21.00 7.38 -28.30
N LEU C 213 -19.76 6.86 -28.39
CA LEU C 213 -18.58 7.73 -28.40
C LEU C 213 -18.63 8.78 -29.53
N GLY C 214 -19.10 8.36 -30.71
CA GLY C 214 -19.24 9.21 -31.88
C GLY C 214 -20.34 10.26 -31.81
N ILE C 215 -21.21 10.17 -30.79
CA ILE C 215 -22.28 11.14 -30.49
C ILE C 215 -21.86 12.02 -29.30
N GLU C 216 -21.10 11.47 -28.34
CA GLU C 216 -20.62 12.15 -27.16
C GLU C 216 -19.46 13.09 -27.45
N ILE C 217 -18.57 12.70 -28.37
CA ILE C 217 -17.44 13.53 -28.80
C ILE C 217 -17.57 13.77 -30.32
N PRO C 218 -16.88 14.78 -30.91
CA PRO C 218 -16.99 14.98 -32.37
C PRO C 218 -16.64 13.70 -33.15
N ALA C 219 -17.44 13.37 -34.16
CA ALA C 219 -17.27 12.17 -34.97
C ALA C 219 -15.85 12.04 -35.55
N GLU C 220 -15.26 13.17 -35.94
CA GLU C 220 -13.92 13.22 -36.52
C GLU C 220 -12.80 12.94 -35.50
N LYS C 221 -13.11 12.80 -34.20
CA LYS C 221 -12.10 12.52 -33.18
C LYS C 221 -12.13 11.05 -32.72
N VAL C 222 -13.15 10.27 -33.08
CA VAL C 222 -13.28 8.89 -32.60
C VAL C 222 -12.06 8.02 -32.94
N PHE C 223 -11.46 8.18 -34.13
CA PHE C 223 -10.28 7.39 -34.50
C PHE C 223 -9.11 7.62 -33.55
N LEU C 224 -8.97 8.85 -33.00
CA LEU C 224 -7.90 9.17 -32.07
C LEU C 224 -8.13 8.42 -30.77
N ALA C 225 -9.39 8.41 -30.28
CA ALA C 225 -9.72 7.71 -29.04
C ALA C 225 -9.53 6.21 -29.23
N GLN C 226 -9.93 5.67 -30.39
CA GLN C 226 -9.78 4.24 -30.67
C GLN C 226 -8.29 3.85 -30.69
N LYS C 227 -7.48 4.58 -31.46
CA LYS C 227 -6.06 4.27 -31.55
C LYS C 227 -5.34 4.42 -30.23
N MET C 228 -5.70 5.45 -29.44
CA MET C 228 -5.07 5.65 -28.13
C MET C 228 -5.44 4.49 -27.16
N MET C 229 -6.70 4.14 -27.08
CA MET C 229 -7.14 3.10 -26.15
C MET C 229 -6.60 1.73 -26.55
N ILE C 230 -6.53 1.43 -27.86
CA ILE C 230 -5.94 0.17 -28.31
C ILE C 230 -4.45 0.14 -27.94
N GLY C 231 -3.74 1.25 -28.19
CA GLY C 231 -2.33 1.34 -27.83
C GLY C 231 -2.09 1.14 -26.35
N ARG C 232 -2.89 1.82 -25.49
CA ARG C 232 -2.74 1.68 -24.02
C ARG C 232 -3.10 0.28 -23.53
N CYS C 233 -4.11 -0.36 -24.12
CA CYS C 233 -4.47 -1.74 -23.74
C CYS C 233 -3.36 -2.70 -24.16
N ASN C 234 -2.78 -2.51 -25.35
CA ASN C 234 -1.66 -3.36 -25.81
C ASN C 234 -0.46 -3.18 -24.87
N LEU C 235 -0.20 -1.94 -24.43
CA LEU C 235 0.90 -1.67 -23.48
C LEU C 235 0.64 -2.39 -22.16
N ALA C 236 -0.61 -2.36 -21.67
CA ALA C 236 -0.98 -3.03 -20.42
C ALA C 236 -1.15 -4.55 -20.55
N GLY C 237 -1.21 -5.08 -21.75
CA GLY C 237 -1.44 -6.52 -21.97
C GLY C 237 -2.86 -6.94 -21.62
N LYS C 238 -3.84 -6.03 -21.80
CA LYS C 238 -5.23 -6.31 -21.50
C LYS C 238 -6.08 -6.25 -22.76
N PRO C 239 -7.06 -7.16 -22.90
CA PRO C 239 -7.85 -7.20 -24.13
C PRO C 239 -8.59 -5.92 -24.48
N VAL C 240 -8.66 -5.62 -25.77
CA VAL C 240 -9.38 -4.44 -26.24
C VAL C 240 -10.26 -4.85 -27.44
N VAL C 241 -11.51 -4.39 -27.44
CA VAL C 241 -12.49 -4.70 -28.46
C VAL C 241 -12.78 -3.47 -29.28
N CYS C 242 -12.82 -3.59 -30.61
CA CYS C 242 -13.28 -2.48 -31.44
C CYS C 242 -14.73 -2.79 -31.81
N ALA C 243 -15.64 -1.82 -31.64
CA ALA C 243 -17.05 -2.09 -31.88
C ALA C 243 -17.77 -0.99 -32.64
N THR C 244 -18.91 -1.38 -33.27
CA THR C 244 -19.99 -0.59 -33.85
C THR C 244 -19.75 -0.06 -35.25
N GLN C 245 -20.70 -0.42 -36.13
CA GLN C 245 -20.79 0.02 -37.53
C GLN C 245 -19.62 -0.44 -38.39
N MET C 246 -18.90 -1.51 -37.97
CA MET C 246 -17.76 -2.02 -38.74
C MET C 246 -18.15 -2.47 -40.13
N LEU C 247 -19.30 -3.15 -40.27
CA LEU C 247 -19.81 -3.60 -41.56
C LEU C 247 -21.31 -3.21 -41.65
N GLU C 248 -21.67 -2.00 -41.18
CA GLU C 248 -23.04 -1.50 -41.10
C GLU C 248 -23.90 -1.73 -42.34
N SER C 249 -23.41 -1.39 -43.54
CA SER C 249 -24.18 -1.58 -44.76
C SER C 249 -24.63 -3.04 -44.98
N MET C 250 -23.94 -4.01 -44.37
CA MET C 250 -24.31 -5.42 -44.50
C MET C 250 -25.61 -5.78 -43.74
N ILE C 251 -26.22 -4.83 -43.03
CA ILE C 251 -27.53 -5.06 -42.40
C ILE C 251 -28.56 -5.27 -43.55
N THR C 252 -28.42 -4.56 -44.69
CA THR C 252 -29.32 -4.71 -45.83
C THR C 252 -28.66 -5.16 -47.12
N LYS C 253 -27.32 -5.06 -47.24
CA LYS C 253 -26.62 -5.44 -48.47
C LYS C 253 -25.72 -6.67 -48.30
N PRO C 254 -25.60 -7.53 -49.34
CA PRO C 254 -24.79 -8.75 -49.20
C PRO C 254 -23.28 -8.53 -49.14
N ARG C 255 -22.81 -7.35 -49.59
CA ARG C 255 -21.40 -7.02 -49.59
C ARG C 255 -21.19 -5.67 -48.90
N PRO C 256 -20.07 -5.51 -48.16
CA PRO C 256 -19.85 -4.24 -47.47
C PRO C 256 -19.23 -3.15 -48.37
N THR C 257 -19.14 -1.92 -47.85
CA THR C 257 -18.51 -0.84 -48.60
C THR C 257 -16.97 -0.95 -48.47
N ARG C 258 -16.24 -0.16 -49.28
CA ARG C 258 -14.79 -0.12 -49.21
C ARG C 258 -14.31 0.47 -47.89
N ALA C 259 -15.07 1.40 -47.30
CA ALA C 259 -14.71 1.99 -46.01
C ALA C 259 -14.87 0.97 -44.88
N GLU C 260 -15.86 0.10 -44.98
CA GLU C 260 -16.13 -0.93 -43.97
C GLU C 260 -15.04 -2.00 -43.93
N THR C 261 -14.60 -2.52 -45.10
CA THR C 261 -13.51 -3.52 -45.09
C THR C 261 -12.23 -2.88 -44.55
N SER C 262 -11.98 -1.62 -44.91
CA SER C 262 -10.83 -0.87 -44.46
C SER C 262 -10.89 -0.71 -42.92
N ASP C 263 -12.07 -0.39 -42.38
CA ASP C 263 -12.24 -0.21 -40.94
C ASP C 263 -11.91 -1.49 -40.17
N VAL C 264 -12.36 -2.65 -40.67
CA VAL C 264 -12.07 -3.91 -40.01
C VAL C 264 -10.56 -4.21 -40.04
N ALA C 265 -9.94 -4.02 -41.23
CA ALA C 265 -8.51 -4.27 -41.38
C ALA C 265 -7.68 -3.35 -40.50
N ASN C 266 -8.06 -2.06 -40.44
CA ASN C 266 -7.34 -1.09 -39.62
C ASN C 266 -7.55 -1.30 -38.14
N ALA C 267 -8.70 -1.86 -37.70
CA ALA C 267 -8.87 -2.15 -36.26
C ALA C 267 -7.88 -3.25 -35.86
N VAL C 268 -7.70 -4.27 -36.71
CA VAL C 268 -6.74 -5.35 -36.46
C VAL C 268 -5.30 -4.79 -36.49
N LEU C 269 -4.97 -3.99 -37.50
CA LEU C 269 -3.63 -3.38 -37.58
C LEU C 269 -3.34 -2.44 -36.40
N ASP C 270 -4.39 -1.76 -35.88
CA ASP C 270 -4.26 -0.89 -34.70
C ASP C 270 -3.82 -1.69 -33.47
N GLY C 271 -4.29 -2.95 -33.35
CA GLY C 271 -3.95 -3.83 -32.25
C GLY C 271 -5.14 -4.40 -31.49
N ALA C 272 -6.35 -4.30 -32.05
CA ALA C 272 -7.54 -4.83 -31.37
C ALA C 272 -7.48 -6.35 -31.20
N ASP C 273 -7.80 -6.82 -30.01
CA ASP C 273 -7.87 -8.26 -29.74
C ASP C 273 -9.13 -8.87 -30.33
N CYS C 274 -10.24 -8.11 -30.28
CA CYS C 274 -11.54 -8.56 -30.78
C CYS C 274 -12.15 -7.50 -31.66
N ILE C 275 -12.96 -7.95 -32.61
CA ILE C 275 -13.79 -7.09 -33.45
C ILE C 275 -15.24 -7.53 -33.24
N MET C 276 -16.19 -6.60 -33.40
CA MET C 276 -17.57 -6.86 -33.07
C MET C 276 -18.54 -6.55 -34.19
N LEU C 277 -19.69 -7.24 -34.16
CA LEU C 277 -20.83 -7.03 -35.05
C LEU C 277 -22.05 -6.81 -34.14
N SER C 278 -22.85 -5.78 -34.44
CA SER C 278 -24.04 -5.48 -33.65
C SER C 278 -25.32 -5.72 -34.49
N GLY C 279 -25.89 -4.70 -35.10
CA GLY C 279 -27.08 -4.83 -35.95
C GLY C 279 -26.84 -5.75 -37.12
N GLU C 280 -25.57 -5.88 -37.58
CA GLU C 280 -25.18 -6.76 -38.69
C GLU C 280 -25.57 -8.21 -38.41
N THR C 281 -25.47 -8.64 -37.14
CA THR C 281 -25.83 -10.01 -36.80
C THR C 281 -27.12 -10.11 -35.97
N ALA C 282 -27.49 -9.05 -35.24
CA ALA C 282 -28.67 -9.07 -34.40
C ALA C 282 -29.97 -8.95 -35.19
N LYS C 283 -30.02 -8.07 -36.18
CA LYS C 283 -31.26 -7.85 -36.93
C LYS C 283 -31.12 -7.81 -38.45
N GLY C 284 -29.90 -7.83 -38.97
CA GLY C 284 -29.69 -7.72 -40.41
C GLY C 284 -30.09 -8.94 -41.22
N ASN C 285 -30.07 -8.79 -42.55
CA ASN C 285 -30.44 -9.86 -43.47
C ASN C 285 -29.29 -10.79 -43.85
N PHE C 286 -28.05 -10.46 -43.47
CA PHE C 286 -26.89 -11.27 -43.81
C PHE C 286 -25.97 -11.51 -42.58
N PRO C 287 -26.50 -12.07 -41.46
CA PRO C 287 -25.65 -12.26 -40.28
C PRO C 287 -24.44 -13.18 -40.48
N VAL C 288 -24.64 -14.30 -41.18
CA VAL C 288 -23.56 -15.25 -41.43
C VAL C 288 -22.50 -14.66 -42.36
N GLU C 289 -22.94 -13.95 -43.39
CA GLU C 289 -22.03 -13.29 -44.35
C GLU C 289 -21.20 -12.20 -43.66
N ALA C 290 -21.79 -11.50 -42.68
CA ALA C 290 -21.07 -10.46 -41.93
C ALA C 290 -19.93 -11.11 -41.11
N VAL C 291 -20.21 -12.25 -40.48
CA VAL C 291 -19.18 -12.98 -39.72
C VAL C 291 -18.08 -13.47 -40.67
N LYS C 292 -18.46 -14.03 -41.82
CA LYS C 292 -17.49 -14.52 -42.81
C LYS C 292 -16.57 -13.42 -43.30
N MET C 293 -17.15 -12.22 -43.51
CA MET C 293 -16.41 -11.05 -43.98
C MET C 293 -15.38 -10.61 -42.95
N GLN C 294 -15.79 -10.53 -41.67
CA GLN C 294 -14.83 -10.17 -40.60
C GLN C 294 -13.71 -11.20 -40.50
N HIS C 295 -14.05 -12.49 -40.61
CA HIS C 295 -13.04 -13.55 -40.57
C HIS C 295 -12.02 -13.37 -41.72
N ALA C 296 -12.53 -13.17 -42.95
CA ALA C 296 -11.67 -13.03 -44.13
C ALA C 296 -10.74 -11.82 -44.02
N ILE C 297 -11.27 -10.67 -43.58
CA ILE C 297 -10.45 -9.47 -43.45
C ILE C 297 -9.42 -9.61 -42.34
N ALA C 298 -9.84 -10.10 -41.16
CA ALA C 298 -8.92 -10.25 -40.03
C ALA C 298 -7.71 -11.12 -40.36
N ARG C 299 -7.92 -12.24 -41.06
CA ARG C 299 -6.81 -13.12 -41.45
C ARG C 299 -5.80 -12.38 -42.35
N GLU C 300 -6.31 -11.59 -43.30
CA GLU C 300 -5.44 -10.81 -44.19
C GLU C 300 -4.68 -9.75 -43.41
N ALA C 301 -5.37 -9.05 -42.48
CA ALA C 301 -4.76 -7.97 -41.71
C ALA C 301 -3.75 -8.47 -40.71
N GLU C 302 -3.97 -9.64 -40.12
CA GLU C 302 -3.02 -10.20 -39.14
C GLU C 302 -1.68 -10.54 -39.80
N ALA C 303 -1.70 -11.03 -41.04
CA ALA C 303 -0.45 -11.34 -41.76
C ALA C 303 0.29 -10.03 -42.12
N ALA C 304 -0.44 -8.91 -42.31
CA ALA C 304 0.12 -7.61 -42.64
C ALA C 304 0.67 -6.83 -41.44
N VAL C 305 0.58 -7.38 -40.22
CA VAL C 305 1.14 -6.73 -39.03
C VAL C 305 2.68 -6.69 -39.16
N TYR C 306 3.31 -5.56 -38.82
CA TYR C 306 4.76 -5.41 -38.91
C TYR C 306 5.43 -5.90 -37.61
N HIS C 307 5.48 -7.22 -37.44
CA HIS C 307 6.03 -7.85 -36.25
C HIS C 307 7.43 -7.42 -35.89
N ARG C 308 8.30 -7.13 -36.86
CA ARG C 308 9.67 -6.71 -36.55
C ARG C 308 9.72 -5.51 -35.60
N GLN C 309 8.96 -4.44 -35.90
CA GLN C 309 8.96 -3.27 -35.02
C GLN C 309 8.03 -3.47 -33.83
N LEU C 310 6.85 -4.08 -34.06
CA LEU C 310 5.88 -4.32 -32.99
C LEU C 310 6.50 -5.11 -31.81
N PHE C 311 7.18 -6.22 -32.10
CA PHE C 311 7.81 -7.02 -31.04
C PHE C 311 8.86 -6.22 -30.31
N GLU C 312 9.73 -5.49 -31.05
CA GLU C 312 10.78 -4.67 -30.42
C GLU C 312 10.16 -3.62 -29.47
N GLU C 313 9.10 -2.95 -29.91
CA GLU C 313 8.45 -1.93 -29.09
C GLU C 313 7.72 -2.51 -27.89
N LEU C 314 7.04 -3.67 -28.05
CA LEU C 314 6.34 -4.30 -26.92
C LEU C 314 7.36 -4.76 -25.88
N ARG C 315 8.48 -5.33 -26.35
CA ARG C 315 9.61 -5.75 -25.53
C ARG C 315 10.14 -4.57 -24.71
N ARG C 316 10.50 -3.46 -25.37
CA ARG C 316 11.06 -2.26 -24.76
C ARG C 316 10.12 -1.56 -23.78
N ALA C 317 8.82 -1.54 -24.11
CA ALA C 317 7.84 -0.87 -23.26
C ALA C 317 7.48 -1.67 -22.03
N ALA C 318 7.47 -3.01 -22.14
CA ALA C 318 7.12 -3.87 -21.01
C ALA C 318 8.22 -3.74 -19.96
N PRO C 319 7.87 -3.32 -18.73
CA PRO C 319 8.90 -3.16 -17.70
C PRO C 319 9.60 -4.46 -17.37
N LEU C 320 10.81 -4.36 -16.80
CA LEU C 320 11.56 -5.53 -16.36
C LEU C 320 10.74 -6.25 -15.30
N SER C 321 10.78 -7.58 -15.31
CA SER C 321 9.95 -8.34 -14.40
C SER C 321 10.67 -9.46 -13.73
N ARG C 322 10.34 -9.72 -12.48
CA ARG C 322 10.85 -10.86 -11.76
C ARG C 322 9.77 -11.95 -11.62
N ASP C 323 8.62 -11.82 -12.30
CA ASP C 323 7.55 -12.82 -12.30
C ASP C 323 7.96 -13.88 -13.34
N PRO C 324 8.13 -15.12 -12.92
CA PRO C 324 8.58 -16.14 -13.87
C PRO C 324 7.65 -16.38 -15.04
N THR C 325 6.31 -16.15 -14.89
CA THR C 325 5.39 -16.35 -16.01
C THR C 325 5.66 -15.33 -17.11
N GLU C 326 5.89 -14.07 -16.71
CA GLU C 326 6.18 -12.99 -17.64
CA GLU C 326 6.18 -12.98 -17.63
C GLU C 326 7.55 -13.21 -18.31
N VAL C 327 8.55 -13.64 -17.54
CA VAL C 327 9.88 -13.89 -18.06
C VAL C 327 9.85 -15.04 -19.07
N THR C 328 9.12 -16.13 -18.74
CA THR C 328 8.99 -17.28 -19.62
C THR C 328 8.25 -16.89 -20.89
N ALA C 329 7.18 -16.06 -20.77
CA ALA C 329 6.41 -15.65 -21.93
C ALA C 329 7.26 -14.93 -22.98
N ILE C 330 8.10 -13.96 -22.57
CA ILE C 330 8.93 -13.22 -23.55
C ILE C 330 9.99 -14.14 -24.16
N GLY C 331 10.58 -15.01 -23.37
CA GLY C 331 11.55 -16.00 -23.86
C GLY C 331 10.90 -16.93 -24.89
N ALA C 332 9.66 -17.38 -24.63
CA ALA C 332 8.95 -18.28 -25.54
C ALA C 332 8.57 -17.59 -26.86
N VAL C 333 8.12 -16.33 -26.79
CA VAL C 333 7.74 -15.58 -28.00
C VAL C 333 9.01 -15.31 -28.84
N GLU C 334 10.13 -15.00 -28.18
CA GLU C 334 11.40 -14.77 -28.85
CA GLU C 334 11.40 -14.77 -28.85
C GLU C 334 11.83 -16.06 -29.57
N ALA C 335 11.73 -17.21 -28.86
CA ALA C 335 12.08 -18.52 -29.42
C ALA C 335 11.18 -18.87 -30.60
N ALA C 336 9.87 -18.58 -30.51
CA ALA C 336 8.94 -18.87 -31.60
C ALA C 336 9.31 -18.09 -32.87
N PHE C 337 9.65 -16.80 -32.74
CA PHE C 337 10.09 -15.99 -33.90
C PHE C 337 11.40 -16.54 -34.50
N LYS C 338 12.34 -16.98 -33.66
CA LYS C 338 13.63 -17.50 -34.10
C LYS C 338 13.51 -18.74 -35.02
N CYS C 339 12.54 -19.62 -34.75
CA CYS C 339 12.40 -20.84 -35.55
C CYS C 339 11.16 -20.86 -36.44
N CYS C 340 10.41 -19.72 -36.55
CA CYS C 340 9.15 -19.65 -37.30
C CYS C 340 8.18 -20.73 -36.78
N ALA C 341 8.12 -20.90 -35.45
CA ALA C 341 7.29 -21.94 -34.83
C ALA C 341 5.86 -21.84 -35.29
N ALA C 342 5.29 -22.97 -35.57
CA ALA C 342 3.91 -23.06 -35.99
C ALA C 342 2.96 -22.64 -34.83
N ALA C 343 3.36 -22.98 -33.60
CA ALA C 343 2.53 -22.70 -32.42
C ALA C 343 3.38 -22.64 -31.15
N ILE C 344 2.80 -22.04 -30.08
CA ILE C 344 3.29 -22.07 -28.74
C ILE C 344 2.18 -22.79 -27.97
N ILE C 345 2.47 -23.96 -27.41
CA ILE C 345 1.49 -24.69 -26.64
C ILE C 345 1.71 -24.35 -25.19
N VAL C 346 0.65 -23.89 -24.51
CA VAL C 346 0.78 -23.49 -23.12
C VAL C 346 -0.27 -24.18 -22.25
N LEU C 347 0.13 -24.65 -21.09
CA LEU C 347 -0.81 -25.20 -20.11
C LEU C 347 -1.23 -24.03 -19.20
N THR C 348 -2.54 -23.85 -19.00
CA THR C 348 -3.02 -22.75 -18.17
C THR C 348 -4.31 -23.13 -17.46
N THR C 349 -4.50 -22.70 -16.23
CA THR C 349 -5.72 -22.97 -15.48
C THR C 349 -6.66 -21.77 -15.51
N THR C 350 -6.10 -20.57 -15.39
CA THR C 350 -6.90 -19.34 -15.41
C THR C 350 -6.87 -18.63 -16.74
N GLY C 351 -5.94 -18.98 -17.62
CA GLY C 351 -5.75 -18.28 -18.89
C GLY C 351 -4.59 -17.29 -18.85
N ARG C 352 -4.09 -16.94 -17.64
CA ARG C 352 -3.03 -15.93 -17.45
C ARG C 352 -1.74 -16.20 -18.23
N SER C 353 -1.23 -17.45 -18.23
CA SER C 353 0.01 -17.75 -18.98
C SER C 353 -0.20 -17.52 -20.48
N ALA C 354 -1.41 -17.81 -21.00
CA ALA C 354 -1.71 -17.59 -22.42
C ALA C 354 -1.83 -16.10 -22.71
N GLN C 355 -2.45 -15.34 -21.79
CA GLN C 355 -2.60 -13.89 -21.94
C GLN C 355 -1.23 -13.20 -21.97
N LEU C 356 -0.27 -13.65 -21.15
CA LEU C 356 1.08 -13.06 -21.13
C LEU C 356 1.88 -13.38 -22.40
N LEU C 357 1.57 -14.50 -23.07
CA LEU C 357 2.20 -14.80 -24.36
C LEU C 357 1.58 -13.88 -25.43
N SER C 358 0.24 -13.76 -25.41
CA SER C 358 -0.55 -12.98 -26.36
C SER C 358 -0.14 -11.49 -26.37
N ARG C 359 0.23 -10.93 -25.22
CA ARG C 359 0.59 -9.52 -25.10
C ARG C 359 1.84 -9.16 -25.94
N TYR C 360 2.70 -10.16 -26.24
CA TYR C 360 3.87 -9.91 -27.10
C TYR C 360 3.61 -10.11 -28.57
N ARG C 361 2.34 -10.38 -28.95
CA ARG C 361 1.87 -10.52 -30.32
C ARG C 361 2.73 -11.47 -31.17
N PRO C 362 2.88 -12.73 -30.73
CA PRO C 362 3.64 -13.69 -31.58
C PRO C 362 2.89 -13.95 -32.88
N ARG C 363 3.63 -14.26 -33.94
CA ARG C 363 3.01 -14.72 -35.17
C ARG C 363 2.49 -16.18 -34.93
N ALA C 364 3.23 -16.98 -34.12
CA ALA C 364 2.83 -18.35 -33.77
C ALA C 364 1.52 -18.32 -33.00
N ALA C 365 0.61 -19.22 -33.33
CA ALA C 365 -0.65 -19.41 -32.61
C ALA C 365 -0.36 -19.83 -31.18
N VAL C 366 -1.11 -19.32 -30.22
CA VAL C 366 -0.94 -19.71 -28.83
C VAL C 366 -2.04 -20.73 -28.52
N ILE C 367 -1.68 -22.02 -28.49
CA ILE C 367 -2.63 -23.10 -28.23
C ILE C 367 -2.69 -23.29 -26.72
N ALA C 368 -3.79 -22.91 -26.10
CA ALA C 368 -3.90 -22.97 -24.64
C ALA C 368 -4.70 -24.19 -24.22
N VAL C 369 -4.06 -25.10 -23.49
CA VAL C 369 -4.68 -26.32 -23.01
C VAL C 369 -5.10 -26.09 -21.56
N THR C 370 -6.37 -26.23 -21.30
CA THR C 370 -6.92 -25.99 -19.96
C THR C 370 -8.03 -26.96 -19.61
N ARG C 371 -8.17 -27.25 -18.32
CA ARG C 371 -9.29 -28.05 -17.83
C ARG C 371 -10.49 -27.16 -17.49
N SER C 372 -10.30 -25.83 -17.32
CA SER C 372 -11.39 -24.90 -16.99
C SER C 372 -12.18 -24.53 -18.22
N ALA C 373 -13.47 -24.93 -18.27
CA ALA C 373 -14.34 -24.58 -19.38
C ALA C 373 -14.50 -23.04 -19.45
N GLN C 374 -14.55 -22.36 -18.28
CA GLN C 374 -14.67 -20.90 -18.27
C GLN C 374 -13.43 -20.19 -18.83
N ALA C 375 -12.21 -20.60 -18.40
CA ALA C 375 -10.98 -20.01 -18.93
C ALA C 375 -10.89 -20.26 -20.45
N ALA C 376 -11.29 -21.46 -20.91
CA ALA C 376 -11.30 -21.77 -22.36
C ALA C 376 -12.18 -20.78 -23.16
N ARG C 377 -13.34 -20.42 -22.60
CA ARG C 377 -14.22 -19.47 -23.27
C ARG C 377 -13.64 -18.04 -23.18
N GLN C 378 -13.15 -17.65 -21.99
CA GLN C 378 -12.64 -16.31 -21.74
C GLN C 378 -11.37 -15.92 -22.47
N VAL C 379 -10.50 -16.92 -22.80
CA VAL C 379 -9.26 -16.57 -23.51
C VAL C 379 -9.48 -16.15 -24.95
N HIS C 380 -10.71 -16.27 -25.49
CA HIS C 380 -11.05 -15.72 -26.80
C HIS C 380 -10.87 -14.17 -26.78
N LEU C 381 -10.86 -13.53 -25.59
CA LEU C 381 -10.64 -12.08 -25.49
C LEU C 381 -9.20 -11.68 -25.88
N CYS C 382 -8.25 -12.64 -25.85
CA CYS C 382 -6.84 -12.36 -26.13
C CYS C 382 -6.46 -12.79 -27.51
N ARG C 383 -5.94 -11.85 -28.31
CA ARG C 383 -5.56 -12.16 -29.69
C ARG C 383 -4.61 -13.33 -29.80
N GLY C 384 -4.94 -14.25 -30.69
CA GLY C 384 -4.07 -15.37 -31.01
C GLY C 384 -4.08 -16.51 -30.05
N VAL C 385 -5.03 -16.53 -29.09
CA VAL C 385 -5.13 -17.64 -28.16
C VAL C 385 -6.23 -18.58 -28.66
N PHE C 386 -5.87 -19.85 -28.89
CA PHE C 386 -6.75 -20.88 -29.40
C PHE C 386 -6.98 -21.88 -28.27
N PRO C 387 -8.15 -21.78 -27.62
CA PRO C 387 -8.39 -22.64 -26.44
C PRO C 387 -8.77 -24.08 -26.76
N LEU C 388 -8.21 -25.02 -25.99
CA LEU C 388 -8.52 -26.44 -26.08
C LEU C 388 -8.94 -26.90 -24.70
N LEU C 389 -10.18 -27.34 -24.56
CA LEU C 389 -10.69 -27.80 -23.26
C LEU C 389 -10.33 -29.26 -23.10
N TYR C 390 -9.62 -29.59 -22.03
CA TYR C 390 -9.12 -30.92 -21.74
C TYR C 390 -9.98 -31.55 -20.67
N ARG C 391 -10.53 -32.74 -20.92
CA ARG C 391 -11.47 -33.37 -20.01
C ARG C 391 -11.06 -34.77 -19.53
N GLU C 392 -9.83 -35.20 -19.84
CA GLU C 392 -9.38 -36.52 -19.40
C GLU C 392 -9.21 -36.54 -17.89
N PRO C 393 -9.43 -37.68 -17.24
CA PRO C 393 -9.22 -37.74 -15.79
C PRO C 393 -7.74 -37.53 -15.44
N PRO C 394 -7.46 -36.89 -14.30
CA PRO C 394 -6.06 -36.62 -13.92
C PRO C 394 -5.26 -37.86 -13.66
N GLU C 395 -4.01 -37.90 -14.20
CA GLU C 395 -3.07 -38.99 -13.96
C GLU C 395 -2.54 -38.90 -12.54
N ALA C 396 -2.19 -40.04 -11.95
CA ALA C 396 -1.64 -40.10 -10.58
C ALA C 396 -0.27 -39.41 -10.55
N ILE C 397 0.56 -39.59 -11.59
CA ILE C 397 1.85 -38.93 -11.66
C ILE C 397 1.70 -37.61 -12.40
N TRP C 398 1.97 -36.49 -11.71
CA TRP C 398 1.76 -35.16 -12.29
C TRP C 398 2.52 -34.94 -13.59
N ALA C 399 3.80 -35.32 -13.66
CA ALA C 399 4.57 -35.18 -14.89
C ALA C 399 3.91 -35.90 -16.07
N ASP C 400 3.25 -37.06 -15.83
CA ASP C 400 2.55 -37.77 -16.89
C ASP C 400 1.29 -37.01 -17.32
N ASP C 401 0.57 -36.39 -16.37
CA ASP C 401 -0.62 -35.61 -16.69
C ASP C 401 -0.21 -34.37 -17.54
N VAL C 402 0.97 -33.78 -17.24
CA VAL C 402 1.46 -32.62 -18.01
C VAL C 402 1.78 -33.08 -19.44
N ASP C 403 2.51 -34.19 -19.56
CA ASP C 403 2.88 -34.74 -20.86
C ASP C 403 1.65 -35.10 -21.69
N ARG C 404 0.61 -35.67 -21.07
CA ARG C 404 -0.62 -36.00 -21.80
C ARG C 404 -1.29 -34.74 -22.35
N ARG C 405 -1.28 -33.64 -21.56
CA ARG C 405 -1.87 -32.38 -22.04
C ARG C 405 -1.07 -31.73 -23.14
N VAL C 406 0.26 -31.82 -23.07
CA VAL C 406 1.10 -31.30 -24.15
C VAL C 406 0.84 -32.08 -25.45
N GLN C 407 0.80 -33.43 -25.37
CA GLN C 407 0.51 -34.24 -26.55
C GLN C 407 -0.92 -34.02 -27.06
N PHE C 408 -1.87 -33.71 -26.18
CA PHE C 408 -3.25 -33.34 -26.57
C PHE C 408 -3.24 -32.06 -27.43
N GLY C 409 -2.47 -31.07 -27.01
CA GLY C 409 -2.28 -29.85 -27.79
C GLY C 409 -1.64 -30.14 -29.14
N ILE C 410 -0.63 -31.02 -29.18
CA ILE C 410 0.03 -31.39 -30.44
C ILE C 410 -0.91 -32.15 -31.40
N GLU C 411 -1.63 -33.15 -30.89
CA GLU C 411 -2.54 -33.91 -31.73
C GLU C 411 -3.69 -33.06 -32.20
N SER C 412 -4.19 -32.13 -31.35
CA SER C 412 -5.25 -31.21 -31.81
C SER C 412 -4.69 -30.30 -32.91
N GLY C 413 -3.44 -29.83 -32.73
CA GLY C 413 -2.78 -28.97 -33.70
C GLY C 413 -2.59 -29.66 -35.03
N LYS C 414 -2.25 -30.95 -35.00
CA LYS C 414 -2.06 -31.76 -36.21
C LYS C 414 -3.41 -31.90 -36.94
N LEU C 415 -4.47 -32.24 -36.21
CA LEU C 415 -5.81 -32.43 -36.74
C LEU C 415 -6.38 -31.14 -37.34
N ARG C 416 -6.16 -29.99 -36.67
CA ARG C 416 -6.68 -28.72 -37.14
C ARG C 416 -5.83 -28.04 -38.21
N GLY C 417 -4.62 -28.53 -38.46
CA GLY C 417 -3.78 -27.97 -39.52
C GLY C 417 -2.70 -26.99 -39.10
N PHE C 418 -2.53 -26.76 -37.80
CA PHE C 418 -1.48 -25.87 -37.31
C PHE C 418 -0.10 -26.56 -37.44
N LEU C 419 -0.05 -27.85 -37.12
CA LEU C 419 1.21 -28.56 -37.00
C LEU C 419 1.33 -29.76 -37.89
N ARG C 420 2.54 -30.08 -38.26
CA ARG C 420 2.88 -31.25 -39.07
C ARG C 420 4.13 -31.86 -38.45
N VAL C 421 4.34 -33.16 -38.68
CA VAL C 421 5.53 -33.87 -38.25
C VAL C 421 6.78 -33.18 -38.84
N GLY C 422 7.78 -32.93 -38.02
CA GLY C 422 8.98 -32.21 -38.43
C GLY C 422 8.95 -30.73 -38.05
N ASP C 423 7.78 -30.17 -37.74
CA ASP C 423 7.69 -28.77 -37.30
C ASP C 423 8.31 -28.60 -35.90
N LEU C 424 8.63 -27.35 -35.52
CA LEU C 424 9.08 -27.05 -34.17
C LEU C 424 7.94 -26.32 -33.47
N VAL C 425 7.71 -26.64 -32.22
CA VAL C 425 6.74 -25.94 -31.40
C VAL C 425 7.42 -25.50 -30.12
N ILE C 426 6.94 -24.42 -29.52
CA ILE C 426 7.45 -23.97 -28.24
C ILE C 426 6.44 -24.43 -27.20
N VAL C 427 6.89 -25.01 -26.11
CA VAL C 427 5.99 -25.52 -25.10
C VAL C 427 6.24 -24.83 -23.78
N VAL C 428 5.20 -24.24 -23.22
CA VAL C 428 5.28 -23.49 -22.00
C VAL C 428 4.52 -24.19 -20.87
N THR C 429 5.23 -24.56 -19.79
CA THR C 429 4.67 -25.25 -18.63
C THR C 429 5.25 -24.64 -17.31
N GLY C 430 4.90 -25.20 -16.16
CA GLY C 430 5.39 -24.78 -14.86
C GLY C 430 6.04 -25.92 -14.09
N TRP C 431 6.66 -25.60 -12.97
CA TRP C 431 7.44 -26.59 -12.20
C TRP C 431 6.62 -27.40 -11.17
N ARG C 432 5.41 -26.96 -10.87
CA ARG C 432 4.54 -27.65 -9.91
C ARG C 432 3.06 -27.39 -10.30
N PRO C 433 2.12 -28.23 -9.81
CA PRO C 433 0.70 -27.99 -10.13
C PRO C 433 0.16 -26.70 -9.52
N GLY C 434 -0.96 -26.26 -10.04
CA GLY C 434 -1.61 -25.05 -9.58
C GLY C 434 -1.24 -23.86 -10.44
N SER C 435 -2.11 -22.86 -10.48
CA SER C 435 -1.89 -21.63 -11.19
C SER C 435 -0.74 -20.80 -10.56
N GLY C 436 -0.04 -20.03 -11.40
CA GLY C 436 1.00 -19.10 -10.94
C GLY C 436 2.44 -19.57 -10.93
N TYR C 437 2.69 -20.78 -11.41
CA TYR C 437 4.06 -21.35 -11.38
C TYR C 437 4.67 -21.59 -12.76
N THR C 438 4.17 -20.96 -13.83
CA THR C 438 4.74 -21.14 -15.16
C THR C 438 6.18 -20.63 -15.15
N ASN C 439 7.15 -21.47 -15.55
CA ASN C 439 8.56 -21.04 -15.54
C ASN C 439 9.44 -21.82 -16.53
N ILE C 440 8.83 -22.60 -17.43
CA ILE C 440 9.59 -23.45 -18.33
C ILE C 440 9.17 -23.25 -19.78
N MET C 441 10.16 -23.16 -20.63
CA MET C 441 9.95 -23.08 -22.06
C MET C 441 10.81 -24.18 -22.67
N ARG C 442 10.19 -25.00 -23.51
CA ARG C 442 10.92 -26.06 -24.20
C ARG C 442 10.70 -25.94 -25.70
N VAL C 443 11.67 -26.40 -26.47
CA VAL C 443 11.58 -26.41 -27.92
C VAL C 443 11.43 -27.87 -28.30
N LEU C 444 10.28 -28.21 -28.86
CA LEU C 444 10.01 -29.59 -29.25
C LEU C 444 9.85 -29.75 -30.73
N SER C 445 10.39 -30.83 -31.24
CA SER C 445 10.22 -31.20 -32.64
CA SER C 445 10.22 -31.18 -32.64
C SER C 445 9.03 -32.14 -32.68
N ILE C 446 8.05 -31.85 -33.54
CA ILE C 446 6.84 -32.64 -33.67
C ILE C 446 7.12 -34.01 -34.29
N SER C 447 6.76 -35.08 -33.58
CA SER C 447 6.92 -36.44 -34.09
C SER C 447 5.53 -37.08 -34.33
N GLY D 23 16.27 -2.55 -5.46
CA GLY D 23 16.79 -1.36 -4.80
C GLY D 23 17.35 -0.33 -5.76
N THR D 24 17.43 0.93 -5.30
CA THR D 24 17.97 2.02 -6.11
C THR D 24 19.48 1.87 -6.32
N ALA D 25 20.19 1.30 -5.33
CA ALA D 25 21.64 1.11 -5.42
C ALA D 25 21.99 0.18 -6.58
N PHE D 26 21.17 -0.85 -6.81
CA PHE D 26 21.37 -1.82 -7.89
C PHE D 26 21.41 -1.10 -9.25
N PHE D 27 20.47 -0.18 -9.47
CA PHE D 27 20.37 0.53 -10.74
C PHE D 27 21.40 1.66 -10.95
N GLN D 28 22.25 1.92 -9.96
CA GLN D 28 23.31 2.93 -10.12
C GLN D 28 24.66 2.25 -10.52
N GLN D 29 24.86 0.99 -10.10
CA GLN D 29 26.05 0.19 -10.36
C GLN D 29 26.10 -0.33 -11.81
N GLN D 30 27.25 -0.95 -12.20
CA GLN D 30 27.52 -1.59 -13.49
C GLN D 30 27.05 -0.78 -14.69
N GLN D 31 27.21 0.54 -14.64
CA GLN D 31 26.83 1.46 -15.72
C GLN D 31 25.38 1.27 -16.18
N LEU D 32 24.47 0.87 -15.27
CA LEU D 32 23.08 0.64 -15.64
C LEU D 32 22.39 1.92 -16.19
N PRO D 33 22.63 3.15 -15.66
CA PRO D 33 22.05 4.34 -16.33
C PRO D 33 22.51 4.46 -17.80
N ALA D 34 23.80 4.23 -18.10
CA ALA D 34 24.31 4.27 -19.47
C ALA D 34 23.74 3.11 -20.32
N ALA D 35 23.45 1.97 -19.68
CA ALA D 35 22.90 0.80 -20.35
C ALA D 35 21.45 1.03 -20.81
N MET D 36 20.68 1.79 -20.03
CA MET D 36 19.28 2.08 -20.38
C MET D 36 19.11 3.24 -21.36
N ALA D 37 20.21 3.86 -21.84
CA ALA D 37 20.11 5.03 -22.72
C ALA D 37 19.46 4.73 -24.05
N ASP D 38 18.72 5.71 -24.57
CA ASP D 38 18.01 5.58 -25.84
C ASP D 38 18.89 5.73 -27.08
N THR D 39 20.05 6.36 -26.94
CA THR D 39 20.98 6.54 -28.06
C THR D 39 22.41 6.23 -27.58
N PHE D 40 23.31 5.94 -28.53
CA PHE D 40 24.71 5.71 -28.19
C PHE D 40 25.33 6.99 -27.63
N LEU D 41 24.93 8.19 -28.15
CA LEU D 41 25.45 9.46 -27.62
C LEU D 41 25.07 9.61 -26.13
N GLU D 42 23.80 9.37 -25.77
CA GLU D 42 23.36 9.46 -24.38
C GLU D 42 24.05 8.39 -23.53
N HIS D 43 24.30 7.19 -24.10
CA HIS D 43 25.02 6.10 -23.44
C HIS D 43 26.41 6.60 -23.02
N LEU D 44 27.15 7.23 -23.95
CA LEU D 44 28.47 7.79 -23.65
C LEU D 44 28.38 8.88 -22.56
N CYS D 45 27.41 9.81 -22.69
CA CYS D 45 27.22 10.90 -21.74
C CYS D 45 26.92 10.42 -20.32
N LEU D 46 26.35 9.22 -20.17
CA LEU D 46 25.98 8.67 -18.87
C LEU D 46 27.02 7.76 -18.23
N LEU D 47 28.17 7.50 -18.90
CA LEU D 47 29.22 6.67 -18.33
C LEU D 47 29.75 7.35 -17.07
N ASP D 48 29.86 6.58 -15.99
CA ASP D 48 30.19 7.12 -14.68
C ASP D 48 31.36 6.37 -14.05
N ILE D 49 32.45 7.09 -13.75
CA ILE D 49 33.63 6.50 -13.10
C ILE D 49 33.32 6.02 -11.67
N ASP D 50 32.23 6.49 -11.06
CA ASP D 50 31.81 6.05 -9.73
C ASP D 50 30.86 4.86 -9.77
N SER D 51 30.43 4.40 -10.96
CA SER D 51 29.53 3.26 -11.08
C SER D 51 30.40 2.02 -11.13
N GLU D 52 30.45 1.30 -10.01
CA GLU D 52 31.32 0.14 -9.87
C GLU D 52 30.83 -1.12 -10.58
N PRO D 53 31.75 -1.88 -11.20
CA PRO D 53 31.34 -3.12 -11.86
C PRO D 53 30.87 -4.15 -10.82
N VAL D 54 29.88 -4.97 -11.20
CA VAL D 54 29.34 -5.97 -10.29
C VAL D 54 29.52 -7.36 -10.86
N ALA D 55 29.29 -7.52 -12.16
CA ALA D 55 29.42 -8.79 -12.83
C ALA D 55 30.86 -9.33 -12.80
N ALA D 56 31.01 -10.63 -12.90
CA ALA D 56 32.32 -11.25 -12.99
C ALA D 56 32.91 -10.89 -14.37
N ARG D 57 34.25 -10.77 -14.42
CA ARG D 57 34.95 -10.41 -15.64
C ARG D 57 34.75 -11.49 -16.70
N SER D 58 34.22 -11.12 -17.84
CA SER D 58 33.82 -12.06 -18.88
C SER D 58 34.82 -12.27 -20.02
N THR D 59 35.71 -11.30 -20.30
CA THR D 59 36.69 -11.46 -21.36
C THR D 59 37.86 -12.24 -20.82
N SER D 60 38.20 -13.37 -21.44
CA SER D 60 39.29 -14.20 -20.97
CA SER D 60 39.30 -14.22 -20.99
C SER D 60 40.66 -13.59 -21.20
N ILE D 61 41.59 -13.91 -20.32
CA ILE D 61 42.96 -13.44 -20.42
C ILE D 61 43.87 -14.60 -20.81
N ILE D 62 44.61 -14.42 -21.89
CA ILE D 62 45.61 -15.36 -22.34
C ILE D 62 46.98 -14.81 -21.90
N ALA D 63 47.74 -15.58 -21.12
CA ALA D 63 49.08 -15.15 -20.69
C ALA D 63 50.11 -16.06 -21.35
N THR D 64 51.12 -15.49 -21.99
CA THR D 64 52.19 -16.26 -22.60
C THR D 64 53.16 -16.70 -21.51
N ILE D 65 53.52 -17.99 -21.51
CA ILE D 65 54.39 -18.59 -20.52
C ILE D 65 55.83 -18.43 -20.96
N GLY D 66 56.68 -18.05 -20.02
CA GLY D 66 58.10 -17.87 -20.29
C GLY D 66 58.90 -17.85 -19.01
N PRO D 67 60.16 -17.41 -19.08
CA PRO D 67 60.99 -17.36 -17.85
C PRO D 67 60.38 -16.60 -16.66
N ALA D 68 59.61 -15.53 -16.93
CA ALA D 68 58.98 -14.76 -15.88
C ALA D 68 57.71 -15.42 -15.29
N SER D 69 57.20 -16.48 -15.93
CA SER D 69 55.95 -17.08 -15.52
C SER D 69 55.96 -18.60 -15.47
N ARG D 70 57.13 -19.23 -15.43
CA ARG D 70 57.19 -20.70 -15.41
C ARG D 70 57.17 -21.29 -14.05
N SER D 71 57.57 -20.55 -13.02
CA SER D 71 57.57 -21.07 -11.65
C SER D 71 56.18 -21.54 -11.25
N VAL D 72 56.09 -22.75 -10.62
CA VAL D 72 54.80 -23.27 -10.17
C VAL D 72 54.11 -22.30 -9.22
N GLU D 73 54.89 -21.70 -8.28
CA GLU D 73 54.35 -20.74 -7.33
C GLU D 73 53.89 -19.44 -7.99
N ARG D 74 54.60 -18.99 -9.02
CA ARG D 74 54.22 -17.78 -9.75
C ARG D 74 52.94 -18.10 -10.60
N LEU D 75 52.83 -19.31 -11.15
CA LEU D 75 51.64 -19.70 -11.93
C LEU D 75 50.37 -19.73 -11.08
N LYS D 76 50.51 -20.09 -9.80
CA LYS D 76 49.39 -20.09 -8.86
C LYS D 76 48.89 -18.67 -8.66
N GLU D 77 49.82 -17.71 -8.53
CA GLU D 77 49.44 -16.30 -8.40
C GLU D 77 48.77 -15.77 -9.68
N MET D 78 49.24 -16.24 -10.85
CA MET D 78 48.65 -15.81 -12.13
CA MET D 78 48.65 -15.81 -12.13
C MET D 78 47.24 -16.34 -12.30
N ILE D 79 46.96 -17.57 -11.83
CA ILE D 79 45.63 -18.16 -11.91
C ILE D 79 44.69 -17.35 -11.00
N LYS D 80 45.14 -17.02 -9.79
CA LYS D 80 44.38 -16.21 -8.84
C LYS D 80 44.14 -14.79 -9.37
N ALA D 81 45.11 -14.23 -10.14
CA ALA D 81 44.99 -12.89 -10.75
C ALA D 81 43.99 -12.85 -11.91
N GLY D 82 43.72 -14.01 -12.52
CA GLY D 82 42.73 -14.08 -13.59
C GLY D 82 43.16 -14.75 -14.90
N MET D 83 44.37 -15.35 -14.97
CA MET D 83 44.78 -16.02 -16.20
C MET D 83 43.84 -17.21 -16.50
N ASN D 84 43.29 -17.26 -17.71
CA ASN D 84 42.40 -18.34 -18.11
C ASN D 84 43.02 -19.28 -19.10
N ILE D 85 43.95 -18.79 -19.93
CA ILE D 85 44.59 -19.58 -20.97
C ILE D 85 46.09 -19.32 -20.93
N ALA D 86 46.87 -20.39 -20.92
CA ALA D 86 48.31 -20.30 -20.92
C ALA D 86 48.77 -20.54 -22.37
N ARG D 87 49.46 -19.57 -22.95
CA ARG D 87 49.96 -19.69 -24.32
C ARG D 87 51.44 -20.11 -24.33
N LEU D 88 51.76 -21.15 -25.09
CA LEU D 88 53.13 -21.61 -25.26
C LEU D 88 53.57 -21.16 -26.63
N ASN D 89 54.54 -20.26 -26.71
CA ASN D 89 54.99 -19.75 -27.98
C ASN D 89 56.10 -20.65 -28.54
N PHE D 90 55.77 -21.47 -29.54
CA PHE D 90 56.72 -22.40 -30.14
C PHE D 90 57.74 -21.74 -31.07
N SER D 91 57.75 -20.39 -31.17
CA SER D 91 58.79 -19.66 -31.88
C SER D 91 60.10 -19.68 -31.07
N HIS D 92 60.04 -19.94 -29.73
CA HIS D 92 61.20 -20.00 -28.82
C HIS D 92 61.14 -21.26 -27.96
N GLY D 93 62.29 -21.82 -27.61
CA GLY D 93 62.35 -22.99 -26.75
C GLY D 93 62.16 -24.32 -27.45
N SER D 94 62.76 -25.35 -26.88
CA SER D 94 62.68 -26.70 -27.41
C SER D 94 61.39 -27.42 -26.95
N HIS D 95 61.17 -28.66 -27.45
CA HIS D 95 60.03 -29.48 -26.98
C HIS D 95 60.18 -29.78 -25.50
N GLU D 96 61.41 -29.98 -25.01
CA GLU D 96 61.68 -30.25 -23.59
C GLU D 96 61.28 -29.04 -22.72
N TYR D 97 61.57 -27.84 -23.21
CA TYR D 97 61.22 -26.62 -22.50
C TYR D 97 59.67 -26.51 -22.41
N HIS D 98 58.98 -26.72 -23.53
CA HIS D 98 57.52 -26.63 -23.54
C HIS D 98 56.83 -27.71 -22.74
N ALA D 99 57.42 -28.93 -22.69
CA ALA D 99 56.83 -30.01 -21.87
C ALA D 99 56.91 -29.64 -20.40
N GLU D 100 58.02 -29.00 -19.97
CA GLU D 100 58.17 -28.55 -18.57
C GLU D 100 57.17 -27.44 -18.29
N SER D 101 56.94 -26.51 -19.28
CA SER D 101 55.95 -25.42 -19.10
C SER D 101 54.57 -26.02 -18.85
N ILE D 102 54.18 -27.03 -19.66
CA ILE D 102 52.89 -27.71 -19.52
C ILE D 102 52.75 -28.37 -18.17
N ALA D 103 53.81 -29.10 -17.73
CA ALA D 103 53.80 -29.78 -16.43
C ALA D 103 53.66 -28.76 -15.31
N ASN D 104 54.36 -27.62 -15.41
CA ASN D 104 54.25 -26.58 -14.38
C ASN D 104 52.86 -25.96 -14.32
N VAL D 105 52.27 -25.67 -15.49
CA VAL D 105 50.92 -25.09 -15.53
C VAL D 105 49.93 -26.07 -14.90
N ARG D 106 49.98 -27.34 -15.32
CA ARG D 106 49.08 -28.37 -14.78
C ARG D 106 49.25 -28.57 -13.29
N GLU D 107 50.48 -28.52 -12.78
CA GLU D 107 50.69 -28.64 -11.33
C GLU D 107 50.04 -27.48 -10.59
N ALA D 108 50.24 -26.24 -11.08
CA ALA D 108 49.62 -25.06 -10.46
C ALA D 108 48.10 -25.13 -10.53
N VAL D 109 47.54 -25.51 -11.67
CA VAL D 109 46.08 -25.60 -11.86
C VAL D 109 45.48 -26.66 -10.94
N GLU D 110 46.09 -27.86 -10.92
CA GLU D 110 45.58 -28.96 -10.10
C GLU D 110 45.81 -28.78 -8.60
N SER D 111 46.64 -27.80 -8.18
CA SER D 111 46.81 -27.52 -6.75
C SER D 111 45.53 -26.95 -6.12
N PHE D 112 44.57 -26.50 -6.94
CA PHE D 112 43.29 -25.98 -6.46
C PHE D 112 42.13 -26.98 -6.62
N ALA D 113 42.38 -28.19 -7.15
CA ALA D 113 41.36 -29.20 -7.38
C ALA D 113 40.74 -29.78 -6.10
N GLY D 114 41.40 -29.66 -4.95
CA GLY D 114 40.89 -30.14 -3.67
C GLY D 114 39.63 -29.41 -3.20
N SER D 115 39.34 -28.23 -3.77
CA SER D 115 38.10 -27.49 -3.49
C SER D 115 37.34 -27.36 -4.83
N PRO D 116 36.49 -28.36 -5.14
CA PRO D 116 35.80 -28.35 -6.43
C PRO D 116 34.89 -27.15 -6.69
N LEU D 117 34.33 -26.53 -5.66
CA LEU D 117 33.45 -25.37 -5.82
C LEU D 117 34.19 -24.08 -6.26
N SER D 118 35.53 -24.05 -6.15
CA SER D 118 36.28 -22.86 -6.53
C SER D 118 37.37 -23.13 -7.60
N TYR D 119 37.57 -24.41 -7.99
CA TYR D 119 38.56 -24.82 -8.98
C TYR D 119 38.36 -24.07 -10.30
N ARG D 120 39.42 -23.52 -10.84
CA ARG D 120 39.36 -22.79 -12.10
C ARG D 120 40.11 -23.55 -13.15
N PRO D 121 39.42 -24.06 -14.18
CA PRO D 121 40.13 -24.69 -15.31
C PRO D 121 40.99 -23.65 -16.03
N VAL D 122 42.11 -24.09 -16.62
CA VAL D 122 43.01 -23.22 -17.38
C VAL D 122 43.38 -23.96 -18.65
N ALA D 123 43.09 -23.35 -19.81
CA ALA D 123 43.42 -23.99 -21.09
C ALA D 123 44.90 -23.86 -21.42
N ILE D 124 45.42 -24.76 -22.24
CA ILE D 124 46.79 -24.70 -22.72
C ILE D 124 46.73 -24.56 -24.25
N ALA D 125 47.31 -23.48 -24.76
CA ALA D 125 47.28 -23.17 -26.18
C ALA D 125 48.69 -23.22 -26.75
N LEU D 126 48.85 -23.86 -27.90
CA LEU D 126 50.14 -23.97 -28.55
C LEU D 126 50.13 -22.98 -29.71
N ASP D 127 51.06 -22.03 -29.71
CA ASP D 127 51.14 -21.03 -30.76
C ASP D 127 52.31 -21.43 -31.66
N THR D 128 52.02 -21.79 -32.91
CA THR D 128 53.04 -22.29 -33.83
C THR D 128 54.06 -21.24 -34.30
N LYS D 129 55.24 -21.73 -34.70
CA LYS D 129 56.30 -20.88 -35.23
C LYS D 129 55.86 -20.27 -36.57
N GLY D 130 55.18 -21.04 -37.40
CA GLY D 130 54.68 -20.54 -38.67
C GLY D 130 55.38 -21.08 -39.91
N PRO D 131 54.91 -20.66 -41.09
CA PRO D 131 55.48 -21.19 -42.34
C PRO D 131 56.81 -20.59 -42.78
N GLY D 132 57.19 -19.46 -42.20
CA GLY D 132 58.42 -18.76 -42.58
C GLY D 132 58.34 -18.29 -44.03
N SER D 133 59.37 -18.61 -44.83
CA SER D 133 59.37 -18.27 -46.27
C SER D 133 58.59 -19.30 -47.13
N GLY D 134 58.14 -20.40 -46.53
CA GLY D 134 57.42 -21.46 -47.24
C GLY D 134 56.00 -21.09 -47.61
N PRO D 135 55.38 -21.89 -48.48
CA PRO D 135 54.00 -21.58 -48.93
C PRO D 135 52.87 -22.12 -48.05
N GLY D 136 53.19 -23.08 -47.19
CA GLY D 136 52.20 -23.70 -46.31
C GLY D 136 52.80 -24.28 -45.05
N LEU D 137 52.24 -25.39 -44.54
CA LEU D 137 52.68 -26.01 -43.29
C LEU D 137 54.13 -26.48 -43.31
N SER D 138 54.95 -25.86 -42.45
CA SER D 138 56.37 -26.20 -42.35
C SER D 138 56.61 -27.53 -41.63
N GLU D 139 57.79 -28.13 -41.80
CA GLU D 139 58.10 -29.39 -41.16
C GLU D 139 58.22 -29.25 -39.65
N GLN D 140 58.71 -28.10 -39.16
CA GLN D 140 58.79 -27.86 -37.72
C GLN D 140 57.38 -27.78 -37.15
N ASP D 141 56.44 -27.11 -37.86
CA ASP D 141 55.05 -27.04 -37.40
C ASP D 141 54.42 -28.42 -37.33
N VAL D 142 54.71 -29.31 -38.29
CA VAL D 142 54.19 -30.68 -38.24
C VAL D 142 54.64 -31.40 -36.97
N ARG D 143 55.90 -31.25 -36.60
CA ARG D 143 56.45 -31.85 -35.39
C ARG D 143 55.89 -31.20 -34.13
N ASP D 144 55.72 -29.88 -34.13
CA ASP D 144 55.19 -29.16 -32.97
C ASP D 144 53.73 -29.47 -32.75
N LEU D 145 52.95 -29.62 -33.84
CA LEU D 145 51.54 -29.98 -33.73
C LEU D 145 51.38 -31.40 -33.20
N ARG D 146 52.26 -32.31 -33.61
CA ARG D 146 52.23 -33.69 -33.10
CA ARG D 146 52.20 -33.69 -33.10
C ARG D 146 52.56 -33.68 -31.61
N PHE D 147 53.52 -32.84 -31.19
CA PHE D 147 53.88 -32.69 -29.76
C PHE D 147 52.62 -32.19 -28.99
N GLY D 148 51.89 -31.23 -29.57
CA GLY D 148 50.69 -30.69 -28.96
C GLY D 148 49.63 -31.74 -28.69
N VAL D 149 49.38 -32.61 -29.68
CA VAL D 149 48.43 -33.71 -29.52
C VAL D 149 48.91 -34.68 -28.44
N GLU D 150 50.21 -35.07 -28.49
CA GLU D 150 50.77 -36.00 -27.51
C GLU D 150 50.75 -35.46 -26.08
N HIS D 151 50.82 -34.13 -25.91
CA HIS D 151 50.78 -33.52 -24.59
C HIS D 151 49.39 -32.97 -24.19
N GLY D 152 48.35 -33.27 -24.99
CA GLY D 152 46.98 -32.88 -24.68
C GLY D 152 46.66 -31.39 -24.67
N VAL D 153 47.25 -30.60 -25.57
CA VAL D 153 46.92 -29.16 -25.64
C VAL D 153 45.45 -28.98 -26.05
N ASP D 154 44.84 -27.88 -25.62
CA ASP D 154 43.42 -27.65 -25.89
C ASP D 154 43.18 -26.85 -27.15
N ILE D 155 44.10 -25.96 -27.48
CA ILE D 155 43.95 -25.01 -28.56
C ILE D 155 45.27 -24.86 -29.32
N VAL D 156 45.16 -24.58 -30.61
CA VAL D 156 46.29 -24.23 -31.44
C VAL D 156 46.05 -22.81 -31.97
N PHE D 157 47.01 -21.92 -31.80
CA PHE D 157 46.97 -20.59 -32.42
C PHE D 157 47.88 -20.79 -33.63
N ALA D 158 47.28 -21.01 -34.82
CA ALA D 158 48.03 -21.29 -36.05
C ALA D 158 48.56 -20.00 -36.68
N SER D 159 49.89 -19.85 -36.70
CA SER D 159 50.51 -18.63 -37.23
C SER D 159 50.39 -18.47 -38.75
N PHE D 160 50.28 -17.22 -39.20
CA PHE D 160 50.23 -16.80 -40.59
C PHE D 160 49.25 -17.59 -41.46
N VAL D 161 47.99 -17.70 -41.02
CA VAL D 161 46.98 -18.38 -41.83
C VAL D 161 46.57 -17.43 -42.97
N ARG D 162 46.72 -17.89 -44.22
CA ARG D 162 46.44 -17.08 -45.40
C ARG D 162 45.25 -17.55 -46.24
N LYS D 163 44.79 -18.78 -46.02
CA LYS D 163 43.70 -19.35 -46.79
C LYS D 163 43.13 -20.58 -46.08
N ALA D 164 41.95 -21.06 -46.51
CA ALA D 164 41.30 -22.21 -45.94
C ALA D 164 42.17 -23.49 -45.94
N SER D 165 42.98 -23.71 -47.00
CA SER D 165 43.83 -24.91 -47.06
C SER D 165 44.91 -24.92 -45.98
N ASP D 166 45.30 -23.75 -45.45
CA ASP D 166 46.26 -23.68 -44.35
C ASP D 166 45.64 -24.28 -43.10
N VAL D 167 44.33 -24.02 -42.85
CA VAL D 167 43.63 -24.56 -41.69
C VAL D 167 43.47 -26.09 -41.84
N ALA D 168 43.14 -26.56 -43.06
CA ALA D 168 43.00 -27.98 -43.34
C ALA D 168 44.31 -28.71 -43.08
N ALA D 169 45.45 -28.10 -43.45
CA ALA D 169 46.78 -28.70 -43.23
C ALA D 169 47.08 -28.82 -41.74
N VAL D 170 46.70 -27.79 -40.93
CA VAL D 170 46.90 -27.84 -39.49
C VAL D 170 46.06 -28.97 -38.90
N ARG D 171 44.80 -29.06 -39.34
CA ARG D 171 43.87 -30.09 -38.90
C ARG D 171 44.42 -31.50 -39.21
N ALA D 172 44.94 -31.71 -40.43
CA ALA D 172 45.51 -33.00 -40.84
C ALA D 172 46.73 -33.36 -39.97
N ALA D 173 47.59 -32.37 -39.67
CA ALA D 173 48.78 -32.59 -38.84
C ALA D 173 48.44 -32.95 -37.39
N LEU D 174 47.26 -32.56 -36.90
CA LEU D 174 46.82 -32.94 -35.57
C LEU D 174 46.40 -34.45 -35.50
N GLY D 175 46.12 -35.07 -36.65
CA GLY D 175 45.77 -36.48 -36.75
C GLY D 175 44.41 -36.85 -36.21
N PRO D 176 44.13 -38.16 -36.15
CA PRO D 176 42.84 -38.63 -35.64
C PRO D 176 42.64 -38.38 -34.15
N GLU D 177 43.73 -38.34 -33.37
CA GLU D 177 43.62 -38.09 -31.93
C GLU D 177 43.45 -36.61 -31.56
N GLY D 178 43.66 -35.69 -32.50
CA GLY D 178 43.54 -34.27 -32.23
C GLY D 178 42.30 -33.60 -32.80
N HIS D 179 41.23 -34.37 -33.05
CA HIS D 179 39.96 -33.84 -33.61
CA HIS D 179 39.98 -33.81 -33.61
C HIS D 179 39.28 -32.83 -32.68
N GLY D 180 39.46 -32.99 -31.38
CA GLY D 180 38.83 -32.13 -30.39
C GLY D 180 39.57 -30.83 -30.10
N ILE D 181 40.79 -30.65 -30.64
CA ILE D 181 41.59 -29.45 -30.42
C ILE D 181 41.00 -28.28 -31.21
N LYS D 182 40.85 -27.11 -30.59
CA LYS D 182 40.31 -25.93 -31.28
C LYS D 182 41.42 -25.26 -32.09
N ILE D 183 41.13 -24.90 -33.34
CA ILE D 183 42.09 -24.20 -34.16
C ILE D 183 41.68 -22.73 -34.27
N ILE D 184 42.53 -21.85 -33.75
CA ILE D 184 42.32 -20.42 -33.83
C ILE D 184 43.31 -19.91 -34.87
N SER D 185 42.82 -19.41 -35.99
CA SER D 185 43.69 -18.94 -37.06
C SER D 185 44.21 -17.52 -36.78
N LYS D 186 45.52 -17.33 -36.85
CA LYS D 186 46.10 -16.01 -36.66
C LYS D 186 46.15 -15.29 -37.99
N ILE D 187 45.52 -14.10 -38.07
CA ILE D 187 45.52 -13.29 -39.27
C ILE D 187 46.63 -12.28 -39.07
N GLU D 188 47.69 -12.41 -39.89
CA GLU D 188 48.89 -11.61 -39.70
C GLU D 188 49.38 -10.86 -40.95
N ASN D 189 48.65 -10.94 -42.06
CA ASN D 189 49.07 -10.28 -43.29
C ASN D 189 47.88 -9.90 -44.17
N HIS D 190 48.14 -9.17 -45.26
CA HIS D 190 47.10 -8.72 -46.18
C HIS D 190 46.28 -9.86 -46.74
N GLU D 191 46.93 -10.95 -47.18
CA GLU D 191 46.18 -12.09 -47.72
C GLU D 191 45.20 -12.71 -46.71
N GLY D 192 45.62 -12.85 -45.46
CA GLY D 192 44.73 -13.36 -44.42
C GLY D 192 43.50 -12.50 -44.22
N VAL D 193 43.67 -11.18 -44.28
CA VAL D 193 42.56 -10.22 -44.16
C VAL D 193 41.62 -10.35 -45.36
N LYS D 194 42.19 -10.40 -46.58
CA LYS D 194 41.38 -10.53 -47.80
C LYS D 194 40.64 -11.84 -47.92
N ARG D 195 41.24 -12.92 -47.45
CA ARG D 195 40.59 -14.24 -47.45
C ARG D 195 39.97 -14.60 -46.10
N PHE D 196 39.69 -13.58 -45.26
CA PHE D 196 39.13 -13.77 -43.93
C PHE D 196 37.90 -14.67 -43.90
N ASP D 197 36.91 -14.41 -44.76
CA ASP D 197 35.67 -15.20 -44.72
C ASP D 197 35.88 -16.69 -44.91
N GLU D 198 36.72 -17.09 -45.86
CA GLU D 198 36.97 -18.52 -46.08
C GLU D 198 37.78 -19.14 -44.94
N ILE D 199 38.65 -18.35 -44.29
CA ILE D 199 39.45 -18.81 -43.15
C ILE D 199 38.55 -19.02 -41.94
N LEU D 200 37.71 -18.02 -41.61
CA LEU D 200 36.79 -18.11 -40.47
C LEU D 200 35.85 -19.29 -40.60
N GLU D 201 35.33 -19.54 -41.83
CA GLU D 201 34.39 -20.63 -42.09
C GLU D 201 34.91 -21.99 -41.62
N VAL D 202 36.21 -22.26 -41.82
CA VAL D 202 36.79 -23.56 -41.43
C VAL D 202 37.56 -23.54 -40.09
N SER D 203 37.70 -22.37 -39.46
CA SER D 203 38.41 -22.26 -38.20
C SER D 203 37.41 -22.27 -37.02
N ASP D 204 37.91 -22.59 -35.81
CA ASP D 204 37.10 -22.46 -34.62
C ASP D 204 37.01 -20.99 -34.13
N GLY D 205 37.99 -20.18 -34.50
CA GLY D 205 38.07 -18.78 -34.14
C GLY D 205 39.26 -18.10 -34.76
N ILE D 206 39.47 -16.83 -34.39
CA ILE D 206 40.51 -16.02 -34.99
C ILE D 206 41.32 -15.29 -33.95
N MET D 207 42.60 -15.04 -34.26
CA MET D 207 43.41 -14.16 -33.46
C MET D 207 43.83 -12.98 -34.36
N VAL D 208 43.59 -11.74 -33.91
CA VAL D 208 44.04 -10.55 -34.62
C VAL D 208 45.49 -10.37 -34.12
N ALA D 209 46.45 -10.89 -34.89
CA ALA D 209 47.85 -10.92 -34.49
C ALA D 209 48.48 -9.64 -34.96
N ARG D 210 48.32 -8.57 -34.15
CA ARG D 210 48.68 -7.21 -34.51
C ARG D 210 50.16 -6.95 -34.72
N GLY D 211 51.04 -7.73 -34.10
CA GLY D 211 52.49 -7.55 -34.26
C GLY D 211 52.91 -7.65 -35.71
N ASP D 212 52.71 -8.82 -36.32
CA ASP D 212 53.03 -9.04 -37.72
C ASP D 212 52.10 -8.29 -38.64
N LEU D 213 50.80 -8.22 -38.31
CA LEU D 213 49.84 -7.47 -39.13
C LEU D 213 50.27 -6.00 -39.31
N GLY D 214 50.77 -5.39 -38.24
CA GLY D 214 51.24 -4.01 -38.25
C GLY D 214 52.53 -3.75 -39.04
N ILE D 215 53.21 -4.82 -39.47
CA ILE D 215 54.42 -4.76 -40.29
C ILE D 215 54.04 -5.15 -41.76
N GLU D 216 53.06 -6.04 -41.93
CA GLU D 216 52.59 -6.53 -43.23
C GLU D 216 51.70 -5.52 -43.94
N ILE D 217 50.89 -4.77 -43.18
CA ILE D 217 50.03 -3.73 -43.73
C ILE D 217 50.41 -2.40 -43.03
N PRO D 218 50.02 -1.22 -43.55
CA PRO D 218 50.37 0.04 -42.86
C PRO D 218 49.86 0.04 -41.42
N ALA D 219 50.69 0.49 -40.46
CA ALA D 219 50.35 0.50 -39.04
C ALA D 219 49.03 1.22 -38.75
N GLU D 220 48.77 2.30 -39.49
CA GLU D 220 47.55 3.09 -39.33
C GLU D 220 46.28 2.40 -39.82
N LYS D 221 46.39 1.22 -40.45
CA LYS D 221 45.21 0.48 -40.92
C LYS D 221 44.85 -0.71 -40.00
N VAL D 222 45.74 -1.11 -39.07
CA VAL D 222 45.50 -2.27 -38.21
C VAL D 222 44.18 -2.19 -37.43
N PHE D 223 43.80 -1.01 -36.92
CA PHE D 223 42.55 -0.88 -36.16
C PHE D 223 41.32 -1.23 -37.02
N LEU D 224 41.38 -0.96 -38.34
CA LEU D 224 40.28 -1.27 -39.25
C LEU D 224 40.18 -2.80 -39.38
N ALA D 225 41.33 -3.49 -39.53
CA ALA D 225 41.34 -4.94 -39.65
C ALA D 225 40.85 -5.56 -38.32
N GLN D 226 41.28 -5.00 -37.18
CA GLN D 226 40.89 -5.54 -35.87
C GLN D 226 39.37 -5.40 -35.70
N LYS D 227 38.83 -4.19 -35.93
CA LYS D 227 37.40 -3.95 -35.77
C LYS D 227 36.56 -4.78 -36.73
N MET D 228 37.02 -4.94 -37.99
CA MET D 228 36.30 -5.75 -38.97
C MET D 228 36.27 -7.23 -38.55
N MET D 229 37.42 -7.79 -38.19
CA MET D 229 37.51 -9.20 -37.83
C MET D 229 36.74 -9.50 -36.56
N ILE D 230 36.77 -8.59 -35.57
CA ILE D 230 35.99 -8.79 -34.34
C ILE D 230 34.49 -8.76 -34.68
N GLY D 231 34.07 -7.79 -35.50
CA GLY D 231 32.68 -7.72 -35.95
C GLY D 231 32.22 -8.98 -36.66
N ARG D 232 33.04 -9.48 -37.60
CA ARG D 232 32.67 -10.70 -38.35
C ARG D 232 32.65 -11.96 -37.48
N CYS D 233 33.59 -12.07 -36.51
CA CYS D 233 33.57 -13.19 -35.59
C CYS D 233 32.36 -13.13 -34.67
N ASN D 234 31.99 -11.92 -34.21
CA ASN D 234 30.78 -11.79 -33.35
C ASN D 234 29.54 -12.18 -34.17
N LEU D 235 29.48 -11.77 -35.45
CA LEU D 235 28.36 -12.13 -36.34
C LEU D 235 28.28 -13.68 -36.49
N ALA D 236 29.43 -14.32 -36.67
CA ALA D 236 29.50 -15.77 -36.81
C ALA D 236 29.37 -16.55 -35.50
N GLY D 237 29.44 -15.87 -34.35
CA GLY D 237 29.38 -16.56 -33.07
C GLY D 237 30.62 -17.40 -32.77
N LYS D 238 31.77 -16.99 -33.32
CA LYS D 238 33.04 -17.69 -33.12
C LYS D 238 34.03 -16.83 -32.35
N PRO D 239 34.81 -17.44 -31.45
CA PRO D 239 35.76 -16.62 -30.64
C PRO D 239 36.77 -15.80 -31.41
N VAL D 240 37.06 -14.61 -30.89
CA VAL D 240 38.06 -13.74 -31.47
C VAL D 240 38.98 -13.20 -30.37
N VAL D 241 40.29 -13.26 -30.62
CA VAL D 241 41.32 -12.85 -29.66
C VAL D 241 41.99 -11.57 -30.16
N CYS D 242 42.17 -10.58 -29.28
CA CYS D 242 42.96 -9.40 -29.65
C CYS D 242 44.35 -9.62 -29.03
N ALA D 243 45.41 -9.43 -29.81
CA ALA D 243 46.75 -9.69 -29.30
C ALA D 243 47.78 -8.64 -29.65
N THR D 244 48.87 -8.59 -28.85
CA THR D 244 50.16 -7.93 -29.03
C THR D 244 50.22 -6.46 -28.64
N GLN D 245 51.18 -6.18 -27.72
CA GLN D 245 51.55 -4.88 -27.20
C GLN D 245 50.41 -4.17 -26.46
N MET D 246 49.44 -4.93 -25.93
CA MET D 246 48.31 -4.32 -25.24
C MET D 246 48.74 -3.56 -24.01
N LEU D 247 49.72 -4.11 -23.24
CA LEU D 247 50.25 -3.45 -22.03
C LEU D 247 51.80 -3.53 -22.10
N GLU D 248 52.38 -3.33 -23.30
CA GLU D 248 53.82 -3.43 -23.57
C GLU D 248 54.74 -2.76 -22.54
N SER D 249 54.45 -1.51 -22.15
CA SER D 249 55.31 -0.81 -21.20
C SER D 249 55.41 -1.53 -19.85
N MET D 250 54.43 -2.40 -19.51
CA MET D 250 54.47 -3.16 -18.25
C MET D 250 55.51 -4.29 -18.24
N ILE D 251 56.23 -4.48 -19.35
CA ILE D 251 57.36 -5.41 -19.38
C ILE D 251 58.46 -4.88 -18.41
N THR D 252 58.62 -3.55 -18.33
CA THR D 252 59.62 -2.92 -17.48
C THR D 252 59.05 -1.98 -16.42
N LYS D 253 57.83 -1.48 -16.60
CA LYS D 253 57.23 -0.52 -15.67
C LYS D 253 56.03 -1.08 -14.90
N PRO D 254 55.85 -0.63 -13.65
CA PRO D 254 54.76 -1.18 -12.84
C PRO D 254 53.35 -0.76 -13.26
N ARG D 255 53.24 0.33 -14.04
CA ARG D 255 51.95 0.85 -14.49
C ARG D 255 52.00 1.05 -16.01
N PRO D 256 50.87 0.79 -16.70
CA PRO D 256 50.84 0.97 -18.15
C PRO D 256 50.62 2.44 -18.59
N THR D 257 50.79 2.72 -19.89
CA THR D 257 50.54 4.05 -20.43
C THR D 257 49.03 4.27 -20.60
N ARG D 258 48.61 5.54 -20.86
CA ARG D 258 47.20 5.85 -21.08
C ARG D 258 46.70 5.21 -22.38
N ALA D 259 47.58 5.06 -23.39
CA ALA D 259 47.21 4.41 -24.65
C ALA D 259 46.98 2.92 -24.46
N GLU D 260 47.76 2.27 -23.60
CA GLU D 260 47.64 0.85 -23.31
C GLU D 260 46.33 0.50 -22.59
N THR D 261 45.94 1.26 -21.54
CA THR D 261 44.68 0.97 -20.85
C THR D 261 43.51 1.19 -21.82
N SER D 262 43.60 2.23 -22.65
CA SER D 262 42.60 2.54 -23.66
C SER D 262 42.50 1.40 -24.68
N ASP D 263 43.62 0.86 -25.14
CA ASP D 263 43.65 -0.22 -26.11
C ASP D 263 42.93 -1.48 -25.54
N VAL D 264 43.18 -1.82 -24.27
CA VAL D 264 42.54 -2.98 -23.64
C VAL D 264 41.03 -2.73 -23.56
N ALA D 265 40.62 -1.56 -23.06
CA ALA D 265 39.21 -1.21 -22.94
C ALA D 265 38.51 -1.25 -24.30
N ASN D 266 39.16 -0.68 -25.33
CA ASN D 266 38.57 -0.65 -26.67
C ASN D 266 38.51 -2.01 -27.33
N ALA D 267 39.44 -2.93 -27.05
CA ALA D 267 39.37 -4.30 -27.59
C ALA D 267 38.13 -5.00 -27.02
N VAL D 268 37.85 -4.81 -25.72
CA VAL D 268 36.65 -5.39 -25.10
C VAL D 268 35.39 -4.73 -25.68
N LEU D 269 35.37 -3.37 -25.78
CA LEU D 269 34.22 -2.69 -26.35
C LEU D 269 33.97 -3.08 -27.82
N ASP D 270 35.05 -3.37 -28.56
CA ASP D 270 34.95 -3.82 -29.95
C ASP D 270 34.19 -5.15 -30.06
N GLY D 271 34.36 -6.02 -29.06
CA GLY D 271 33.71 -7.33 -29.00
C GLY D 271 34.64 -8.52 -28.88
N ALA D 272 35.93 -8.27 -28.51
CA ALA D 272 36.88 -9.40 -28.38
C ALA D 272 36.46 -10.35 -27.27
N ASP D 273 36.51 -11.64 -27.53
CA ASP D 273 36.22 -12.67 -26.53
C ASP D 273 37.41 -12.81 -25.58
N CYS D 274 38.64 -12.68 -26.09
CA CYS D 274 39.86 -12.82 -25.32
C CYS D 274 40.81 -11.68 -25.59
N ILE D 275 41.61 -11.37 -24.59
CA ILE D 275 42.70 -10.40 -24.71
C ILE D 275 43.98 -11.15 -24.30
N MET D 276 45.11 -10.72 -24.86
CA MET D 276 46.35 -11.46 -24.66
C MET D 276 47.51 -10.62 -24.14
N LEU D 277 48.41 -11.30 -23.45
CA LEU D 277 49.66 -10.75 -22.96
C LEU D 277 50.76 -11.63 -23.52
N SER D 278 51.83 -11.01 -24.06
CA SER D 278 52.96 -11.75 -24.62
C SER D 278 54.20 -11.53 -23.74
N GLY D 279 55.08 -10.59 -24.08
CA GLY D 279 56.26 -10.31 -23.26
C GLY D 279 55.90 -9.86 -21.86
N GLU D 280 54.72 -9.21 -21.69
CA GLU D 280 54.24 -8.75 -20.37
C GLU D 280 54.18 -9.87 -19.35
N THR D 281 53.88 -11.11 -19.78
CA THR D 281 53.90 -12.25 -18.85
C THR D 281 55.04 -13.23 -19.13
N ALA D 282 55.55 -13.28 -20.36
CA ALA D 282 56.60 -14.26 -20.69
C ALA D 282 57.97 -13.88 -20.17
N LYS D 283 58.35 -12.60 -20.27
CA LYS D 283 59.69 -12.20 -19.88
C LYS D 283 59.79 -10.98 -19.00
N GLY D 284 58.69 -10.25 -18.83
CA GLY D 284 58.73 -9.00 -18.08
C GLY D 284 58.86 -9.11 -16.58
N ASN D 285 58.96 -7.98 -15.91
CA ASN D 285 59.12 -7.94 -14.45
C ASN D 285 57.81 -7.85 -13.69
N PHE D 286 56.67 -7.69 -14.40
CA PHE D 286 55.36 -7.53 -13.76
C PHE D 286 54.30 -8.50 -14.35
N PRO D 287 54.59 -9.81 -14.48
CA PRO D 287 53.58 -10.72 -15.08
C PRO D 287 52.27 -10.78 -14.33
N VAL D 288 52.29 -10.85 -12.98
CA VAL D 288 51.06 -10.93 -12.21
C VAL D 288 50.30 -9.62 -12.28
N GLU D 289 51.01 -8.49 -12.19
CA GLU D 289 50.40 -7.17 -12.27
C GLU D 289 49.78 -6.93 -13.64
N ALA D 290 50.39 -7.46 -14.71
CA ALA D 290 49.86 -7.29 -16.07
C ALA D 290 48.52 -8.02 -16.19
N VAL D 291 48.43 -9.24 -15.62
CA VAL D 291 47.20 -10.01 -15.61
C VAL D 291 46.14 -9.25 -14.80
N LYS D 292 46.51 -8.74 -13.61
CA LYS D 292 45.57 -7.97 -12.77
C LYS D 292 45.06 -6.72 -13.46
N MET D 293 45.92 -6.02 -14.22
CA MET D 293 45.54 -4.81 -14.95
C MET D 293 44.56 -5.13 -16.07
N GLN D 294 44.79 -6.20 -16.85
CA GLN D 294 43.84 -6.61 -17.90
C GLN D 294 42.51 -7.00 -17.27
N HIS D 295 42.55 -7.69 -16.12
CA HIS D 295 41.32 -8.07 -15.41
C HIS D 295 40.52 -6.81 -15.00
N ALA D 296 41.19 -5.83 -14.37
CA ALA D 296 40.55 -4.60 -13.92
C ALA D 296 39.95 -3.81 -15.07
N ILE D 297 40.68 -3.64 -16.18
CA ILE D 297 40.17 -2.89 -17.32
C ILE D 297 38.99 -3.61 -17.98
N ALA D 298 39.12 -4.92 -18.23
CA ALA D 298 38.08 -5.70 -18.88
C ALA D 298 36.75 -5.60 -18.12
N ARG D 299 36.77 -5.73 -16.78
CA ARG D 299 35.54 -5.62 -15.98
C ARG D 299 34.87 -4.24 -16.18
N GLU D 300 35.68 -3.17 -16.19
CA GLU D 300 35.12 -1.82 -16.40
C GLU D 300 34.54 -1.68 -17.79
N ALA D 301 35.25 -2.20 -18.80
CA ALA D 301 34.80 -2.08 -20.18
C ALA D 301 33.56 -2.90 -20.48
N GLU D 302 33.42 -4.08 -19.84
CA GLU D 302 32.26 -4.93 -20.07
C GLU D 302 30.99 -4.28 -19.56
N ALA D 303 31.06 -3.56 -18.44
CA ALA D 303 29.88 -2.85 -17.92
C ALA D 303 29.50 -1.67 -18.83
N ALA D 304 30.48 -1.08 -19.53
CA ALA D 304 30.27 0.04 -20.45
C ALA D 304 29.79 -0.39 -21.86
N VAL D 305 29.57 -1.69 -22.09
CA VAL D 305 29.02 -2.19 -23.36
C VAL D 305 27.56 -1.72 -23.48
N TYR D 306 27.16 -1.23 -24.64
CA TYR D 306 25.79 -0.73 -24.84
C TYR D 306 24.88 -1.90 -25.26
N HIS D 307 24.50 -2.75 -24.27
CA HIS D 307 23.68 -3.95 -24.51
C HIS D 307 22.39 -3.68 -25.23
N ARG D 308 21.75 -2.52 -25.00
CA ARG D 308 20.48 -2.20 -25.67
C ARG D 308 20.58 -2.35 -27.20
N GLN D 309 21.59 -1.69 -27.80
CA GLN D 309 21.75 -1.80 -29.25
C GLN D 309 22.45 -3.11 -29.65
N LEU D 310 23.48 -3.50 -28.89
CA LEU D 310 24.22 -4.74 -29.21
C LEU D 310 23.29 -5.97 -29.30
N PHE D 311 22.43 -6.19 -28.30
CA PHE D 311 21.52 -7.35 -28.32
C PHE D 311 20.57 -7.28 -29.50
N GLU D 312 20.00 -6.09 -29.77
CA GLU D 312 19.09 -5.91 -30.91
C GLU D 312 19.78 -6.26 -32.23
N GLU D 313 21.04 -5.79 -32.41
CA GLU D 313 21.75 -6.06 -33.64
C GLU D 313 22.18 -7.52 -33.78
N LEU D 314 22.59 -8.16 -32.68
CA LEU D 314 22.99 -9.58 -32.73
C LEU D 314 21.77 -10.44 -33.06
N ARG D 315 20.61 -10.17 -32.46
CA ARG D 315 19.38 -10.92 -32.77
C ARG D 315 18.99 -10.74 -34.23
N ARG D 316 18.94 -9.48 -34.70
CA ARG D 316 18.53 -9.19 -36.07
C ARG D 316 19.45 -9.83 -37.10
N ALA D 317 20.76 -9.86 -36.82
CA ALA D 317 21.73 -10.42 -37.76
C ALA D 317 21.77 -11.94 -37.73
N ALA D 318 21.49 -12.55 -36.58
CA ALA D 318 21.51 -14.00 -36.46
C ALA D 318 20.40 -14.60 -37.29
N PRO D 319 20.76 -15.52 -38.20
CA PRO D 319 19.73 -16.11 -39.07
C PRO D 319 18.71 -16.94 -38.29
N LEU D 320 17.53 -17.14 -38.90
CA LEU D 320 16.50 -18.01 -38.34
C LEU D 320 17.07 -19.42 -38.21
N SER D 321 16.66 -20.16 -37.17
CA SER D 321 17.22 -21.48 -36.99
C SER D 321 16.20 -22.50 -36.57
N ARG D 322 16.37 -23.74 -37.05
CA ARG D 322 15.54 -24.85 -36.59
C ARG D 322 16.30 -25.79 -35.63
N ASP D 323 17.48 -25.37 -35.16
CA ASP D 323 18.26 -26.16 -34.22
C ASP D 323 17.75 -25.80 -32.81
N PRO D 324 17.26 -26.77 -32.03
CA PRO D 324 16.71 -26.44 -30.71
C PRO D 324 17.70 -25.81 -29.73
N THR D 325 19.00 -26.11 -29.83
CA THR D 325 19.98 -25.49 -28.93
C THR D 325 20.06 -23.99 -29.21
N GLU D 326 20.09 -23.62 -30.48
CA GLU D 326 20.16 -22.24 -30.91
C GLU D 326 18.86 -21.48 -30.51
N VAL D 327 17.70 -22.14 -30.71
CA VAL D 327 16.41 -21.54 -30.36
C VAL D 327 16.29 -21.33 -28.85
N THR D 328 16.72 -22.32 -28.06
CA THR D 328 16.70 -22.23 -26.60
C THR D 328 17.64 -21.11 -26.15
N ALA D 329 18.84 -21.00 -26.78
CA ALA D 329 19.82 -19.98 -26.41
C ALA D 329 19.28 -18.56 -26.50
N ILE D 330 18.63 -18.19 -27.63
CA ILE D 330 18.10 -16.83 -27.78
C ILE D 330 16.95 -16.58 -26.82
N GLY D 331 16.11 -17.59 -26.58
CA GLY D 331 15.01 -17.46 -25.61
C GLY D 331 15.55 -17.25 -24.21
N ALA D 332 16.62 -17.99 -23.84
CA ALA D 332 17.24 -17.87 -22.52
C ALA D 332 17.90 -16.51 -22.32
N VAL D 333 18.60 -15.98 -23.33
CA VAL D 333 19.27 -14.68 -23.23
C VAL D 333 18.21 -13.57 -23.12
N GLU D 334 17.11 -13.70 -23.88
CA GLU D 334 16.01 -12.74 -23.81
CA GLU D 334 16.01 -12.74 -23.81
C GLU D 334 15.40 -12.76 -22.40
N ALA D 335 15.16 -13.97 -21.85
CA ALA D 335 14.60 -14.14 -20.51
C ALA D 335 15.54 -13.56 -19.45
N ALA D 336 16.87 -13.78 -19.60
CA ALA D 336 17.85 -13.25 -18.64
C ALA D 336 17.81 -11.72 -18.58
N PHE D 337 17.72 -11.06 -19.74
CA PHE D 337 17.63 -9.60 -19.79
C PHE D 337 16.32 -9.09 -19.17
N LYS D 338 15.21 -9.81 -19.38
CA LYS D 338 13.91 -9.42 -18.85
C LYS D 338 13.87 -9.35 -17.32
N CYS D 339 14.56 -10.26 -16.63
CA CYS D 339 14.54 -10.31 -15.19
C CYS D 339 15.82 -9.88 -14.52
N CYS D 340 16.81 -9.33 -15.27
CA CYS D 340 18.13 -8.97 -14.73
C CYS D 340 18.74 -10.17 -14.06
N ALA D 341 18.67 -11.35 -14.71
CA ALA D 341 19.19 -12.57 -14.13
C ALA D 341 20.69 -12.42 -13.80
N ALA D 342 21.13 -12.95 -12.66
CA ALA D 342 22.53 -12.89 -12.27
C ALA D 342 23.36 -13.87 -13.13
N ALA D 343 22.74 -14.99 -13.56
CA ALA D 343 23.45 -15.97 -14.36
C ALA D 343 22.50 -16.84 -15.21
N ILE D 344 23.05 -17.47 -16.25
CA ILE D 344 22.40 -18.48 -17.03
C ILE D 344 23.25 -19.72 -16.74
N ILE D 345 22.69 -20.72 -16.07
CA ILE D 345 23.42 -21.94 -15.76
C ILE D 345 23.11 -22.93 -16.87
N VAL D 346 24.14 -23.43 -17.56
CA VAL D 346 23.94 -24.34 -18.67
C VAL D 346 24.76 -25.63 -18.49
N LEU D 347 24.14 -26.77 -18.80
CA LEU D 347 24.86 -28.04 -18.78
C LEU D 347 25.37 -28.27 -20.20
N THR D 348 26.64 -28.61 -20.35
CA THR D 348 27.21 -28.82 -21.67
C THR D 348 28.28 -29.92 -21.66
N THR D 349 28.33 -30.72 -22.72
CA THR D 349 29.31 -31.80 -22.85
C THR D 349 30.50 -31.33 -23.67
N THR D 350 30.24 -30.63 -24.79
CA THR D 350 31.26 -30.14 -25.70
C THR D 350 31.57 -28.63 -25.56
N GLY D 351 30.72 -27.91 -24.85
CA GLY D 351 30.80 -26.44 -24.73
C GLY D 351 29.83 -25.72 -25.67
N ARG D 352 29.29 -26.41 -26.68
CA ARG D 352 28.44 -25.79 -27.72
C ARG D 352 27.21 -25.03 -27.18
N SER D 353 26.47 -25.59 -26.20
CA SER D 353 25.30 -24.88 -25.65
C SER D 353 25.72 -23.57 -24.99
N ALA D 354 26.91 -23.55 -24.33
CA ALA D 354 27.40 -22.32 -23.70
C ALA D 354 27.86 -21.32 -24.77
N GLN D 355 28.51 -21.78 -25.83
CA GLN D 355 28.94 -20.92 -26.92
C GLN D 355 27.74 -20.23 -27.61
N LEU D 356 26.63 -20.95 -27.79
CA LEU D 356 25.43 -20.36 -28.42
C LEU D 356 24.76 -19.32 -27.52
N LEU D 357 24.90 -19.44 -26.21
CA LEU D 357 24.38 -18.42 -25.29
C LEU D 357 25.29 -17.17 -25.36
N SER D 358 26.62 -17.40 -25.32
CA SER D 358 27.67 -16.37 -25.36
C SER D 358 27.58 -15.47 -26.62
N ARG D 359 27.22 -16.05 -27.75
CA ARG D 359 27.16 -15.29 -29.01
C ARG D 359 26.14 -14.13 -28.95
N TYR D 360 25.12 -14.22 -28.04
CA TYR D 360 24.15 -13.13 -27.90
C TYR D 360 24.57 -12.08 -26.88
N ARG D 361 25.79 -12.20 -26.31
CA ARG D 361 26.36 -11.29 -25.36
C ARG D 361 25.43 -10.91 -24.20
N PRO D 362 24.95 -11.92 -23.43
CA PRO D 362 24.14 -11.58 -22.27
C PRO D 362 24.98 -10.83 -21.22
N ARG D 363 24.33 -9.98 -20.43
CA ARG D 363 24.97 -9.35 -19.29
C ARG D 363 25.13 -10.45 -18.19
N ALA D 364 24.13 -11.39 -18.07
CA ALA D 364 24.18 -12.50 -17.14
C ALA D 364 25.36 -13.39 -17.46
N ALA D 365 26.10 -13.81 -16.44
CA ALA D 365 27.24 -14.72 -16.58
C ALA D 365 26.70 -16.07 -17.08
N VAL D 366 27.42 -16.73 -17.99
CA VAL D 366 27.01 -18.05 -18.47
C VAL D 366 27.85 -19.06 -17.67
N ILE D 367 27.26 -19.68 -16.67
CA ILE D 367 27.94 -20.65 -15.84
C ILE D 367 27.76 -22.02 -16.50
N ALA D 368 28.84 -22.54 -17.08
CA ALA D 368 28.78 -23.79 -17.82
C ALA D 368 29.28 -24.96 -16.98
N VAL D 369 28.39 -25.90 -16.67
CA VAL D 369 28.73 -27.08 -15.89
C VAL D 369 28.99 -28.24 -16.83
N THR D 370 30.19 -28.81 -16.75
CA THR D 370 30.57 -29.89 -17.64
C THR D 370 31.41 -30.95 -16.93
N ARG D 371 31.34 -32.18 -17.41
CA ARG D 371 32.22 -33.24 -16.92
C ARG D 371 33.50 -33.33 -17.76
N SER D 372 33.51 -32.73 -18.95
CA SER D 372 34.66 -32.78 -19.85
C SER D 372 35.69 -31.77 -19.39
N ALA D 373 36.83 -32.26 -18.92
CA ALA D 373 37.92 -31.38 -18.50
C ALA D 373 38.41 -30.53 -19.69
N GLN D 374 38.45 -31.10 -20.88
CA GLN D 374 38.86 -30.36 -22.06
C GLN D 374 37.86 -29.27 -22.47
N ALA D 375 36.55 -29.58 -22.46
CA ALA D 375 35.54 -28.57 -22.80
C ALA D 375 35.57 -27.43 -21.77
N ALA D 376 35.79 -27.76 -20.49
CA ALA D 376 35.89 -26.75 -19.43
C ALA D 376 37.04 -25.78 -19.72
N ARG D 377 38.18 -26.29 -20.19
CA ARG D 377 39.29 -25.42 -20.56
C ARG D 377 38.98 -24.61 -21.84
N GLN D 378 38.46 -25.27 -22.87
CA GLN D 378 38.22 -24.61 -24.17
C GLN D 378 37.14 -23.52 -24.16
N VAL D 379 36.11 -23.61 -23.28
CA VAL D 379 35.05 -22.60 -23.28
C VAL D 379 35.51 -21.22 -22.80
N HIS D 380 36.74 -21.12 -22.23
CA HIS D 380 37.32 -19.81 -21.91
C HIS D 380 37.47 -18.96 -23.20
N LEU D 381 37.45 -19.58 -24.39
CA LEU D 381 37.53 -18.83 -25.65
C LEU D 381 36.28 -17.98 -25.89
N CYS D 382 35.14 -18.30 -25.23
CA CYS D 382 33.86 -17.60 -25.43
C CYS D 382 33.59 -16.62 -24.33
N ARG D 383 33.37 -15.34 -24.70
CA ARG D 383 33.13 -14.31 -23.68
C ARG D 383 31.97 -14.64 -22.77
N GLY D 384 32.21 -14.46 -21.48
CA GLY D 384 31.16 -14.62 -20.48
C GLY D 384 30.83 -16.02 -20.10
N VAL D 385 31.63 -17.01 -20.53
CA VAL D 385 31.41 -18.40 -20.14
C VAL D 385 32.37 -18.72 -18.99
N PHE D 386 31.81 -19.11 -17.86
CA PHE D 386 32.53 -19.44 -16.64
C PHE D 386 32.43 -20.95 -16.45
N PRO D 387 33.48 -21.68 -16.84
CA PRO D 387 33.42 -23.15 -16.75
C PRO D 387 33.63 -23.75 -15.35
N LEU D 388 32.76 -24.70 -15.01
CA LEU D 388 32.84 -25.42 -13.74
C LEU D 388 32.98 -26.90 -14.08
N LEU D 389 34.07 -27.52 -13.62
CA LEU D 389 34.32 -28.91 -13.87
C LEU D 389 33.66 -29.78 -12.78
N TYR D 390 32.69 -30.58 -13.21
CA TYR D 390 31.93 -31.46 -12.33
C TYR D 390 32.63 -32.83 -12.30
N ARG D 391 32.97 -33.31 -11.13
CA ARG D 391 33.76 -34.54 -11.00
C ARG D 391 33.01 -35.76 -10.54
N GLU D 392 31.79 -35.59 -10.00
CA GLU D 392 31.02 -36.73 -9.50
C GLU D 392 30.56 -37.68 -10.58
N PRO D 393 30.58 -39.00 -10.31
CA PRO D 393 30.09 -39.96 -11.29
C PRO D 393 28.58 -39.84 -11.47
N PRO D 394 28.06 -40.23 -12.64
CA PRO D 394 26.61 -40.10 -12.87
C PRO D 394 25.69 -40.80 -11.89
N GLU D 395 24.64 -40.11 -11.45
CA GLU D 395 23.59 -40.65 -10.60
C GLU D 395 22.81 -41.71 -11.39
N ALA D 396 22.15 -42.65 -10.69
CA ALA D 396 21.37 -43.69 -11.34
C ALA D 396 20.17 -43.07 -12.07
N ILE D 397 19.52 -42.05 -11.48
CA ILE D 397 18.41 -41.39 -12.12
C ILE D 397 18.93 -40.14 -12.83
N TRP D 398 18.79 -40.10 -14.16
CA TRP D 398 19.31 -39.01 -14.98
C TRP D 398 18.80 -37.63 -14.55
N ALA D 399 17.51 -37.49 -14.24
CA ALA D 399 16.96 -36.21 -13.76
C ALA D 399 17.65 -35.75 -12.46
N ASP D 400 18.04 -36.69 -11.58
CA ASP D 400 18.75 -36.32 -10.36
C ASP D 400 20.18 -35.88 -10.70
N ASP D 401 20.82 -36.52 -11.67
CA ASP D 401 22.18 -36.16 -12.08
C ASP D 401 22.18 -34.74 -12.66
N VAL D 402 21.14 -34.40 -13.43
CA VAL D 402 20.95 -33.09 -14.02
C VAL D 402 20.79 -32.06 -12.90
N ASP D 403 19.89 -32.32 -11.95
CA ASP D 403 19.66 -31.45 -10.81
C ASP D 403 20.88 -31.24 -9.94
N ARG D 404 21.68 -32.29 -9.71
CA ARG D 404 22.89 -32.16 -8.91
C ARG D 404 23.91 -31.24 -9.58
N ARG D 405 23.98 -31.29 -10.91
CA ARG D 405 24.87 -30.44 -11.66
C ARG D 405 24.41 -28.98 -11.63
N VAL D 406 23.10 -28.73 -11.69
CA VAL D 406 22.56 -27.39 -11.60
C VAL D 406 22.86 -26.83 -10.18
N GLN D 407 22.67 -27.65 -9.13
CA GLN D 407 22.96 -27.24 -7.77
C GLN D 407 24.44 -26.97 -7.56
N PHE D 408 25.31 -27.72 -8.23
CA PHE D 408 26.73 -27.50 -8.18
C PHE D 408 27.07 -26.11 -8.80
N GLY D 409 26.39 -25.74 -9.88
CA GLY D 409 26.54 -24.44 -10.51
C GLY D 409 26.09 -23.32 -9.56
N ILE D 410 24.96 -23.51 -8.88
CA ILE D 410 24.46 -22.56 -7.90
C ILE D 410 25.43 -22.41 -6.71
N GLU D 411 25.88 -23.52 -6.13
CA GLU D 411 26.80 -23.50 -4.98
C GLU D 411 28.14 -22.89 -5.33
N SER D 412 28.66 -23.20 -6.54
CA SER D 412 29.90 -22.59 -6.99
C SER D 412 29.70 -21.09 -7.19
N GLY D 413 28.57 -20.71 -7.81
CA GLY D 413 28.21 -19.32 -8.07
C GLY D 413 28.08 -18.50 -6.80
N LYS D 414 27.49 -19.10 -5.74
CA LYS D 414 27.34 -18.42 -4.45
C LYS D 414 28.72 -18.20 -3.82
N LEU D 415 29.55 -19.23 -3.80
CA LEU D 415 30.88 -19.15 -3.21
C LEU D 415 31.76 -18.13 -3.92
N ARG D 416 31.66 -18.06 -5.25
CA ARG D 416 32.48 -17.15 -6.04
C ARG D 416 31.96 -15.71 -6.16
N GLY D 417 30.77 -15.45 -5.62
CA GLY D 417 30.18 -14.12 -5.67
C GLY D 417 29.29 -13.84 -6.87
N PHE D 418 29.07 -14.83 -7.74
CA PHE D 418 28.20 -14.67 -8.91
C PHE D 418 26.72 -14.57 -8.51
N LEU D 419 26.33 -15.31 -7.48
CA LEU D 419 24.94 -15.44 -7.07
C LEU D 419 24.74 -15.21 -5.61
N ARG D 420 23.54 -14.76 -5.28
CA ARG D 420 23.08 -14.55 -3.91
C ARG D 420 21.64 -15.04 -3.82
N VAL D 421 21.18 -15.33 -2.60
CA VAL D 421 19.79 -15.71 -2.32
C VAL D 421 18.86 -14.59 -2.78
N GLY D 422 17.80 -14.94 -3.49
CA GLY D 422 16.88 -13.94 -4.04
C GLY D 422 17.14 -13.61 -5.49
N ASP D 423 18.34 -13.95 -6.02
CA ASP D 423 18.63 -13.70 -7.43
C ASP D 423 17.77 -14.64 -8.32
N LEU D 424 17.53 -14.24 -9.55
CA LEU D 424 16.88 -15.11 -10.52
C LEU D 424 17.98 -15.64 -11.43
N VAL D 425 17.86 -16.88 -11.83
CA VAL D 425 18.78 -17.51 -12.77
C VAL D 425 17.93 -18.18 -13.86
N ILE D 426 18.50 -18.31 -15.06
CA ILE D 426 17.92 -19.03 -16.17
C ILE D 426 18.71 -20.33 -16.26
N VAL D 427 18.02 -21.48 -16.24
CA VAL D 427 18.69 -22.77 -16.29
C VAL D 427 18.43 -23.44 -17.63
N VAL D 428 19.50 -23.81 -18.35
CA VAL D 428 19.41 -24.38 -19.68
C VAL D 428 19.92 -25.81 -19.67
N THR D 429 19.02 -26.75 -20.00
CA THR D 429 19.29 -28.19 -20.00
C THR D 429 18.69 -28.82 -21.28
N GLY D 430 18.80 -30.14 -21.42
CA GLY D 430 18.27 -30.89 -22.55
C GLY D 430 17.32 -32.00 -22.13
N TRP D 431 16.68 -32.64 -23.10
CA TRP D 431 15.64 -33.66 -22.80
C TRP D 431 16.16 -35.09 -22.64
N ARG D 432 17.42 -35.34 -23.04
CA ARG D 432 18.02 -36.65 -22.92
C ARG D 432 19.55 -36.52 -22.74
N PRO D 433 20.22 -37.57 -22.22
CA PRO D 433 21.70 -37.50 -22.08
C PRO D 433 22.41 -37.42 -23.43
N GLY D 434 23.66 -36.98 -23.39
CA GLY D 434 24.46 -36.83 -24.60
C GLY D 434 24.38 -35.44 -25.17
N SER D 435 25.40 -35.05 -25.94
CA SER D 435 25.52 -33.75 -26.57
CA SER D 435 25.49 -33.73 -26.57
C SER D 435 24.48 -33.57 -27.69
N GLY D 436 24.05 -32.32 -27.91
CA GLY D 436 23.18 -31.96 -29.03
C GLY D 436 21.69 -31.89 -28.75
N TYR D 437 21.27 -32.15 -27.51
CA TYR D 437 19.84 -32.18 -27.18
C TYR D 437 19.34 -31.08 -26.24
N THR D 438 20.08 -29.97 -26.13
CA THR D 438 19.62 -28.84 -25.31
C THR D 438 18.32 -28.28 -25.92
N ASN D 439 17.28 -28.15 -25.09
CA ASN D 439 16.00 -27.66 -25.60
C ASN D 439 15.12 -27.08 -24.49
N ILE D 440 15.62 -26.90 -23.27
CA ILE D 440 14.83 -26.43 -22.15
C ILE D 440 15.44 -25.22 -21.48
N MET D 441 14.60 -24.23 -21.16
CA MET D 441 14.99 -23.03 -20.46
C MET D 441 14.02 -22.90 -19.24
N ARG D 442 14.57 -22.67 -18.05
CA ARG D 442 13.76 -22.59 -16.84
C ARG D 442 14.13 -21.39 -15.92
N VAL D 443 13.13 -20.66 -15.42
CA VAL D 443 13.37 -19.49 -14.55
C VAL D 443 13.36 -19.95 -13.10
N LEU D 444 14.50 -19.83 -12.40
CA LEU D 444 14.66 -20.31 -11.04
C LEU D 444 15.08 -19.22 -10.06
N SER D 445 14.48 -19.23 -8.89
CA SER D 445 14.83 -18.29 -7.82
C SER D 445 15.90 -18.95 -6.95
N ILE D 446 16.98 -18.23 -6.65
CA ILE D 446 18.04 -18.76 -5.80
C ILE D 446 17.59 -18.78 -4.33
N SER D 447 17.60 -19.95 -3.71
CA SER D 447 17.24 -20.09 -2.30
C SER D 447 18.50 -20.43 -1.45
N ALA E 25 11.83 -14.01 30.45
CA ALA E 25 11.64 -13.07 31.56
C ALA E 25 10.47 -13.49 32.47
N PHE E 26 10.48 -12.98 33.70
CA PHE E 26 9.48 -13.23 34.73
C PHE E 26 8.06 -12.88 34.23
N PHE E 27 7.93 -11.73 33.56
CA PHE E 27 6.64 -11.25 33.10
C PHE E 27 6.10 -11.95 31.84
N GLN E 28 6.86 -12.89 31.26
CA GLN E 28 6.38 -13.65 30.12
C GLN E 28 5.80 -15.01 30.55
N GLN E 29 6.29 -15.56 31.70
CA GLN E 29 5.88 -16.84 32.28
C GLN E 29 4.50 -16.75 32.96
N GLN E 30 3.96 -17.93 33.38
CA GLN E 30 2.70 -18.12 34.09
C GLN E 30 1.53 -17.27 33.56
N GLN E 31 1.44 -17.11 32.23
CA GLN E 31 0.40 -16.33 31.55
C GLN E 31 0.25 -14.91 32.13
N LEU E 32 1.35 -14.31 32.58
CA LEU E 32 1.29 -12.96 33.16
C LEU E 32 0.79 -11.91 32.15
N PRO E 33 1.16 -11.92 30.85
CA PRO E 33 0.53 -10.96 29.92
C PRO E 33 -1.01 -11.09 29.89
N ALA E 34 -1.53 -12.33 29.85
CA ALA E 34 -2.98 -12.55 29.88
C ALA E 34 -3.60 -12.14 31.22
N ALA E 35 -2.85 -12.27 32.31
CA ALA E 35 -3.28 -11.89 33.65
C ALA E 35 -3.44 -10.36 33.79
N MET E 36 -2.58 -9.58 33.14
CA MET E 36 -2.64 -8.12 33.22
C MET E 36 -3.63 -7.49 32.23
N ALA E 37 -4.38 -8.29 31.46
CA ALA E 37 -5.31 -7.75 30.45
C ALA E 37 -6.44 -6.96 31.03
N ASP E 38 -6.89 -5.93 30.30
CA ASP E 38 -7.96 -5.04 30.74
C ASP E 38 -9.36 -5.62 30.56
N THR E 39 -9.52 -6.61 29.67
CA THR E 39 -10.83 -7.23 29.44
C THR E 39 -10.66 -8.76 29.37
N PHE E 40 -11.75 -9.51 29.55
CA PHE E 40 -11.71 -10.96 29.43
C PHE E 40 -11.38 -11.35 27.98
N LEU E 41 -11.89 -10.59 26.98
CA LEU E 41 -11.57 -10.84 25.57
C LEU E 41 -10.04 -10.74 25.34
N GLU E 42 -9.42 -9.65 25.81
CA GLU E 42 -7.97 -9.46 25.69
CA GLU E 42 -7.97 -9.48 25.67
C GLU E 42 -7.21 -10.56 26.45
N HIS E 43 -7.74 -10.97 27.60
CA HIS E 43 -7.14 -12.04 28.42
C HIS E 43 -7.07 -13.34 27.58
N LEU E 44 -8.17 -13.70 26.90
CA LEU E 44 -8.18 -14.88 26.04
C LEU E 44 -7.18 -14.73 24.90
N CYS E 45 -7.18 -13.57 24.21
CA CYS E 45 -6.29 -13.29 23.08
C CYS E 45 -4.81 -13.39 23.45
N LEU E 46 -4.47 -13.15 24.73
CA LEU E 46 -3.08 -13.18 25.19
C LEU E 46 -2.61 -14.50 25.76
N LEU E 47 -3.49 -15.52 25.86
CA LEU E 47 -3.08 -16.86 26.35
C LEU E 47 -2.01 -17.42 25.41
N ASP E 48 -0.92 -17.91 25.98
CA ASP E 48 0.25 -18.31 25.21
C ASP E 48 0.71 -19.72 25.57
N ILE E 49 0.70 -20.63 24.60
CA ILE E 49 1.16 -22.01 24.82
C ILE E 49 2.65 -22.09 25.19
N ASP E 50 3.43 -21.05 24.89
CA ASP E 50 4.86 -20.99 25.24
C ASP E 50 5.10 -20.37 26.62
N SER E 51 4.07 -19.86 27.30
CA SER E 51 4.21 -19.27 28.62
C SER E 51 4.10 -20.41 29.65
N GLU E 52 5.24 -20.82 30.20
CA GLU E 52 5.30 -21.96 31.11
C GLU E 52 4.83 -21.67 32.53
N PRO E 53 4.09 -22.62 33.13
CA PRO E 53 3.64 -22.41 34.51
C PRO E 53 4.84 -22.43 35.48
N VAL E 54 4.79 -21.61 36.51
CA VAL E 54 5.88 -21.54 37.49
C VAL E 54 5.38 -21.91 38.88
N ALA E 55 4.17 -21.48 39.23
CA ALA E 55 3.57 -21.78 40.51
C ALA E 55 3.31 -23.28 40.71
N ALA E 56 3.27 -23.72 41.97
CA ALA E 56 2.96 -25.09 42.29
C ALA E 56 1.47 -25.34 41.98
N ARG E 57 1.13 -26.57 41.59
CA ARG E 57 -0.24 -26.93 41.25
C ARG E 57 -1.14 -26.79 42.47
N SER E 58 -2.16 -25.95 42.37
CA SER E 58 -3.03 -25.60 43.49
C SER E 58 -4.34 -26.38 43.62
N THR E 59 -4.86 -26.96 42.54
CA THR E 59 -6.12 -27.71 42.60
C THR E 59 -5.77 -29.13 43.03
N SER E 60 -6.34 -29.59 44.16
CA SER E 60 -6.03 -30.94 44.65
C SER E 60 -6.61 -32.03 43.79
N ILE E 61 -5.92 -33.17 43.77
CA ILE E 61 -6.36 -34.34 43.03
C ILE E 61 -6.84 -35.40 44.01
N ILE E 62 -8.07 -35.87 43.79
CA ILE E 62 -8.64 -36.96 44.57
C ILE E 62 -8.56 -38.20 43.69
N ALA E 63 -7.93 -39.26 44.18
CA ALA E 63 -7.83 -40.51 43.41
C ALA E 63 -8.59 -41.60 44.15
N THR E 64 -9.45 -42.33 43.44
CA THR E 64 -10.21 -43.42 44.04
C THR E 64 -9.34 -44.65 44.14
N ILE E 65 -9.28 -45.27 45.31
CA ILE E 65 -8.48 -46.47 45.54
C ILE E 65 -9.27 -47.72 45.15
N GLY E 66 -8.61 -48.64 44.48
CA GLY E 66 -9.20 -49.90 44.07
C GLY E 66 -8.13 -50.90 43.67
N PRO E 67 -8.52 -51.99 42.97
CA PRO E 67 -7.51 -52.99 42.57
C PRO E 67 -6.30 -52.46 41.82
N ALA E 68 -6.49 -51.43 40.99
CA ALA E 68 -5.39 -50.86 40.21
C ALA E 68 -4.48 -49.92 41.00
N SER E 69 -4.89 -49.49 42.19
CA SER E 69 -4.14 -48.51 42.95
C SER E 69 -4.03 -48.84 44.44
N ARG E 70 -4.12 -50.12 44.79
CA ARG E 70 -4.13 -50.56 46.18
C ARG E 70 -2.78 -50.90 46.78
N SER E 71 -1.82 -51.38 45.98
CA SER E 71 -0.52 -51.77 46.53
C SER E 71 0.27 -50.59 47.04
N VAL E 72 1.08 -50.81 48.08
CA VAL E 72 1.89 -49.76 48.69
C VAL E 72 2.86 -49.13 47.68
N GLU E 73 3.46 -49.96 46.82
CA GLU E 73 4.38 -49.46 45.80
C GLU E 73 3.67 -48.57 44.78
N ARG E 74 2.45 -48.96 44.37
CA ARG E 74 1.65 -48.18 43.41
C ARG E 74 1.21 -46.87 44.07
N LEU E 75 0.81 -46.92 45.34
CA LEU E 75 0.40 -45.73 46.09
C LEU E 75 1.53 -44.72 46.25
N LYS E 76 2.79 -45.19 46.38
CA LYS E 76 3.95 -44.30 46.47
C LYS E 76 4.12 -43.54 45.16
N GLU E 77 3.94 -44.23 44.02
CA GLU E 77 4.03 -43.57 42.71
C GLU E 77 2.89 -42.56 42.53
N MET E 78 1.70 -42.86 43.05
CA MET E 78 0.56 -41.95 42.94
CA MET E 78 0.56 -41.95 42.94
C MET E 78 0.75 -40.71 43.79
N ILE E 79 1.40 -40.83 44.97
CA ILE E 79 1.68 -39.69 45.82
C ILE E 79 2.69 -38.79 45.10
N LYS E 80 3.73 -39.38 44.51
CA LYS E 80 4.74 -38.66 43.75
C LYS E 80 4.15 -38.00 42.49
N ALA E 81 3.15 -38.62 41.87
CA ALA E 81 2.48 -38.07 40.70
C ALA E 81 1.58 -36.86 41.05
N GLY E 82 1.13 -36.76 42.30
CA GLY E 82 0.32 -35.63 42.73
C GLY E 82 -0.94 -35.91 43.50
N MET E 83 -1.24 -37.18 43.82
CA MET E 83 -2.45 -37.50 44.59
C MET E 83 -2.43 -36.82 45.97
N ASN E 84 -3.49 -36.07 46.30
CA ASN E 84 -3.56 -35.37 47.60
C ASN E 84 -4.59 -36.00 48.51
N ILE E 85 -5.66 -36.59 47.94
CA ILE E 85 -6.74 -37.20 48.70
C ILE E 85 -7.03 -38.58 48.13
N ALA E 86 -7.08 -39.60 49.00
CA ALA E 86 -7.40 -40.96 48.60
C ALA E 86 -8.87 -41.20 48.92
N ARG E 87 -9.67 -41.56 47.91
CA ARG E 87 -11.10 -41.80 48.10
C ARG E 87 -11.39 -43.30 48.19
N LEU E 88 -12.14 -43.70 49.22
CA LEU E 88 -12.55 -45.09 49.40
C LEU E 88 -14.02 -45.15 49.05
N ASN E 89 -14.38 -45.86 47.98
CA ASN E 89 -15.77 -45.96 47.56
C ASN E 89 -16.48 -47.11 48.30
N PHE E 90 -17.29 -46.77 49.30
CA PHE E 90 -18.00 -47.78 50.09
C PHE E 90 -19.21 -48.40 49.38
N SER E 91 -19.42 -48.08 48.10
CA SER E 91 -20.46 -48.76 47.31
C SER E 91 -20.01 -50.21 47.01
N HIS E 92 -18.69 -50.51 47.05
CA HIS E 92 -18.16 -51.84 46.81
C HIS E 92 -17.10 -52.17 47.87
N GLY E 93 -16.90 -53.46 48.12
CA GLY E 93 -15.88 -53.90 49.07
C GLY E 93 -16.33 -53.93 50.51
N SER E 94 -15.80 -54.87 51.26
CA SER E 94 -16.13 -55.04 52.67
C SER E 94 -15.33 -54.07 53.55
N HIS E 95 -15.66 -54.02 54.86
CA HIS E 95 -14.91 -53.20 55.80
C HIS E 95 -13.45 -53.68 55.88
N GLU E 96 -13.22 -54.99 55.76
CA GLU E 96 -11.87 -55.56 55.79
C GLU E 96 -11.06 -55.07 54.58
N TYR E 97 -11.69 -55.02 53.41
CA TYR E 97 -11.06 -54.55 52.18
C TYR E 97 -10.65 -53.08 52.35
N HIS E 98 -11.58 -52.23 52.82
CA HIS E 98 -11.30 -50.80 53.01
C HIS E 98 -10.27 -50.53 54.10
N ALA E 99 -10.24 -51.34 55.18
CA ALA E 99 -9.24 -51.16 56.22
C ALA E 99 -7.83 -51.45 55.67
N GLU E 100 -7.73 -52.43 54.77
CA GLU E 100 -6.44 -52.75 54.15
C GLU E 100 -6.00 -51.64 53.20
N SER E 101 -6.95 -51.04 52.47
CA SER E 101 -6.67 -49.90 51.58
C SER E 101 -6.12 -48.73 52.42
N ILE E 102 -6.78 -48.40 53.55
CA ILE E 102 -6.36 -47.33 54.46
C ILE E 102 -4.95 -47.59 54.99
N ALA E 103 -4.66 -48.83 55.41
CA ALA E 103 -3.35 -49.19 55.91
C ALA E 103 -2.28 -49.04 54.83
N ASN E 104 -2.60 -49.44 53.59
CA ASN E 104 -1.65 -49.33 52.47
C ASN E 104 -1.38 -47.87 52.12
N VAL E 105 -2.42 -47.02 52.16
CA VAL E 105 -2.27 -45.59 51.91
C VAL E 105 -1.37 -44.99 52.98
N ARG E 106 -1.68 -45.25 54.26
CA ARG E 106 -0.88 -44.73 55.37
C ARG E 106 0.56 -45.19 55.33
N GLU E 107 0.82 -46.46 54.95
CA GLU E 107 2.18 -46.95 54.83
C GLU E 107 2.94 -46.19 53.74
N ALA E 108 2.30 -46.00 52.57
CA ALA E 108 2.91 -45.26 51.47
C ALA E 108 3.17 -43.79 51.84
N VAL E 109 2.21 -43.14 52.51
CA VAL E 109 2.34 -41.74 52.95
C VAL E 109 3.46 -41.59 53.97
N GLU E 110 3.48 -42.46 54.98
CA GLU E 110 4.48 -42.38 56.04
C GLU E 110 5.87 -42.82 55.60
N SER E 111 6.01 -43.46 54.42
CA SER E 111 7.34 -43.79 53.89
C SER E 111 8.17 -42.53 53.54
N PHE E 112 7.53 -41.35 53.48
CA PHE E 112 8.18 -40.09 53.17
C PHE E 112 8.33 -39.19 54.43
N ALA E 113 7.87 -39.64 55.63
CA ALA E 113 7.93 -38.88 56.88
C ALA E 113 9.34 -38.65 57.44
N GLY E 114 10.32 -39.43 56.97
CA GLY E 114 11.71 -39.30 57.39
C GLY E 114 12.35 -37.96 57.06
N SER E 115 11.79 -37.25 56.06
CA SER E 115 12.25 -35.94 55.66
C SER E 115 11.08 -34.96 55.86
N PRO E 116 10.99 -34.36 57.07
CA PRO E 116 9.86 -33.45 57.36
C PRO E 116 9.70 -32.25 56.45
N LEU E 117 10.78 -31.75 55.84
CA LEU E 117 10.72 -30.60 54.94
C LEU E 117 10.06 -30.92 53.58
N SER E 118 9.91 -32.20 53.23
CA SER E 118 9.29 -32.57 51.96
C SER E 118 8.07 -33.49 52.11
N TYR E 119 7.73 -33.92 53.35
CA TYR E 119 6.60 -34.79 53.63
C TYR E 119 5.29 -34.19 53.11
N ARG E 120 4.53 -35.00 52.39
CA ARG E 120 3.26 -34.55 51.85
C ARG E 120 2.11 -35.25 52.51
N PRO E 121 1.30 -34.52 53.30
CA PRO E 121 0.12 -35.14 53.87
C PRO E 121 -0.87 -35.59 52.79
N VAL E 122 -1.59 -36.69 53.04
CA VAL E 122 -2.59 -37.21 52.10
C VAL E 122 -3.84 -37.49 52.90
N ALA E 123 -4.97 -36.86 52.53
CA ALA E 123 -6.22 -37.07 53.23
C ALA E 123 -6.87 -38.40 52.82
N ILE E 124 -7.71 -38.94 53.70
CA ILE E 124 -8.46 -40.16 53.41
C ILE E 124 -9.93 -39.80 53.48
N ALA E 125 -10.64 -40.02 52.38
CA ALA E 125 -12.05 -39.67 52.27
C ALA E 125 -12.89 -40.93 52.10
N LEU E 126 -14.00 -41.01 52.83
CA LEU E 126 -14.91 -42.13 52.75
C LEU E 126 -16.11 -41.69 51.94
N ASP E 127 -16.39 -42.37 50.83
CA ASP E 127 -17.52 -42.03 49.99
C ASP E 127 -18.62 -43.06 50.26
N THR E 128 -19.73 -42.63 50.84
CA THR E 128 -20.81 -43.53 51.23
C THR E 128 -21.59 -44.16 50.07
N LYS E 129 -22.18 -45.33 50.34
CA LYS E 129 -23.00 -46.05 49.36
C LYS E 129 -24.26 -45.24 49.02
N GLY E 130 -24.86 -44.62 50.01
CA GLY E 130 -26.03 -43.78 49.80
C GLY E 130 -27.33 -44.37 50.33
N PRO E 131 -28.42 -43.61 50.18
CA PRO E 131 -29.73 -44.08 50.70
C PRO E 131 -30.40 -45.20 49.89
N GLY E 136 -33.78 -41.41 53.63
CA GLY E 136 -32.69 -40.81 54.38
C GLY E 136 -31.54 -41.77 54.63
N LEU E 137 -30.83 -41.56 55.75
CA LEU E 137 -29.65 -42.37 56.12
C LEU E 137 -29.92 -43.87 56.26
N SER E 138 -29.30 -44.66 55.38
CA SER E 138 -29.45 -46.12 55.37
C SER E 138 -28.68 -46.78 56.52
N GLU E 139 -29.04 -48.02 56.88
CA GLU E 139 -28.38 -48.75 57.94
C GLU E 139 -26.93 -49.08 57.59
N GLN E 140 -26.65 -49.35 56.31
CA GLN E 140 -25.28 -49.63 55.87
C GLN E 140 -24.44 -48.37 56.03
N ASP E 141 -24.99 -47.19 55.68
CA ASP E 141 -24.28 -45.92 55.84
C ASP E 141 -23.95 -45.65 57.29
N VAL E 142 -24.86 -45.97 58.23
CA VAL E 142 -24.60 -45.80 59.66
C VAL E 142 -23.37 -46.63 60.09
N ARG E 143 -23.31 -47.88 59.62
CA ARG E 143 -22.18 -48.76 59.94
C ARG E 143 -20.87 -48.32 59.28
N ASP E 144 -20.96 -47.84 58.02
CA ASP E 144 -19.79 -47.38 57.29
C ASP E 144 -19.24 -46.08 57.85
N LEU E 145 -20.11 -45.18 58.29
CA LEU E 145 -19.71 -43.93 58.91
C LEU E 145 -19.03 -44.19 60.25
N ARG E 146 -19.52 -45.20 61.00
CA ARG E 146 -18.92 -45.61 62.26
C ARG E 146 -17.52 -46.16 62.00
N PHE E 147 -17.36 -46.97 60.93
CA PHE E 147 -16.06 -47.51 60.51
C PHE E 147 -15.11 -46.35 60.20
N GLY E 148 -15.60 -45.33 59.50
CA GLY E 148 -14.82 -44.15 59.16
C GLY E 148 -14.25 -43.45 60.37
N VAL E 149 -15.08 -43.24 61.39
CA VAL E 149 -14.62 -42.62 62.64
C VAL E 149 -13.58 -43.50 63.34
N GLU E 150 -13.85 -44.82 63.43
CA GLU E 150 -12.92 -45.75 64.07
C GLU E 150 -11.58 -45.86 63.36
N HIS E 151 -11.58 -45.65 62.04
CA HIS E 151 -10.34 -45.70 61.26
C HIS E 151 -9.71 -44.32 60.98
N GLY E 152 -10.22 -43.26 61.62
CA GLY E 152 -9.68 -41.91 61.52
C GLY E 152 -9.71 -41.25 60.15
N VAL E 153 -10.80 -41.45 59.38
CA VAL E 153 -10.91 -40.79 58.07
C VAL E 153 -11.03 -39.28 58.26
N ASP E 154 -10.55 -38.50 57.28
CA ASP E 154 -10.57 -37.04 57.38
C ASP E 154 -11.83 -36.41 56.83
N ILE E 155 -12.40 -37.03 55.80
CA ILE E 155 -13.52 -36.48 55.05
C ILE E 155 -14.54 -37.54 54.74
N VAL E 156 -15.80 -37.13 54.63
CA VAL E 156 -16.88 -37.98 54.19
C VAL E 156 -17.48 -37.33 52.94
N PHE E 157 -17.58 -38.08 51.84
CA PHE E 157 -18.29 -37.62 50.65
C PHE E 157 -19.65 -38.30 50.81
N ALA E 158 -20.66 -37.54 51.29
CA ALA E 158 -21.98 -38.09 51.54
C ALA E 158 -22.81 -38.20 50.26
N SER E 159 -23.12 -39.42 49.83
CA SER E 159 -23.87 -39.64 48.60
C SER E 159 -25.33 -39.23 48.66
N PHE E 160 -25.85 -38.78 47.51
CA PHE E 160 -27.23 -38.38 47.29
C PHE E 160 -27.82 -37.47 48.37
N VAL E 161 -27.12 -36.35 48.67
CA VAL E 161 -27.64 -35.39 49.65
C VAL E 161 -28.74 -34.60 48.97
N ARG E 162 -29.95 -34.63 49.54
CA ARG E 162 -31.12 -33.96 48.96
C ARG E 162 -31.65 -32.78 49.76
N LYS E 163 -31.26 -32.66 51.01
CA LYS E 163 -31.74 -31.60 51.90
C LYS E 163 -30.82 -31.47 53.12
N ALA E 164 -30.97 -30.37 53.88
CA ALA E 164 -30.16 -30.12 55.07
C ALA E 164 -30.23 -31.24 56.13
N SER E 165 -31.42 -31.87 56.32
CA SER E 165 -31.55 -32.94 57.31
C SER E 165 -30.73 -34.19 56.96
N ASP E 166 -30.39 -34.38 55.67
CA ASP E 166 -29.54 -35.48 55.26
C ASP E 166 -28.13 -35.27 55.82
N VAL E 167 -27.64 -34.02 55.81
CA VAL E 167 -26.31 -33.67 56.32
C VAL E 167 -26.30 -33.84 57.86
N ALA E 168 -27.38 -33.40 58.52
CA ALA E 168 -27.49 -33.53 59.98
C ALA E 168 -27.46 -35.01 60.39
N ALA E 169 -28.09 -35.89 59.61
CA ALA E 169 -28.11 -37.34 59.87
C ALA E 169 -26.71 -37.93 59.74
N VAL E 170 -25.93 -37.49 58.73
CA VAL E 170 -24.55 -37.95 58.54
C VAL E 170 -23.71 -37.50 59.74
N ARG E 171 -23.87 -36.24 60.15
CA ARG E 171 -23.16 -35.66 61.28
C ARG E 171 -23.45 -36.44 62.57
N ALA E 172 -24.73 -36.79 62.81
CA ALA E 172 -25.14 -37.56 63.99
C ALA E 172 -24.52 -38.95 63.97
N ALA E 173 -24.50 -39.62 62.81
CA ALA E 173 -23.92 -40.96 62.66
C ALA E 173 -22.41 -40.99 62.90
N LEU E 174 -21.71 -39.85 62.72
CA LEU E 174 -20.29 -39.79 63.01
C LEU E 174 -20.00 -39.77 64.54
N GLY E 175 -21.02 -39.50 65.34
CA GLY E 175 -20.92 -39.51 66.80
C GLY E 175 -20.11 -38.38 67.39
N PRO E 176 -19.90 -38.43 68.72
CA PRO E 176 -19.14 -37.37 69.38
C PRO E 176 -17.64 -37.37 69.02
N GLU E 177 -17.10 -38.54 68.63
CA GLU E 177 -15.69 -38.63 68.26
C GLU E 177 -15.41 -38.18 66.80
N GLY E 178 -16.44 -38.00 65.99
CA GLY E 178 -16.25 -37.60 64.59
C GLY E 178 -16.62 -36.18 64.26
N HIS E 179 -16.59 -35.30 65.26
CA HIS E 179 -16.91 -33.88 65.10
C HIS E 179 -15.95 -33.14 64.16
N GLY E 180 -14.70 -33.59 64.09
CA GLY E 180 -13.68 -32.96 63.28
C GLY E 180 -13.65 -33.39 61.82
N ILE E 181 -14.42 -34.41 61.45
CA ILE E 181 -14.46 -34.91 60.08
C ILE E 181 -15.23 -33.93 59.19
N LYS E 182 -14.68 -33.62 58.00
CA LYS E 182 -15.34 -32.71 57.08
C LYS E 182 -16.41 -33.45 56.29
N ILE E 183 -17.60 -32.85 56.17
CA ILE E 183 -18.66 -33.45 55.38
C ILE E 183 -18.80 -32.70 54.07
N ILE E 184 -18.54 -33.40 52.96
CA ILE E 184 -18.68 -32.87 51.62
C ILE E 184 -19.95 -33.51 51.04
N SER E 185 -20.99 -32.71 50.82
CA SER E 185 -22.24 -33.25 50.29
C SER E 185 -22.19 -33.46 48.78
N LYS E 186 -22.54 -34.66 48.32
CA LYS E 186 -22.58 -34.95 46.90
C LYS E 186 -23.96 -34.60 46.35
N ILE E 187 -23.99 -33.71 45.34
CA ILE E 187 -25.24 -33.30 44.71
C ILE E 187 -25.37 -34.17 43.49
N GLU E 188 -26.37 -35.06 43.48
CA GLU E 188 -26.51 -36.07 42.43
C GLU E 188 -27.87 -36.11 41.76
N ASN E 189 -28.79 -35.23 42.13
CA ASN E 189 -30.14 -35.25 41.54
C ASN E 189 -30.78 -33.87 41.53
N HIS E 190 -31.97 -33.75 40.91
CA HIS E 190 -32.67 -32.48 40.79
C HIS E 190 -32.96 -31.86 42.15
N GLU E 191 -33.43 -32.65 43.13
CA GLU E 191 -33.73 -32.10 44.45
C GLU E 191 -32.50 -31.50 45.14
N GLY E 192 -31.35 -32.15 45.02
CA GLY E 192 -30.10 -31.63 45.59
C GLY E 192 -29.73 -30.29 44.99
N VAL E 193 -29.93 -30.12 43.67
CA VAL E 193 -29.65 -28.87 42.98
C VAL E 193 -30.62 -27.79 43.46
N LYS E 194 -31.92 -28.11 43.52
CA LYS E 194 -32.93 -27.14 43.97
C LYS E 194 -32.78 -26.72 45.42
N ARG E 195 -32.36 -27.66 46.28
CA ARG E 195 -32.13 -27.33 47.69
C ARG E 195 -30.66 -27.07 48.01
N PHE E 196 -29.86 -26.74 46.99
CA PHE E 196 -28.44 -26.47 47.13
C PHE E 196 -28.08 -25.50 48.27
N ASP E 197 -28.75 -24.34 48.34
CA ASP E 197 -28.39 -23.34 49.35
C ASP E 197 -28.49 -23.85 50.78
N GLU E 198 -29.57 -24.60 51.09
CA GLU E 198 -29.72 -25.14 52.45
C GLU E 198 -28.70 -26.26 52.73
N ILE E 199 -28.32 -27.01 51.70
CA ILE E 199 -27.33 -28.09 51.83
C ILE E 199 -25.94 -27.49 52.07
N LEU E 200 -25.54 -26.51 51.26
CA LEU E 200 -24.24 -25.85 51.40
C LEU E 200 -24.09 -25.20 52.77
N GLU E 201 -25.16 -24.56 53.27
CA GLU E 201 -25.14 -23.87 54.56
C GLU E 201 -24.67 -24.76 55.71
N VAL E 202 -25.09 -26.03 55.74
CA VAL E 202 -24.72 -26.97 56.81
C VAL E 202 -23.58 -27.92 56.44
N SER E 203 -23.07 -27.87 55.21
CA SER E 203 -21.98 -28.75 54.79
C SER E 203 -20.64 -28.03 54.85
N ASP E 204 -19.54 -28.79 54.90
CA ASP E 204 -18.21 -28.18 54.83
C ASP E 204 -17.84 -27.86 53.35
N GLY E 205 -18.47 -28.54 52.41
CA GLY E 205 -18.23 -28.37 50.99
C GLY E 205 -19.16 -29.22 50.14
N ILE E 206 -18.95 -29.20 48.82
CA ILE E 206 -19.82 -29.89 47.89
C ILE E 206 -19.04 -30.69 46.86
N MET E 207 -19.64 -31.79 46.38
CA MET E 207 -19.09 -32.50 45.25
C MET E 207 -20.14 -32.47 44.14
N VAL E 208 -19.74 -32.03 42.94
CA VAL E 208 -20.62 -32.07 41.78
C VAL E 208 -20.45 -33.50 41.25
N ALA E 209 -21.34 -34.41 41.67
CA ALA E 209 -21.24 -35.83 41.32
C ALA E 209 -21.95 -36.05 40.00
N ARG E 210 -21.23 -35.79 38.92
CA ARG E 210 -21.78 -35.75 37.56
C ARG E 210 -22.29 -37.07 37.00
N GLY E 211 -21.80 -38.20 37.49
CA GLY E 211 -22.28 -39.51 37.02
C GLY E 211 -23.77 -39.68 37.22
N ASP E 212 -24.23 -39.65 38.47
CA ASP E 212 -25.64 -39.77 38.79
C ASP E 212 -26.40 -38.52 38.38
N LEU E 213 -25.80 -37.33 38.54
CA LEU E 213 -26.47 -36.09 38.12
C LEU E 213 -26.85 -36.12 36.63
N GLY E 214 -25.96 -36.65 35.79
CA GLY E 214 -26.17 -36.78 34.35
C GLY E 214 -27.22 -37.80 33.92
N ILE E 215 -27.68 -38.62 34.86
CA ILE E 215 -28.76 -39.61 34.65
C ILE E 215 -30.07 -39.08 35.28
N GLU E 216 -29.97 -38.32 36.39
CA GLU E 216 -31.10 -37.76 37.11
C GLU E 216 -31.69 -36.54 36.42
N ILE E 217 -30.83 -35.72 35.78
CA ILE E 217 -31.26 -34.55 35.02
C ILE E 217 -30.76 -34.72 33.56
N PRO E 218 -31.33 -34.00 32.56
CA PRO E 218 -30.82 -34.15 31.19
C PRO E 218 -29.31 -33.92 31.09
N ALA E 219 -28.62 -34.79 30.36
CA ALA E 219 -27.16 -34.73 30.24
C ALA E 219 -26.66 -33.35 29.79
N GLU E 220 -27.41 -32.69 28.90
CA GLU E 220 -27.06 -31.38 28.38
C GLU E 220 -27.20 -30.24 29.40
N LYS E 221 -27.73 -30.52 30.61
CA LYS E 221 -27.88 -29.49 31.64
C LYS E 221 -26.83 -29.59 32.76
N VAL E 222 -26.08 -30.68 32.82
CA VAL E 222 -25.09 -30.88 33.88
C VAL E 222 -24.08 -29.74 34.00
N PHE E 223 -23.60 -29.19 32.86
CA PHE E 223 -22.63 -28.09 32.92
C PHE E 223 -23.20 -26.84 33.63
N LEU E 224 -24.51 -26.61 33.52
CA LEU E 224 -25.15 -25.46 34.18
C LEU E 224 -25.13 -25.70 35.69
N ALA E 225 -25.46 -26.92 36.13
CA ALA E 225 -25.44 -27.27 37.55
C ALA E 225 -24.03 -27.20 38.09
N GLN E 226 -23.03 -27.69 37.33
CA GLN E 226 -21.63 -27.63 37.74
C GLN E 226 -21.17 -26.18 37.91
N LYS E 227 -21.40 -25.33 36.89
CA LYS E 227 -20.95 -23.95 36.95
C LYS E 227 -21.65 -23.15 38.06
N MET E 228 -22.95 -23.40 38.27
CA MET E 228 -23.71 -22.75 39.34
C MET E 228 -23.18 -23.14 40.72
N MET E 229 -23.01 -24.45 40.97
CA MET E 229 -22.54 -24.93 42.27
C MET E 229 -21.13 -24.49 42.57
N ILE E 230 -20.24 -24.49 41.55
CA ILE E 230 -18.88 -24.01 41.77
C ILE E 230 -18.90 -22.52 42.11
N GLY E 231 -19.69 -21.73 41.36
CA GLY E 231 -19.83 -20.31 41.64
C GLY E 231 -20.34 -20.03 43.05
N ARG E 232 -21.40 -20.75 43.49
CA ARG E 232 -21.97 -20.55 44.83
C ARG E 232 -21.02 -20.98 45.94
N CYS E 233 -20.22 -22.05 45.72
CA CYS E 233 -19.23 -22.48 46.71
C CYS E 233 -18.11 -21.46 46.79
N ASN E 234 -17.67 -20.91 45.64
CA ASN E 234 -16.61 -19.89 45.65
C ASN E 234 -17.12 -18.63 46.38
N LEU E 235 -18.40 -18.27 46.17
CA LEU E 235 -18.99 -17.11 46.87
C LEU E 235 -18.99 -17.36 48.39
N ALA E 236 -19.35 -18.58 48.81
CA ALA E 236 -19.39 -18.96 50.22
C ALA E 236 -18.01 -19.22 50.85
N GLY E 237 -16.96 -19.36 50.03
CA GLY E 237 -15.63 -19.66 50.54
C GLY E 237 -15.52 -21.10 51.04
N LYS E 238 -16.32 -22.03 50.46
CA LYS E 238 -16.32 -23.44 50.86
C LYS E 238 -15.85 -24.34 49.72
N PRO E 239 -15.06 -25.39 50.03
CA PRO E 239 -14.54 -26.24 48.96
C PRO E 239 -15.57 -26.90 48.04
N VAL E 240 -15.23 -27.00 46.76
CA VAL E 240 -16.08 -27.66 45.79
C VAL E 240 -15.24 -28.62 44.93
N VAL E 241 -15.75 -29.84 44.72
CA VAL E 241 -15.07 -30.87 43.96
C VAL E 241 -15.79 -31.13 42.66
N CYS E 242 -15.04 -31.23 41.53
CA CYS E 242 -15.66 -31.65 40.27
C CYS E 242 -15.33 -33.12 40.10
N ALA E 243 -16.33 -33.96 39.78
CA ALA E 243 -16.09 -35.40 39.71
C ALA E 243 -16.73 -36.08 38.52
N THR E 244 -16.21 -37.27 38.16
CA THR E 244 -16.70 -38.32 37.26
C THR E 244 -16.47 -38.11 35.78
N GLN E 245 -15.82 -39.11 35.18
CA GLN E 245 -15.54 -39.23 33.75
C GLN E 245 -14.64 -38.11 33.20
N MET E 246 -13.86 -37.47 34.07
CA MET E 246 -12.95 -36.38 33.67
C MET E 246 -11.92 -36.85 32.67
N LEU E 247 -11.35 -38.05 32.88
CA LEU E 247 -10.36 -38.64 31.97
C LEU E 247 -10.76 -40.11 31.70
N GLU E 248 -12.08 -40.36 31.52
CA GLU E 248 -12.65 -41.70 31.36
C GLU E 248 -11.91 -42.62 30.39
N SER E 249 -11.58 -42.16 29.18
CA SER E 249 -10.90 -42.99 28.20
C SER E 249 -9.55 -43.54 28.70
N MET E 250 -8.93 -42.88 29.70
CA MET E 250 -7.67 -43.35 30.27
C MET E 250 -7.81 -44.63 31.11
N ILE E 251 -9.03 -45.15 31.27
CA ILE E 251 -9.22 -46.46 31.93
C ILE E 251 -8.56 -47.55 31.04
N THR E 252 -8.63 -47.40 29.69
CA THR E 252 -8.02 -48.34 28.77
C THR E 252 -6.94 -47.75 27.86
N LYS E 253 -6.88 -46.40 27.70
CA LYS E 253 -5.90 -45.78 26.80
C LYS E 253 -4.86 -44.96 27.53
N PRO E 254 -3.60 -44.92 27.04
CA PRO E 254 -2.55 -44.18 27.76
C PRO E 254 -2.67 -42.66 27.70
N ARG E 255 -3.43 -42.14 26.73
CA ARG E 255 -3.63 -40.70 26.56
C ARG E 255 -5.13 -40.39 26.53
N PRO E 256 -5.55 -39.24 27.08
CA PRO E 256 -6.98 -38.91 27.10
C PRO E 256 -7.45 -38.26 25.79
N THR E 257 -8.78 -38.11 25.64
CA THR E 257 -9.32 -37.43 24.46
C THR E 257 -9.17 -35.90 24.61
N ARG E 258 -9.41 -35.15 23.51
CA ARG E 258 -9.35 -33.69 23.55
C ARG E 258 -10.48 -33.13 24.43
N ALA E 259 -11.63 -33.81 24.50
CA ALA E 259 -12.74 -33.38 25.36
C ALA E 259 -12.40 -33.55 26.84
N GLU E 260 -11.66 -34.59 27.17
CA GLU E 260 -11.28 -34.87 28.55
C GLU E 260 -10.28 -33.87 29.10
N THR E 261 -9.25 -33.51 28.32
CA THR E 261 -8.29 -32.50 28.80
C THR E 261 -9.00 -31.15 28.97
N SER E 262 -9.89 -30.83 28.03
CA SER E 262 -10.69 -29.61 28.06
C SER E 262 -11.58 -29.60 29.33
N ASP E 263 -12.21 -30.73 29.67
CA ASP E 263 -13.06 -30.83 30.85
C ASP E 263 -12.28 -30.55 32.14
N VAL E 264 -11.08 -31.10 32.25
CA VAL E 264 -10.25 -30.87 33.44
C VAL E 264 -9.85 -29.39 33.53
N ALA E 265 -9.39 -28.81 32.41
CA ALA E 265 -9.00 -27.40 32.37
C ALA E 265 -10.17 -26.49 32.72
N ASN E 266 -11.36 -26.78 32.16
CA ASN E 266 -12.53 -25.96 32.41
C ASN E 266 -13.07 -26.11 33.82
N ALA E 267 -12.88 -27.28 34.47
CA ALA E 267 -13.30 -27.43 35.88
C ALA E 267 -12.45 -26.49 36.76
N VAL E 268 -11.15 -26.40 36.46
CA VAL E 268 -10.25 -25.52 37.19
C VAL E 268 -10.61 -24.05 36.91
N LEU E 269 -10.81 -23.69 35.63
CA LEU E 269 -11.20 -22.33 35.26
C LEU E 269 -12.55 -21.93 35.87
N ASP E 270 -13.48 -22.90 36.01
CA ASP E 270 -14.79 -22.68 36.65
C ASP E 270 -14.61 -22.24 38.11
N GLY E 271 -13.62 -22.78 38.79
CA GLY E 271 -13.34 -22.46 40.17
C GLY E 271 -13.30 -23.65 41.11
N ALA E 272 -13.22 -24.89 40.58
CA ALA E 272 -13.19 -26.08 41.43
C ALA E 272 -11.94 -26.11 42.30
N ASP E 273 -12.12 -26.41 43.59
CA ASP E 273 -10.99 -26.55 44.51
C ASP E 273 -10.27 -27.89 44.29
N CYS E 274 -11.04 -28.94 43.97
CA CYS E 274 -10.52 -30.29 43.73
C CYS E 274 -11.07 -30.88 42.46
N ILE E 275 -10.30 -31.75 41.84
CA ILE E 275 -10.71 -32.55 40.69
C ILE E 275 -10.54 -34.02 41.10
N MET E 276 -11.36 -34.89 40.52
CA MET E 276 -11.38 -36.29 40.94
C MET E 276 -11.21 -37.30 39.82
N LEU E 277 -10.69 -38.48 40.18
CA LEU E 277 -10.53 -39.63 39.32
C LEU E 277 -11.25 -40.79 40.01
N SER E 278 -12.09 -41.54 39.27
CA SER E 278 -12.83 -42.68 39.81
C SER E 278 -12.30 -44.00 39.21
N GLY E 279 -12.94 -44.55 38.17
CA GLY E 279 -12.49 -45.76 37.49
C GLY E 279 -11.09 -45.63 36.92
N GLU E 280 -10.69 -44.38 36.55
CA GLU E 280 -9.36 -44.09 36.02
C GLU E 280 -8.24 -44.55 36.96
N THR E 281 -8.47 -44.44 38.27
CA THR E 281 -7.45 -44.87 39.24
C THR E 281 -7.85 -46.13 40.00
N ALA E 282 -9.15 -46.38 40.14
CA ALA E 282 -9.61 -47.54 40.90
C ALA E 282 -9.43 -48.86 40.16
N LYS E 283 -9.75 -48.90 38.87
CA LYS E 283 -9.65 -50.14 38.10
C LYS E 283 -8.93 -50.04 36.77
N GLY E 284 -8.63 -48.82 36.33
CA GLY E 284 -8.00 -48.57 35.05
C GLY E 284 -6.61 -49.12 34.88
N ASN E 285 -6.16 -49.13 33.64
CA ASN E 285 -4.85 -49.64 33.28
C ASN E 285 -3.74 -48.62 33.44
N PHE E 286 -4.07 -47.33 33.61
CA PHE E 286 -3.08 -46.25 33.71
C PHE E 286 -3.40 -45.29 34.89
N PRO E 287 -3.46 -45.81 36.14
CA PRO E 287 -3.80 -44.93 37.27
C PRO E 287 -2.79 -43.81 37.52
N VAL E 288 -1.48 -44.10 37.45
CA VAL E 288 -0.46 -43.09 37.69
C VAL E 288 -0.46 -42.03 36.59
N GLU E 289 -0.62 -42.46 35.34
CA GLU E 289 -0.66 -41.56 34.19
C GLU E 289 -1.89 -40.63 34.27
N ALA E 290 -3.02 -41.13 34.81
CA ALA E 290 -4.23 -40.33 34.96
C ALA E 290 -3.98 -39.21 35.98
N VAL E 291 -3.30 -39.52 37.10
CA VAL E 291 -2.95 -38.52 38.10
C VAL E 291 -1.99 -37.49 37.50
N LYS E 292 -0.96 -37.95 36.76
CA LYS E 292 0.01 -37.06 36.14
C LYS E 292 -0.66 -36.11 35.14
N MET E 293 -1.65 -36.61 34.38
CA MET E 293 -2.37 -35.82 33.39
C MET E 293 -3.20 -34.74 34.07
N GLN E 294 -3.92 -35.07 35.17
CA GLN E 294 -4.67 -34.06 35.90
C GLN E 294 -3.74 -33.00 36.47
N HIS E 295 -2.57 -33.42 36.99
CA HIS E 295 -1.59 -32.47 37.52
C HIS E 295 -1.12 -31.50 36.42
N ALA E 296 -0.74 -32.04 35.26
CA ALA E 296 -0.23 -31.22 34.15
C ALA E 296 -1.28 -30.23 33.64
N ILE E 297 -2.54 -30.67 33.49
CA ILE E 297 -3.60 -29.78 33.02
C ILE E 297 -3.92 -28.70 34.06
N ALA E 298 -4.08 -29.10 35.34
CA ALA E 298 -4.42 -28.15 36.40
C ALA E 298 -3.42 -27.01 36.51
N ARG E 299 -2.11 -27.32 36.44
CA ARG E 299 -1.06 -26.29 36.50
C ARG E 299 -1.23 -25.28 35.35
N GLU E 300 -1.50 -25.77 34.13
CA GLU E 300 -1.69 -24.89 33.00
C GLU E 300 -2.93 -24.03 33.17
N ALA E 301 -4.03 -24.64 33.63
CA ALA E 301 -5.30 -23.92 33.80
C ALA E 301 -5.26 -22.89 34.91
N GLU E 302 -4.52 -23.16 36.00
CA GLU E 302 -4.41 -22.22 37.11
C GLU E 302 -3.71 -20.94 36.70
N ALA E 303 -2.69 -21.05 35.86
CA ALA E 303 -1.99 -19.86 35.35
C ALA E 303 -2.90 -19.05 34.39
N ALA E 304 -3.84 -19.72 33.70
CA ALA E 304 -4.79 -19.08 32.77
C ALA E 304 -6.00 -18.43 33.45
N VAL E 305 -6.08 -18.48 34.79
CA VAL E 305 -7.17 -17.85 35.53
C VAL E 305 -7.03 -16.32 35.37
N TYR E 306 -8.13 -15.62 35.13
CA TYR E 306 -8.12 -14.16 34.95
C TYR E 306 -8.23 -13.47 36.31
N HIS E 307 -7.13 -13.47 37.09
CA HIS E 307 -7.09 -12.91 38.44
C HIS E 307 -7.54 -11.47 38.54
N ARG E 308 -7.30 -10.64 37.53
CA ARG E 308 -7.73 -9.23 37.61
C ARG E 308 -9.22 -9.09 37.89
N GLN E 309 -10.07 -9.78 37.13
CA GLN E 309 -11.52 -9.69 37.36
C GLN E 309 -11.95 -10.60 38.51
N LEU E 310 -11.37 -11.81 38.59
CA LEU E 310 -11.73 -12.75 39.67
C LEU E 310 -11.51 -12.14 41.06
N PHE E 311 -10.34 -11.55 41.33
CA PHE E 311 -10.07 -10.93 42.63
C PHE E 311 -11.02 -9.79 42.91
N GLU E 312 -11.27 -8.92 41.93
CA GLU E 312 -12.23 -7.83 42.08
C GLU E 312 -13.60 -8.32 42.46
N GLU E 313 -14.09 -9.36 41.77
CA GLU E 313 -15.41 -9.89 42.07
C GLU E 313 -15.50 -10.62 43.40
N LEU E 314 -14.45 -11.38 43.76
CA LEU E 314 -14.45 -12.09 45.05
C LEU E 314 -14.38 -11.12 46.20
N ARG E 315 -13.53 -10.11 46.06
CA ARG E 315 -13.29 -9.04 47.01
C ARG E 315 -14.60 -8.25 47.26
N ARG E 316 -15.34 -7.90 46.19
CA ARG E 316 -16.60 -7.15 46.27
C ARG E 316 -17.75 -7.99 46.84
N ALA E 317 -17.80 -9.29 46.52
CA ALA E 317 -18.88 -10.15 46.97
C ALA E 317 -18.68 -10.62 48.42
N ALA E 318 -17.44 -10.67 48.92
CA ALA E 318 -17.19 -11.12 50.30
C ALA E 318 -17.69 -10.03 51.24
N PRO E 319 -18.64 -10.35 52.13
CA PRO E 319 -19.21 -9.30 52.98
C PRO E 319 -18.22 -8.59 53.87
N LEU E 320 -18.54 -7.35 54.26
CA LEU E 320 -17.75 -6.58 55.22
C LEU E 320 -17.72 -7.37 56.56
N SER E 321 -16.59 -7.32 57.25
CA SER E 321 -16.42 -8.12 58.44
C SER E 321 -15.60 -7.41 59.48
N ARG E 322 -15.93 -7.64 60.74
CA ARG E 322 -15.13 -7.18 61.86
C ARG E 322 -14.32 -8.34 62.51
N ASP E 323 -14.23 -9.51 61.85
CA ASP E 323 -13.44 -10.63 62.32
C ASP E 323 -12.01 -10.36 61.86
N PRO E 324 -11.05 -10.28 62.78
CA PRO E 324 -9.67 -9.95 62.39
C PRO E 324 -9.02 -10.96 61.44
N THR E 325 -9.39 -12.26 61.49
CA THR E 325 -8.81 -13.25 60.57
C THR E 325 -9.25 -12.94 59.14
N GLU E 326 -10.53 -12.60 58.95
CA GLU E 326 -11.11 -12.26 57.65
C GLU E 326 -10.45 -10.96 57.12
N VAL E 327 -10.30 -9.95 58.00
CA VAL E 327 -9.70 -8.67 57.64
C VAL E 327 -8.23 -8.84 57.25
N THR E 328 -7.49 -9.65 58.01
CA THR E 328 -6.08 -9.91 57.74
C THR E 328 -5.95 -10.67 56.43
N ALA E 329 -6.84 -11.65 56.16
CA ALA E 329 -6.79 -12.44 54.94
C ALA E 329 -6.89 -11.58 53.67
N ILE E 330 -7.85 -10.66 53.61
CA ILE E 330 -7.99 -9.83 52.41
C ILE E 330 -6.81 -8.87 52.26
N GLY E 331 -6.32 -8.33 53.36
CA GLY E 331 -5.15 -7.46 53.35
C GLY E 331 -3.91 -8.20 52.86
N ALA E 332 -3.73 -9.47 53.29
CA ALA E 332 -2.60 -10.30 52.88
C ALA E 332 -2.67 -10.67 51.41
N VAL E 333 -3.86 -11.03 50.90
CA VAL E 333 -4.02 -11.39 49.48
C VAL E 333 -3.79 -10.14 48.60
N GLU E 334 -4.26 -8.98 49.05
CA GLU E 334 -4.04 -7.72 48.32
C GLU E 334 -2.54 -7.42 48.26
N ALA E 335 -1.84 -7.55 49.42
CA ALA E 335 -0.40 -7.32 49.50
C ALA E 335 0.37 -8.31 48.60
N ALA E 336 -0.04 -9.59 48.58
CA ALA E 336 0.62 -10.60 47.75
C ALA E 336 0.53 -10.24 46.26
N PHE E 337 -0.64 -9.78 45.80
CA PHE E 337 -0.81 -9.38 44.39
C PHE E 337 0.03 -8.14 44.06
N LYS E 338 0.15 -7.20 45.00
CA LYS E 338 0.89 -5.96 44.80
C LYS E 338 2.37 -6.19 44.53
N CYS E 339 2.97 -7.19 45.18
CA CYS E 339 4.40 -7.45 45.03
C CYS E 339 4.72 -8.72 44.29
N CYS E 340 3.72 -9.42 43.70
CA CYS E 340 3.93 -10.70 43.02
C CYS E 340 4.57 -11.70 43.97
N ALA E 341 4.10 -11.73 45.24
CA ALA E 341 4.67 -12.60 46.26
C ALA E 341 4.68 -14.05 45.82
N ALA E 342 5.77 -14.77 46.09
CA ALA E 342 5.86 -16.19 45.73
C ALA E 342 4.91 -17.02 46.60
N ALA E 343 4.71 -16.60 47.87
CA ALA E 343 3.86 -17.35 48.78
C ALA E 343 3.31 -16.48 49.91
N ILE E 344 2.24 -16.97 50.56
CA ILE E 344 1.68 -16.41 51.77
C ILE E 344 1.89 -17.55 52.78
N ILE E 345 2.73 -17.34 53.78
CA ILE E 345 2.98 -18.35 54.80
C ILE E 345 2.04 -18.08 55.95
N VAL E 346 1.19 -19.04 56.31
CA VAL E 346 0.23 -18.83 57.38
C VAL E 346 0.32 -19.92 58.45
N LEU E 347 0.23 -19.52 59.71
CA LEU E 347 0.20 -20.47 60.80
C LEU E 347 -1.27 -20.74 61.10
N THR E 348 -1.67 -22.01 61.18
CA THR E 348 -3.07 -22.35 61.42
C THR E 348 -3.20 -23.60 62.26
N THR E 349 -4.19 -23.63 63.15
CA THR E 349 -4.44 -24.78 64.02
C THR E 349 -5.50 -25.68 63.39
N THR E 350 -6.60 -25.07 62.92
CA THR E 350 -7.73 -25.79 62.33
C THR E 350 -7.76 -25.78 60.79
N GLY E 351 -6.98 -24.90 60.18
CA GLY E 351 -6.99 -24.67 58.74
C GLY E 351 -7.75 -23.42 58.35
N ARG E 352 -8.59 -22.85 59.27
CA ARG E 352 -9.44 -21.70 58.98
C ARG E 352 -8.71 -20.46 58.43
N SER E 353 -7.56 -20.05 59.00
CA SER E 353 -6.82 -18.90 58.48
C SER E 353 -6.36 -19.13 57.03
N ALA E 354 -6.00 -20.38 56.69
CA ALA E 354 -5.58 -20.72 55.33
C ALA E 354 -6.78 -20.74 54.38
N GLN E 355 -7.93 -21.24 54.86
CA GLN E 355 -9.16 -21.28 54.07
C GLN E 355 -9.63 -19.85 53.73
N LEU E 356 -9.51 -18.91 54.67
CA LEU E 356 -9.91 -17.51 54.42
C LEU E 356 -8.98 -16.81 53.42
N LEU E 357 -7.71 -17.23 53.33
CA LEU E 357 -6.80 -16.68 52.33
C LEU E 357 -7.17 -17.29 50.95
N SER E 358 -7.38 -18.62 50.91
CA SER E 358 -7.72 -19.39 49.72
CA SER E 358 -7.70 -19.33 49.68
C SER E 358 -9.00 -18.88 49.00
N ARG E 359 -9.99 -18.43 49.78
CA ARG E 359 -11.27 -17.98 49.22
C ARG E 359 -11.10 -16.77 48.28
N TYR E 360 -10.01 -15.97 48.46
CA TYR E 360 -9.75 -14.83 47.59
C TYR E 360 -8.91 -15.18 46.36
N ARG E 361 -8.64 -16.48 46.15
CA ARG E 361 -7.89 -17.02 45.02
C ARG E 361 -6.60 -16.26 44.73
N PRO E 362 -5.67 -16.15 45.70
CA PRO E 362 -4.38 -15.51 45.40
C PRO E 362 -3.60 -16.35 44.38
N ARG E 363 -2.76 -15.69 43.59
CA ARG E 363 -1.85 -16.38 42.71
C ARG E 363 -0.71 -16.99 43.60
N ALA E 364 -0.31 -16.29 44.68
CA ALA E 364 0.68 -16.78 45.62
C ALA E 364 0.19 -18.04 46.30
N ALA E 365 1.07 -19.04 46.43
CA ALA E 365 0.78 -20.29 47.12
C ALA E 365 0.50 -19.99 48.60
N VAL E 366 -0.48 -20.64 49.20
CA VAL E 366 -0.75 -20.44 50.63
C VAL E 366 -0.07 -21.61 51.36
N ILE E 367 1.10 -21.36 51.93
CA ILE E 367 1.85 -22.39 52.66
C ILE E 367 1.34 -22.40 54.09
N ALA E 368 0.58 -23.43 54.46
CA ALA E 368 -0.03 -23.50 55.78
C ALA E 368 0.78 -24.39 56.72
N VAL E 369 1.32 -23.80 57.78
CA VAL E 369 2.11 -24.54 58.75
C VAL E 369 1.21 -24.87 59.94
N THR E 370 1.06 -26.17 60.21
CA THR E 370 0.21 -26.62 61.30
C THR E 370 0.81 -27.81 62.06
N ARG E 371 0.46 -27.93 63.35
CA ARG E 371 0.85 -29.11 64.15
C ARG E 371 -0.23 -30.19 64.04
N SER E 372 -1.47 -29.84 63.63
CA SER E 372 -2.56 -30.78 63.51
C SER E 372 -2.40 -31.63 62.26
N ALA E 373 -2.12 -32.93 62.42
CA ALA E 373 -1.98 -33.86 61.30
C ALA E 373 -3.29 -33.93 60.50
N GLN E 374 -4.43 -33.90 61.20
CA GLN E 374 -5.71 -33.95 60.53
C GLN E 374 -5.99 -32.67 59.73
N ALA E 375 -5.72 -31.47 60.30
CA ALA E 375 -5.93 -30.20 59.59
C ALA E 375 -5.03 -30.16 58.35
N ALA E 376 -3.79 -30.69 58.45
CA ALA E 376 -2.86 -30.73 57.32
C ALA E 376 -3.44 -31.55 56.18
N ARG E 377 -4.10 -32.68 56.48
CA ARG E 377 -4.73 -33.50 55.46
C ARG E 377 -5.98 -32.81 54.89
N GLN E 378 -6.83 -32.24 55.76
CA GLN E 378 -8.09 -31.64 55.35
C GLN E 378 -7.96 -30.34 54.52
N VAL E 379 -6.88 -29.54 54.72
CA VAL E 379 -6.75 -28.29 53.96
C VAL E 379 -6.49 -28.52 52.46
N HIS E 380 -6.23 -29.78 52.03
CA HIS E 380 -6.14 -30.12 50.62
C HIS E 380 -7.48 -29.83 49.91
N LEU E 381 -8.59 -29.72 50.66
CA LEU E 381 -9.88 -29.39 50.08
C LEU E 381 -9.92 -27.92 49.55
N CYS E 382 -9.03 -27.03 50.03
CA CYS E 382 -9.00 -25.62 49.64
C CYS E 382 -7.95 -25.35 48.61
N ARG E 383 -8.35 -24.79 47.46
CA ARG E 383 -7.40 -24.50 46.39
C ARG E 383 -6.24 -23.62 46.83
N GLY E 384 -5.05 -24.03 46.47
CA GLY E 384 -3.85 -23.26 46.72
C GLY E 384 -3.28 -23.35 48.10
N VAL E 385 -3.81 -24.25 48.95
CA VAL E 385 -3.26 -24.42 50.29
C VAL E 385 -2.33 -25.62 50.27
N PHE E 386 -1.07 -25.39 50.62
CA PHE E 386 0.01 -26.38 50.65
C PHE E 386 0.34 -26.64 52.10
N PRO E 387 -0.17 -27.77 52.65
CA PRO E 387 0.02 -28.03 54.08
C PRO E 387 1.40 -28.57 54.44
N LEU E 388 1.95 -28.04 55.53
CA LEU E 388 3.22 -28.49 56.05
C LEU E 388 2.98 -28.93 57.48
N LEU E 389 3.21 -30.21 57.77
CA LEU E 389 3.03 -30.73 59.11
C LEU E 389 4.28 -30.49 59.96
N TYR E 390 4.14 -29.64 60.99
CA TYR E 390 5.22 -29.28 61.91
C TYR E 390 5.23 -30.28 63.07
N ARG E 391 6.35 -30.97 63.29
CA ARG E 391 6.41 -32.02 64.30
C ARG E 391 7.13 -31.65 65.59
N GLU E 392 7.87 -30.52 65.60
CA GLU E 392 8.66 -30.12 66.77
C GLU E 392 7.83 -29.71 67.97
N PRO E 393 8.28 -30.07 69.18
CA PRO E 393 7.55 -29.66 70.38
C PRO E 393 7.67 -28.14 70.60
N PRO E 394 6.69 -27.54 71.30
CA PRO E 394 6.71 -26.10 71.51
C PRO E 394 7.91 -25.54 72.25
N GLU E 395 8.47 -24.43 71.75
CA GLU E 395 9.56 -23.68 72.39
C GLU E 395 9.05 -23.06 73.69
N ALA E 396 9.95 -22.74 74.63
CA ALA E 396 9.56 -22.14 75.90
C ALA E 396 8.93 -20.75 75.67
N ILE E 397 9.52 -19.97 74.78
CA ILE E 397 8.99 -18.64 74.46
C ILE E 397 8.10 -18.77 73.21
N TRP E 398 6.81 -18.42 73.35
CA TRP E 398 5.84 -18.53 72.26
C TRP E 398 6.26 -17.76 70.99
N ALA E 399 6.79 -16.54 71.11
CA ALA E 399 7.26 -15.79 69.94
C ALA E 399 8.35 -16.53 69.18
N ASP E 400 9.22 -17.28 69.89
CA ASP E 400 10.28 -18.07 69.25
C ASP E 400 9.66 -19.28 68.54
N ASP E 401 8.63 -19.88 69.13
CA ASP E 401 7.93 -21.02 68.53
C ASP E 401 7.25 -20.59 67.23
N VAL E 402 6.67 -19.38 67.20
CA VAL E 402 6.02 -18.81 66.03
C VAL E 402 7.06 -18.61 64.95
N ASP E 403 8.20 -17.98 65.29
CA ASP E 403 9.30 -17.74 64.34
C ASP E 403 9.87 -19.03 63.76
N ARG E 404 10.01 -20.07 64.58
CA ARG E 404 10.53 -21.34 64.09
C ARG E 404 9.58 -21.99 63.08
N ARG E 405 8.26 -21.82 63.29
CA ARG E 405 7.28 -22.35 62.37
C ARG E 405 7.28 -21.59 61.05
N VAL E 406 7.49 -20.26 61.09
CA VAL E 406 7.60 -19.45 59.88
C VAL E 406 8.85 -19.86 59.11
N GLN E 407 9.98 -20.08 59.83
CA GLN E 407 11.23 -20.54 59.19
C GLN E 407 11.10 -21.93 58.60
N PHE E 408 10.32 -22.79 59.24
CA PHE E 408 10.05 -24.12 58.71
C PHE E 408 9.27 -24.02 57.37
N GLY E 409 8.35 -23.07 57.28
CA GLY E 409 7.60 -22.81 56.06
C GLY E 409 8.52 -22.33 54.96
N ILE E 410 9.44 -21.41 55.29
CA ILE E 410 10.42 -20.88 54.33
C ILE E 410 11.37 -22.00 53.84
N GLU E 411 11.92 -22.78 54.78
CA GLU E 411 12.84 -23.87 54.44
C GLU E 411 12.17 -24.95 53.61
N SER E 412 10.92 -25.31 53.94
CA SER E 412 10.20 -26.30 53.16
C SER E 412 9.92 -25.75 51.76
N GLY E 413 9.53 -24.47 51.68
CA GLY E 413 9.25 -23.79 50.43
C GLY E 413 10.46 -23.74 49.53
N LYS E 414 11.65 -23.46 50.09
CA LYS E 414 12.91 -23.42 49.33
C LYS E 414 13.24 -24.81 48.78
N LEU E 415 13.11 -25.84 49.62
CA LEU E 415 13.41 -27.21 49.23
C LEU E 415 12.49 -27.69 48.13
N ARG E 416 11.20 -27.32 48.22
CA ARG E 416 10.21 -27.77 47.24
C ARG E 416 10.13 -26.90 45.96
N GLY E 417 10.88 -25.82 45.89
CA GLY E 417 10.87 -24.96 44.72
C GLY E 417 9.86 -23.83 44.73
N PHE E 418 9.10 -23.67 45.83
CA PHE E 418 8.12 -22.58 45.97
C PHE E 418 8.82 -21.23 46.12
N LEU E 419 9.95 -21.20 46.84
CA LEU E 419 10.64 -19.98 47.18
C LEU E 419 12.10 -20.03 46.84
N ARG E 420 12.67 -18.86 46.58
CA ARG E 420 14.08 -18.70 46.34
C ARG E 420 14.53 -17.40 47.03
N VAL E 421 15.83 -17.24 47.25
CA VAL E 421 16.39 -16.04 47.88
C VAL E 421 16.05 -14.81 47.03
N GLY E 422 15.60 -13.74 47.67
CA GLY E 422 15.19 -12.54 46.94
C GLY E 422 13.69 -12.43 46.75
N ASP E 423 12.95 -13.54 46.88
CA ASP E 423 11.49 -13.51 46.77
C ASP E 423 10.87 -12.74 47.93
N LEU E 424 9.68 -12.21 47.72
CA LEU E 424 8.92 -11.57 48.79
C LEU E 424 7.84 -12.54 49.19
N VAL E 425 7.58 -12.62 50.48
CA VAL E 425 6.53 -13.46 51.02
C VAL E 425 5.68 -12.63 51.96
N ILE E 426 4.44 -13.04 52.11
CA ILE E 426 3.53 -12.40 53.06
C ILE E 426 3.40 -13.41 54.18
N VAL E 427 3.61 -13.00 55.43
CA VAL E 427 3.53 -13.91 56.57
C VAL E 427 2.34 -13.55 57.43
N VAL E 428 1.46 -14.51 57.65
CA VAL E 428 0.22 -14.30 58.41
C VAL E 428 0.26 -15.09 59.72
N THR E 429 0.22 -14.37 60.85
CA THR E 429 0.26 -14.96 62.19
C THR E 429 -0.82 -14.27 63.09
N GLY E 430 -0.87 -14.66 64.37
CA GLY E 430 -1.80 -14.09 65.34
C GLY E 430 -1.08 -13.53 66.57
N TRP E 431 -1.82 -12.84 67.43
CA TRP E 431 -1.23 -12.17 68.58
C TRP E 431 -1.10 -13.03 69.84
N ARG E 432 -1.78 -14.18 69.89
CA ARG E 432 -1.72 -15.08 71.05
C ARG E 432 -1.93 -16.54 70.60
N PRO E 433 -1.51 -17.53 71.41
CA PRO E 433 -1.74 -18.94 71.00
C PRO E 433 -3.21 -19.32 70.93
N GLY E 434 -3.50 -20.41 70.24
CA GLY E 434 -4.86 -20.89 70.08
C GLY E 434 -5.47 -20.39 68.79
N SER E 435 -6.48 -21.10 68.31
CA SER E 435 -7.21 -20.79 67.09
C SER E 435 -8.08 -19.53 67.27
N GLY E 436 -8.25 -18.78 66.17
CA GLY E 436 -9.14 -17.62 66.15
C GLY E 436 -8.53 -16.25 66.39
N TYR E 437 -7.20 -16.17 66.54
CA TYR E 437 -6.55 -14.89 66.85
C TYR E 437 -5.62 -14.37 65.77
N THR E 438 -5.74 -14.86 64.51
CA THR E 438 -4.93 -14.33 63.41
C THR E 438 -5.27 -12.84 63.21
N ASN E 439 -4.24 -11.98 63.22
CA ASN E 439 -4.48 -10.55 63.07
C ASN E 439 -3.26 -9.80 62.50
N ILE E 440 -2.21 -10.51 62.06
CA ILE E 440 -0.98 -9.88 61.62
C ILE E 440 -0.55 -10.32 60.24
N MET E 441 -0.13 -9.35 59.43
CA MET E 441 0.41 -9.62 58.12
CA MET E 441 0.38 -9.56 58.09
C MET E 441 1.75 -8.87 58.00
N ARG E 442 2.79 -9.58 57.57
CA ARG E 442 4.13 -9.01 57.46
C ARG E 442 4.70 -9.25 56.09
N VAL E 443 5.42 -8.27 55.51
CA VAL E 443 6.05 -8.48 54.20
C VAL E 443 7.55 -8.77 54.44
N LEU E 444 7.98 -9.96 54.05
CA LEU E 444 9.33 -10.44 54.32
C LEU E 444 10.10 -10.81 53.07
N SER E 445 11.38 -10.44 53.03
CA SER E 445 12.23 -10.81 51.91
CA SER E 445 12.24 -10.80 51.91
C SER E 445 12.96 -12.09 52.28
N ILE E 446 12.95 -13.07 51.38
CA ILE E 446 13.61 -14.35 51.61
C ILE E 446 15.12 -14.21 51.54
N SER E 447 15.82 -14.58 52.62
CA SER E 447 17.29 -14.53 52.65
C SER E 447 17.89 -15.94 52.62
N ALA F 13 -26.54 -8.51 51.08
CA ALA F 13 -25.83 -9.64 51.67
C ALA F 13 -24.39 -9.28 52.04
N ASP F 14 -23.74 -8.43 51.24
CA ASP F 14 -22.37 -8.00 51.50
C ASP F 14 -22.25 -7.09 52.75
N VAL F 15 -23.37 -6.50 53.21
CA VAL F 15 -23.34 -5.63 54.38
C VAL F 15 -24.34 -6.05 55.47
N ALA F 16 -25.01 -7.21 55.32
CA ALA F 16 -26.05 -7.64 56.26
C ALA F 16 -25.57 -7.93 57.70
N GLN F 17 -24.47 -8.67 57.86
CA GLN F 17 -23.95 -8.98 59.20
C GLN F 17 -23.42 -7.71 59.90
N LEU F 18 -22.68 -6.88 59.17
CA LEU F 18 -22.18 -5.62 59.74
C LEU F 18 -23.30 -4.64 60.02
N THR F 19 -24.40 -4.68 59.24
CA THR F 19 -25.55 -3.83 59.50
C THR F 19 -26.21 -4.28 60.81
N GLN F 20 -26.31 -5.59 61.06
CA GLN F 20 -26.89 -6.08 62.30
C GLN F 20 -26.00 -5.67 63.50
N GLU F 21 -24.67 -5.82 63.37
CA GLU F 21 -23.73 -5.49 64.43
C GLU F 21 -23.61 -3.99 64.73
N LEU F 22 -23.40 -3.17 63.69
CA LEU F 22 -23.20 -1.72 63.83
C LEU F 22 -24.49 -0.90 63.81
N GLY F 23 -25.58 -1.47 63.32
CA GLY F 23 -26.87 -0.82 63.27
C GLY F 23 -27.18 -0.11 61.97
N THR F 24 -28.47 0.11 61.70
CA THR F 24 -28.88 0.80 60.49
C THR F 24 -28.48 2.27 60.53
N ALA F 25 -28.43 2.90 61.72
CA ALA F 25 -28.06 4.31 61.79
C ALA F 25 -26.64 4.54 61.30
N PHE F 26 -25.71 3.61 61.61
CA PHE F 26 -24.32 3.71 61.17
C PHE F 26 -24.26 3.77 59.61
N PHE F 27 -25.01 2.87 58.96
CA PHE F 27 -25.02 2.75 57.51
C PHE F 27 -25.84 3.83 56.79
N GLN F 28 -26.50 4.70 57.53
CA GLN F 28 -27.25 5.84 56.98
C GLN F 28 -26.34 7.10 56.92
N GLN F 29 -25.39 7.21 57.84
CA GLN F 29 -24.47 8.35 57.93
C GLN F 29 -23.37 8.31 56.90
N GLN F 30 -22.58 9.39 56.82
CA GLN F 30 -21.40 9.59 55.98
C GLN F 30 -21.58 9.12 54.54
N GLN F 31 -22.77 9.33 53.97
CA GLN F 31 -23.09 8.92 52.60
C GLN F 31 -22.76 7.46 52.30
N LEU F 32 -22.88 6.58 53.32
CA LEU F 32 -22.58 5.16 53.12
C LEU F 32 -23.53 4.49 52.08
N PRO F 33 -24.85 4.81 51.98
CA PRO F 33 -25.63 4.21 50.87
C PRO F 33 -25.06 4.60 49.51
N ALA F 34 -24.65 5.87 49.32
CA ALA F 34 -24.05 6.30 48.05
C ALA F 34 -22.68 5.66 47.82
N ALA F 35 -21.94 5.38 48.91
CA ALA F 35 -20.64 4.72 48.86
C ALA F 35 -20.75 3.28 48.38
N MET F 36 -21.81 2.57 48.75
CA MET F 36 -21.99 1.16 48.35
C MET F 36 -22.60 1.00 46.95
N ALA F 37 -22.88 2.09 46.22
CA ALA F 37 -23.54 1.98 44.93
C ALA F 37 -22.73 1.27 43.88
N ASP F 38 -23.42 0.55 42.98
CA ASP F 38 -22.77 -0.23 41.94
C ASP F 38 -22.30 0.59 40.74
N THR F 39 -22.88 1.78 40.54
CA THR F 39 -22.52 2.67 39.42
C THR F 39 -22.37 4.10 39.93
N PHE F 40 -21.64 4.94 39.19
CA PHE F 40 -21.52 6.35 39.55
C PHE F 40 -22.91 7.05 39.48
N LEU F 41 -23.75 6.68 38.52
CA LEU F 41 -25.10 7.24 38.42
C LEU F 41 -25.91 6.93 39.70
N GLU F 42 -25.91 5.65 40.15
CA GLU F 42 -26.62 5.28 41.37
C GLU F 42 -26.00 5.96 42.58
N HIS F 43 -24.67 6.16 42.59
CA HIS F 43 -23.95 6.87 43.65
C HIS F 43 -24.50 8.28 43.79
N LEU F 44 -24.65 9.00 42.65
CA LEU F 44 -25.23 10.35 42.65
C LEU F 44 -26.68 10.34 43.16
N CYS F 45 -27.50 9.39 42.66
CA CYS F 45 -28.92 9.26 43.06
C CYS F 45 -29.10 9.01 44.55
N LEU F 46 -28.09 8.42 45.21
CA LEU F 46 -28.18 8.10 46.63
C LEU F 46 -27.60 9.14 47.57
N LEU F 47 -27.00 10.23 47.05
CA LEU F 47 -26.47 11.30 47.91
C LEU F 47 -27.63 11.91 48.71
N ASP F 48 -27.43 12.06 50.02
CA ASP F 48 -28.50 12.43 50.92
C ASP F 48 -28.10 13.59 51.83
N ILE F 49 -28.85 14.70 51.77
CA ILE F 49 -28.59 15.86 52.62
C ILE F 49 -28.82 15.55 54.12
N ASP F 50 -29.57 14.49 54.44
CA ASP F 50 -29.80 14.08 55.84
C ASP F 50 -28.74 13.08 56.32
N SER F 51 -27.78 12.68 55.46
CA SER F 51 -26.74 11.75 55.86
C SER F 51 -25.58 12.60 56.38
N GLU F 52 -25.43 12.67 57.70
CA GLU F 52 -24.44 13.53 58.32
C GLU F 52 -23.01 13.00 58.27
N PRO F 53 -22.02 13.88 58.04
CA PRO F 53 -20.63 13.44 58.02
C PRO F 53 -20.19 13.00 59.42
N VAL F 54 -19.34 11.98 59.51
CA VAL F 54 -18.88 11.47 60.80
C VAL F 54 -17.38 11.62 60.91
N ALA F 55 -16.64 11.36 59.84
CA ALA F 55 -15.19 11.40 59.87
C ALA F 55 -14.61 12.79 60.14
N ALA F 56 -13.38 12.83 60.68
CA ALA F 56 -12.69 14.09 60.87
C ALA F 56 -12.36 14.63 59.44
N ARG F 57 -12.37 15.94 59.28
CA ARG F 57 -12.13 16.58 57.99
C ARG F 57 -10.72 16.27 57.51
N SER F 58 -10.62 15.66 56.34
CA SER F 58 -9.36 15.18 55.82
C SER F 58 -8.60 16.13 54.86
N THR F 59 -9.29 17.05 54.18
CA THR F 59 -8.63 17.99 53.25
C THR F 59 -8.11 19.15 54.07
N SER F 60 -6.80 19.41 54.04
CA SER F 60 -6.24 20.52 54.81
C SER F 60 -6.60 21.88 54.27
N ILE F 61 -6.68 22.85 55.17
CA ILE F 61 -6.99 24.22 54.83
C ILE F 61 -5.74 25.07 54.96
N ILE F 62 -5.40 25.79 53.89
CA ILE F 62 -4.29 26.72 53.87
C ILE F 62 -4.89 28.11 53.98
N ALA F 63 -4.51 28.88 55.00
CA ALA F 63 -5.01 30.24 55.15
C ALA F 63 -3.87 31.22 54.95
N THR F 64 -4.09 32.26 54.14
CA THR F 64 -3.06 33.27 53.90
C THR F 64 -3.07 34.26 55.04
N ILE F 65 -1.90 34.55 55.61
CA ILE F 65 -1.78 35.48 56.73
C ILE F 65 -1.65 36.90 56.21
N GLY F 66 -2.35 37.82 56.85
CA GLY F 66 -2.31 39.24 56.52
C GLY F 66 -2.88 40.08 57.63
N PRO F 67 -3.19 41.36 57.36
CA PRO F 67 -3.73 42.23 58.41
C PRO F 67 -4.96 41.69 59.15
N ALA F 68 -5.84 40.94 58.46
CA ALA F 68 -7.04 40.39 59.10
C ALA F 68 -6.79 39.14 59.94
N SER F 69 -5.63 38.52 59.80
CA SER F 69 -5.36 37.25 60.47
C SER F 69 -3.96 37.17 61.09
N ARG F 70 -3.41 38.30 61.49
CA ARG F 70 -2.05 38.36 62.01
C ARG F 70 -1.91 38.31 63.52
N SER F 71 -2.88 38.86 64.26
CA SER F 71 -2.77 38.86 65.73
C SER F 71 -2.81 37.45 66.29
N VAL F 72 -2.10 37.24 67.43
CA VAL F 72 -2.03 35.94 68.09
C VAL F 72 -3.42 35.44 68.46
N GLU F 73 -4.28 36.35 68.96
CA GLU F 73 -5.64 35.96 69.34
C GLU F 73 -6.47 35.52 68.14
N ARG F 74 -6.31 36.20 67.01
CA ARG F 74 -7.04 35.85 65.78
C ARG F 74 -6.50 34.51 65.23
N LEU F 75 -5.19 34.31 65.28
CA LEU F 75 -4.57 33.05 64.85
C LEU F 75 -5.02 31.85 65.69
N LYS F 76 -5.27 32.05 67.00
CA LYS F 76 -5.77 30.98 67.86
C LYS F 76 -7.17 30.57 67.42
N GLU F 77 -8.02 31.56 67.07
CA GLU F 77 -9.37 31.30 66.57
CA GLU F 77 -9.36 31.26 66.59
C GLU F 77 -9.32 30.55 65.22
N MET F 78 -8.35 30.88 64.37
CA MET F 78 -8.20 30.24 63.07
CA MET F 78 -8.20 30.25 63.07
C MET F 78 -7.72 28.80 63.19
N ILE F 79 -6.86 28.52 64.18
CA ILE F 79 -6.38 27.16 64.43
C ILE F 79 -7.58 26.32 64.92
N LYS F 80 -8.41 26.88 65.82
CA LYS F 80 -9.59 26.21 66.35
C LYS F 80 -10.64 25.98 65.24
N ALA F 81 -10.74 26.92 64.28
CA ALA F 81 -11.66 26.80 63.15
C ALA F 81 -11.24 25.72 62.13
N GLY F 82 -9.94 25.37 62.11
CA GLY F 82 -9.45 24.33 61.21
C GLY F 82 -8.25 24.65 60.34
N MET F 83 -7.62 25.82 60.50
CA MET F 83 -6.42 26.14 59.70
C MET F 83 -5.30 25.14 59.97
N ASN F 84 -4.74 24.51 58.92
CA ASN F 84 -3.66 23.54 59.08
C ASN F 84 -2.33 24.08 58.60
N ILE F 85 -2.35 24.98 57.58
CA ILE F 85 -1.16 25.56 56.98
C ILE F 85 -1.32 27.06 56.88
N ALA F 86 -0.34 27.82 57.35
CA ALA F 86 -0.36 29.27 57.29
C ALA F 86 0.51 29.67 56.09
N ARG F 87 -0.06 30.42 55.15
CA ARG F 87 0.68 30.86 53.97
C ARG F 87 1.14 32.30 54.12
N LEU F 88 2.43 32.55 53.87
CA LEU F 88 3.01 33.90 53.93
C LEU F 88 3.24 34.30 52.49
N ASN F 89 2.54 35.32 52.01
CA ASN F 89 2.68 35.75 50.63
C ASN F 89 3.83 36.76 50.51
N PHE F 90 4.98 36.33 50.00
CA PHE F 90 6.14 37.21 49.85
C PHE F 90 6.04 38.20 48.67
N SER F 91 4.88 38.26 47.99
CA SER F 91 4.65 39.29 46.98
C SER F 91 4.49 40.67 47.67
N HIS F 92 4.11 40.70 48.96
CA HIS F 92 3.94 41.94 49.73
C HIS F 92 4.60 41.79 51.10
N GLY F 93 4.95 42.91 51.72
CA GLY F 93 5.53 42.90 53.05
C GLY F 93 7.01 42.65 53.10
N SER F 94 7.67 43.26 54.08
CA SER F 94 9.11 43.11 54.27
C SER F 94 9.45 41.82 55.02
N HIS F 95 10.75 41.49 55.11
CA HIS F 95 11.20 40.35 55.90
C HIS F 95 10.83 40.53 57.37
N GLU F 96 10.84 41.76 57.88
CA GLU F 96 10.48 42.07 59.27
C GLU F 96 9.00 41.76 59.50
N TYR F 97 8.13 42.10 58.53
CA TYR F 97 6.70 41.85 58.60
C TYR F 97 6.46 40.33 58.66
N HIS F 98 7.09 39.58 57.75
CA HIS F 98 6.92 38.12 57.70
C HIS F 98 7.48 37.40 58.90
N ALA F 99 8.60 37.90 59.48
CA ALA F 99 9.16 37.28 60.69
C ALA F 99 8.18 37.44 61.87
N GLU F 100 7.50 38.58 61.94
CA GLU F 100 6.53 38.83 63.00
C GLU F 100 5.30 37.92 62.81
N SER F 101 4.87 37.68 61.54
CA SER F 101 3.75 36.79 61.24
C SER F 101 4.09 35.38 61.70
N ILE F 102 5.32 34.89 61.37
CA ILE F 102 5.80 33.57 61.76
C ILE F 102 5.81 33.42 63.28
N ALA F 103 6.32 34.45 64.00
CA ALA F 103 6.38 34.42 65.46
C ALA F 103 4.97 34.35 66.04
N ASN F 104 4.02 35.11 65.47
CA ASN F 104 2.63 35.12 65.96
C ASN F 104 1.95 33.78 65.72
N VAL F 105 2.22 33.14 64.57
CA VAL F 105 1.67 31.82 64.26
C VAL F 105 2.22 30.81 65.27
N ARG F 106 3.55 30.78 65.46
CA ARG F 106 4.18 29.87 66.41
C ARG F 106 3.70 30.07 67.86
N GLU F 107 3.48 31.32 68.27
CA GLU F 107 2.97 31.59 69.62
C GLU F 107 1.55 31.02 69.77
N ALA F 108 0.68 31.26 68.76
CA ALA F 108 -0.68 30.75 68.79
C ALA F 108 -0.70 29.21 68.79
N VAL F 109 0.15 28.57 67.96
CA VAL F 109 0.23 27.11 67.87
C VAL F 109 0.71 26.50 69.19
N GLU F 110 1.77 27.07 69.77
CA GLU F 110 2.33 26.55 71.00
C GLU F 110 1.48 26.84 72.24
N SER F 111 0.49 27.73 72.15
CA SER F 111 -0.44 27.97 73.26
C SER F 111 -1.33 26.72 73.56
N PHE F 112 -1.36 25.72 72.65
CA PHE F 112 -2.12 24.48 72.83
C PHE F 112 -1.22 23.25 73.17
N ALA F 113 0.12 23.44 73.25
CA ALA F 113 1.10 22.37 73.52
C ALA F 113 1.05 21.74 74.91
N GLY F 114 0.35 22.39 75.83
CA GLY F 114 0.21 21.91 77.21
C GLY F 114 -0.47 20.56 77.31
N SER F 115 -1.28 20.21 76.29
CA SER F 115 -1.94 18.93 76.26
C SER F 115 -1.48 18.20 75.00
N PRO F 116 -0.45 17.37 75.14
CA PRO F 116 0.09 16.64 73.98
C PRO F 116 -0.90 15.73 73.23
N LEU F 117 -1.90 15.17 73.93
CA LEU F 117 -2.89 14.29 73.31
C LEU F 117 -3.85 15.04 72.38
N SER F 118 -3.92 16.39 72.44
CA SER F 118 -4.84 17.16 71.60
C SER F 118 -4.16 18.25 70.75
N TYR F 119 -2.85 18.49 70.95
CA TYR F 119 -2.07 19.53 70.24
C TYR F 119 -2.22 19.48 68.70
N ARG F 120 -2.32 20.69 68.05
CA ARG F 120 -2.44 20.87 66.58
C ARG F 120 -1.23 21.47 65.85
N PRO F 121 -0.40 20.64 65.22
CA PRO F 121 0.71 21.16 64.43
C PRO F 121 0.21 21.98 63.24
N VAL F 122 0.84 23.13 62.98
CA VAL F 122 0.43 23.99 61.88
C VAL F 122 1.65 24.26 61.03
N ALA F 123 1.62 23.91 59.74
CA ALA F 123 2.76 24.15 58.87
C ALA F 123 2.87 25.63 58.46
N ILE F 124 4.08 26.09 58.13
CA ILE F 124 4.29 27.45 57.66
C ILE F 124 4.83 27.36 56.25
N ALA F 125 4.11 27.97 55.30
CA ALA F 125 4.47 27.92 53.90
C ALA F 125 4.85 29.31 53.39
N LEU F 126 5.96 29.40 52.65
CA LEU F 126 6.41 30.66 52.08
C LEU F 126 6.04 30.65 50.59
N ASP F 127 5.25 31.63 50.17
CA ASP F 127 4.82 31.71 48.78
C ASP F 127 5.66 32.80 48.13
N THR F 128 6.51 32.43 47.18
CA THR F 128 7.43 33.38 46.55
C THR F 128 6.76 34.41 45.63
N LYS F 129 7.42 35.56 45.47
CA LYS F 129 6.98 36.64 44.60
C LYS F 129 6.97 36.17 43.14
N GLY F 130 7.99 35.43 42.74
CA GLY F 130 8.07 34.91 41.39
C GLY F 130 9.14 35.53 40.53
N PRO F 131 9.27 35.04 39.29
CA PRO F 131 10.32 35.55 38.40
C PRO F 131 10.03 36.91 37.78
N PRO F 135 12.93 35.14 33.31
CA PRO F 135 13.41 33.87 32.73
C PRO F 135 13.53 32.73 33.76
N GLY F 136 14.02 33.05 34.95
CA GLY F 136 14.18 32.06 36.01
C GLY F 136 14.15 32.66 37.39
N LEU F 137 14.90 32.07 38.35
CA LEU F 137 14.92 32.54 39.74
C LEU F 137 15.42 33.97 39.92
N SER F 138 14.54 34.86 40.40
CA SER F 138 14.85 36.25 40.63
C SER F 138 15.74 36.45 41.87
N GLU F 139 16.41 37.61 41.96
CA GLU F 139 17.27 37.92 43.10
C GLU F 139 16.47 38.07 44.38
N GLN F 140 15.25 38.62 44.31
CA GLN F 140 14.40 38.75 45.49
C GLN F 140 14.01 37.36 45.99
N ASP F 141 13.68 36.43 45.08
CA ASP F 141 13.35 35.06 45.47
C ASP F 141 14.52 34.38 46.15
N VAL F 142 15.75 34.60 45.68
CA VAL F 142 16.94 34.03 46.34
C VAL F 142 17.04 34.50 47.82
N ARG F 143 16.80 35.79 48.05
CA ARG F 143 16.84 36.35 49.39
C ARG F 143 15.68 35.86 50.26
N ASP F 144 14.48 35.75 49.68
CA ASP F 144 13.30 35.30 50.39
C ASP F 144 13.40 33.81 50.76
N LEU F 145 13.96 33.01 49.87
CA LEU F 145 14.15 31.59 50.12
C LEU F 145 15.18 31.38 51.23
N ARG F 146 16.22 32.23 51.26
CA ARG F 146 17.23 32.21 52.32
C ARG F 146 16.57 32.55 53.65
N PHE F 147 15.68 33.56 53.67
CA PHE F 147 14.92 33.94 54.85
C PHE F 147 14.07 32.76 55.33
N GLY F 148 13.43 32.05 54.40
CA GLY F 148 12.62 30.88 54.70
C GLY F 148 13.38 29.80 55.44
N VAL F 149 14.59 29.49 54.95
CA VAL F 149 15.45 28.49 55.58
C VAL F 149 15.87 28.97 56.98
N GLU F 150 16.28 30.24 57.10
CA GLU F 150 16.70 30.79 58.39
C GLU F 150 15.58 30.85 59.42
N HIS F 151 14.33 30.98 58.97
CA HIS F 151 13.19 31.01 59.87
C HIS F 151 12.45 29.65 60.00
N GLY F 152 13.03 28.59 59.45
CA GLY F 152 12.49 27.23 59.56
C GLY F 152 11.12 26.97 58.94
N VAL F 153 10.85 27.57 57.75
CA VAL F 153 9.56 27.29 57.09
C VAL F 153 9.50 25.83 56.64
N ASP F 154 8.29 25.26 56.59
CA ASP F 154 8.13 23.85 56.24
C ASP F 154 7.99 23.62 54.74
N ILE F 155 7.37 24.57 54.06
CA ILE F 155 6.99 24.42 52.66
C ILE F 155 7.27 25.71 51.88
N VAL F 156 7.59 25.57 50.61
CA VAL F 156 7.71 26.68 49.70
C VAL F 156 6.66 26.48 48.58
N PHE F 157 5.84 27.49 48.33
CA PHE F 157 4.93 27.49 47.18
C PHE F 157 5.70 28.30 46.16
N ALA F 158 6.37 27.64 45.21
CA ALA F 158 7.20 28.33 44.21
C ALA F 158 6.36 28.90 43.07
N SER F 159 6.28 30.23 42.95
CA SER F 159 5.48 30.87 41.93
C SER F 159 6.00 30.71 40.50
N PHE F 160 5.06 30.65 39.55
CA PHE F 160 5.29 30.57 38.11
C PHE F 160 6.34 29.52 37.69
N VAL F 161 6.17 28.27 38.14
CA VAL F 161 7.08 27.20 37.75
C VAL F 161 6.72 26.81 36.31
N ARG F 162 7.70 26.88 35.39
CA ARG F 162 7.47 26.60 33.97
C ARG F 162 8.18 25.36 33.44
N LYS F 163 9.16 24.86 34.18
CA LYS F 163 9.95 23.72 33.77
C LYS F 163 10.71 23.12 34.96
N ALA F 164 11.28 21.92 34.80
CA ALA F 164 12.02 21.24 35.85
C ALA F 164 13.22 22.05 36.40
N SER F 165 13.94 22.80 35.53
CA SER F 165 15.07 23.60 36.00
C SER F 165 14.66 24.71 36.95
N ASP F 166 13.40 25.17 36.89
CA ASP F 166 12.90 26.18 37.83
C ASP F 166 12.86 25.59 39.24
N VAL F 167 12.45 24.31 39.36
CA VAL F 167 12.37 23.62 40.65
C VAL F 167 13.80 23.38 41.19
N ALA F 168 14.72 22.98 40.30
CA ALA F 168 16.12 22.78 40.70
C ALA F 168 16.74 24.07 41.24
N ALA F 169 16.41 25.22 40.64
CA ALA F 169 16.91 26.52 41.08
C ALA F 169 16.38 26.86 42.47
N VAL F 170 15.09 26.56 42.73
CA VAL F 170 14.50 26.82 44.05
C VAL F 170 15.20 25.93 45.10
N ARG F 171 15.41 24.65 44.75
CA ARG F 171 16.08 23.70 45.63
CA ARG F 171 16.08 23.70 45.63
C ARG F 171 17.50 24.16 45.97
N ALA F 172 18.25 24.65 44.96
CA ALA F 172 19.62 25.14 45.17
C ALA F 172 19.62 26.36 46.08
N ALA F 173 18.67 27.29 45.90
CA ALA F 173 18.57 28.49 46.73
C ALA F 173 18.23 28.20 48.20
N LEU F 174 17.61 27.05 48.48
CA LEU F 174 17.34 26.64 49.85
C LEU F 174 18.63 26.18 50.60
N GLY F 175 19.68 25.85 49.84
CA GLY F 175 20.97 25.47 50.40
C GLY F 175 21.00 24.11 51.08
N PRO F 176 22.13 23.79 51.72
CA PRO F 176 22.24 22.48 52.39
C PRO F 176 21.34 22.33 53.61
N GLU F 177 21.01 23.45 54.28
CA GLU F 177 20.14 23.38 55.46
C GLU F 177 18.63 23.29 55.13
N GLY F 178 18.26 23.51 53.88
CA GLY F 178 16.86 23.47 53.49
C GLY F 178 16.44 22.25 52.69
N HIS F 179 17.17 21.15 52.81
CA HIS F 179 16.88 19.92 52.10
C HIS F 179 15.54 19.27 52.51
N GLY F 180 15.11 19.52 53.74
CA GLY F 180 13.87 18.96 54.27
C GLY F 180 12.62 19.74 53.94
N ILE F 181 12.76 20.95 53.37
CA ILE F 181 11.63 21.80 53.01
C ILE F 181 10.92 21.23 51.78
N LYS F 182 9.58 21.14 51.82
CA LYS F 182 8.81 20.64 50.69
C LYS F 182 8.63 21.73 49.65
N ILE F 183 8.86 21.40 48.39
CA ILE F 183 8.65 22.36 47.31
C ILE F 183 7.35 22.01 46.57
N ILE F 184 6.39 22.92 46.63
CA ILE F 184 5.12 22.78 45.93
C ILE F 184 5.19 23.75 44.75
N SER F 185 5.22 23.22 43.53
CA SER F 185 5.30 24.08 42.35
C SER F 185 3.95 24.65 41.97
N LYS F 186 3.86 25.97 41.81
CA LYS F 186 2.63 26.63 41.38
C LYS F 186 2.57 26.64 39.85
N ILE F 187 1.50 26.06 39.28
CA ILE F 187 1.31 26.04 37.82
C ILE F 187 0.39 27.19 37.52
N GLU F 188 0.93 28.22 36.83
CA GLU F 188 0.21 29.45 36.61
C GLU F 188 0.10 29.91 35.16
N ASN F 189 0.63 29.14 34.21
CA ASN F 189 0.58 29.55 32.81
C ASN F 189 0.56 28.34 31.86
N HIS F 190 0.43 28.59 30.54
CA HIS F 190 0.36 27.53 29.55
C HIS F 190 1.57 26.63 29.57
N GLU F 191 2.78 27.20 29.66
CA GLU F 191 4.00 26.39 29.68
C GLU F 191 4.06 25.44 30.88
N GLY F 192 3.65 25.90 32.05
CA GLY F 192 3.61 25.04 33.24
C GLY F 192 2.69 23.85 33.06
N VAL F 193 1.54 24.07 32.41
CA VAL F 193 0.57 23.00 32.12
C VAL F 193 1.16 22.02 31.11
N LYS F 194 1.78 22.53 30.03
CA LYS F 194 2.36 21.66 29.00
C LYS F 194 3.56 20.88 29.50
N ARG F 195 4.35 21.47 30.38
CA ARG F 195 5.53 20.78 30.93
C ARG F 195 5.22 20.19 32.33
N PHE F 196 3.94 19.97 32.67
CA PHE F 196 3.50 19.45 33.95
C PHE F 196 4.23 18.19 34.40
N ASP F 197 4.34 17.17 33.53
CA ASP F 197 4.96 15.91 33.92
C ASP F 197 6.38 16.06 34.42
N GLU F 198 7.20 16.88 33.73
CA GLU F 198 8.58 17.09 34.16
C GLU F 198 8.66 17.91 35.46
N ILE F 199 7.71 18.82 35.67
CA ILE F 199 7.67 19.63 36.88
C ILE F 199 7.25 18.77 38.08
N LEU F 200 6.18 17.97 37.93
CA LEU F 200 5.72 17.09 39.01
C LEU F 200 6.80 16.08 39.42
N GLU F 201 7.52 15.53 38.45
CA GLU F 201 8.59 14.56 38.70
C GLU F 201 9.62 15.03 39.72
N VAL F 202 10.02 16.30 39.66
CA VAL F 202 11.02 16.85 40.57
C VAL F 202 10.44 17.66 41.75
N SER F 203 9.12 17.86 41.79
CA SER F 203 8.51 18.61 42.87
C SER F 203 7.94 17.67 43.95
N ASP F 204 7.72 18.20 45.16
CA ASP F 204 7.05 17.42 46.19
C ASP F 204 5.51 17.41 45.98
N GLY F 205 5.01 18.43 45.29
CA GLY F 205 3.58 18.57 45.00
C GLY F 205 3.31 19.76 44.11
N ILE F 206 2.02 20.02 43.87
CA ILE F 206 1.63 21.08 42.94
C ILE F 206 0.54 21.96 43.53
N MET F 207 0.51 23.23 43.13
CA MET F 207 -0.59 24.12 43.45
C MET F 207 -1.22 24.54 42.11
N VAL F 208 -2.53 24.37 41.98
CA VAL F 208 -3.26 24.84 40.81
C VAL F 208 -3.55 26.29 41.16
N ALA F 209 -2.70 27.21 40.68
CA ALA F 209 -2.79 28.62 41.01
C ALA F 209 -3.69 29.28 40.00
N ARG F 210 -5.01 29.20 40.25
CA ARG F 210 -6.04 29.58 39.31
C ARG F 210 -6.12 31.07 38.97
N GLY F 211 -5.67 31.95 39.85
CA GLY F 211 -5.69 33.39 39.60
C GLY F 211 -4.92 33.76 38.36
N ASP F 212 -3.61 33.49 38.34
CA ASP F 212 -2.78 33.75 37.18
C ASP F 212 -3.09 32.81 36.03
N LEU F 213 -3.36 31.52 36.33
CA LEU F 213 -3.72 30.57 35.28
C LEU F 213 -4.93 31.04 34.45
N GLY F 214 -5.94 31.61 35.13
CA GLY F 214 -7.15 32.13 34.51
C GLY F 214 -6.98 33.39 33.69
N ILE F 215 -5.80 34.03 33.76
CA ILE F 215 -5.44 35.21 32.97
C ILE F 215 -4.47 34.78 31.84
N GLU F 216 -3.63 33.77 32.09
CA GLU F 216 -2.65 33.24 31.13
C GLU F 216 -3.30 32.36 30.06
N ILE F 217 -4.32 31.60 30.44
CA ILE F 217 -5.07 30.74 29.51
C ILE F 217 -6.55 31.18 29.55
N PRO F 218 -7.39 30.82 28.56
CA PRO F 218 -8.80 31.24 28.61
C PRO F 218 -9.47 30.80 29.92
N ALA F 219 -10.26 31.68 30.52
CA ALA F 219 -10.91 31.41 31.81
C ALA F 219 -11.76 30.14 31.77
N GLU F 220 -12.40 29.86 30.63
CA GLU F 220 -13.24 28.67 30.45
C GLU F 220 -12.45 27.36 30.34
N LYS F 221 -11.12 27.41 30.34
CA LYS F 221 -10.30 26.20 30.26
C LYS F 221 -9.64 25.84 31.62
N VAL F 222 -9.67 26.74 32.60
CA VAL F 222 -9.02 26.48 33.90
C VAL F 222 -9.50 25.19 34.57
N PHE F 223 -10.80 24.87 34.49
CA PHE F 223 -11.32 23.63 35.12
C PHE F 223 -10.66 22.38 34.52
N LEU F 224 -10.31 22.41 33.21
CA LEU F 224 -9.67 21.27 32.56
C LEU F 224 -8.27 21.10 33.13
N ALA F 225 -7.53 22.22 33.27
CA ALA F 225 -6.19 22.18 33.83
C ALA F 225 -6.24 21.72 35.29
N GLN F 226 -7.21 22.21 36.08
CA GLN F 226 -7.36 21.82 37.48
C GLN F 226 -7.64 20.31 37.60
N LYS F 227 -8.62 19.81 36.85
CA LYS F 227 -8.99 18.39 36.93
C LYS F 227 -7.86 17.47 36.45
N MET F 228 -7.15 17.88 35.37
CA MET F 228 -6.02 17.10 34.85
C MET F 228 -4.88 17.03 35.89
N MET F 229 -4.49 18.18 36.45
CA MET F 229 -3.37 18.23 37.40
C MET F 229 -3.69 17.50 38.69
N ILE F 230 -4.94 17.61 39.16
CA ILE F 230 -5.34 16.88 40.37
C ILE F 230 -5.30 15.36 40.08
N GLY F 231 -5.81 14.95 38.93
CA GLY F 231 -5.77 13.55 38.54
C GLY F 231 -4.35 13.01 38.44
N ARG F 232 -3.42 13.77 37.82
CA ARG F 232 -2.04 13.31 37.68
C ARG F 232 -1.31 13.27 39.02
N CYS F 233 -1.59 14.23 39.92
CA CYS F 233 -1.00 14.23 41.25
C CYS F 233 -1.51 13.04 42.05
N ASN F 234 -2.83 12.73 41.95
CA ASN F 234 -3.40 11.57 42.65
C ASN F 234 -2.76 10.28 42.11
N LEU F 235 -2.55 10.19 40.80
CA LEU F 235 -1.91 9.03 40.20
C LEU F 235 -0.47 8.87 40.73
N ALA F 236 0.26 9.98 40.85
CA ALA F 236 1.63 10.00 41.36
C ALA F 236 1.74 9.87 42.89
N GLY F 237 0.64 10.03 43.61
CA GLY F 237 0.65 9.99 45.07
C GLY F 237 1.34 11.21 45.68
N LYS F 238 1.25 12.37 45.01
CA LYS F 238 1.88 13.60 45.48
C LYS F 238 0.83 14.65 45.79
N PRO F 239 1.01 15.44 46.86
CA PRO F 239 0.01 16.45 47.21
C PRO F 239 -0.33 17.47 46.15
N VAL F 240 -1.60 17.86 46.09
CA VAL F 240 -2.06 18.87 45.15
C VAL F 240 -2.98 19.84 45.90
N VAL F 241 -2.76 21.14 45.68
CA VAL F 241 -3.53 22.21 46.32
C VAL F 241 -4.41 22.90 45.29
N CYS F 242 -5.68 23.16 45.63
CA CYS F 242 -6.53 23.97 44.76
C CYS F 242 -6.55 25.36 45.38
N ALA F 243 -6.34 26.41 44.57
CA ALA F 243 -6.26 27.76 45.13
C ALA F 243 -6.98 28.82 44.31
N THR F 244 -7.33 29.94 44.98
CA THR F 244 -7.78 31.26 44.52
C THR F 244 -9.26 31.41 44.23
N GLN F 245 -9.87 32.39 44.93
CA GLN F 245 -11.25 32.82 44.79
C GLN F 245 -12.27 31.73 45.14
N MET F 246 -11.87 30.75 45.98
CA MET F 246 -12.77 29.67 46.35
C MET F 246 -13.98 30.18 47.11
N LEU F 247 -13.80 31.17 48.01
CA LEU F 247 -14.89 31.76 48.79
C LEU F 247 -14.73 33.31 48.74
N GLU F 248 -14.35 33.85 47.56
CA GLU F 248 -14.07 35.26 47.36
C GLU F 248 -15.07 36.23 47.99
N SER F 249 -16.38 36.04 47.77
CA SER F 249 -17.39 36.96 48.30
C SER F 249 -17.35 37.08 49.83
N MET F 250 -16.78 36.07 50.53
CA MET F 250 -16.67 36.13 51.99
C MET F 250 -15.62 37.17 52.48
N ILE F 251 -14.94 37.86 51.56
CA ILE F 251 -14.06 38.98 51.92
C ILE F 251 -14.94 40.08 52.56
N THR F 252 -16.19 40.28 52.07
CA THR F 252 -17.09 41.29 52.64
C THR F 252 -18.42 40.73 53.14
N LYS F 253 -18.80 39.50 52.75
CA LYS F 253 -20.09 38.94 53.16
C LYS F 253 -19.94 37.77 54.14
N PRO F 254 -20.85 37.62 55.11
CA PRO F 254 -20.72 36.53 56.09
C PRO F 254 -21.00 35.13 55.55
N ARG F 255 -21.68 35.04 54.38
CA ARG F 255 -22.00 33.77 53.73
C ARG F 255 -21.51 33.81 52.27
N PRO F 256 -21.06 32.68 51.74
CA PRO F 256 -20.56 32.67 50.34
C PRO F 256 -21.67 32.51 49.30
N THR F 257 -21.32 32.64 48.00
CA THR F 257 -22.31 32.41 46.95
C THR F 257 -22.49 30.87 46.73
N ARG F 258 -23.52 30.49 45.97
CA ARG F 258 -23.78 29.09 45.64
C ARG F 258 -22.66 28.52 44.77
N ALA F 259 -22.04 29.35 43.90
CA ALA F 259 -20.93 28.91 43.06
C ALA F 259 -19.68 28.64 43.90
N GLU F 260 -19.46 29.42 44.94
CA GLU F 260 -18.30 29.26 45.82
C GLU F 260 -18.35 27.98 46.63
N THR F 261 -19.52 27.66 47.23
CA THR F 261 -19.62 26.39 48.00
C THR F 261 -19.43 25.21 47.06
N SER F 262 -20.00 25.29 45.86
CA SER F 262 -19.89 24.27 44.84
C SER F 262 -18.41 24.10 44.43
N ASP F 263 -17.68 25.20 44.24
CA ASP F 263 -16.27 25.14 43.86
C ASP F 263 -15.43 24.41 44.92
N VAL F 264 -15.67 24.70 46.22
CA VAL F 264 -14.93 24.03 47.29
C VAL F 264 -15.25 22.54 47.29
N ALA F 265 -16.55 22.19 47.20
CA ALA F 265 -16.96 20.78 47.20
C ALA F 265 -16.36 20.03 46.02
N ASN F 266 -16.39 20.64 44.82
CA ASN F 266 -15.88 20.02 43.62
C ASN F 266 -14.37 19.91 43.62
N ALA F 267 -13.63 20.82 44.29
CA ALA F 267 -12.17 20.68 44.40
C ALA F 267 -11.84 19.41 45.22
N VAL F 268 -12.60 19.18 46.31
CA VAL F 268 -12.43 18.00 47.15
C VAL F 268 -12.80 16.75 46.35
N LEU F 269 -13.96 16.77 45.67
CA LEU F 269 -14.37 15.61 44.86
C LEU F 269 -13.40 15.32 43.73
N ASP F 270 -12.76 16.36 43.18
CA ASP F 270 -11.75 16.19 42.11
C ASP F 270 -10.55 15.38 42.64
N GLY F 271 -10.21 15.56 43.92
CA GLY F 271 -9.11 14.86 44.56
C GLY F 271 -8.05 15.75 45.20
N ALA F 272 -8.36 17.05 45.40
CA ALA F 272 -7.38 17.97 46.00
C ALA F 272 -7.04 17.55 47.43
N ASP F 273 -5.76 17.55 47.77
CA ASP F 273 -5.31 17.25 49.13
C ASP F 273 -5.54 18.45 50.03
N CYS F 274 -5.35 19.67 49.51
CA CYS F 274 -5.52 20.91 50.24
C CYS F 274 -6.38 21.88 49.46
N ILE F 275 -7.08 22.75 50.20
CA ILE F 275 -7.81 23.87 49.63
C ILE F 275 -7.25 25.14 50.29
N MET F 276 -7.35 26.27 49.59
CA MET F 276 -6.72 27.50 50.05
C MET F 276 -7.64 28.70 50.11
N LEU F 277 -7.30 29.63 51.02
CA LEU F 277 -7.95 30.92 51.20
C LEU F 277 -6.87 31.98 51.04
N SER F 278 -7.15 33.04 50.28
CA SER F 278 -6.18 34.12 50.06
C SER F 278 -6.71 35.40 50.72
N GLY F 279 -7.35 36.31 49.96
CA GLY F 279 -7.91 37.54 50.50
C GLY F 279 -8.96 37.30 51.57
N GLU F 280 -9.65 36.13 51.50
CA GLU F 280 -10.69 35.74 52.47
C GLU F 280 -10.12 35.74 53.89
N THR F 281 -8.88 35.30 54.09
CA THR F 281 -8.28 35.29 55.42
C THR F 281 -7.22 36.41 55.59
N ALA F 282 -6.54 36.83 54.50
CA ALA F 282 -5.49 37.85 54.59
C ALA F 282 -6.02 39.24 54.88
N LYS F 283 -7.13 39.65 54.25
CA LYS F 283 -7.62 41.01 54.40
C LYS F 283 -9.12 41.15 54.63
N GLY F 284 -9.89 40.07 54.49
CA GLY F 284 -11.35 40.15 54.61
C GLY F 284 -11.90 40.40 55.99
N ASN F 285 -13.21 40.64 56.09
CA ASN F 285 -13.88 40.87 57.35
C ASN F 285 -14.36 39.60 58.07
N PHE F 286 -14.25 38.44 57.42
CA PHE F 286 -14.70 37.20 58.03
C PHE F 286 -13.63 36.09 57.87
N PRO F 287 -12.37 36.29 58.31
CA PRO F 287 -11.35 35.24 58.13
C PRO F 287 -11.67 33.91 58.84
N VAL F 288 -12.17 33.98 60.08
CA VAL F 288 -12.49 32.78 60.84
C VAL F 288 -13.69 32.05 60.20
N GLU F 289 -14.71 32.80 59.79
CA GLU F 289 -15.90 32.24 59.15
C GLU F 289 -15.56 31.58 57.81
N ALA F 290 -14.57 32.12 57.07
CA ALA F 290 -14.13 31.53 55.80
C ALA F 290 -13.48 30.17 56.04
N VAL F 291 -12.66 30.07 57.11
CA VAL F 291 -12.03 28.80 57.48
C VAL F 291 -13.12 27.80 57.89
N LYS F 292 -14.09 28.24 58.71
CA LYS F 292 -15.18 27.37 59.16
C LYS F 292 -16.02 26.86 57.97
N MET F 293 -16.25 27.71 56.97
CA MET F 293 -17.02 27.34 55.78
C MET F 293 -16.27 26.30 54.96
N GLN F 294 -14.95 26.47 54.75
CA GLN F 294 -14.17 25.47 54.02
C GLN F 294 -14.17 24.13 54.78
N HIS F 295 -14.08 24.19 56.11
CA HIS F 295 -14.11 23.00 56.95
C HIS F 295 -15.46 22.26 56.76
N ALA F 296 -16.57 22.99 56.86
CA ALA F 296 -17.92 22.42 56.75
C ALA F 296 -18.17 21.80 55.38
N ILE F 297 -17.76 22.48 54.30
CA ILE F 297 -17.95 21.94 52.95
C ILE F 297 -17.07 20.73 52.71
N ALA F 298 -15.78 20.80 53.09
CA ALA F 298 -14.86 19.68 52.87
C ALA F 298 -15.33 18.40 53.54
N ARG F 299 -15.86 18.46 54.77
CA ARG F 299 -16.36 17.25 55.45
C ARG F 299 -17.52 16.64 54.67
N GLU F 300 -18.44 17.50 54.17
CA GLU F 300 -19.57 17.01 53.39
C GLU F 300 -19.07 16.35 52.09
N ALA F 301 -18.11 17.00 51.41
CA ALA F 301 -17.62 16.49 50.12
C ALA F 301 -16.79 15.23 50.25
N GLU F 302 -16.02 15.09 51.33
CA GLU F 302 -15.20 13.89 51.54
C GLU F 302 -16.07 12.65 51.72
N ALA F 303 -17.21 12.79 52.41
CA ALA F 303 -18.13 11.67 52.57
C ALA F 303 -18.80 11.28 51.24
N ALA F 304 -18.96 12.26 50.31
CA ALA F 304 -19.58 12.05 49.00
C ALA F 304 -18.62 11.47 47.95
N VAL F 305 -17.35 11.21 48.31
CA VAL F 305 -16.40 10.60 47.37
C VAL F 305 -16.87 9.17 47.06
N TYR F 306 -16.81 8.73 45.80
CA TYR F 306 -17.24 7.41 45.41
C TYR F 306 -16.07 6.40 45.59
N HIS F 307 -15.79 6.03 46.84
CA HIS F 307 -14.65 5.14 47.17
C HIS F 307 -14.66 3.82 46.45
N ARG F 308 -15.82 3.24 46.14
CA ARG F 308 -15.86 1.96 45.43
C ARG F 308 -15.07 1.99 44.11
N GLN F 309 -15.32 2.99 43.26
CA GLN F 309 -14.59 3.09 42.00
C GLN F 309 -13.22 3.73 42.19
N LEU F 310 -13.13 4.76 43.03
CA LEU F 310 -11.86 5.45 43.28
C LEU F 310 -10.77 4.46 43.76
N PHE F 311 -11.08 3.63 44.77
CA PHE F 311 -10.10 2.67 45.28
C PHE F 311 -9.70 1.68 44.21
N GLU F 312 -10.67 1.14 43.46
CA GLU F 312 -10.37 0.20 42.38
C GLU F 312 -9.44 0.82 41.33
N GLU F 313 -9.71 2.07 40.94
CA GLU F 313 -8.87 2.74 39.95
C GLU F 313 -7.49 3.08 40.46
N LEU F 314 -7.37 3.54 41.72
CA LEU F 314 -6.06 3.85 42.31
C LEU F 314 -5.22 2.59 42.44
N ARG F 315 -5.83 1.47 42.87
CA ARG F 315 -5.13 0.21 42.97
C ARG F 315 -4.65 -0.28 41.59
N ARG F 316 -5.54 -0.28 40.58
CA ARG F 316 -5.21 -0.74 39.24
C ARG F 316 -4.13 0.10 38.57
N ALA F 317 -4.14 1.42 38.81
CA ALA F 317 -3.18 2.32 38.18
C ALA F 317 -1.82 2.31 38.89
N ALA F 318 -1.80 2.03 40.21
CA ALA F 318 -0.55 1.99 40.94
C ALA F 318 0.24 0.77 40.48
N PRO F 319 1.47 0.99 40.00
CA PRO F 319 2.25 -0.13 39.49
C PRO F 319 2.56 -1.17 40.56
N LEU F 320 2.92 -2.39 40.14
CA LEU F 320 3.35 -3.44 41.05
C LEU F 320 4.62 -2.95 41.77
N SER F 321 4.75 -3.29 43.06
CA SER F 321 5.88 -2.79 43.81
C SER F 321 6.51 -3.83 44.68
N ARG F 322 7.82 -3.79 44.79
CA ARG F 322 8.53 -4.65 45.72
C ARG F 322 9.02 -3.87 46.96
N ASP F 323 8.56 -2.62 47.14
CA ASP F 323 8.89 -1.81 48.30
C ASP F 323 7.92 -2.23 49.41
N PRO F 324 8.42 -2.74 50.54
CA PRO F 324 7.50 -3.21 51.59
C PRO F 324 6.59 -2.13 52.16
N THR F 325 7.00 -0.85 52.17
CA THR F 325 6.13 0.22 52.69
C THR F 325 4.90 0.37 51.79
N GLU F 326 5.11 0.33 50.48
CA GLU F 326 4.06 0.44 49.48
C GLU F 326 3.12 -0.78 49.56
N VAL F 327 3.69 -1.98 49.70
CA VAL F 327 2.93 -3.22 49.80
C VAL F 327 2.07 -3.24 51.07
N THR F 328 2.66 -2.80 52.19
CA THR F 328 1.95 -2.73 53.47
C THR F 328 0.82 -1.71 53.39
N ALA F 329 1.08 -0.55 52.76
CA ALA F 329 0.08 0.51 52.62
C ALA F 329 -1.21 0.04 51.92
N ILE F 330 -1.09 -0.64 50.78
CA ILE F 330 -2.27 -1.10 50.05
C ILE F 330 -3.01 -2.20 50.84
N GLY F 331 -2.26 -3.07 51.51
CA GLY F 331 -2.86 -4.11 52.34
C GLY F 331 -3.63 -3.51 53.50
N ALA F 332 -3.06 -2.46 54.14
CA ALA F 332 -3.70 -1.76 55.25
C ALA F 332 -4.99 -1.03 54.82
N VAL F 333 -4.95 -0.34 53.66
CA VAL F 333 -6.14 0.38 53.18
C VAL F 333 -7.24 -0.62 52.82
N GLU F 334 -6.86 -1.75 52.20
CA GLU F 334 -7.82 -2.81 51.86
CA GLU F 334 -7.82 -2.81 51.86
C GLU F 334 -8.48 -3.35 53.14
N ALA F 335 -7.65 -3.63 54.18
CA ALA F 335 -8.14 -4.13 55.47
C ALA F 335 -9.07 -3.11 56.15
N ALA F 336 -8.72 -1.82 56.08
CA ALA F 336 -9.54 -0.77 56.67
C ALA F 336 -10.93 -0.71 56.02
N PHE F 337 -11.01 -0.82 54.69
CA PHE F 337 -12.30 -0.82 53.99
C PHE F 337 -13.13 -2.06 54.34
N LYS F 338 -12.48 -3.22 54.49
CA LYS F 338 -13.16 -4.48 54.81
C LYS F 338 -13.94 -4.42 56.13
N CYS F 339 -13.39 -3.72 57.13
CA CYS F 339 -14.04 -3.67 58.45
C CYS F 339 -14.61 -2.31 58.82
N CYS F 340 -14.64 -1.34 57.87
CA CYS F 340 -15.08 0.04 58.14
C CYS F 340 -14.25 0.62 59.30
N ALA F 341 -12.91 0.36 59.30
CA ALA F 341 -12.01 0.82 60.37
C ALA F 341 -12.15 2.30 60.60
N ALA F 342 -12.15 2.72 61.84
CA ALA F 342 -12.24 4.14 62.17
C ALA F 342 -10.91 4.86 61.81
N ALA F 343 -9.78 4.16 61.94
CA ALA F 343 -8.48 4.77 61.67
C ALA F 343 -7.41 3.76 61.30
N ILE F 344 -6.33 4.26 60.67
CA ILE F 344 -5.13 3.52 60.39
C ILE F 344 -4.07 4.28 61.18
N ILE F 345 -3.46 3.63 62.19
CA ILE F 345 -2.42 4.29 62.99
C ILE F 345 -1.09 3.89 62.40
N VAL F 346 -0.28 4.87 62.03
CA VAL F 346 1.01 4.59 61.41
C VAL F 346 2.16 5.31 62.12
N LEU F 347 3.27 4.61 62.32
CA LEU F 347 4.46 5.23 62.89
C LEU F 347 5.30 5.70 61.70
N THR F 348 5.75 6.96 61.72
CA THR F 348 6.53 7.50 60.62
C THR F 348 7.56 8.50 61.09
N THR F 349 8.74 8.49 60.48
CA THR F 349 9.82 9.43 60.83
C THR F 349 9.76 10.65 59.90
N THR F 350 9.63 10.40 58.59
CA THR F 350 9.61 11.44 57.56
C THR F 350 8.22 11.81 57.04
N GLY F 351 7.23 10.99 57.33
CA GLY F 351 5.87 11.15 56.82
C GLY F 351 5.57 10.20 55.67
N ARG F 352 6.60 9.60 55.04
CA ARG F 352 6.46 8.73 53.87
C ARG F 352 5.46 7.56 54.04
N SER F 353 5.50 6.83 55.15
CA SER F 353 4.55 5.72 55.34
C SER F 353 3.10 6.24 55.39
N ALA F 354 2.87 7.42 55.95
CA ALA F 354 1.54 8.02 56.01
C ALA F 354 1.11 8.50 54.60
N GLN F 355 2.05 9.05 53.83
CA GLN F 355 1.79 9.51 52.46
C GLN F 355 1.39 8.35 51.55
N LEU F 356 2.05 7.18 51.72
CA LEU F 356 1.69 6.00 50.93
C LEU F 356 0.32 5.41 51.28
N LEU F 357 -0.15 5.61 52.52
CA LEU F 357 -1.49 5.19 52.91
C LEU F 357 -2.52 6.17 52.28
N SER F 358 -2.23 7.48 52.39
CA SER F 358 -3.05 8.58 51.89
C SER F 358 -3.32 8.49 50.37
N ARG F 359 -2.33 8.04 49.60
CA ARG F 359 -2.45 7.96 48.14
C ARG F 359 -3.57 7.00 47.69
N TYR F 360 -3.95 6.02 48.54
CA TYR F 360 -5.05 5.11 48.22
C TYR F 360 -6.41 5.62 48.67
N ARG F 361 -6.48 6.84 49.23
CA ARG F 361 -7.67 7.52 49.65
C ARG F 361 -8.59 6.67 50.56
N PRO F 362 -8.07 6.21 51.70
CA PRO F 362 -8.94 5.46 52.61
C PRO F 362 -10.00 6.37 53.21
N ARG F 363 -11.14 5.77 53.55
CA ARG F 363 -12.17 6.51 54.28
C ARG F 363 -11.68 6.65 55.77
N ALA F 364 -10.93 5.64 56.28
CA ALA F 364 -10.37 5.67 57.63
C ALA F 364 -9.33 6.80 57.73
N ALA F 365 -9.34 7.53 58.83
CA ALA F 365 -8.36 8.58 59.11
C ALA F 365 -6.98 7.93 59.25
N VAL F 366 -5.93 8.58 58.75
CA VAL F 366 -4.56 8.08 58.90
C VAL F 366 -3.94 8.87 60.06
N ILE F 367 -3.84 8.25 61.24
CA ILE F 367 -3.26 8.89 62.41
C ILE F 367 -1.76 8.62 62.40
N ALA F 368 -0.97 9.65 62.09
CA ALA F 368 0.48 9.48 61.95
C ALA F 368 1.21 9.91 63.22
N VAL F 369 1.87 8.95 63.88
CA VAL F 369 2.62 9.23 65.11
C VAL F 369 4.07 9.43 64.74
N THR F 370 4.60 10.61 65.06
CA THR F 370 5.97 10.94 64.72
C THR F 370 6.64 11.76 65.81
N ARG F 371 7.97 11.64 65.91
CA ARG F 371 8.76 12.48 66.82
C ARG F 371 9.23 13.77 66.09
N SER F 372 9.23 13.78 64.74
CA SER F 372 9.67 14.93 63.97
C SER F 372 8.60 16.02 63.95
N ALA F 373 8.88 17.15 64.59
CA ALA F 373 7.97 18.29 64.61
C ALA F 373 7.72 18.79 63.18
N GLN F 374 8.77 18.78 62.33
CA GLN F 374 8.64 19.23 60.95
C GLN F 374 7.79 18.27 60.12
N ALA F 375 8.00 16.94 60.24
CA ALA F 375 7.19 15.97 59.50
C ALA F 375 5.73 16.07 59.93
N ALA F 376 5.47 16.31 61.23
CA ALA F 376 4.11 16.49 61.74
C ALA F 376 3.42 17.68 61.04
N ARG F 377 4.15 18.79 60.83
CA ARG F 377 3.58 19.95 60.12
C ARG F 377 3.42 19.66 58.61
N GLN F 378 4.41 19.05 57.98
CA GLN F 378 4.38 18.80 56.54
C GLN F 378 3.36 17.78 56.07
N VAL F 379 3.00 16.76 56.90
CA VAL F 379 2.04 15.75 56.47
C VAL F 379 0.62 16.31 56.30
N HIS F 380 0.36 17.56 56.72
CA HIS F 380 -0.91 18.22 56.43
C HIS F 380 -1.12 18.36 54.90
N LEU F 381 -0.04 18.25 54.09
CA LEU F 381 -0.15 18.32 52.66
C LEU F 381 -0.87 17.10 52.07
N CYS F 382 -0.92 15.96 52.79
CA CYS F 382 -1.52 14.71 52.34
C CYS F 382 -2.90 14.53 52.92
N ARG F 383 -3.90 14.37 52.04
CA ARG F 383 -5.27 14.19 52.50
C ARG F 383 -5.45 13.06 53.49
N GLY F 384 -6.12 13.36 54.57
CA GLY F 384 -6.50 12.35 55.56
C GLY F 384 -5.42 11.96 56.53
N VAL F 385 -4.30 12.68 56.56
CA VAL F 385 -3.24 12.40 57.52
C VAL F 385 -3.38 13.37 58.70
N PHE F 386 -3.55 12.81 59.92
CA PHE F 386 -3.73 13.55 61.16
C PHE F 386 -2.46 13.35 62.00
N PRO F 387 -1.61 14.38 62.03
CA PRO F 387 -0.32 14.22 62.74
C PRO F 387 -0.40 14.32 64.24
N LEU F 388 0.28 13.39 64.94
CA LEU F 388 0.38 13.41 66.39
C LEU F 388 1.85 13.50 66.75
N LEU F 389 2.23 14.62 67.36
CA LEU F 389 3.62 14.82 67.74
C LEU F 389 3.91 14.11 69.07
N TYR F 390 4.77 13.08 69.03
CA TYR F 390 5.16 12.28 70.19
C TYR F 390 6.41 12.94 70.80
N ARG F 391 6.32 13.34 72.08
CA ARG F 391 7.42 14.05 72.73
C ARG F 391 8.26 13.20 73.70
N GLU F 392 7.83 11.99 74.05
CA GLU F 392 8.54 11.15 75.01
C GLU F 392 9.88 10.61 74.51
N PRO F 393 10.89 10.56 75.42
CA PRO F 393 12.19 10.00 75.01
C PRO F 393 12.12 8.50 74.74
N PRO F 394 13.03 7.99 73.88
CA PRO F 394 12.98 6.56 73.54
C PRO F 394 13.19 5.60 74.69
N GLU F 395 12.36 4.54 74.74
CA GLU F 395 12.44 3.48 75.73
C GLU F 395 13.71 2.68 75.49
N ALA F 396 14.21 1.97 76.52
CA ALA F 396 15.42 1.16 76.40
C ALA F 396 15.21 0.04 75.38
N ILE F 397 14.04 -0.61 75.44
CA ILE F 397 13.72 -1.68 74.50
C ILE F 397 12.90 -1.09 73.34
N TRP F 398 13.42 -1.18 72.11
CA TRP F 398 12.78 -0.61 70.94
C TRP F 398 11.34 -1.10 70.73
N ALA F 399 11.06 -2.40 70.92
CA ALA F 399 9.71 -2.93 70.78
C ALA F 399 8.73 -2.26 71.75
N ASP F 400 9.19 -1.92 72.97
CA ASP F 400 8.36 -1.23 73.94
C ASP F 400 8.11 0.21 73.50
N ASP F 401 9.12 0.87 72.90
CA ASP F 401 8.99 2.24 72.41
C ASP F 401 7.95 2.30 71.27
N VAL F 402 7.93 1.27 70.40
CA VAL F 402 6.99 1.14 69.31
C VAL F 402 5.59 0.99 69.89
N ASP F 403 5.41 0.07 70.85
CA ASP F 403 4.12 -0.15 71.49
C ASP F 403 3.57 1.08 72.19
N ARG F 404 4.44 1.84 72.86
CA ARG F 404 4.02 3.07 73.53
C ARG F 404 3.51 4.11 72.54
N ARG F 405 4.14 4.18 71.36
CA ARG F 405 3.72 5.12 70.33
C ARG F 405 2.38 4.73 69.73
N VAL F 406 2.13 3.43 69.56
CA VAL F 406 0.85 2.94 69.06
C VAL F 406 -0.25 3.26 70.07
N GLN F 407 0.04 3.03 71.37
CA GLN F 407 -0.92 3.34 72.43
C GLN F 407 -1.19 4.82 72.55
N PHE F 408 -0.19 5.66 72.29
CA PHE F 408 -0.34 7.12 72.28
C PHE F 408 -1.31 7.52 71.15
N GLY F 409 -1.20 6.86 70.00
CA GLY F 409 -2.11 7.10 68.88
C GLY F 409 -3.54 6.72 69.22
N ILE F 410 -3.71 5.56 69.90
CA ILE F 410 -5.03 5.10 70.35
C ILE F 410 -5.64 6.06 71.37
N GLU F 411 -4.85 6.46 72.39
CA GLU F 411 -5.30 7.38 73.43
C GLU F 411 -5.62 8.76 72.88
N SER F 412 -4.81 9.28 71.96
CA SER F 412 -5.11 10.58 71.33
C SER F 412 -6.38 10.46 70.49
N GLY F 413 -6.51 9.35 69.75
CA GLY F 413 -7.68 9.08 68.92
C GLY F 413 -8.96 9.02 69.71
N LYS F 414 -8.92 8.38 70.89
CA LYS F 414 -10.09 8.29 71.76
C LYS F 414 -10.47 9.66 72.30
N LEU F 415 -9.47 10.43 72.76
CA LEU F 415 -9.68 11.77 73.30
C LEU F 415 -10.25 12.71 72.27
N ARG F 416 -9.77 12.63 71.02
CA ARG F 416 -10.23 13.52 69.95
C ARG F 416 -11.53 13.09 69.26
N GLY F 417 -12.06 11.92 69.59
CA GLY F 417 -13.28 11.42 68.97
C GLY F 417 -13.09 10.60 67.71
N PHE F 418 -11.84 10.31 67.32
CA PHE F 418 -11.53 9.48 66.15
C PHE F 418 -11.89 8.02 66.42
N LEU F 419 -11.65 7.55 67.64
CA LEU F 419 -11.82 6.17 68.03
C LEU F 419 -12.74 6.02 69.22
N ARG F 420 -13.51 4.95 69.19
CA ARG F 420 -14.46 4.60 70.22
C ARG F 420 -14.19 3.13 70.60
N VAL F 421 -14.54 2.72 71.83
CA VAL F 421 -14.40 1.34 72.26
C VAL F 421 -15.25 0.43 71.37
N GLY F 422 -14.69 -0.67 70.88
CA GLY F 422 -15.39 -1.55 69.95
C GLY F 422 -14.98 -1.35 68.50
N ASP F 423 -14.37 -0.20 68.18
CA ASP F 423 -13.90 0.06 66.82
C ASP F 423 -12.74 -0.86 66.46
N LEU F 424 -12.53 -1.08 65.18
CA LEU F 424 -11.35 -1.78 64.70
C LEU F 424 -10.41 -0.71 64.14
N VAL F 425 -9.13 -0.90 64.36
CA VAL F 425 -8.09 -0.03 63.87
C VAL F 425 -7.04 -0.88 63.16
N ILE F 426 -6.42 -0.31 62.14
CA ILE F 426 -5.35 -0.97 61.42
C ILE F 426 -4.07 -0.29 61.88
N VAL F 427 -3.06 -1.06 62.31
CA VAL F 427 -1.82 -0.47 62.83
C VAL F 427 -0.65 -0.82 61.91
N VAL F 428 0.05 0.19 61.45
CA VAL F 428 1.16 0.03 60.51
C VAL F 428 2.50 0.43 61.15
N THR F 429 3.42 -0.53 61.27
CA THR F 429 4.74 -0.34 61.89
C THR F 429 5.84 -1.00 61.00
N GLY F 430 7.10 -0.96 61.44
CA GLY F 430 8.22 -1.58 60.74
C GLY F 430 9.00 -2.56 61.60
N TRP F 431 9.93 -3.29 60.99
CA TRP F 431 10.67 -4.35 61.69
C TRP F 431 11.97 -3.88 62.42
N ARG F 432 12.45 -2.68 62.10
CA ARG F 432 13.65 -2.13 62.72
C ARG F 432 13.57 -0.59 62.79
N PRO F 433 14.36 0.07 63.67
CA PRO F 433 14.32 1.54 63.71
C PRO F 433 14.82 2.21 62.44
N GLY F 434 14.50 3.48 62.28
CA GLY F 434 14.88 4.23 61.11
C GLY F 434 13.82 4.21 60.03
N SER F 435 13.84 5.22 59.17
CA SER F 435 12.92 5.35 58.03
C SER F 435 13.15 4.27 56.99
N GLY F 436 12.08 3.86 56.30
CA GLY F 436 12.19 2.94 55.17
C GLY F 436 11.95 1.47 55.43
N TYR F 437 11.61 1.10 56.67
CA TYR F 437 11.42 -0.31 57.02
C TYR F 437 10.00 -0.69 57.42
N THR F 438 8.98 0.13 57.08
CA THR F 438 7.59 -0.23 57.37
C THR F 438 7.24 -1.52 56.60
N ASN F 439 6.76 -2.55 57.31
CA ASN F 439 6.43 -3.82 56.68
C ASN F 439 5.36 -4.62 57.43
N ILE F 440 4.73 -4.03 58.45
CA ILE F 440 3.76 -4.76 59.26
C ILE F 440 2.41 -4.08 59.34
N MET F 441 1.35 -4.87 59.20
CA MET F 441 -0.01 -4.38 59.35
CA MET F 441 -0.03 -4.42 59.31
C MET F 441 -0.72 -5.29 60.35
N ARG F 442 -1.35 -4.69 61.37
CA ARG F 442 -2.05 -5.44 62.41
C ARG F 442 -3.48 -4.97 62.56
N VAL F 443 -4.43 -5.88 62.81
CA VAL F 443 -5.83 -5.52 63.03
C VAL F 443 -6.07 -5.57 64.53
N LEU F 444 -6.43 -4.44 65.13
CA LEU F 444 -6.64 -4.38 66.57
CA LEU F 444 -6.63 -4.36 66.58
C LEU F 444 -8.02 -3.88 66.95
N SER F 445 -8.63 -4.50 67.98
CA SER F 445 -9.94 -4.09 68.49
C SER F 445 -9.69 -3.08 69.62
N ILE F 446 -10.37 -1.94 69.58
CA ILE F 446 -10.19 -0.92 70.60
CA ILE F 446 -10.19 -0.91 70.59
C ILE F 446 -10.94 -1.26 71.88
N SER F 447 -10.21 -1.39 72.99
CA SER F 447 -10.83 -1.73 74.28
C SER F 447 -10.88 -0.53 75.22
N ALA G 25 -42.93 -15.04 33.66
CA ALA G 25 -42.49 -16.30 33.05
C ALA G 25 -41.42 -16.06 31.97
N PHE G 26 -41.57 -14.96 31.19
CA PHE G 26 -40.61 -14.59 30.16
C PHE G 26 -39.22 -14.38 30.77
N PHE G 27 -39.17 -13.66 31.90
CA PHE G 27 -37.91 -13.34 32.55
C PHE G 27 -37.28 -14.47 33.35
N GLN G 28 -37.94 -15.64 33.43
CA GLN G 28 -37.36 -16.78 34.11
C GLN G 28 -36.67 -17.73 33.09
N GLN G 29 -37.12 -17.74 31.82
CA GLN G 29 -36.61 -18.57 30.74
C GLN G 29 -35.26 -18.06 30.19
N GLN G 30 -34.62 -18.86 29.30
CA GLN G 30 -33.36 -18.60 28.60
C GLN G 30 -32.26 -17.96 29.47
N GLN G 31 -32.16 -18.40 30.74
CA GLN G 31 -31.17 -17.89 31.69
C GLN G 31 -31.18 -16.38 31.83
N LEU G 32 -32.35 -15.74 31.66
CA LEU G 32 -32.45 -14.27 31.77
C LEU G 32 -32.04 -13.75 33.16
N PRO G 33 -32.35 -14.38 34.32
CA PRO G 33 -31.80 -13.88 35.59
C PRO G 33 -30.27 -13.85 35.59
N ALA G 34 -29.60 -14.91 35.07
CA ALA G 34 -28.14 -14.96 34.99
C ALA G 34 -27.60 -13.93 33.99
N ALA G 35 -28.38 -13.63 32.94
CA ALA G 35 -28.02 -12.64 31.92
C ALA G 35 -28.01 -11.22 32.49
N MET G 36 -28.93 -10.90 33.42
CA MET G 36 -29.00 -9.56 34.01
C MET G 36 -28.02 -9.33 35.18
N ALA G 37 -27.17 -10.32 35.51
CA ALA G 37 -26.27 -10.20 36.65
C ALA G 37 -25.22 -9.12 36.49
N ASP G 38 -24.85 -8.49 37.59
CA ASP G 38 -23.88 -7.40 37.59
C ASP G 38 -22.43 -7.86 37.54
N THR G 39 -22.16 -9.13 37.90
CA THR G 39 -20.80 -9.68 37.86
C THR G 39 -20.81 -11.08 37.23
N PHE G 40 -19.65 -11.56 36.77
CA PHE G 40 -19.57 -12.91 36.22
C PHE G 40 -19.84 -13.94 37.35
N LEU G 41 -19.38 -13.66 38.58
CA LEU G 41 -19.64 -14.54 39.73
C LEU G 41 -21.15 -14.70 39.96
N GLU G 42 -21.89 -13.57 39.99
CA GLU G 42 -23.34 -13.60 40.17
CA GLU G 42 -23.35 -13.61 40.18
C GLU G 42 -24.02 -14.31 38.99
N HIS G 43 -23.48 -14.11 37.78
CA HIS G 43 -24.00 -14.75 36.57
C HIS G 43 -23.94 -16.29 36.74
N LEU G 44 -22.79 -16.80 37.20
CA LEU G 44 -22.65 -18.24 37.45
C LEU G 44 -23.63 -18.72 38.52
N CYS G 45 -23.73 -17.99 39.66
CA CYS G 45 -24.60 -18.32 40.78
C CYS G 45 -26.07 -18.38 40.40
N LEU G 46 -26.48 -17.64 39.35
CA LEU G 46 -27.88 -17.58 38.91
C LEU G 46 -28.24 -18.55 37.80
N LEU G 47 -27.26 -19.34 37.28
CA LEU G 47 -27.57 -20.32 36.23
C LEU G 47 -28.55 -21.34 36.79
N ASP G 48 -29.60 -21.64 36.02
CA ASP G 48 -30.69 -22.49 36.49
C ASP G 48 -31.01 -23.62 35.52
N ILE G 49 -30.89 -24.88 35.95
CA ILE G 49 -31.22 -26.03 35.12
C ILE G 49 -32.72 -26.08 34.73
N ASP G 50 -33.58 -25.38 35.47
CA ASP G 50 -35.01 -25.31 35.16
C ASP G 50 -35.35 -24.15 34.21
N SER G 51 -34.37 -23.31 33.84
CA SER G 51 -34.60 -22.21 32.93
C SER G 51 -34.44 -22.74 31.52
N GLU G 52 -35.55 -22.98 30.82
CA GLU G 52 -35.53 -23.59 29.51
C GLU G 52 -35.12 -22.67 28.39
N PRO G 53 -34.30 -23.18 27.45
CA PRO G 53 -33.90 -22.34 26.31
C PRO G 53 -35.11 -22.07 25.43
N VAL G 54 -35.17 -20.87 24.87
CA VAL G 54 -36.28 -20.49 24.01
C VAL G 54 -35.77 -20.19 22.60
N ALA G 55 -34.63 -19.50 22.50
CA ALA G 55 -34.04 -19.15 21.23
C ALA G 55 -33.62 -20.38 20.44
N ALA G 56 -33.59 -20.25 19.13
CA ALA G 56 -33.14 -21.32 18.25
C ALA G 56 -31.64 -21.51 18.44
N ARG G 57 -31.17 -22.73 18.24
CA ARG G 57 -29.76 -23.07 18.41
C ARG G 57 -28.91 -22.32 17.39
N SER G 58 -27.99 -21.50 17.86
CA SER G 58 -27.20 -20.61 17.03
C SER G 58 -25.81 -21.12 16.58
N THR G 59 -25.20 -22.07 17.29
CA THR G 59 -23.90 -22.60 16.91
C THR G 59 -24.12 -23.69 15.86
N SER G 60 -23.55 -23.53 14.67
CA SER G 60 -23.76 -24.53 13.61
C SER G 60 -23.06 -25.82 13.91
N ILE G 61 -23.64 -26.91 13.40
CA ILE G 61 -23.08 -28.24 13.54
C ILE G 61 -22.53 -28.70 12.21
N ILE G 62 -21.25 -29.09 12.21
CA ILE G 62 -20.62 -29.65 11.02
C ILE G 62 -20.56 -31.16 11.25
N ALA G 63 -21.12 -31.94 10.33
CA ALA G 63 -21.07 -33.41 10.46
C ALA G 63 -20.23 -33.97 9.32
N THR G 64 -19.29 -34.85 9.64
CA THR G 64 -18.45 -35.47 8.62
C THR G 64 -19.20 -36.62 7.98
N ILE G 65 -19.21 -36.64 6.64
CA ILE G 65 -19.91 -37.67 5.89
C ILE G 65 -19.01 -38.89 5.69
N GLY G 66 -19.58 -40.06 5.87
CA GLY G 66 -18.85 -41.31 5.67
C GLY G 66 -19.81 -42.48 5.56
N PRO G 67 -19.29 -43.72 5.69
CA PRO G 67 -20.19 -44.90 5.59
C PRO G 67 -21.43 -44.87 6.49
N ALA G 68 -21.30 -44.31 7.72
CA ALA G 68 -22.43 -44.25 8.65
C ALA G 68 -23.47 -43.16 8.32
N SER G 69 -23.13 -42.22 7.44
CA SER G 69 -23.99 -41.05 7.20
C SER G 69 -24.10 -40.67 5.73
N ARG G 70 -23.95 -41.63 4.84
CA ARG G 70 -23.91 -41.35 3.41
C ARG G 70 -25.23 -41.52 2.65
N SER G 71 -26.12 -42.37 3.15
CA SER G 71 -27.37 -42.64 2.44
C SER G 71 -28.31 -41.43 2.48
N VAL G 72 -29.12 -41.28 1.43
CA VAL G 72 -30.07 -40.18 1.34
C VAL G 72 -31.05 -40.16 2.53
N GLU G 73 -31.54 -41.35 2.93
CA GLU G 73 -32.47 -41.43 4.04
C GLU G 73 -31.81 -41.06 5.37
N ARG G 74 -30.57 -41.47 5.59
CA ARG G 74 -29.82 -41.13 6.80
C ARG G 74 -29.51 -39.61 6.81
N LEU G 75 -29.14 -39.07 5.65
CA LEU G 75 -28.85 -37.63 5.53
C LEU G 75 -30.09 -36.76 5.81
N LYS G 76 -31.30 -37.24 5.47
CA LYS G 76 -32.54 -36.52 5.77
C LYS G 76 -32.75 -36.46 7.28
N GLU G 77 -32.46 -37.56 7.99
CA GLU G 77 -32.57 -37.56 9.44
C GLU G 77 -31.52 -36.65 10.09
N MET G 78 -30.32 -36.57 9.50
CA MET G 78 -29.26 -35.70 10.02
CA MET G 78 -29.27 -35.70 10.03
C MET G 78 -29.61 -34.23 9.83
N ILE G 79 -30.26 -33.89 8.72
CA ILE G 79 -30.68 -32.50 8.47
C ILE G 79 -31.75 -32.13 9.51
N LYS G 80 -32.71 -33.03 9.75
CA LYS G 80 -33.76 -32.81 10.75
C LYS G 80 -33.19 -32.74 12.16
N ALA G 81 -32.13 -33.49 12.45
CA ALA G 81 -31.47 -33.45 13.76
C ALA G 81 -30.68 -32.13 14.01
N GLY G 82 -30.30 -31.43 12.94
CA GLY G 82 -29.62 -30.16 13.08
C GLY G 82 -28.34 -29.96 12.30
N MET G 83 -27.93 -30.92 11.44
CA MET G 83 -26.71 -30.74 10.65
C MET G 83 -26.84 -29.52 9.74
N ASN G 84 -25.87 -28.60 9.82
CA ASN G 84 -25.90 -27.41 8.97
C ASN G 84 -24.85 -27.46 7.86
N ILE G 85 -23.72 -28.12 8.13
CA ILE G 85 -22.61 -28.21 7.18
C ILE G 85 -22.16 -29.66 7.08
N ALA G 86 -22.05 -30.18 5.86
CA ALA G 86 -21.59 -31.53 5.61
C ALA G 86 -20.10 -31.46 5.26
N ARG G 87 -19.25 -32.14 6.01
CA ARG G 87 -17.82 -32.13 5.77
C ARG G 87 -17.40 -33.39 4.99
N LEU G 88 -16.65 -33.21 3.91
CA LEU G 88 -16.13 -34.34 3.13
C LEU G 88 -14.65 -34.40 3.44
N ASN G 89 -14.18 -35.48 4.07
CA ASN G 89 -12.77 -35.61 4.43
C ASN G 89 -11.99 -36.22 3.27
N PHE G 90 -11.24 -35.37 2.54
CA PHE G 90 -10.47 -35.84 1.39
C PHE G 90 -9.18 -36.61 1.75
N SER G 91 -8.96 -36.87 3.04
CA SER G 91 -7.85 -37.74 3.45
C SER G 91 -8.16 -39.20 3.02
N HIS G 92 -9.43 -39.57 2.82
CA HIS G 92 -9.84 -40.92 2.41
C HIS G 92 -10.89 -40.81 1.30
N GLY G 93 -10.98 -41.85 0.47
CA GLY G 93 -11.99 -41.93 -0.58
C GLY G 93 -11.59 -41.26 -1.86
N SER G 94 -12.06 -41.80 -2.98
CA SER G 94 -11.76 -41.27 -4.29
C SER G 94 -12.68 -40.06 -4.64
N HIS G 95 -12.40 -39.39 -5.77
CA HIS G 95 -13.25 -38.32 -6.26
C HIS G 95 -14.65 -38.85 -6.57
N GLU G 96 -14.76 -40.10 -7.08
CA GLU G 96 -16.05 -40.71 -7.37
C GLU G 96 -16.85 -40.92 -6.10
N TYR G 97 -16.21 -41.36 -5.01
CA TYR G 97 -16.84 -41.57 -3.71
C TYR G 97 -17.38 -40.23 -3.20
N HIS G 98 -16.56 -39.17 -3.22
CA HIS G 98 -16.99 -37.86 -2.73
C HIS G 98 -18.07 -37.22 -3.59
N ALA G 99 -18.03 -37.43 -4.92
CA ALA G 99 -19.09 -36.90 -5.79
C ALA G 99 -20.44 -37.53 -5.44
N GLU G 100 -20.44 -38.83 -5.09
CA GLU G 100 -21.67 -39.54 -4.70
CA GLU G 100 -21.68 -39.50 -4.71
C GLU G 100 -22.18 -39.00 -3.37
N SER G 101 -21.27 -38.72 -2.43
CA SER G 101 -21.63 -38.16 -1.12
C SER G 101 -22.31 -36.77 -1.33
N ILE G 102 -21.71 -35.91 -2.19
CA ILE G 102 -22.25 -34.58 -2.50
C ILE G 102 -23.65 -34.71 -3.12
N ALA G 103 -23.81 -35.64 -4.09
CA ALA G 103 -25.11 -35.88 -4.74
C ALA G 103 -26.16 -36.33 -3.72
N ASN G 104 -25.78 -37.22 -2.78
CA ASN G 104 -26.71 -37.71 -1.75
C ASN G 104 -27.11 -36.60 -0.78
N VAL G 105 -26.14 -35.72 -0.41
CA VAL G 105 -26.44 -34.58 0.47
C VAL G 105 -27.41 -33.65 -0.24
N ARG G 106 -27.12 -33.28 -1.50
CA ARG G 106 -27.98 -32.40 -2.27
C ARG G 106 -29.39 -32.98 -2.48
N GLU G 107 -29.49 -34.30 -2.70
CA GLU G 107 -30.82 -34.92 -2.87
C GLU G 107 -31.60 -34.83 -1.55
N ALA G 108 -30.95 -35.14 -0.42
CA ALA G 108 -31.60 -35.04 0.89
C ALA G 108 -32.01 -33.60 1.21
N VAL G 109 -31.14 -32.61 0.95
CA VAL G 109 -31.42 -31.20 1.21
C VAL G 109 -32.59 -30.71 0.36
N GLU G 110 -32.55 -31.02 -0.96
CA GLU G 110 -33.59 -30.57 -1.86
C GLU G 110 -34.93 -31.29 -1.69
N SER G 111 -34.96 -32.42 -0.94
CA SER G 111 -36.22 -33.10 -0.65
C SER G 111 -37.16 -32.25 0.23
N PHE G 112 -36.63 -31.17 0.86
CA PHE G 112 -37.41 -30.25 1.69
C PHE G 112 -37.73 -28.92 0.99
N ALA G 113 -37.28 -28.73 -0.27
CA ALA G 113 -37.49 -27.49 -1.02
C ALA G 113 -38.96 -27.19 -1.39
N GLY G 114 -39.83 -28.21 -1.34
CA GLY G 114 -41.26 -28.05 -1.63
C GLY G 114 -42.00 -27.15 -0.66
N SER G 115 -41.43 -26.92 0.54
CA SER G 115 -41.99 -26.01 1.53
C SER G 115 -40.96 -24.92 1.79
N PRO G 116 -41.01 -23.82 1.00
CA PRO G 116 -40.01 -22.77 1.11
C PRO G 116 -39.89 -22.08 2.46
N LEU G 117 -40.98 -22.05 3.25
CA LEU G 117 -40.95 -21.41 4.58
C LEU G 117 -40.18 -22.20 5.63
N SER G 118 -39.89 -23.50 5.36
CA SER G 118 -39.18 -24.33 6.33
C SER G 118 -37.86 -24.93 5.76
N TYR G 119 -37.56 -24.71 4.47
CA TYR G 119 -36.36 -25.24 3.81
C TYR G 119 -35.09 -24.80 4.53
N ARG G 120 -34.19 -25.76 4.83
CA ARG G 120 -32.94 -25.47 5.49
C ARG G 120 -31.76 -25.68 4.56
N PRO G 121 -31.04 -24.61 4.21
CA PRO G 121 -29.83 -24.78 3.39
C PRO G 121 -28.77 -25.57 4.17
N VAL G 122 -27.95 -26.35 3.45
CA VAL G 122 -26.87 -27.12 4.08
C VAL G 122 -25.60 -26.89 3.28
N ALA G 123 -24.54 -26.38 3.92
CA ALA G 123 -23.29 -26.11 3.21
C ALA G 123 -22.49 -27.41 2.99
N ILE G 124 -21.63 -27.41 1.99
CA ILE G 124 -20.76 -28.55 1.72
C ILE G 124 -19.33 -28.05 1.84
N ALA G 125 -18.57 -28.64 2.76
CA ALA G 125 -17.20 -28.25 3.05
C ALA G 125 -16.24 -29.37 2.64
N LEU G 126 -15.17 -29.00 1.96
CA LEU G 126 -14.15 -29.96 1.54
C LEU G 126 -12.95 -29.81 2.49
N ASP G 127 -12.58 -30.88 3.18
CA ASP G 127 -11.46 -30.85 4.11
C ASP G 127 -10.27 -31.53 3.40
N THR G 128 -9.23 -30.77 3.13
CA THR G 128 -8.08 -31.28 2.39
C THR G 128 -7.20 -32.29 3.13
N LYS G 129 -6.53 -33.16 2.36
CA LYS G 129 -5.62 -34.16 2.91
C LYS G 129 -4.43 -33.47 3.61
N GLY G 130 -3.91 -32.41 3.01
CA GLY G 130 -2.82 -31.65 3.60
C GLY G 130 -1.48 -31.81 2.90
N PRO G 131 -0.46 -31.12 3.41
CA PRO G 131 0.85 -31.16 2.74
C PRO G 131 1.66 -32.43 2.99
N GLY G 134 5.61 -32.70 3.35
CA GLY G 134 6.00 -32.00 2.13
C GLY G 134 5.99 -30.49 2.26
N PRO G 135 6.60 -29.79 1.28
CA PRO G 135 6.66 -28.33 1.36
C PRO G 135 5.56 -27.62 0.59
N GLY G 136 4.61 -27.04 1.33
CA GLY G 136 3.52 -26.30 0.70
C GLY G 136 2.46 -27.17 0.03
N LEU G 137 1.57 -26.53 -0.71
CA LEU G 137 0.44 -27.19 -1.39
C LEU G 137 0.83 -28.44 -2.18
N SER G 138 0.31 -29.59 -1.74
CA SER G 138 0.59 -30.87 -2.37
C SER G 138 -0.16 -31.02 -3.70
N GLU G 139 0.31 -31.94 -4.55
CA GLU G 139 -0.31 -32.20 -5.86
C GLU G 139 -1.72 -32.74 -5.70
N GLN G 140 -1.95 -33.59 -4.69
CA GLN G 140 -3.27 -34.14 -4.44
C GLN G 140 -4.22 -33.02 -4.01
N ASP G 141 -3.77 -32.08 -3.16
CA ASP G 141 -4.60 -30.95 -2.75
C ASP G 141 -4.97 -30.09 -3.93
N VAL G 142 -4.07 -29.88 -4.91
CA VAL G 142 -4.40 -29.09 -6.10
C VAL G 142 -5.56 -29.76 -6.87
N ARG G 143 -5.50 -31.09 -7.00
CA ARG G 143 -6.54 -31.82 -7.71
C ARG G 143 -7.85 -31.85 -6.93
N ASP G 144 -7.77 -31.99 -5.60
CA ASP G 144 -8.96 -32.04 -4.77
C ASP G 144 -9.65 -30.66 -4.69
N LEU G 145 -8.87 -29.58 -4.66
CA LEU G 145 -9.41 -28.22 -4.68
C LEU G 145 -10.10 -27.95 -6.01
N ARG G 146 -9.53 -28.47 -7.13
CA ARG G 146 -10.14 -28.33 -8.46
C ARG G 146 -11.47 -29.09 -8.49
N PHE G 147 -11.51 -30.29 -7.88
CA PHE G 147 -12.74 -31.07 -7.77
C PHE G 147 -13.80 -30.27 -6.97
N GLY G 148 -13.38 -29.64 -5.89
CA GLY G 148 -14.25 -28.79 -5.06
C GLY G 148 -14.92 -27.68 -5.84
N VAL G 149 -14.13 -26.96 -6.65
CA VAL G 149 -14.65 -25.90 -7.51
C VAL G 149 -15.63 -26.48 -8.54
N GLU G 150 -15.26 -27.59 -9.21
CA GLU G 150 -16.11 -28.20 -10.22
C GLU G 150 -17.42 -28.73 -9.66
N HIS G 151 -17.42 -29.15 -8.39
CA HIS G 151 -18.63 -29.65 -7.75
C HIS G 151 -19.37 -28.61 -6.89
N GLY G 152 -18.96 -27.34 -6.97
CA GLY G 152 -19.62 -26.24 -6.27
C GLY G 152 -19.62 -26.29 -4.76
N VAL G 153 -18.50 -26.72 -4.13
CA VAL G 153 -18.43 -26.74 -2.67
C VAL G 153 -18.43 -25.28 -2.16
N ASP G 154 -18.92 -25.10 -0.94
CA ASP G 154 -19.05 -23.76 -0.37
C ASP G 154 -17.85 -23.34 0.46
N ILE G 155 -17.18 -24.31 1.09
CA ILE G 155 -16.11 -24.04 2.04
C ILE G 155 -14.97 -25.03 1.87
N VAL G 156 -13.76 -24.59 2.18
CA VAL G 156 -12.58 -25.44 2.21
C VAL G 156 -12.01 -25.37 3.63
N PHE G 157 -11.82 -26.53 4.29
CA PHE G 157 -11.11 -26.57 5.55
C PHE G 157 -9.68 -26.98 5.13
N ALA G 158 -8.77 -26.01 5.07
CA ALA G 158 -7.38 -26.24 4.60
C ALA G 158 -6.52 -26.84 5.71
N SER G 159 -6.08 -28.08 5.54
CA SER G 159 -5.30 -28.77 6.57
C SER G 159 -3.88 -28.25 6.73
N PHE G 160 -3.37 -28.31 7.98
CA PHE G 160 -2.02 -27.94 8.37
C PHE G 160 -1.55 -26.59 7.81
N VAL G 161 -2.34 -25.54 8.02
CA VAL G 161 -1.92 -24.20 7.63
C VAL G 161 -0.88 -23.71 8.66
N ARG G 162 0.33 -23.38 8.18
CA ARG G 162 1.41 -22.94 9.07
C ARG G 162 1.77 -21.47 8.92
N LYS G 163 1.38 -20.82 7.82
CA LYS G 163 1.76 -19.43 7.53
C LYS G 163 0.83 -18.84 6.47
N ALA G 164 0.85 -17.52 6.29
CA ALA G 164 0.01 -16.82 5.31
C ALA G 164 0.18 -17.33 3.89
N SER G 165 1.43 -17.69 3.47
CA SER G 165 1.62 -18.18 2.10
C SER G 165 0.91 -19.51 1.82
N ASP G 166 0.64 -20.31 2.86
CA ASP G 166 -0.12 -21.55 2.69
C ASP G 166 -1.57 -21.21 2.27
N VAL G 167 -2.16 -20.16 2.87
CA VAL G 167 -3.53 -19.74 2.53
C VAL G 167 -3.56 -19.16 1.12
N ALA G 168 -2.53 -18.37 0.75
CA ALA G 168 -2.45 -17.79 -0.59
C ALA G 168 -2.39 -18.89 -1.65
N ALA G 169 -1.68 -20.00 -1.36
CA ALA G 169 -1.56 -21.13 -2.28
C ALA G 169 -2.92 -21.82 -2.44
N VAL G 170 -3.68 -21.98 -1.34
CA VAL G 170 -5.03 -22.57 -1.43
C VAL G 170 -5.94 -21.65 -2.27
N ARG G 171 -5.89 -20.32 -2.00
CA ARG G 171 -6.66 -19.31 -2.74
C ARG G 171 -6.38 -19.38 -4.22
N ALA G 172 -5.09 -19.41 -4.59
CA ALA G 172 -4.68 -19.48 -5.99
C ALA G 172 -5.19 -20.76 -6.65
N ALA G 173 -5.23 -21.87 -5.90
CA ALA G 173 -5.72 -23.17 -6.38
C ALA G 173 -7.25 -23.24 -6.55
N LEU G 174 -7.98 -22.27 -5.95
CA LEU G 174 -9.42 -22.22 -6.16
C LEU G 174 -9.76 -21.65 -7.58
N GLY G 175 -8.76 -21.62 -8.46
CA GLY G 175 -8.82 -21.35 -9.89
C GLY G 175 -9.56 -20.11 -10.25
N PRO G 176 -9.98 -20.01 -11.52
CA PRO G 176 -10.71 -18.82 -11.93
C PRO G 176 -12.14 -18.77 -11.39
N GLU G 177 -12.77 -19.93 -11.11
CA GLU G 177 -14.17 -19.91 -10.72
C GLU G 177 -14.49 -20.24 -9.26
N GLY G 178 -13.50 -20.30 -8.37
CA GLY G 178 -13.76 -20.61 -6.96
C GLY G 178 -13.41 -19.53 -5.97
N HIS G 179 -13.31 -18.27 -6.43
CA HIS G 179 -12.98 -17.17 -5.53
C HIS G 179 -14.05 -16.88 -4.44
N GLY G 180 -15.29 -17.30 -4.65
CA GLY G 180 -16.37 -17.15 -3.66
C GLY G 180 -16.37 -18.20 -2.57
N ILE G 181 -15.52 -19.24 -2.69
CA ILE G 181 -15.42 -20.32 -1.70
C ILE G 181 -14.71 -19.79 -0.44
N LYS G 182 -15.28 -20.09 0.74
CA LYS G 182 -14.66 -19.63 1.99
C LYS G 182 -13.51 -20.52 2.38
N ILE G 183 -12.39 -19.94 2.78
CA ILE G 183 -11.23 -20.72 3.23
C ILE G 183 -11.12 -20.63 4.73
N ILE G 184 -11.30 -21.77 5.40
CA ILE G 184 -11.15 -21.89 6.84
C ILE G 184 -9.82 -22.59 7.08
N SER G 185 -8.84 -21.89 7.65
CA SER G 185 -7.53 -22.47 7.91
C SER G 185 -7.51 -23.35 9.15
N LYS G 186 -7.04 -24.59 9.02
CA LYS G 186 -6.94 -25.49 10.17
C LYS G 186 -5.59 -25.30 10.85
N ILE G 187 -5.60 -24.97 12.15
CA ILE G 187 -4.39 -24.76 12.92
C ILE G 187 -4.15 -26.08 13.64
N GLU G 188 -3.08 -26.77 13.27
CA GLU G 188 -2.82 -28.14 13.76
C GLU G 188 -1.45 -28.35 14.38
N ASN G 189 -0.62 -27.31 14.47
CA ASN G 189 0.72 -27.47 15.02
C ASN G 189 1.24 -26.18 15.68
N HIS G 190 2.44 -26.25 16.29
CA HIS G 190 3.03 -25.11 16.98
C HIS G 190 3.23 -23.91 16.06
N GLU G 191 3.74 -24.13 14.84
CA GLU G 191 3.94 -23.03 13.92
C GLU G 191 2.65 -22.29 13.55
N GLY G 192 1.57 -23.03 13.32
CA GLY G 192 0.27 -22.44 13.04
C GLY G 192 -0.21 -21.54 14.16
N VAL G 193 0.00 -21.97 15.42
CA VAL G 193 -0.37 -21.18 16.59
C VAL G 193 0.50 -19.92 16.69
N LYS G 194 1.81 -20.06 16.49
CA LYS G 194 2.72 -18.91 16.58
C LYS G 194 2.49 -17.88 15.47
N ARG G 195 2.14 -18.35 14.27
CA ARG G 195 1.86 -17.45 13.15
C ARG G 195 0.36 -17.23 12.95
N PHE G 196 -0.44 -17.44 14.00
CA PHE G 196 -1.89 -17.29 13.93
C PHE G 196 -2.36 -15.96 13.34
N ASP G 197 -1.81 -14.83 13.82
CA ASP G 197 -2.27 -13.52 13.36
C ASP G 197 -2.16 -13.32 11.86
N GLU G 198 -1.02 -13.74 11.26
CA GLU G 198 -0.85 -13.60 9.83
C GLU G 198 -1.77 -14.56 9.05
N ILE G 199 -2.06 -15.74 9.63
CA ILE G 199 -2.94 -16.71 8.98
C ILE G 199 -4.39 -16.19 9.00
N LEU G 200 -4.87 -15.73 10.17
CA LEU G 200 -6.23 -15.23 10.29
C LEU G 200 -6.48 -14.02 9.38
N GLU G 201 -5.49 -13.14 9.26
CA GLU G 201 -5.60 -11.94 8.41
C GLU G 201 -5.99 -12.26 6.97
N VAL G 202 -5.45 -13.35 6.39
CA VAL G 202 -5.74 -13.71 5.01
C VAL G 202 -6.77 -14.85 4.86
N SER G 203 -7.26 -15.42 5.96
CA SER G 203 -8.27 -16.49 5.90
C SER G 203 -9.69 -15.94 6.11
N ASP G 204 -10.71 -16.70 5.70
CA ASP G 204 -12.10 -16.33 6.01
C ASP G 204 -12.46 -16.75 7.47
N GLY G 205 -11.73 -17.70 8.03
CA GLY G 205 -11.94 -18.19 9.37
C GLY G 205 -10.95 -19.25 9.76
N ILE G 206 -11.12 -19.83 10.95
CA ILE G 206 -10.17 -20.79 11.50
C ILE G 206 -10.85 -22.03 12.03
N MET G 207 -10.15 -23.18 11.98
CA MET G 207 -10.61 -24.39 12.64
C MET G 207 -9.54 -24.75 13.67
N VAL G 208 -9.93 -24.94 14.94
CA VAL G 208 -9.03 -25.41 15.98
C VAL G 208 -9.06 -26.93 15.80
N ALA G 209 -8.08 -27.47 15.05
CA ALA G 209 -8.05 -28.89 14.70
C ALA G 209 -7.30 -29.61 15.81
N ARG G 210 -8.03 -29.93 16.89
CA ARG G 210 -7.45 -30.46 18.12
C ARG G 210 -6.82 -31.83 18.05
N GLY G 211 -7.18 -32.65 17.09
CA GLY G 211 -6.60 -33.98 16.95
C GLY G 211 -5.09 -33.91 16.73
N ASP G 212 -4.67 -33.30 15.61
CA ASP G 212 -3.25 -33.12 15.32
C ASP G 212 -2.61 -32.13 16.27
N LEU G 213 -3.32 -31.05 16.64
CA LEU G 213 -2.77 -30.07 17.59
C LEU G 213 -2.35 -30.74 18.92
N GLY G 214 -3.17 -31.66 19.42
CA GLY G 214 -2.92 -32.40 20.65
C GLY G 214 -1.78 -33.41 20.61
N ILE G 215 -1.26 -33.70 19.40
CA ILE G 215 -0.10 -34.57 19.18
C ILE G 215 1.16 -33.70 18.87
N GLU G 216 0.96 -32.54 18.21
CA GLU G 216 2.03 -31.59 17.86
C GLU G 216 2.50 -30.76 19.03
N ILE G 217 1.60 -30.41 19.95
CA ILE G 217 1.96 -29.67 21.17
C ILE G 217 1.51 -30.52 22.38
N PRO G 218 2.01 -30.25 23.60
CA PRO G 218 1.54 -31.03 24.77
C PRO G 218 0.02 -31.02 24.91
N ALA G 219 -0.60 -32.18 25.15
CA ALA G 219 -2.06 -32.31 25.28
C ALA G 219 -2.65 -31.34 26.28
N GLU G 220 -1.92 -31.07 27.38
CA GLU G 220 -2.38 -30.17 28.43
C GLU G 220 -2.37 -28.69 28.02
N LYS G 221 -1.85 -28.35 26.82
CA LYS G 221 -1.81 -26.96 26.37
C LYS G 221 -2.88 -26.65 25.30
N VAL G 222 -3.55 -27.69 24.74
CA VAL G 222 -4.54 -27.50 23.69
C VAL G 222 -5.66 -26.51 24.08
N PHE G 223 -6.15 -26.56 25.33
CA PHE G 223 -7.21 -25.64 25.75
C PHE G 223 -6.77 -24.16 25.66
N LEU G 224 -5.48 -23.87 25.90
CA LEU G 224 -4.95 -22.51 25.82
C LEU G 224 -5.00 -22.05 24.36
N ALA G 225 -4.56 -22.92 23.42
CA ALA G 225 -4.58 -22.59 22.02
C ALA G 225 -6.04 -22.42 21.53
N GLN G 226 -6.95 -23.29 21.98
CA GLN G 226 -8.36 -23.19 21.60
C GLN G 226 -8.97 -21.86 22.08
N LYS G 227 -8.81 -21.55 23.36
CA LYS G 227 -9.37 -20.32 23.93
C LYS G 227 -8.77 -19.07 23.31
N MET G 228 -7.46 -19.07 23.04
CA MET G 228 -6.79 -17.93 22.40
C MET G 228 -7.30 -17.73 20.97
N MET G 229 -7.37 -18.79 20.16
CA MET G 229 -7.82 -18.68 18.78
C MET G 229 -9.27 -18.28 18.67
N ILE G 230 -10.13 -18.79 19.55
CA ILE G 230 -11.54 -18.42 19.53
C ILE G 230 -11.66 -16.93 19.92
N GLY G 231 -10.93 -16.50 20.95
CA GLY G 231 -10.91 -15.10 21.34
C GLY G 231 -10.46 -14.18 20.21
N ARG G 232 -9.34 -14.53 19.52
CA ARG G 232 -8.85 -13.68 18.43
C ARG G 232 -9.79 -13.66 17.24
N CYS G 233 -10.45 -14.80 16.93
CA CYS G 233 -11.42 -14.83 15.83
C CYS G 233 -12.65 -13.99 16.17
N ASN G 234 -13.13 -14.06 17.41
CA ASN G 234 -14.28 -13.25 17.86
C ASN G 234 -13.90 -11.75 17.77
N LEU G 235 -12.66 -11.39 18.14
CA LEU G 235 -12.19 -10.01 18.04
C LEU G 235 -12.19 -9.55 16.55
N ALA G 236 -11.81 -10.43 15.66
CA ALA G 236 -11.74 -10.17 14.23
C ALA G 236 -13.09 -10.24 13.53
N GLY G 237 -14.11 -10.82 14.18
CA GLY G 237 -15.41 -11.01 13.55
C GLY G 237 -15.38 -12.06 12.44
N LYS G 238 -14.50 -13.06 12.60
CA LYS G 238 -14.36 -14.14 11.60
C LYS G 238 -14.71 -15.48 12.22
N PRO G 239 -15.39 -16.34 11.47
CA PRO G 239 -15.80 -17.64 12.04
C PRO G 239 -14.70 -18.52 12.58
N VAL G 240 -14.99 -19.20 13.70
CA VAL G 240 -14.06 -20.14 14.28
C VAL G 240 -14.80 -21.46 14.58
N VAL G 241 -14.18 -22.59 14.22
CA VAL G 241 -14.74 -23.91 14.42
C VAL G 241 -13.96 -24.65 15.50
N CYS G 242 -14.66 -25.30 16.46
CA CYS G 242 -13.98 -26.18 17.40
C CYS G 242 -14.18 -27.60 16.87
N ALA G 243 -13.10 -28.39 16.79
CA ALA G 243 -13.20 -29.72 16.21
C ALA G 243 -12.46 -30.79 16.98
N THR G 244 -12.88 -32.05 16.77
CA THR G 244 -12.26 -33.33 17.10
C THR G 244 -12.45 -33.83 18.52
N GLN G 245 -13.02 -35.05 18.62
CA GLN G 245 -13.24 -35.82 19.83
C GLN G 245 -14.22 -35.16 20.80
N MET G 246 -15.09 -34.26 20.27
CA MET G 246 -16.06 -33.58 21.13
C MET G 246 -17.04 -34.55 21.79
N LEU G 247 -17.50 -35.57 21.06
CA LEU G 247 -18.40 -36.61 21.56
C LEU G 247 -17.81 -38.00 21.15
N GLU G 248 -16.49 -38.17 21.21
CA GLU G 248 -15.77 -39.38 20.78
C GLU G 248 -16.39 -40.71 21.20
N SER G 249 -16.76 -40.87 22.48
CA SER G 249 -17.35 -42.11 22.97
C SER G 249 -18.64 -42.50 22.22
N MET G 250 -19.34 -41.53 21.61
CA MET G 250 -20.56 -41.83 20.84
C MET G 250 -20.29 -42.55 19.50
N ILE G 251 -19.01 -42.79 19.15
CA ILE G 251 -18.69 -43.62 17.99
C ILE G 251 -19.24 -45.06 18.27
N THR G 252 -19.18 -45.52 19.54
CA THR G 252 -19.69 -46.84 19.89
C THR G 252 -20.83 -46.82 20.92
N LYS G 253 -20.97 -45.73 21.70
CA LYS G 253 -22.01 -45.67 22.74
C LYS G 253 -23.16 -44.71 22.42
N PRO G 254 -24.39 -45.04 22.84
CA PRO G 254 -25.53 -44.15 22.50
C PRO G 254 -25.61 -42.84 23.29
N ARG G 255 -24.83 -42.73 24.40
CA ARG G 255 -24.77 -41.54 25.24
C ARG G 255 -23.31 -41.13 25.41
N PRO G 256 -23.03 -39.82 25.52
CA PRO G 256 -21.63 -39.37 25.70
C PRO G 256 -21.21 -39.35 27.17
N THR G 257 -19.91 -39.13 27.41
CA THR G 257 -19.40 -39.00 28.77
C THR G 257 -19.68 -37.60 29.33
N ARG G 258 -19.48 -37.40 30.65
CA ARG G 258 -19.65 -36.10 31.29
C ARG G 258 -18.62 -35.09 30.78
N ALA G 259 -17.41 -35.54 30.43
CA ALA G 259 -16.38 -34.66 29.89
C ALA G 259 -16.75 -34.18 28.48
N GLU G 260 -17.40 -35.04 27.70
CA GLU G 260 -17.79 -34.71 26.34
C GLU G 260 -18.90 -33.66 26.29
N THR G 261 -19.94 -33.80 27.14
CA THR G 261 -21.00 -32.77 27.16
C THR G 261 -20.43 -31.43 27.63
N SER G 262 -19.55 -31.47 28.61
CA SER G 262 -18.87 -30.31 29.14
C SER G 262 -18.00 -29.65 28.03
N ASP G 263 -17.28 -30.44 27.24
CA ASP G 263 -16.44 -29.92 26.15
C ASP G 263 -17.28 -29.17 25.12
N VAL G 264 -18.44 -29.72 24.75
CA VAL G 264 -19.32 -29.06 23.77
C VAL G 264 -19.82 -27.74 24.34
N ALA G 265 -20.29 -27.77 25.60
CA ALA G 265 -20.80 -26.56 26.25
C ALA G 265 -19.74 -25.49 26.37
N ASN G 266 -18.50 -25.89 26.77
CA ASN G 266 -17.41 -24.95 26.92
C ASN G 266 -16.90 -24.40 25.60
N ALA G 267 -16.99 -25.16 24.50
CA ALA G 267 -16.59 -24.63 23.19
C ALA G 267 -17.55 -23.47 22.80
N VAL G 268 -18.85 -23.64 23.07
CA VAL G 268 -19.85 -22.61 22.80
C VAL G 268 -19.61 -21.40 23.72
N LEU G 269 -19.41 -21.66 25.02
CA LEU G 269 -19.14 -20.57 25.97
C LEU G 269 -17.86 -19.81 25.65
N ASP G 270 -16.85 -20.50 25.10
CA ASP G 270 -15.60 -19.90 24.66
C ASP G 270 -15.83 -18.88 23.55
N GLY G 271 -16.80 -19.16 22.67
CA GLY G 271 -17.15 -18.28 21.56
C GLY G 271 -17.09 -18.92 20.19
N ALA G 272 -17.05 -20.28 20.13
CA ALA G 272 -16.99 -20.96 18.81
C ALA G 272 -18.24 -20.71 17.99
N ASP G 273 -18.06 -20.40 16.71
CA ASP G 273 -19.20 -20.22 15.80
C ASP G 273 -19.79 -21.58 15.40
N CYS G 274 -18.91 -22.58 15.21
CA CYS G 274 -19.32 -23.92 14.80
C CYS G 274 -18.68 -24.96 15.69
N ILE G 275 -19.35 -26.09 15.81
CA ILE G 275 -18.83 -27.28 16.50
C ILE G 275 -18.89 -28.42 15.48
N MET G 276 -17.99 -29.40 15.63
CA MET G 276 -17.85 -30.44 14.63
C MET G 276 -17.92 -31.84 15.18
N LEU G 277 -18.33 -32.76 14.32
CA LEU G 277 -18.37 -34.20 14.56
C LEU G 277 -17.56 -34.83 13.43
N SER G 278 -16.67 -35.74 13.79
CA SER G 278 -15.82 -36.40 12.81
CA SER G 278 -15.83 -36.41 12.80
C SER G 278 -16.20 -37.92 12.74
N GLY G 279 -15.48 -38.80 13.44
CA GLY G 279 -15.79 -40.23 13.45
C GLY G 279 -17.18 -40.50 14.01
N GLU G 280 -17.68 -39.61 14.91
CA GLU G 280 -19.01 -39.72 15.50
C GLU G 280 -20.09 -39.81 14.42
N THR G 281 -19.94 -39.08 13.30
CA THR G 281 -20.93 -39.18 12.22
C THR G 281 -20.43 -39.92 11.00
N ALA G 282 -19.12 -39.93 10.76
CA ALA G 282 -18.57 -40.58 9.56
C ALA G 282 -18.63 -42.10 9.64
N LYS G 283 -18.29 -42.67 10.79
CA LYS G 283 -18.22 -44.13 10.92
C LYS G 283 -18.87 -44.67 12.20
N GLY G 284 -19.51 -43.82 12.98
CA GLY G 284 -20.10 -44.23 14.25
C GLY G 284 -21.41 -44.99 14.18
N ASN G 285 -21.77 -45.62 15.30
CA ASN G 285 -23.01 -46.38 15.42
C ASN G 285 -24.24 -45.52 15.65
N PHE G 286 -24.06 -44.25 16.08
CA PHE G 286 -25.15 -43.34 16.41
C PHE G 286 -24.95 -41.92 15.79
N PRO G 287 -24.81 -41.81 14.46
CA PRO G 287 -24.56 -40.48 13.86
C PRO G 287 -25.65 -39.45 14.12
N VAL G 288 -26.94 -39.86 14.04
CA VAL G 288 -28.06 -38.95 14.26
C VAL G 288 -28.12 -38.51 15.71
N GLU G 289 -27.88 -39.44 16.63
CA GLU G 289 -27.90 -39.15 18.06
C GLU G 289 -26.78 -38.17 18.44
N ALA G 290 -25.62 -38.28 17.78
CA ALA G 290 -24.48 -37.39 18.03
C ALA G 290 -24.85 -35.95 17.62
N VAL G 291 -25.53 -35.79 16.47
CA VAL G 291 -25.98 -34.48 16.00
C VAL G 291 -27.01 -33.92 17.00
N LYS G 292 -27.97 -34.76 17.41
CA LYS G 292 -29.00 -34.34 18.38
C LYS G 292 -28.40 -33.88 19.70
N MET G 293 -27.36 -34.57 20.16
CA MET G 293 -26.68 -34.25 21.43
C MET G 293 -25.95 -32.89 21.32
N GLN G 294 -25.23 -32.64 20.20
CA GLN G 294 -24.59 -31.34 20.02
C GLN G 294 -25.63 -30.22 19.96
N HIS G 295 -26.76 -30.47 19.29
CA HIS G 295 -27.86 -29.49 19.23
C HIS G 295 -28.37 -29.17 20.64
N ALA G 296 -28.66 -30.21 21.43
CA ALA G 296 -29.20 -30.02 22.78
C ALA G 296 -28.26 -29.24 23.70
N ILE G 297 -26.96 -29.60 23.69
CA ILE G 297 -25.99 -28.91 24.52
C ILE G 297 -25.78 -27.46 24.07
N ALA G 298 -25.61 -27.23 22.76
CA ALA G 298 -25.37 -25.88 22.25
C ALA G 298 -26.49 -24.90 22.63
N ARG G 299 -27.75 -25.34 22.53
CA ARG G 299 -28.90 -24.49 22.91
C ARG G 299 -28.81 -24.06 24.38
N GLU G 300 -28.47 -25.01 25.25
CA GLU G 300 -28.33 -24.72 26.68
C GLU G 300 -27.18 -23.76 26.94
N ALA G 301 -26.04 -24.00 26.26
CA ALA G 301 -24.84 -23.17 26.45
C ALA G 301 -25.00 -21.76 25.93
N GLU G 302 -25.71 -21.60 24.82
CA GLU G 302 -25.92 -20.27 24.24
C GLU G 302 -26.74 -19.36 25.16
N ALA G 303 -27.73 -19.92 25.86
CA ALA G 303 -28.52 -19.14 26.82
C ALA G 303 -27.66 -18.76 28.05
N ALA G 304 -26.64 -19.57 28.38
CA ALA G 304 -25.74 -19.34 29.52
C ALA G 304 -24.60 -18.35 29.21
N VAL G 305 -24.52 -17.81 27.99
CA VAL G 305 -23.50 -16.83 27.64
C VAL G 305 -23.77 -15.53 28.45
N TYR G 306 -22.74 -14.88 28.99
CA TYR G 306 -22.90 -13.66 29.77
C TYR G 306 -22.89 -12.44 28.85
N HIS G 307 -23.99 -12.22 28.14
CA HIS G 307 -24.09 -11.13 27.17
C HIS G 307 -23.80 -9.75 27.71
N ARG G 308 -24.12 -9.46 28.98
CA ARG G 308 -23.85 -8.13 29.54
C ARG G 308 -22.39 -7.72 29.40
N GLN G 309 -21.46 -8.59 29.78
CA GLN G 309 -20.04 -8.28 29.64
C GLN G 309 -19.54 -8.53 28.22
N LEU G 310 -19.97 -9.64 27.60
CA LEU G 310 -19.53 -9.96 26.23
C LEU G 310 -19.82 -8.82 25.23
N PHE G 311 -21.06 -8.29 25.24
CA PHE G 311 -21.41 -7.18 24.34
C PHE G 311 -20.56 -5.95 24.62
N GLU G 312 -20.39 -5.58 25.91
CA GLU G 312 -19.56 -4.44 26.29
C GLU G 312 -18.13 -4.59 25.78
N GLU G 313 -17.53 -5.78 25.95
CA GLU G 313 -16.17 -6.01 25.48
C GLU G 313 -16.04 -6.04 23.97
N LEU G 314 -17.01 -6.63 23.26
CA LEU G 314 -16.96 -6.66 21.80
C LEU G 314 -17.11 -5.24 21.24
N ARG G 315 -17.97 -4.44 21.87
CA ARG G 315 -18.22 -3.04 21.51
C ARG G 315 -16.93 -2.22 21.70
N ARG G 316 -16.30 -2.35 22.86
CA ARG G 316 -15.09 -1.61 23.19
C ARG G 316 -13.90 -1.98 22.32
N ALA G 317 -13.78 -3.26 21.96
CA ALA G 317 -12.65 -3.72 21.17
C ALA G 317 -12.80 -3.42 19.68
N ALA G 318 -14.05 -3.38 19.18
CA ALA G 318 -14.27 -3.09 17.77
C ALA G 318 -13.95 -1.62 17.50
N PRO G 319 -13.03 -1.37 16.56
CA PRO G 319 -12.65 0.02 16.28
C PRO G 319 -13.80 0.84 15.71
N LEU G 320 -13.67 2.17 15.80
CA LEU G 320 -14.64 3.09 15.20
C LEU G 320 -14.69 2.85 13.69
N SER G 321 -15.87 2.97 13.10
CA SER G 321 -16.01 2.67 11.68
C SER G 321 -16.85 3.68 10.96
N ARG G 322 -16.50 3.97 9.73
CA ARG G 322 -17.31 4.81 8.87
C ARG G 322 -18.08 3.97 7.81
N ASP G 323 -18.03 2.63 7.90
CA ASP G 323 -18.73 1.76 6.98
C ASP G 323 -20.19 1.70 7.46
N PRO G 324 -21.16 2.13 6.66
CA PRO G 324 -22.57 2.10 7.10
C PRO G 324 -23.09 0.73 7.51
N THR G 325 -22.59 -0.36 6.89
CA THR G 325 -23.05 -1.71 7.27
C THR G 325 -22.64 -2.02 8.70
N GLU G 326 -21.38 -1.69 9.05
CA GLU G 326 -20.87 -1.92 10.40
CA GLU G 326 -20.86 -1.92 10.40
C GLU G 326 -21.59 -1.03 11.42
N VAL G 327 -21.83 0.22 11.08
CA VAL G 327 -22.51 1.17 11.96
C VAL G 327 -23.94 0.71 12.22
N THR G 328 -24.65 0.27 11.16
CA THR G 328 -26.02 -0.22 11.27
C THR G 328 -26.05 -1.49 12.10
N ALA G 329 -25.06 -2.40 11.90
CA ALA G 329 -24.99 -3.65 12.66
C ALA G 329 -24.94 -3.44 14.17
N ILE G 330 -24.06 -2.56 14.66
CA ILE G 330 -23.95 -2.33 16.11
C ILE G 330 -25.21 -1.65 16.65
N GLY G 331 -25.78 -0.73 15.89
CA GLY G 331 -27.02 -0.07 16.27
C GLY G 331 -28.16 -1.05 16.39
N ALA G 332 -28.27 -1.99 15.42
CA ALA G 332 -29.29 -3.04 15.41
C ALA G 332 -29.15 -4.02 16.58
N VAL G 333 -27.92 -4.44 16.90
CA VAL G 333 -27.69 -5.36 18.01
C VAL G 333 -28.01 -4.65 19.35
N GLU G 334 -27.66 -3.35 19.46
CA GLU G 334 -27.97 -2.57 20.66
CA GLU G 334 -27.97 -2.57 20.66
C GLU G 334 -29.50 -2.49 20.83
N ALA G 335 -30.22 -2.18 19.73
CA ALA G 335 -31.68 -2.09 19.73
C ALA G 335 -32.32 -3.43 20.11
N ALA G 336 -31.78 -4.56 19.58
CA ALA G 336 -32.31 -5.88 19.89
C ALA G 336 -32.22 -6.19 21.39
N PHE G 337 -31.08 -5.85 22.03
CA PHE G 337 -30.89 -6.06 23.45
C PHE G 337 -31.85 -5.18 24.28
N LYS G 338 -32.10 -3.95 23.84
CA LYS G 338 -32.96 -3.03 24.55
C LYS G 338 -34.41 -3.54 24.67
N CYS G 339 -34.92 -4.21 23.63
CA CYS G 339 -36.30 -4.70 23.66
C CYS G 339 -36.43 -6.21 23.79
N CYS G 340 -35.32 -6.93 24.02
CA CYS G 340 -35.23 -8.39 24.00
C CYS G 340 -35.90 -8.97 22.75
N ALA G 341 -35.54 -8.38 21.59
CA ALA G 341 -36.09 -8.73 20.28
C ALA G 341 -35.97 -10.21 20.02
N ALA G 342 -37.01 -10.77 19.43
CA ALA G 342 -37.00 -12.20 19.10
C ALA G 342 -35.99 -12.49 17.98
N ALA G 343 -35.80 -11.53 17.06
CA ALA G 343 -34.90 -11.72 15.93
C ALA G 343 -34.50 -10.39 15.30
N ILE G 344 -33.41 -10.43 14.51
CA ILE G 344 -32.95 -9.37 13.66
C ILE G 344 -33.09 -9.95 12.27
N ILE G 345 -34.00 -9.41 11.43
CA ILE G 345 -34.13 -9.89 10.07
C ILE G 345 -33.27 -9.03 9.17
N VAL G 346 -32.40 -9.65 8.39
CA VAL G 346 -31.48 -8.90 7.53
C VAL G 346 -31.53 -9.40 6.09
N LEU G 347 -31.53 -8.48 5.14
CA LEU G 347 -31.45 -8.83 3.72
C LEU G 347 -29.96 -8.81 3.37
N THR G 348 -29.48 -9.83 2.67
CA THR G 348 -28.06 -9.91 2.32
C THR G 348 -27.87 -10.67 1.00
N THR G 349 -26.94 -10.23 0.15
CA THR G 349 -26.65 -10.93 -1.08
C THR G 349 -25.42 -11.80 -0.93
N THR G 350 -24.39 -11.30 -0.22
CA THR G 350 -23.15 -12.02 -0.01
C THR G 350 -23.03 -12.67 1.38
N GLY G 351 -23.88 -12.25 2.32
CA GLY G 351 -23.80 -12.72 3.71
C GLY G 351 -23.14 -11.70 4.64
N ARG G 352 -22.43 -10.72 4.07
CA ARG G 352 -21.67 -9.75 4.87
C ARG G 352 -22.48 -8.98 5.92
N SER G 353 -23.69 -8.49 5.57
CA SER G 353 -24.49 -7.76 6.57
C SER G 353 -24.87 -8.66 7.74
N ALA G 354 -25.10 -9.96 7.47
CA ALA G 354 -25.43 -10.90 8.55
C ALA G 354 -24.19 -11.21 9.40
N GLN G 355 -23.03 -11.32 8.77
CA GLN G 355 -21.78 -11.59 9.48
C GLN G 355 -21.43 -10.44 10.43
N LEU G 356 -21.67 -9.17 9.99
CA LEU G 356 -21.39 -8.02 10.85
C LEU G 356 -22.34 -7.92 12.05
N LEU G 357 -23.56 -8.45 11.92
CA LEU G 357 -24.49 -8.52 13.05
C LEU G 357 -24.02 -9.59 14.03
N SER G 358 -23.66 -10.77 13.49
CA SER G 358 -23.19 -11.94 14.23
C SER G 358 -21.95 -11.65 15.11
N ARG G 359 -21.03 -10.82 14.62
CA ARG G 359 -19.79 -10.51 15.33
C ARG G 359 -20.03 -9.83 16.70
N TYR G 360 -21.20 -9.15 16.87
CA TYR G 360 -21.55 -8.54 18.16
C TYR G 360 -22.30 -9.46 19.09
N ARG G 361 -22.48 -10.73 18.70
CA ARG G 361 -23.11 -11.77 19.49
C ARG G 361 -24.45 -11.37 20.10
N PRO G 362 -25.43 -11.00 19.26
CA PRO G 362 -26.77 -10.71 19.81
C PRO G 362 -27.41 -11.96 20.35
N ARG G 363 -28.28 -11.79 21.34
CA ARG G 363 -29.09 -12.90 21.82
C ARG G 363 -30.16 -13.21 20.77
N ALA G 364 -30.69 -12.16 20.08
CA ALA G 364 -31.69 -12.30 19.03
C ALA G 364 -31.10 -13.08 17.87
N ALA G 365 -31.89 -13.97 17.30
CA ALA G 365 -31.49 -14.77 16.14
C ALA G 365 -31.33 -13.81 14.95
N VAL G 366 -30.31 -14.02 14.12
CA VAL G 366 -30.13 -13.21 12.92
C VAL G 366 -30.73 -13.99 11.76
N ILE G 367 -31.93 -13.61 11.31
CA ILE G 367 -32.60 -14.29 10.21
C ILE G 367 -32.15 -13.62 8.92
N ALA G 368 -31.32 -14.30 8.13
CA ALA G 368 -30.78 -13.72 6.90
C ALA G 368 -31.55 -14.17 5.67
N VAL G 369 -32.19 -13.24 4.98
CA VAL G 369 -32.95 -13.56 3.78
C VAL G 369 -32.08 -13.22 2.56
N THR G 370 -31.86 -14.20 1.72
CA THR G 370 -31.01 -14.03 0.54
C THR G 370 -31.54 -14.79 -0.67
N ARG G 371 -31.22 -14.28 -1.86
CA ARG G 371 -31.52 -14.99 -3.12
C ARG G 371 -30.31 -15.85 -3.53
N SER G 372 -29.13 -15.66 -2.91
CA SER G 372 -27.92 -16.44 -3.24
C SER G 372 -27.94 -17.75 -2.49
N ALA G 373 -28.10 -18.87 -3.22
CA ALA G 373 -28.06 -20.20 -2.60
C ALA G 373 -26.71 -20.44 -1.92
N GLN G 374 -25.62 -19.96 -2.53
CA GLN G 374 -24.30 -20.12 -1.91
C GLN G 374 -24.14 -19.31 -0.61
N ALA G 375 -24.58 -18.04 -0.59
CA ALA G 375 -24.47 -17.23 0.62
C ALA G 375 -25.31 -17.85 1.74
N ALA G 376 -26.50 -18.41 1.38
CA ALA G 376 -27.38 -19.06 2.36
C ALA G 376 -26.64 -20.25 3.03
N ARG G 377 -25.87 -21.02 2.24
CA ARG G 377 -25.14 -22.13 2.82
C ARG G 377 -23.93 -21.63 3.64
N GLN G 378 -23.19 -20.63 3.10
CA GLN G 378 -21.97 -20.17 3.77
C GLN G 378 -22.18 -19.43 5.10
N VAL G 379 -23.32 -18.73 5.26
CA VAL G 379 -23.55 -17.99 6.51
C VAL G 379 -23.74 -18.89 7.72
N HIS G 380 -23.89 -20.23 7.53
CA HIS G 380 -23.90 -21.15 8.67
C HIS G 380 -22.56 -21.09 9.44
N LEU G 381 -21.49 -20.55 8.83
CA LEU G 381 -20.21 -20.38 9.53
C LEU G 381 -20.28 -19.34 10.65
N CYS G 382 -21.27 -18.42 10.60
CA CYS G 382 -21.38 -17.33 11.58
C CYS G 382 -22.43 -17.64 12.60
N ARG G 383 -22.06 -17.61 13.89
CA ARG G 383 -22.99 -17.94 14.96
C ARG G 383 -24.24 -17.07 14.94
N GLY G 384 -25.38 -17.74 15.08
CA GLY G 384 -26.66 -17.10 15.16
C GLY G 384 -27.25 -16.63 13.88
N VAL G 385 -26.68 -17.02 12.72
CA VAL G 385 -27.26 -16.63 11.44
C VAL G 385 -28.08 -17.80 10.92
N PHE G 386 -29.39 -17.56 10.70
CA PHE G 386 -30.35 -18.54 10.23
C PHE G 386 -30.71 -18.16 8.82
N PRO G 387 -30.14 -18.86 7.83
CA PRO G 387 -30.37 -18.47 6.43
C PRO G 387 -31.68 -18.94 5.85
N LEU G 388 -32.33 -18.06 5.10
CA LEU G 388 -33.57 -18.37 4.42
C LEU G 388 -33.35 -18.07 2.96
N LEU G 389 -33.52 -19.06 2.11
CA LEU G 389 -33.32 -18.91 0.68
C LEU G 389 -34.65 -18.50 0.01
N TYR G 390 -34.68 -17.32 -0.58
CA TYR G 390 -35.87 -16.77 -1.20
C TYR G 390 -35.89 -17.10 -2.69
N ARG G 391 -36.93 -17.79 -3.12
CA ARG G 391 -37.09 -18.20 -4.53
C ARG G 391 -38.31 -17.67 -5.25
N GLU G 392 -39.01 -16.72 -4.65
CA GLU G 392 -40.17 -16.14 -5.28
C GLU G 392 -39.75 -15.25 -6.47
N PRO G 393 -40.61 -15.13 -7.49
CA PRO G 393 -40.31 -14.23 -8.61
C PRO G 393 -40.27 -12.76 -8.16
N PRO G 394 -39.56 -11.91 -8.90
CA PRO G 394 -39.40 -10.51 -8.45
C PRO G 394 -40.64 -9.63 -8.57
N GLU G 395 -40.75 -8.64 -7.67
CA GLU G 395 -41.79 -7.61 -7.77
C GLU G 395 -41.20 -6.50 -8.65
N ALA G 396 -42.06 -5.78 -9.38
CA ALA G 396 -41.61 -4.73 -10.30
C ALA G 396 -40.98 -3.55 -9.55
N ILE G 397 -41.53 -3.20 -8.39
CA ILE G 397 -41.05 -2.08 -7.60
C ILE G 397 -40.11 -2.58 -6.52
N TRP G 398 -38.88 -2.09 -6.52
CA TRP G 398 -37.88 -2.54 -5.55
C TRP G 398 -38.33 -2.49 -4.07
N ALA G 399 -38.89 -1.37 -3.56
CA ALA G 399 -39.35 -1.34 -2.16
C ALA G 399 -40.39 -2.44 -1.87
N ASP G 400 -41.24 -2.79 -2.85
CA ASP G 400 -42.22 -3.87 -2.65
C ASP G 400 -41.53 -5.24 -2.57
N ASP G 401 -40.48 -5.43 -3.35
CA ASP G 401 -39.69 -6.64 -3.36
C ASP G 401 -38.94 -6.81 -2.01
N VAL G 402 -38.43 -5.71 -1.45
CA VAL G 402 -37.74 -5.70 -0.16
C VAL G 402 -38.75 -6.09 0.91
N ASP G 403 -39.95 -5.50 0.87
CA ASP G 403 -41.01 -5.79 1.86
C ASP G 403 -41.42 -7.24 1.79
N ARG G 404 -41.54 -7.81 0.59
CA ARG G 404 -41.87 -9.24 0.46
C ARG G 404 -40.84 -10.15 1.08
N ARG G 405 -39.55 -9.82 0.95
CA ARG G 405 -38.47 -10.60 1.54
C ARG G 405 -38.46 -10.49 3.05
N VAL G 406 -38.73 -9.29 3.58
CA VAL G 406 -38.83 -9.10 5.03
C VAL G 406 -40.02 -9.93 5.56
N GLN G 407 -41.14 -9.89 4.87
CA GLN G 407 -42.32 -10.66 5.27
C GLN G 407 -42.07 -12.17 5.18
N PHE G 408 -41.27 -12.60 4.21
CA PHE G 408 -40.87 -13.99 4.09
C PHE G 408 -40.04 -14.41 5.31
N GLY G 409 -39.18 -13.50 5.81
CA GLY G 409 -38.42 -13.76 7.03
C GLY G 409 -39.34 -13.88 8.23
N ILE G 410 -40.33 -13.01 8.33
CA ILE G 410 -41.31 -13.05 9.44
C ILE G 410 -42.16 -14.33 9.39
N GLU G 411 -42.69 -14.67 8.21
CA GLU G 411 -43.51 -15.88 8.04
C GLU G 411 -42.72 -17.14 8.31
N SER G 412 -41.46 -17.20 7.83
CA SER G 412 -40.63 -18.36 8.11
C SER G 412 -40.34 -18.44 9.62
N GLY G 413 -40.06 -17.28 10.24
CA GLY G 413 -39.78 -17.20 11.66
C GLY G 413 -40.95 -17.66 12.51
N LYS G 414 -42.19 -17.29 12.11
CA LYS G 414 -43.40 -17.72 12.82
C LYS G 414 -43.55 -19.24 12.72
N LEU G 415 -43.42 -19.77 11.50
CA LEU G 415 -43.58 -21.20 11.28
C LEU G 415 -42.55 -22.02 12.08
N ARG G 416 -41.30 -21.54 12.11
CA ARG G 416 -40.23 -22.27 12.79
C ARG G 416 -40.15 -22.04 14.30
N GLY G 417 -40.97 -21.18 14.86
CA GLY G 417 -40.98 -20.91 16.29
C GLY G 417 -40.06 -19.80 16.76
N PHE G 418 -39.39 -19.11 15.83
CA PHE G 418 -38.51 -17.99 16.18
C PHE G 418 -39.34 -16.78 16.66
N LEU G 419 -40.50 -16.55 16.04
CA LEU G 419 -41.32 -15.35 16.23
C LEU G 419 -42.75 -15.66 16.51
N ARG G 420 -43.42 -14.73 17.17
CA ARG G 420 -44.85 -14.78 17.46
C ARG G 420 -45.41 -13.37 17.29
N VAL G 421 -46.74 -13.25 17.09
CA VAL G 421 -47.43 -11.98 17.05
C VAL G 421 -47.23 -11.26 18.38
N GLY G 422 -46.92 -9.97 18.33
CA GLY G 422 -46.62 -9.22 19.54
C GLY G 422 -45.12 -9.09 19.81
N ASP G 423 -44.29 -9.95 19.19
CA ASP G 423 -42.83 -9.82 19.38
C ASP G 423 -42.33 -8.55 18.69
N LEU G 424 -41.17 -8.05 19.13
CA LEU G 424 -40.50 -6.98 18.43
C LEU G 424 -39.34 -7.62 17.67
N VAL G 425 -39.09 -7.15 16.46
CA VAL G 425 -37.96 -7.58 15.64
C VAL G 425 -37.28 -6.33 15.10
N ILE G 426 -36.00 -6.46 14.86
CA ILE G 426 -35.20 -5.40 14.27
C ILE G 426 -35.02 -5.81 12.80
N VAL G 427 -35.25 -4.90 11.86
CA VAL G 427 -35.12 -5.22 10.45
C VAL G 427 -34.00 -4.40 9.85
N VAL G 428 -33.06 -5.06 9.19
CA VAL G 428 -31.89 -4.42 8.62
C VAL G 428 -31.88 -4.55 7.09
N THR G 429 -31.88 -3.41 6.39
CA THR G 429 -31.87 -3.35 4.92
C THR G 429 -30.92 -2.21 4.44
N GLY G 430 -30.88 -1.96 3.13
CA GLY G 430 -30.10 -0.86 2.57
C GLY G 430 -30.94 0.09 1.77
N TRP G 431 -30.34 1.21 1.35
CA TRP G 431 -31.06 2.28 0.66
C TRP G 431 -31.23 2.08 -0.85
N ARG G 432 -30.53 1.12 -1.43
CA ARG G 432 -30.65 0.86 -2.86
C ARG G 432 -30.29 -0.62 -3.12
N PRO G 433 -30.70 -1.16 -4.29
CA PRO G 433 -30.38 -2.56 -4.60
C PRO G 433 -28.88 -2.79 -4.76
N GLY G 434 -28.49 -4.04 -4.57
CA GLY G 434 -27.11 -4.46 -4.64
C GLY G 434 -26.42 -4.57 -3.29
N SER G 435 -25.50 -5.48 -3.22
CA SER G 435 -24.67 -5.66 -2.06
C SER G 435 -23.83 -4.40 -1.75
N GLY G 436 -23.55 -4.17 -0.46
CA GLY G 436 -22.69 -3.07 -0.01
C GLY G 436 -23.35 -1.79 0.50
N TYR G 437 -24.70 -1.72 0.49
CA TYR G 437 -25.40 -0.50 0.87
C TYR G 437 -26.27 -0.60 2.10
N THR G 438 -26.09 -1.63 2.96
CA THR G 438 -26.88 -1.73 4.19
C THR G 438 -26.68 -0.48 5.05
N ASN G 439 -27.77 0.21 5.41
CA ASN G 439 -27.65 1.44 6.20
C ASN G 439 -28.94 1.74 7.01
N ILE G 440 -29.91 0.82 7.05
CA ILE G 440 -31.19 1.07 7.72
C ILE G 440 -31.51 0.02 8.76
N MET G 441 -31.98 0.48 9.90
CA MET G 441 -32.44 -0.38 10.98
C MET G 441 -33.85 0.10 11.36
N ARG G 442 -34.80 -0.83 11.41
CA ARG G 442 -36.19 -0.51 11.75
C ARG G 442 -36.69 -1.40 12.88
N VAL G 443 -37.49 -0.84 13.78
CA VAL G 443 -38.05 -1.60 14.91
C VAL G 443 -39.48 -1.92 14.51
N LEU G 444 -39.80 -3.20 14.40
CA LEU G 444 -41.09 -3.66 13.92
C LEU G 444 -41.83 -4.50 14.95
N SER G 445 -43.11 -4.26 15.12
CA SER G 445 -43.94 -5.10 15.98
C SER G 445 -44.55 -6.18 15.06
N ILE G 446 -44.42 -7.46 15.41
CA ILE G 446 -44.92 -8.53 14.60
C ILE G 446 -46.46 -8.57 14.66
N SER G 447 -47.12 -8.46 13.51
CA SER G 447 -48.56 -8.54 13.41
C SER G 447 -48.97 -9.86 12.72
N GLY H 23 -8.33 11.88 9.70
CA GLY H 23 -7.02 12.41 10.06
C GLY H 23 -6.67 12.34 11.54
N THR H 24 -5.38 12.52 11.83
CA THR H 24 -4.89 12.50 13.21
C THR H 24 -5.36 13.73 14.00
N ALA H 25 -5.53 14.88 13.32
CA ALA H 25 -6.00 16.10 13.96
C ALA H 25 -7.40 15.92 14.55
N PHE H 26 -8.26 15.14 13.86
CA PHE H 26 -9.62 14.87 14.31
C PHE H 26 -9.62 14.20 15.69
N PHE H 27 -8.73 13.22 15.87
CA PHE H 27 -8.66 12.47 17.11
C PHE H 27 -7.95 13.20 18.29
N GLN H 28 -7.43 14.40 18.04
CA GLN H 28 -6.82 15.21 19.09
C GLN H 28 -7.83 16.23 19.66
N GLN H 29 -8.81 16.66 18.86
CA GLN H 29 -9.87 17.61 19.21
C GLN H 29 -10.94 17.00 20.14
N GLN H 30 -11.86 17.87 20.66
CA GLN H 30 -13.00 17.56 21.51
C GLN H 30 -12.72 16.54 22.62
N GLN H 31 -11.53 16.64 23.25
CA GLN H 31 -11.10 15.73 24.32
C GLN H 31 -11.22 14.25 23.95
N LEU H 32 -11.05 13.90 22.65
CA LEU H 32 -11.15 12.50 22.22
C LEU H 32 -10.11 11.58 22.91
N PRO H 33 -8.84 11.99 23.16
CA PRO H 33 -7.94 11.11 23.95
C PRO H 33 -8.52 10.78 25.34
N ALA H 34 -9.06 11.80 26.06
CA ALA H 34 -9.67 11.57 27.38
C ALA H 34 -10.96 10.73 27.27
N ALA H 35 -11.67 10.84 26.14
CA ALA H 35 -12.90 10.09 25.89
C ALA H 35 -12.62 8.60 25.74
N MET H 36 -11.48 8.24 25.14
CA MET H 36 -11.13 6.83 24.92
C MET H 36 -10.49 6.15 26.15
N ALA H 37 -10.33 6.86 27.28
CA ALA H 37 -9.67 6.29 28.45
C ALA H 37 -10.42 5.12 29.10
N ASP H 38 -9.67 4.16 29.63
CA ASP H 38 -10.23 2.96 30.24
C ASP H 38 -10.70 3.17 31.68
N THR H 39 -10.23 4.24 32.35
CA THR H 39 -10.69 4.53 33.71
C THR H 39 -11.02 6.04 33.83
N PHE H 40 -11.80 6.42 34.84
CA PHE H 40 -12.08 7.82 35.10
C PHE H 40 -10.80 8.56 35.47
N LEU H 41 -9.89 7.91 36.25
CA LEU H 41 -8.61 8.52 36.59
C LEU H 41 -7.80 8.86 35.32
N GLU H 42 -7.66 7.91 34.38
CA GLU H 42 -6.93 8.15 33.13
C GLU H 42 -7.65 9.21 32.28
N HIS H 43 -8.99 9.24 32.33
CA HIS H 43 -9.80 10.24 31.63
C HIS H 43 -9.41 11.64 32.13
N LEU H 44 -9.33 11.82 33.45
CA LEU H 44 -8.92 13.10 34.04
C LEU H 44 -7.48 13.46 33.61
N CYS H 45 -6.54 12.48 33.71
CA CYS H 45 -5.13 12.68 33.36
C CYS H 45 -4.92 13.10 31.90
N LEU H 46 -5.86 12.74 31.00
CA LEU H 46 -5.75 13.05 29.59
C LEU H 46 -6.47 14.33 29.15
N LEU H 47 -7.17 15.03 30.07
CA LEU H 47 -7.85 16.28 29.71
C LEU H 47 -6.81 17.29 29.26
N ASP H 48 -7.06 17.95 28.13
CA ASP H 48 -6.09 18.81 27.48
C ASP H 48 -6.67 20.18 27.16
N ILE H 49 -6.08 21.24 27.70
CA ILE H 49 -6.51 22.62 27.44
C ILE H 49 -6.29 23.03 25.95
N ASP H 50 -5.44 22.31 25.21
CA ASP H 50 -5.22 22.57 23.80
C ASP H 50 -6.17 21.77 22.89
N SER H 51 -7.01 20.90 23.46
CA SER H 51 -7.96 20.12 22.67
C SER H 51 -9.22 20.96 22.52
N GLU H 52 -9.41 21.55 21.34
CA GLU H 52 -10.51 22.47 21.09
C GLU H 52 -11.86 21.79 20.89
N PRO H 53 -12.93 22.39 21.43
CA PRO H 53 -14.27 21.81 21.23
C PRO H 53 -14.69 21.94 19.76
N VAL H 54 -15.42 20.96 19.26
CA VAL H 54 -15.86 20.96 17.86
C VAL H 54 -17.37 20.94 17.79
N ALA H 55 -18.00 20.15 18.64
CA ALA H 55 -19.45 20.02 18.69
C ALA H 55 -20.13 21.34 19.05
N ALA H 56 -21.39 21.48 18.64
CA ALA H 56 -22.17 22.64 19.01
C ALA H 56 -22.49 22.52 20.52
N ARG H 57 -22.58 23.65 21.22
CA ARG H 57 -22.87 23.70 22.65
C ARG H 57 -24.25 23.11 22.92
N SER H 58 -24.32 22.09 23.74
CA SER H 58 -25.52 21.34 23.96
C SER H 58 -26.35 21.71 25.21
N THR H 59 -25.75 22.30 26.23
CA THR H 59 -26.49 22.69 27.45
C THR H 59 -27.17 24.02 27.18
N SER H 60 -28.50 24.09 27.32
CA SER H 60 -29.20 25.34 27.02
C SER H 60 -28.95 26.39 28.09
N ILE H 61 -29.01 27.65 27.66
CA ILE H 61 -28.85 28.79 28.55
C ILE H 61 -30.21 29.47 28.75
N ILE H 62 -30.59 29.64 30.01
CA ILE H 62 -31.80 30.37 30.37
C ILE H 62 -31.34 31.74 30.87
N ALA H 63 -31.85 32.82 30.25
CA ALA H 63 -31.50 34.17 30.66
C ALA H 63 -32.75 34.84 31.23
N THR H 64 -32.64 35.41 32.44
CA THR H 64 -33.76 36.10 33.06
C THR H 64 -33.86 37.48 32.44
N ILE H 65 -35.08 37.86 32.03
CA ILE H 65 -35.33 39.14 31.38
C ILE H 65 -35.60 40.20 32.45
N GLY H 66 -35.01 41.36 32.26
CA GLY H 66 -35.19 42.50 33.15
C GLY H 66 -34.76 43.78 32.49
N PRO H 67 -34.58 44.86 33.26
CA PRO H 67 -34.14 46.14 32.68
C PRO H 67 -32.88 46.10 31.82
N ALA H 68 -31.94 45.20 32.12
CA ALA H 68 -30.72 45.10 31.33
C ALA H 68 -30.89 44.29 30.03
N SER H 69 -32.02 43.61 29.85
CA SER H 69 -32.19 42.72 28.71
C SER H 69 -33.57 42.80 28.06
N ARG H 70 -34.26 43.93 28.21
CA ARG H 70 -35.59 44.07 27.58
C ARG H 70 -35.53 44.73 26.22
N SER H 71 -34.47 45.47 25.91
CA SER H 71 -34.37 46.15 24.63
C SER H 71 -34.42 45.10 23.48
N VAL H 72 -35.25 45.34 22.44
CA VAL H 72 -35.35 44.44 21.28
C VAL H 72 -33.97 44.24 20.65
N GLU H 73 -33.20 45.33 20.52
CA GLU H 73 -31.86 45.28 19.95
C GLU H 73 -30.85 44.49 20.80
N ARG H 74 -30.96 44.62 22.12
CA ARG H 74 -30.09 43.82 23.00
C ARG H 74 -30.55 42.33 22.98
N LEU H 75 -31.86 42.09 22.90
CA LEU H 75 -32.37 40.71 22.83
C LEU H 75 -31.85 39.98 21.58
N LYS H 76 -31.66 40.71 20.48
CA LYS H 76 -31.09 40.14 19.25
C LYS H 76 -29.65 39.72 19.52
N GLU H 77 -28.88 40.55 20.25
CA GLU H 77 -27.51 40.18 20.60
C GLU H 77 -27.47 38.98 21.55
N MET H 78 -28.42 38.90 22.48
CA MET H 78 -28.48 37.77 23.42
CA MET H 78 -28.48 37.77 23.42
C MET H 78 -28.82 36.46 22.71
N ILE H 79 -29.68 36.51 21.69
CA ILE H 79 -30.04 35.32 20.92
C ILE H 79 -28.81 34.85 20.15
N LYS H 80 -28.07 35.79 19.54
CA LYS H 80 -26.83 35.49 18.82
C LYS H 80 -25.75 34.94 19.73
N ALA H 81 -25.69 35.44 20.99
CA ALA H 81 -24.71 34.98 22.02
C ALA H 81 -24.99 33.56 22.52
N GLY H 82 -26.25 33.10 22.39
CA GLY H 82 -26.59 31.75 22.81
C GLY H 82 -27.79 31.57 23.72
N MET H 83 -28.57 32.64 24.02
CA MET H 83 -29.74 32.48 24.88
C MET H 83 -30.77 31.56 24.20
N ASN H 84 -31.20 30.52 24.91
CA ASN H 84 -32.20 29.61 24.35
C ASN H 84 -33.57 29.78 24.98
N ILE H 85 -33.61 30.15 26.27
CA ILE H 85 -34.87 30.29 27.01
C ILE H 85 -34.86 31.64 27.74
N ALA H 86 -35.93 32.42 27.60
CA ALA H 86 -36.08 33.69 28.28
C ALA H 86 -36.96 33.43 29.52
N ARG H 87 -36.46 33.75 30.68
CA ARG H 87 -37.19 33.55 31.94
C ARG H 87 -37.82 34.87 32.41
N LEU H 88 -39.11 34.86 32.70
CA LEU H 88 -39.82 36.01 33.24
C LEU H 88 -40.03 35.72 34.72
N ASN H 89 -39.40 36.51 35.59
CA ASN H 89 -39.53 36.28 37.03
C ASN H 89 -40.76 37.03 37.55
N PHE H 90 -41.85 36.32 37.82
CA PHE H 90 -43.09 36.95 38.30
C PHE H 90 -43.04 37.38 39.78
N SER H 91 -41.88 37.24 40.45
CA SER H 91 -41.71 37.76 41.80
C SER H 91 -41.64 39.31 41.74
N HIS H 92 -41.27 39.90 40.58
CA HIS H 92 -41.18 41.35 40.39
C HIS H 92 -41.91 41.77 39.11
N GLY H 93 -42.40 43.00 39.06
CA GLY H 93 -43.06 43.53 37.89
C GLY H 93 -44.51 43.15 37.75
N SER H 94 -45.28 44.00 37.10
CA SER H 94 -46.71 43.78 36.89
C SER H 94 -46.98 42.89 35.65
N HIS H 95 -48.25 42.53 35.42
CA HIS H 95 -48.65 41.81 34.20
C HIS H 95 -48.32 42.64 32.96
N GLU H 96 -48.47 43.97 33.03
CA GLU H 96 -48.16 44.85 31.92
C GLU H 96 -46.66 44.80 31.60
N TYR H 97 -45.82 44.77 32.62
CA TYR H 97 -44.38 44.71 32.44
C TYR H 97 -44.01 43.39 31.75
N HIS H 98 -44.56 42.27 32.25
CA HIS H 98 -44.24 40.96 31.66
C HIS H 98 -44.79 40.78 30.25
N ALA H 99 -45.95 41.38 29.92
CA ALA H 99 -46.48 41.32 28.56
C ALA H 99 -45.55 42.03 27.59
N GLU H 100 -44.96 43.17 28.03
CA GLU H 100 -43.99 43.92 27.22
C GLU H 100 -42.73 43.11 27.01
N SER H 101 -42.28 42.37 28.05
CA SER H 101 -41.06 41.54 27.94
C SER H 101 -41.30 40.44 26.91
N ILE H 102 -42.48 39.81 26.96
CA ILE H 102 -42.84 38.75 26.01
C ILE H 102 -42.89 39.27 24.59
N ALA H 103 -43.51 40.45 24.39
CA ALA H 103 -43.59 41.06 23.07
C ALA H 103 -42.20 41.43 22.53
N ASN H 104 -41.31 41.95 23.40
CA ASN H 104 -39.95 42.31 22.96
C ASN H 104 -39.15 41.08 22.60
N VAL H 105 -39.27 40.00 23.41
CA VAL H 105 -38.57 38.75 23.11
C VAL H 105 -39.06 38.21 21.74
N ARG H 106 -40.38 38.12 21.56
CA ARG H 106 -40.93 37.63 20.30
C ARG H 106 -40.51 38.46 19.12
N GLU H 107 -40.47 39.79 19.25
CA GLU H 107 -40.04 40.64 18.14
C GLU H 107 -38.58 40.35 17.77
N ALA H 108 -37.72 40.22 18.79
CA ALA H 108 -36.30 39.95 18.53
C ALA H 108 -36.13 38.55 17.89
N VAL H 109 -36.84 37.55 18.39
CA VAL H 109 -36.77 36.18 17.86
C VAL H 109 -37.26 36.15 16.40
N GLU H 110 -38.42 36.77 16.15
CA GLU H 110 -39.01 36.76 14.82
C GLU H 110 -38.28 37.64 13.81
N SER H 111 -37.36 38.51 14.28
CA SER H 111 -36.56 39.31 13.33
C SER H 111 -35.63 38.41 12.49
N PHE H 112 -35.36 37.18 12.94
CA PHE H 112 -34.52 36.22 12.22
C PHE H 112 -35.32 35.20 11.34
N ALA H 113 -36.65 35.26 11.41
CA ALA H 113 -37.51 34.33 10.68
C ALA H 113 -37.43 34.41 9.14
N GLY H 114 -36.97 35.53 8.58
CA GLY H 114 -36.79 35.69 7.14
C GLY H 114 -35.72 34.79 6.55
N SER H 115 -34.84 34.21 7.42
CA SER H 115 -33.85 33.23 6.97
C SER H 115 -34.12 31.92 7.72
N PRO H 116 -35.00 31.07 7.16
CA PRO H 116 -35.39 29.84 7.87
C PRO H 116 -34.27 28.88 8.22
N LEU H 117 -33.19 28.85 7.44
CA LEU H 117 -32.06 27.95 7.67
C LEU H 117 -31.22 28.33 8.90
N SER H 118 -31.34 29.58 9.39
CA SER H 118 -30.56 30.01 10.56
C SER H 118 -31.45 30.48 11.76
N TYR H 119 -32.78 30.50 11.58
CA TYR H 119 -33.73 30.92 12.62
C TYR H 119 -33.56 30.07 13.88
N ARG H 120 -33.44 30.74 15.04
CA ARG H 120 -33.28 30.05 16.29
C ARG H 120 -34.52 30.23 17.14
N PRO H 121 -35.25 29.16 17.43
CA PRO H 121 -36.39 29.30 18.36
C PRO H 121 -35.90 29.65 19.76
N VAL H 122 -36.71 30.39 20.53
CA VAL H 122 -36.38 30.77 21.90
C VAL H 122 -37.62 30.56 22.74
N ALA H 123 -37.52 29.73 23.78
CA ALA H 123 -38.67 29.47 24.65
C ALA H 123 -38.91 30.64 25.61
N ILE H 124 -40.16 30.75 26.11
CA ILE H 124 -40.51 31.72 27.12
C ILE H 124 -41.01 30.96 28.34
N ALA H 125 -40.34 31.16 29.48
CA ALA H 125 -40.65 30.47 30.71
C ALA H 125 -41.15 31.45 31.76
N LEU H 126 -42.23 31.10 32.45
CA LEU H 126 -42.81 31.95 33.48
C LEU H 126 -42.40 31.34 34.81
N ASP H 127 -41.70 32.12 35.62
CA ASP H 127 -41.24 31.65 36.93
C ASP H 127 -42.17 32.30 37.99
N THR H 128 -42.94 31.49 38.67
CA THR H 128 -43.94 31.99 39.62
C THR H 128 -43.37 32.59 40.90
N LYS H 129 -44.15 33.50 41.51
CA LYS H 129 -43.79 34.15 42.76
C LYS H 129 -43.71 33.12 43.88
N GLY H 130 -44.64 32.18 43.91
CA GLY H 130 -44.64 31.13 44.92
C GLY H 130 -45.73 31.23 45.96
N PRO H 131 -45.77 30.25 46.86
CA PRO H 131 -46.85 30.21 47.87
C PRO H 131 -46.72 31.16 49.04
N GLY H 132 -45.52 31.71 49.25
CA GLY H 132 -45.25 32.60 50.37
C GLY H 132 -45.41 31.86 51.68
N SER H 133 -46.19 32.42 52.60
CA SER H 133 -46.47 31.77 53.88
C SER H 133 -47.60 30.73 53.81
N GLY H 134 -48.29 30.64 52.67
CA GLY H 134 -49.40 29.70 52.47
C GLY H 134 -48.98 28.26 52.29
N PRO H 135 -49.96 27.34 52.38
CA PRO H 135 -49.64 25.91 52.25
C PRO H 135 -49.61 25.35 50.82
N GLY H 136 -50.19 26.07 49.87
CA GLY H 136 -50.25 25.63 48.48
C GLY H 136 -50.34 26.77 47.49
N LEU H 137 -51.03 26.55 46.36
CA LEU H 137 -51.15 27.55 45.28
C LEU H 137 -51.79 28.86 45.71
N SER H 138 -51.02 29.95 45.67
CA SER H 138 -51.49 31.27 46.05
C SER H 138 -52.43 31.87 45.00
N GLU H 139 -53.23 32.87 45.39
CA GLU H 139 -54.16 33.53 44.47
C GLU H 139 -53.42 34.31 43.41
N GLN H 140 -52.26 34.90 43.74
CA GLN H 140 -51.47 35.62 42.75
C GLN H 140 -50.93 34.63 41.71
N ASP H 141 -50.49 33.44 42.14
CA ASP H 141 -50.00 32.42 41.22
C ASP H 141 -51.10 31.96 40.29
N VAL H 142 -52.35 31.82 40.77
CA VAL H 142 -53.47 31.45 39.90
C VAL H 142 -53.66 32.49 38.78
N ARG H 143 -53.57 33.79 39.11
CA ARG H 143 -53.70 34.86 38.13
C ARG H 143 -52.50 34.91 37.18
N ASP H 144 -51.30 34.67 37.70
CA ASP H 144 -50.09 34.71 36.87
C ASP H 144 -50.04 33.52 35.91
N LEU H 145 -50.48 32.35 36.35
CA LEU H 145 -50.55 31.15 35.51
C LEU H 145 -51.61 31.34 34.40
N ARG H 146 -52.71 32.01 34.71
CA ARG H 146 -53.74 32.32 33.74
C ARG H 146 -53.17 33.26 32.68
N PHE H 147 -52.39 34.28 33.13
CA PHE H 147 -51.71 35.23 32.24
C PHE H 147 -50.76 34.43 31.30
N GLY H 148 -50.03 33.48 31.87
CA GLY H 148 -49.09 32.64 31.12
C GLY H 148 -49.75 31.91 29.97
N VAL H 149 -50.90 31.29 30.25
CA VAL H 149 -51.68 30.58 29.22
C VAL H 149 -52.17 31.57 28.15
N GLU H 150 -52.73 32.71 28.59
CA GLU H 150 -53.24 33.72 27.65
C GLU H 150 -52.17 34.33 26.77
N HIS H 151 -50.92 34.37 27.26
CA HIS H 151 -49.82 34.91 26.48
C HIS H 151 -48.95 33.82 25.80
N GLY H 152 -49.39 32.57 25.84
CA GLY H 152 -48.69 31.47 25.17
C GLY H 152 -47.31 31.10 25.65
N VAL H 153 -47.05 31.17 26.97
CA VAL H 153 -45.73 30.78 27.49
C VAL H 153 -45.52 29.26 27.26
N ASP H 154 -44.25 28.86 27.10
CA ASP H 154 -43.93 27.46 26.82
C ASP H 154 -43.73 26.62 28.05
N ILE H 155 -43.19 27.23 29.10
CA ILE H 155 -42.77 26.54 30.30
C ILE H 155 -43.16 27.34 31.55
N VAL H 156 -43.41 26.62 32.63
CA VAL H 156 -43.62 27.22 33.92
C VAL H 156 -42.53 26.68 34.85
N PHE H 157 -41.81 27.57 35.55
CA PHE H 157 -40.87 27.18 36.58
C PHE H 157 -41.70 27.43 37.86
N ALA H 158 -42.27 26.36 38.42
CA ALA H 158 -43.16 26.48 39.59
C ALA H 158 -42.33 26.59 40.89
N SER H 159 -42.42 27.75 41.56
CA SER H 159 -41.65 27.99 42.77
C SER H 159 -42.12 27.20 43.98
N PHE H 160 -41.14 26.83 44.83
CA PHE H 160 -41.34 26.13 46.10
C PHE H 160 -42.26 24.91 46.01
N VAL H 161 -41.98 23.99 45.06
CA VAL H 161 -42.77 22.76 44.95
C VAL H 161 -42.35 21.84 46.08
N ARG H 162 -43.30 21.39 46.91
CA ARG H 162 -43.01 20.58 48.09
C ARG H 162 -43.57 19.16 48.04
N LYS H 163 -44.51 18.91 47.14
CA LYS H 163 -45.17 17.62 47.03
C LYS H 163 -45.89 17.52 45.68
N ALA H 164 -46.31 16.30 45.31
CA ALA H 164 -47.02 16.05 44.05
C ALA H 164 -48.30 16.89 43.88
N SER H 165 -49.07 17.13 44.96
CA SER H 165 -50.30 17.92 44.85
C SER H 165 -50.03 19.37 44.47
N ASP H 166 -48.83 19.89 44.75
CA ASP H 166 -48.48 21.25 44.33
C ASP H 166 -48.41 21.31 42.80
N VAL H 167 -47.86 20.24 42.16
CA VAL H 167 -47.74 20.18 40.71
C VAL H 167 -49.14 20.06 40.09
N ALA H 168 -50.01 19.23 40.70
CA ALA H 168 -51.40 19.07 40.22
C ALA H 168 -52.15 20.38 40.26
N ALA H 169 -51.95 21.19 41.32
CA ALA H 169 -52.58 22.51 41.45
C ALA H 169 -52.11 23.46 40.36
N VAL H 170 -50.80 23.44 40.02
CA VAL H 170 -50.27 24.28 38.94
C VAL H 170 -50.90 23.86 37.63
N ARG H 171 -50.95 22.55 37.37
N ARG H 171 -50.95 22.55 37.36
CA ARG H 171 -51.53 21.98 36.15
CA ARG H 171 -51.53 22.01 36.13
C ARG H 171 -53.01 22.37 36.00
C ARG H 171 -53.01 22.41 36.00
N ALA H 172 -53.77 22.33 37.10
CA ALA H 172 -55.19 22.71 37.09
C ALA H 172 -55.37 24.20 36.79
N ALA H 173 -54.49 25.06 37.36
CA ALA H 173 -54.55 26.51 37.15
C ALA H 173 -54.23 26.91 35.71
N LEU H 174 -53.46 26.09 34.99
CA LEU H 174 -53.18 26.35 33.57
C LEU H 174 -54.44 26.09 32.69
N GLY H 175 -55.40 25.30 33.18
CA GLY H 175 -56.67 25.05 32.50
C GLY H 175 -56.59 24.09 31.34
N PRO H 176 -57.72 23.95 30.61
CA PRO H 176 -57.73 23.03 29.46
C PRO H 176 -56.88 23.53 28.29
N GLU H 177 -56.69 24.85 28.16
CA GLU H 177 -55.86 25.39 27.08
C GLU H 177 -54.33 25.32 27.37
N GLY H 178 -53.94 25.01 28.60
CA GLY H 178 -52.51 24.97 28.94
C GLY H 178 -51.94 23.57 29.15
N HIS H 179 -52.57 22.53 28.57
CA HIS H 179 -52.11 21.14 28.69
CA HIS H 179 -52.09 21.15 28.70
C HIS H 179 -50.72 20.92 28.07
N GLY H 180 -50.37 21.70 27.05
CA GLY H 180 -49.08 21.57 26.36
C GLY H 180 -47.91 22.28 27.02
N ILE H 181 -48.16 23.11 28.04
CA ILE H 181 -47.12 23.84 28.75
C ILE H 181 -46.31 22.89 29.64
N LYS H 182 -44.98 22.97 29.61
CA LYS H 182 -44.14 22.10 30.42
C LYS H 182 -44.04 22.66 31.84
N ILE H 183 -44.19 21.80 32.84
CA ILE H 183 -44.06 22.25 34.23
C ILE H 183 -42.71 21.76 34.79
N ILE H 184 -41.84 22.70 35.12
CA ILE H 184 -40.54 22.40 35.73
C ILE H 184 -40.68 22.78 37.21
N SER H 185 -40.62 21.79 38.10
CA SER H 185 -40.77 22.06 39.52
C SER H 185 -39.47 22.57 40.14
N LYS H 186 -39.53 23.71 40.83
CA LYS H 186 -38.36 24.25 41.52
C LYS H 186 -38.27 23.64 42.91
N ILE H 187 -37.14 22.99 43.22
CA ILE H 187 -36.91 22.39 44.53
C ILE H 187 -36.11 23.41 45.29
N GLU H 188 -36.72 23.98 46.34
CA GLU H 188 -36.12 25.10 47.07
C GLU H 188 -36.04 24.90 48.59
N ASN H 189 -36.45 23.75 49.11
CA ASN H 189 -36.43 23.53 50.54
C ASN H 189 -36.26 22.04 50.89
N HIS H 190 -36.12 21.74 52.19
CA HIS H 190 -35.90 20.38 52.66
C HIS H 190 -37.04 19.45 52.24
N GLU H 191 -38.30 19.89 52.37
CA GLU H 191 -39.44 19.03 52.00
C GLU H 191 -39.42 18.64 50.51
N GLY H 192 -39.10 19.61 49.64
CA GLY H 192 -39.00 19.33 48.20
C GLY H 192 -37.96 18.28 47.90
N VAL H 193 -36.81 18.32 48.60
CA VAL H 193 -35.73 17.35 48.42
C VAL H 193 -36.20 15.98 48.92
N LYS H 194 -36.82 15.92 50.09
CA LYS H 194 -37.31 14.66 50.65
C LYS H 194 -38.42 14.01 49.86
N ARG H 195 -39.31 14.83 49.27
CA ARG H 195 -40.37 14.30 48.43
C ARG H 195 -40.04 14.39 46.93
N PHE H 196 -38.74 14.46 46.59
CA PHE H 196 -38.29 14.59 45.22
C PHE H 196 -38.90 13.57 44.26
N ASP H 197 -38.85 12.27 44.61
CA ASP H 197 -39.34 11.24 43.70
C ASP H 197 -40.79 11.43 43.29
N GLU H 198 -41.67 11.76 44.22
CA GLU H 198 -43.08 11.97 43.90
C GLU H 198 -43.30 13.26 43.08
N ILE H 199 -42.45 14.27 43.28
CA ILE H 199 -42.54 15.52 42.54
C ILE H 199 -42.06 15.29 41.10
N LEU H 200 -40.90 14.62 40.92
CA LEU H 200 -40.36 14.35 39.58
C LEU H 200 -41.33 13.51 38.76
N GLU H 201 -41.96 12.50 39.38
CA GLU H 201 -42.92 11.62 38.72
C GLU H 201 -44.03 12.36 37.98
N VAL H 202 -44.56 13.44 38.56
CA VAL H 202 -45.65 14.20 37.94
C VAL H 202 -45.20 15.50 37.25
N SER H 203 -43.90 15.84 37.30
CA SER H 203 -43.40 17.04 36.66
C SER H 203 -42.79 16.71 35.29
N ASP H 204 -42.63 17.72 34.43
CA ASP H 204 -41.90 17.53 33.17
C ASP H 204 -40.38 17.60 33.40
N GLY H 205 -39.96 18.23 34.50
CA GLY H 205 -38.56 18.40 34.84
C GLY H 205 -38.38 19.12 36.16
N ILE H 206 -37.12 19.42 36.50
CA ILE H 206 -36.79 20.02 37.80
C ILE H 206 -35.84 21.20 37.67
N MET H 207 -35.95 22.16 38.58
CA MET H 207 -34.96 23.21 38.68
C MET H 207 -34.34 23.11 40.07
N VAL H 208 -33.01 23.04 40.15
CA VAL H 208 -32.30 23.06 41.43
C VAL H 208 -32.17 24.56 41.74
N ALA H 209 -33.09 25.08 42.54
CA ALA H 209 -33.17 26.51 42.82
C ALA H 209 -32.32 26.79 44.03
N ARG H 210 -31.01 26.97 43.78
CA ARG H 210 -30.00 27.03 44.83
C ARG H 210 -30.07 28.23 45.76
N GLY H 211 -30.64 29.34 45.31
CA GLY H 211 -30.77 30.53 46.15
C GLY H 211 -31.55 30.27 47.42
N ASP H 212 -32.82 29.88 47.28
CA ASP H 212 -33.66 29.55 48.44
C ASP H 212 -33.23 28.25 49.09
N LEU H 213 -32.80 27.25 48.28
CA LEU H 213 -32.32 25.99 48.85
C LEU H 213 -31.15 26.20 49.83
N GLY H 214 -30.23 27.11 49.47
CA GLY H 214 -29.07 27.46 50.29
C GLY H 214 -29.36 28.21 51.56
N ILE H 215 -30.61 28.71 51.73
CA ILE H 215 -31.06 29.35 52.95
C ILE H 215 -32.00 28.41 53.75
N GLU H 216 -32.69 27.50 53.06
CA GLU H 216 -33.59 26.52 53.69
C GLU H 216 -32.84 25.33 54.30
N ILE H 217 -31.72 24.94 53.68
CA ILE H 217 -30.87 23.86 54.19
C ILE H 217 -29.45 24.44 54.38
N PRO H 218 -28.55 23.81 55.16
CA PRO H 218 -27.19 24.34 55.29
C PRO H 218 -26.51 24.54 53.92
N ALA H 219 -25.85 25.68 53.73
CA ALA H 219 -25.21 26.05 52.46
C ALA H 219 -24.24 24.98 51.97
N GLU H 220 -23.53 24.34 52.90
CA GLU H 220 -22.56 23.28 52.59
C GLU H 220 -23.19 21.98 52.13
N LYS H 221 -24.53 21.85 52.16
CA LYS H 221 -25.20 20.63 51.70
C LYS H 221 -25.84 20.79 50.29
N VAL H 222 -25.93 22.01 49.78
CA VAL H 222 -26.58 22.27 48.49
C VAL H 222 -25.99 21.44 47.33
N PHE H 223 -24.67 21.27 47.29
CA PHE H 223 -24.04 20.47 46.22
C PHE H 223 -24.53 19.03 46.21
N LEU H 224 -24.83 18.46 47.40
CA LEU H 224 -25.34 17.09 47.50
C LEU H 224 -26.75 17.02 46.90
N ALA H 225 -27.62 18.01 47.21
CA ALA H 225 -28.96 18.06 46.65
C ALA H 225 -28.88 18.27 45.14
N GLN H 226 -27.99 19.15 44.67
CA GLN H 226 -27.83 19.39 43.24
C GLN H 226 -27.40 18.12 42.50
N LYS H 227 -26.35 17.46 42.98
CA LYS H 227 -25.83 16.26 42.34
C LYS H 227 -26.83 15.12 42.36
N MET H 228 -27.58 14.95 43.49
CA MET H 228 -28.61 13.93 43.60
C MET H 228 -29.75 14.18 42.60
N MET H 229 -30.29 15.41 42.57
CA MET H 229 -31.41 15.72 41.69
C MET H 229 -31.04 15.63 40.23
N ILE H 230 -29.81 16.07 39.86
CA ILE H 230 -29.36 15.94 38.47
C ILE H 230 -29.24 14.47 38.10
N GLY H 231 -28.63 13.65 38.99
CA GLY H 231 -28.52 12.21 38.79
C GLY H 231 -29.88 11.55 38.58
N ARG H 232 -30.86 11.87 39.45
CA ARG H 232 -32.19 11.25 39.34
C ARG H 232 -32.96 11.71 38.09
N CYS H 233 -32.79 12.97 37.68
CA CYS H 233 -33.43 13.46 36.46
C CYS H 233 -32.79 12.81 35.23
N ASN H 234 -31.46 12.62 35.23
CA ASN H 234 -30.78 11.95 34.12
C ASN H 234 -31.27 10.48 34.05
N LEU H 235 -31.45 9.83 35.19
CA LEU H 235 -31.95 8.45 35.24
C LEU H 235 -33.39 8.38 34.67
N ALA H 236 -34.22 9.35 35.01
CA ALA H 236 -35.61 9.43 34.53
C ALA H 236 -35.73 9.95 33.10
N GLY H 237 -34.67 10.52 32.52
CA GLY H 237 -34.76 11.08 31.17
C GLY H 237 -35.58 12.36 31.13
N LYS H 238 -35.61 13.12 32.24
CA LYS H 238 -36.37 14.38 32.31
C LYS H 238 -35.43 15.55 32.51
N PRO H 239 -35.73 16.70 31.88
CA PRO H 239 -34.83 17.86 32.00
C PRO H 239 -34.57 18.36 33.41
N VAL H 240 -33.33 18.78 33.66
CA VAL H 240 -32.97 19.37 34.95
C VAL H 240 -32.17 20.66 34.72
N VAL H 241 -32.51 21.71 35.46
CA VAL H 241 -31.90 23.03 35.35
C VAL H 241 -31.06 23.33 36.59
N CYS H 242 -29.84 23.83 36.42
CA CYS H 242 -29.06 24.31 37.56
C CYS H 242 -29.19 25.83 37.57
N ALA H 243 -29.52 26.41 38.73
CA ALA H 243 -29.75 27.85 38.80
C ALA H 243 -29.11 28.54 39.98
N THR H 244 -28.90 29.88 39.85
CA THR H 244 -28.59 30.90 40.85
C THR H 244 -27.12 31.07 41.19
N GLN H 245 -26.65 32.32 41.00
CA GLN H 245 -25.31 32.80 41.33
C GLN H 245 -24.19 32.10 40.59
N MET H 246 -24.49 31.50 39.42
CA MET H 246 -23.48 30.78 38.63
C MET H 246 -22.37 31.69 38.17
N LEU H 247 -22.68 32.93 37.76
CA LEU H 247 -21.70 33.93 37.33
C LEU H 247 -22.02 35.27 38.03
N GLU H 248 -22.41 35.22 39.32
CA GLU H 248 -22.83 36.38 40.11
C GLU H 248 -21.97 37.64 39.96
N SER H 249 -20.64 37.51 40.05
CA SER H 249 -19.75 38.67 39.96
C SER H 249 -19.85 39.41 38.63
N MET H 250 -20.35 38.74 37.55
CA MET H 250 -20.53 39.41 36.25
C MET H 250 -21.70 40.40 36.23
N ILE H 251 -22.42 40.56 37.35
CA ILE H 251 -23.44 41.61 37.46
C ILE H 251 -22.72 42.99 37.38
N THR H 252 -21.49 43.08 37.97
CA THR H 252 -20.73 44.35 38.00
C THR H 252 -19.38 44.27 37.32
N LYS H 253 -18.83 43.06 37.10
CA LYS H 253 -17.50 42.89 36.51
C LYS H 253 -17.52 42.20 35.16
N PRO H 254 -16.58 42.55 34.27
CA PRO H 254 -16.59 41.97 32.91
C PRO H 254 -16.18 40.49 32.84
N ARG H 255 -15.46 40.00 33.86
CA ARG H 255 -15.00 38.60 33.88
C ARG H 255 -15.42 37.96 35.21
N PRO H 256 -15.75 36.65 35.18
CA PRO H 256 -16.20 35.98 36.42
C PRO H 256 -15.03 35.50 37.31
N THR H 257 -15.34 35.04 38.52
CA THR H 257 -14.31 34.49 39.41
C THR H 257 -13.96 33.06 39.00
N ARG H 258 -12.87 32.51 39.56
CA ARG H 258 -12.47 31.12 39.30
C ARG H 258 -13.49 30.12 39.83
N ALA H 259 -14.19 30.46 40.93
CA ALA H 259 -15.23 29.59 41.48
C ALA H 259 -16.45 29.55 40.57
N GLU H 260 -16.78 30.67 39.93
CA GLU H 260 -17.94 30.78 39.04
C GLU H 260 -17.76 29.97 37.77
N THR H 261 -16.59 30.05 37.12
CA THR H 261 -16.35 29.24 35.90
C THR H 261 -16.38 27.77 36.24
N SER H 262 -15.81 27.41 37.41
CA SER H 262 -15.79 26.06 37.89
C SER H 262 -17.23 25.54 38.16
N ASP H 263 -18.08 26.38 38.75
CA ASP H 263 -19.46 26.02 39.06
C ASP H 263 -20.23 25.72 37.77
N VAL H 264 -20.04 26.54 36.73
CA VAL H 264 -20.73 26.32 35.44
C VAL H 264 -20.25 25.00 34.84
N ALA H 265 -18.92 24.79 34.79
CA ALA H 265 -18.36 23.57 34.22
C ALA H 265 -18.82 22.32 34.97
N ASN H 266 -18.84 22.39 36.32
CA ASN H 266 -19.27 21.27 37.14
C ASN H 266 -20.76 21.01 37.05
N ALA H 267 -21.61 22.02 36.82
CA ALA H 267 -23.05 21.79 36.62
C ALA H 267 -23.26 20.98 35.33
N VAL H 268 -22.50 21.30 34.27
CA VAL H 268 -22.57 20.56 33.01
C VAL H 268 -22.04 19.15 33.21
N LEU H 269 -20.88 18.99 33.85
CA LEU H 269 -20.31 17.67 34.11
C LEU H 269 -21.24 16.83 34.99
N ASP H 270 -21.96 17.46 35.91
CA ASP H 270 -22.93 16.76 36.78
C ASP H 270 -24.05 16.11 35.94
N GLY H 271 -24.46 16.79 34.86
CA GLY H 271 -25.48 16.31 33.96
C GLY H 271 -26.64 17.25 33.73
N ALA H 272 -26.48 18.55 34.10
CA ALA H 272 -27.57 19.51 33.93
C ALA H 272 -27.92 19.70 32.46
N ASP H 273 -29.21 19.69 32.13
CA ASP H 273 -29.66 19.95 30.76
C ASP H 273 -29.57 21.44 30.46
N CYS H 274 -29.86 22.30 31.46
CA CYS H 274 -29.84 23.76 31.30
C CYS H 274 -29.09 24.39 32.43
N ILE H 275 -28.52 25.55 32.14
CA ILE H 275 -27.88 26.41 33.13
C ILE H 275 -28.58 27.76 33.05
N MET H 276 -28.57 28.52 34.15
CA MET H 276 -29.35 29.73 34.21
C MET H 276 -28.56 30.95 34.68
N LEU H 277 -29.02 32.10 34.23
CA LEU H 277 -28.53 33.42 34.61
C LEU H 277 -29.73 34.20 35.16
N SER H 278 -29.57 34.84 36.32
CA SER H 278 -30.65 35.61 36.95
C SER H 278 -30.28 37.08 36.90
N GLY H 279 -29.64 37.63 37.95
CA GLY H 279 -29.23 39.02 37.95
C GLY H 279 -28.23 39.34 36.86
N GLU H 280 -27.41 38.36 36.48
CA GLU H 280 -26.40 38.55 35.41
C GLU H 280 -26.99 39.05 34.10
N THR H 281 -28.24 38.66 33.77
CA THR H 281 -28.88 39.14 32.55
C THR H 281 -30.05 40.07 32.84
N ALA H 282 -30.68 39.95 34.02
CA ALA H 282 -31.83 40.77 34.33
C ALA H 282 -31.47 42.20 34.65
N LYS H 283 -30.40 42.42 35.42
CA LYS H 283 -30.10 43.78 35.86
C LYS H 283 -28.67 44.24 35.75
N GLY H 284 -27.76 43.33 35.47
CA GLY H 284 -26.34 43.64 35.48
C GLY H 284 -25.84 44.45 34.31
N ASN H 285 -24.56 44.75 34.34
CA ASN H 285 -23.93 45.54 33.28
C ASN H 285 -23.37 44.70 32.14
N PHE H 286 -23.34 43.36 32.26
CA PHE H 286 -22.76 42.50 31.20
C PHE H 286 -23.72 41.35 30.80
N PRO H 287 -25.00 41.62 30.44
CA PRO H 287 -25.92 40.51 30.12
C PRO H 287 -25.44 39.67 28.93
N VAL H 288 -24.92 40.31 27.88
CA VAL H 288 -24.47 39.58 26.68
C VAL H 288 -23.20 38.78 26.98
N GLU H 289 -22.25 39.39 27.68
CA GLU H 289 -21.00 38.74 28.04
C GLU H 289 -21.26 37.55 28.99
N ALA H 290 -22.28 37.63 29.86
CA ALA H 290 -22.61 36.53 30.79
C ALA H 290 -23.12 35.33 29.98
N VAL H 291 -23.94 35.59 28.94
CA VAL H 291 -24.45 34.53 28.07
C VAL H 291 -23.27 33.90 27.30
N LYS H 292 -22.38 34.75 26.75
CA LYS H 292 -21.20 34.25 26.02
C LYS H 292 -20.29 33.41 26.92
N MET H 293 -20.13 33.78 28.19
CA MET H 293 -19.28 33.05 29.13
C MET H 293 -19.87 31.68 29.44
N GLN H 294 -21.20 31.61 29.69
CA GLN H 294 -21.84 30.30 29.91
C GLN H 294 -21.71 29.43 28.68
N HIS H 295 -21.86 30.01 27.49
CA HIS H 295 -21.70 29.27 26.22
C HIS H 295 -20.28 28.69 26.11
N ALA H 296 -19.25 29.53 26.35
CA ALA H 296 -17.87 29.10 26.24
C ALA H 296 -17.52 27.98 27.23
N ILE H 297 -17.96 28.12 28.50
CA ILE H 297 -17.66 27.10 29.49
C ILE H 297 -18.40 25.78 29.19
N ALA H 298 -19.69 25.87 28.89
CA ALA H 298 -20.49 24.68 28.58
C ALA H 298 -19.91 23.84 27.45
N ARG H 299 -19.47 24.47 26.37
CA ARG H 299 -18.87 23.76 25.23
C ARG H 299 -17.61 22.98 25.68
N GLU H 300 -16.78 23.61 26.51
CA GLU H 300 -15.56 22.96 27.00
C GLU H 300 -15.93 21.78 27.90
N ALA H 301 -16.90 21.98 28.80
CA ALA H 301 -17.30 20.94 29.76
C ALA H 301 -17.99 19.77 29.10
N GLU H 302 -18.78 20.01 28.05
CA GLU H 302 -19.46 18.93 27.35
C GLU H 302 -18.47 17.98 26.70
N ALA H 303 -17.38 18.51 26.12
CA ALA H 303 -16.34 17.67 25.51
C ALA H 303 -15.59 16.85 26.57
N ALA H 304 -15.51 17.36 27.83
CA ALA H 304 -14.85 16.70 28.96
C ALA H 304 -15.71 15.63 29.65
N VAL H 305 -16.95 15.42 29.21
CA VAL H 305 -17.82 14.38 29.78
C VAL H 305 -17.19 12.99 29.44
N TYR H 306 -17.19 12.07 30.38
CA TYR H 306 -16.63 10.74 30.17
C TYR H 306 -17.67 9.81 29.56
N HIS H 307 -17.95 9.98 28.25
CA HIS H 307 -19.00 9.23 27.57
C HIS H 307 -18.88 7.72 27.68
N ARG H 308 -17.65 7.18 27.73
CA ARG H 308 -17.46 5.73 27.83
C ARG H 308 -18.22 5.13 29.03
N GLN H 309 -18.05 5.70 30.23
CA GLN H 309 -18.77 5.20 31.40
C GLN H 309 -20.21 5.73 31.47
N LEU H 310 -20.42 6.99 31.12
CA LEU H 310 -21.77 7.57 31.16
C LEU H 310 -22.77 6.77 30.28
N PHE H 311 -22.41 6.48 29.03
CA PHE H 311 -23.30 5.73 28.14
C PHE H 311 -23.57 4.33 28.69
N GLU H 312 -22.52 3.64 29.18
CA GLU H 312 -22.68 2.31 29.79
C GLU H 312 -23.65 2.35 30.98
N GLU H 313 -23.51 3.35 31.86
CA GLU H 313 -24.38 3.45 33.03
C GLU H 313 -25.80 3.83 32.68
N LEU H 314 -25.99 4.72 31.71
CA LEU H 314 -27.34 5.11 31.27
C LEU H 314 -28.06 3.90 30.65
N ARG H 315 -27.36 3.08 29.83
CA ARG H 315 -28.02 1.92 29.24
C ARG H 315 -28.31 0.84 30.31
N ARG H 316 -27.39 0.60 31.23
CA ARG H 316 -27.59 -0.39 32.29
C ARG H 316 -28.74 0.00 33.24
N ALA H 317 -28.89 1.29 33.51
CA ALA H 317 -29.94 1.76 34.41
C ALA H 317 -31.31 1.85 33.74
N ALA H 318 -31.34 2.12 32.43
CA ALA H 318 -32.59 2.23 31.71
C ALA H 318 -33.18 0.84 31.54
N PRO H 319 -34.41 0.66 32.03
CA PRO H 319 -35.03 -0.67 31.90
C PRO H 319 -35.26 -1.07 30.44
N LEU H 320 -35.48 -2.38 30.19
CA LEU H 320 -35.83 -2.88 28.86
C LEU H 320 -37.11 -2.18 28.38
N SER H 321 -37.20 -1.90 27.08
CA SER H 321 -38.37 -1.21 26.59
C SER H 321 -38.92 -1.85 25.35
N ARG H 322 -40.23 -1.87 25.26
CA ARG H 322 -40.90 -2.35 24.06
C ARG H 322 -41.45 -1.17 23.21
N ASP H 323 -41.12 0.08 23.58
CA ASP H 323 -41.60 1.24 22.85
C ASP H 323 -40.62 1.45 21.69
N PRO H 324 -41.10 1.41 20.43
CA PRO H 324 -40.16 1.56 19.30
C PRO H 324 -39.40 2.87 19.27
N THR H 325 -39.96 3.98 19.79
CA THR H 325 -39.24 5.25 19.80
C THR H 325 -37.99 5.13 20.69
N GLU H 326 -38.18 4.52 21.86
CA GLU H 326 -37.10 4.34 22.83
C GLU H 326 -36.04 3.37 22.26
N VAL H 327 -36.49 2.28 21.62
CA VAL H 327 -35.59 1.28 21.05
C VAL H 327 -34.77 1.89 19.90
N THR H 328 -35.42 2.68 19.04
CA THR H 328 -34.75 3.36 17.93
C THR H 328 -33.74 4.36 18.46
N ALA H 329 -34.11 5.11 19.51
CA ALA H 329 -33.23 6.10 20.13
C ALA H 329 -31.89 5.51 20.62
N ILE H 330 -31.92 4.39 21.34
CA ILE H 330 -30.68 3.79 21.85
C ILE H 330 -29.84 3.21 20.70
N GLY H 331 -30.50 2.67 19.68
CA GLY H 331 -29.80 2.16 18.51
C GLY H 331 -29.13 3.27 17.75
N ALA H 332 -29.81 4.44 17.61
CA ALA H 332 -29.27 5.59 16.92
C ALA H 332 -28.08 6.20 17.68
N VAL H 333 -28.16 6.28 19.02
CA VAL H 333 -27.07 6.85 19.82
C VAL H 333 -25.85 5.92 19.77
N GLU H 334 -26.08 4.59 19.80
CA GLU H 334 -25.00 3.62 19.67
C GLU H 334 -24.34 3.76 18.29
N ALA H 335 -25.12 3.89 17.22
CA ALA H 335 -24.62 4.06 15.85
C ALA H 335 -23.83 5.37 15.72
N ALA H 336 -24.34 6.46 16.32
CA ALA H 336 -23.64 7.76 16.29
C ALA H 336 -22.23 7.66 16.94
N PHE H 337 -22.12 6.99 18.07
CA PHE H 337 -20.83 6.80 18.76
C PHE H 337 -19.88 5.96 17.91
N LYS H 338 -20.41 4.93 17.24
CA LYS H 338 -19.59 4.03 16.42
C LYS H 338 -18.86 4.74 15.27
N CYS H 339 -19.52 5.72 14.64
CA CYS H 339 -18.94 6.40 13.49
C CYS H 339 -18.52 7.83 13.77
N CYS H 340 -18.57 8.30 15.03
CA CYS H 340 -18.30 9.70 15.41
C CYS H 340 -19.21 10.62 14.58
N ALA H 341 -20.50 10.26 14.46
CA ALA H 341 -21.44 11.03 13.66
C ALA H 341 -21.45 12.51 14.05
N ALA H 342 -21.50 13.36 13.01
CA ALA H 342 -21.57 14.80 13.22
C ALA H 342 -22.93 15.16 13.86
N ALA H 343 -23.99 14.41 13.53
CA ALA H 343 -25.32 14.72 14.07
C ALA H 343 -26.29 13.52 14.00
N ILE H 344 -27.36 13.59 14.80
CA ILE H 344 -28.49 12.71 14.68
C ILE H 344 -29.63 13.65 14.26
N ILE H 345 -30.17 13.50 13.06
CA ILE H 345 -31.27 14.33 12.60
C ILE H 345 -32.55 13.57 12.89
N VAL H 346 -33.47 14.17 13.64
CA VAL H 346 -34.72 13.49 14.04
C VAL H 346 -35.93 14.34 13.68
N LEU H 347 -36.98 13.70 13.15
CA LEU H 347 -38.23 14.36 12.87
C LEU H 347 -39.10 14.14 14.10
N THR H 348 -39.73 15.22 14.60
CA THR H 348 -40.54 15.11 15.80
C THR H 348 -41.69 16.11 15.78
N THR H 349 -42.86 15.69 16.24
CA THR H 349 -44.04 16.55 16.29
C THR H 349 -44.14 17.18 17.68
N THR H 350 -43.95 16.39 18.74
CA THR H 350 -44.09 16.84 20.13
C THR H 350 -42.75 17.10 20.84
N GLY H 351 -41.65 16.65 20.25
CA GLY H 351 -40.33 16.71 20.86
C GLY H 351 -39.89 15.39 21.49
N ARG H 352 -40.83 14.46 21.72
CA ARG H 352 -40.55 13.22 22.43
C ARG H 352 -39.42 12.36 21.81
N SER H 353 -39.41 12.21 20.47
CA SER H 353 -38.33 11.39 19.84
C SER H 353 -36.96 12.03 20.09
N ALA H 354 -36.89 13.38 20.13
CA ALA H 354 -35.62 14.06 20.40
C ALA H 354 -35.22 13.91 21.86
N GLN H 355 -36.22 13.96 22.78
CA GLN H 355 -35.97 13.80 24.21
C GLN H 355 -35.42 12.41 24.52
N LEU H 356 -35.94 11.37 23.83
CA LEU H 356 -35.44 10.01 24.05
C LEU H 356 -34.03 9.79 23.52
N LEU H 357 -33.63 10.56 22.50
CA LEU H 357 -32.25 10.51 22.01
C LEU H 357 -31.33 11.19 23.04
N SER H 358 -31.75 12.38 23.50
CA SER H 358 -31.03 13.22 24.47
C SER H 358 -30.74 12.48 25.81
N ARG H 359 -31.68 11.66 26.29
CA ARG H 359 -31.52 10.96 27.58
C ARG H 359 -30.31 10.00 27.59
N TYR H 360 -29.88 9.54 26.39
CA TYR H 360 -28.73 8.65 26.30
C TYR H 360 -27.41 9.42 26.16
N ARG H 361 -27.43 10.78 26.20
CA ARG H 361 -26.29 11.69 26.15
C ARG H 361 -25.30 11.42 25.02
N PRO H 362 -25.78 11.46 23.76
CA PRO H 362 -24.84 11.30 22.65
C PRO H 362 -23.89 12.46 22.57
N ARG H 363 -22.70 12.21 22.02
CA ARG H 363 -21.77 13.28 21.74
C ARG H 363 -22.28 14.05 20.50
N ALA H 364 -22.90 13.34 19.51
CA ALA H 364 -23.49 13.93 18.31
C ALA H 364 -24.63 14.86 18.70
N ALA H 365 -24.72 16.01 18.05
CA ALA H 365 -25.81 16.94 18.24
C ALA H 365 -27.12 16.29 17.75
N VAL H 366 -28.24 16.54 18.45
CA VAL H 366 -29.53 16.01 18.02
C VAL H 366 -30.26 17.15 17.31
N ILE H 367 -30.28 17.15 15.97
CA ILE H 367 -30.95 18.19 15.21
C ILE H 367 -32.41 17.78 15.05
N ALA H 368 -33.31 18.48 15.71
CA ALA H 368 -34.72 18.12 15.70
C ALA H 368 -35.51 18.99 14.75
N VAL H 369 -36.08 18.39 13.72
CA VAL H 369 -36.87 19.11 12.73
C VAL H 369 -38.34 18.94 13.07
N THR H 370 -39.04 20.05 13.28
CA THR H 370 -40.45 20.02 13.64
C THR H 370 -41.23 21.16 13.01
N ARG H 371 -42.53 20.95 12.80
CA ARG H 371 -43.41 22.03 12.34
C ARG H 371 -44.07 22.74 13.54
N SER H 372 -44.02 22.16 14.75
CA SER H 372 -44.62 22.76 15.93
C SER H 372 -43.67 23.83 16.48
N ALA H 373 -44.10 25.10 16.37
CA ALA H 373 -43.32 26.22 16.92
C ALA H 373 -43.14 26.05 18.43
N GLN H 374 -44.16 25.57 19.14
CA GLN H 374 -44.06 25.34 20.58
C GLN H 374 -43.07 24.20 20.94
N ALA H 375 -43.16 23.06 20.24
CA ALA H 375 -42.22 21.95 20.51
C ALA H 375 -40.78 22.39 20.21
N ALA H 376 -40.57 23.20 19.16
CA ALA H 376 -39.24 23.72 18.81
C ALA H 376 -38.67 24.55 19.98
N ARG H 377 -39.51 25.36 20.63
CA ARG H 377 -39.08 26.13 21.79
C ARG H 377 -38.84 25.24 23.01
N GLN H 378 -39.77 24.31 23.30
CA GLN H 378 -39.67 23.46 24.49
C GLN H 378 -38.52 22.44 24.49
N VAL H 379 -38.09 21.96 23.32
CA VAL H 379 -36.99 20.97 23.31
C VAL H 379 -35.64 21.53 23.75
N HIS H 380 -35.51 22.87 23.90
CA HIS H 380 -34.31 23.46 24.47
C HIS H 380 -34.11 22.97 25.93
N LEU H 381 -35.15 22.42 26.57
CA LEU H 381 -35.01 21.87 27.92
C LEU H 381 -34.14 20.61 27.94
N CYS H 382 -33.95 19.93 26.78
CA CYS H 382 -33.22 18.66 26.70
C CYS H 382 -31.85 18.88 26.14
N ARG H 383 -30.82 18.48 26.88
CA ARG H 383 -29.45 18.67 26.44
C ARG H 383 -29.16 18.10 25.06
N GLY H 384 -28.53 18.91 24.24
CA GLY H 384 -28.08 18.50 22.94
C GLY H 384 -29.12 18.48 21.85
N VAL H 385 -30.32 19.03 22.12
CA VAL H 385 -31.34 19.10 21.09
C VAL H 385 -31.31 20.49 20.47
N PHE H 386 -31.07 20.57 19.16
CA PHE H 386 -31.00 21.79 18.37
C PHE H 386 -32.23 21.87 17.49
N PRO H 387 -33.23 22.66 17.89
CA PRO H 387 -34.50 22.66 17.16
C PRO H 387 -34.48 23.51 15.91
N LEU H 388 -35.11 23.02 14.86
CA LEU H 388 -35.26 23.71 13.61
C LEU H 388 -36.74 23.74 13.32
N LEU H 389 -37.27 24.94 13.05
CA LEU H 389 -38.67 25.09 12.74
C LEU H 389 -38.89 25.01 11.21
N TYR H 390 -39.61 23.97 10.79
CA TYR H 390 -39.93 23.74 9.37
C TYR H 390 -41.23 24.46 9.07
N ARG H 391 -41.27 25.27 8.02
CA ARG H 391 -42.45 26.09 7.75
C ARG H 391 -43.28 25.72 6.53
N GLU H 392 -42.74 24.86 5.67
CA GLU H 392 -43.44 24.50 4.44
C GLU H 392 -44.62 23.60 4.69
N PRO H 393 -45.72 23.81 3.95
CA PRO H 393 -46.88 22.92 4.11
C PRO H 393 -46.56 21.47 3.65
N PRO H 394 -47.25 20.45 4.19
CA PRO H 394 -46.92 19.07 3.79
C PRO H 394 -47.04 18.76 2.31
N GLU H 395 -46.05 18.04 1.78
CA GLU H 395 -46.01 17.54 0.40
C GLU H 395 -47.13 16.52 0.23
N ALA H 396 -47.57 16.31 -1.03
CA ALA H 396 -48.61 15.34 -1.36
C ALA H 396 -48.13 13.92 -1.06
N ILE H 397 -46.87 13.61 -1.36
CA ILE H 397 -46.32 12.30 -1.06
C ILE H 397 -45.59 12.39 0.29
N TRP H 398 -46.05 11.61 1.26
CA TRP H 398 -45.50 11.68 2.62
C TRP H 398 -44.01 11.37 2.69
N ALA H 399 -43.51 10.38 1.94
CA ALA H 399 -42.07 10.08 1.92
C ALA H 399 -41.27 11.29 1.43
N ASP H 400 -41.80 12.07 0.45
CA ASP H 400 -41.11 13.27 -0.03
C ASP H 400 -41.14 14.35 1.07
N ASP H 401 -42.23 14.46 1.84
CA ASP H 401 -42.34 15.46 2.92
C ASP H 401 -41.30 15.16 4.03
N VAL H 402 -41.11 13.85 4.32
CA VAL H 402 -40.11 13.38 5.23
C VAL H 402 -38.71 13.75 4.71
N ASP H 403 -38.42 13.41 3.44
CA ASP H 403 -37.11 13.70 2.84
C ASP H 403 -36.79 15.19 2.81
N ARG H 404 -37.79 16.03 2.51
CA ARG H 404 -37.57 17.49 2.48
C ARG H 404 -37.21 18.03 3.86
N ARG H 405 -37.81 17.46 4.92
CA ARG H 405 -37.47 17.89 6.28
C ARG H 405 -36.08 17.43 6.68
N VAL H 406 -35.66 16.22 6.23
CA VAL H 406 -34.32 15.73 6.51
C VAL H 406 -33.30 16.64 5.79
N GLN H 407 -33.60 17.03 4.53
CA GLN H 407 -32.73 17.92 3.77
C GLN H 407 -32.67 19.31 4.39
N PHE H 408 -33.77 19.78 4.98
CA PHE H 408 -33.82 21.05 5.69
C PHE H 408 -32.87 20.99 6.91
N GLY H 409 -32.84 19.84 7.61
CA GLY H 409 -31.93 19.62 8.72
C GLY H 409 -30.48 19.67 8.27
N ILE H 410 -30.18 18.99 7.14
CA ILE H 410 -28.84 18.97 6.57
C ILE H 410 -28.39 20.38 6.13
N GLU H 411 -29.25 21.10 5.38
CA GLU H 411 -28.91 22.42 4.87
C GLU H 411 -28.73 23.42 6.02
N SER H 412 -29.57 23.32 7.07
CA SER H 412 -29.42 24.19 8.22
C SER H 412 -28.11 23.87 8.94
N GLY H 413 -27.81 22.56 9.08
CA GLY H 413 -26.61 22.08 9.72
C GLY H 413 -25.36 22.56 9.00
N LYS H 414 -25.36 22.54 7.67
CA LYS H 414 -24.22 23.00 6.86
C LYS H 414 -24.02 24.51 7.06
N LEU H 415 -25.09 25.28 6.96
CA LEU H 415 -25.03 26.73 7.13
C LEU H 415 -24.51 27.13 8.51
N ARG H 416 -24.95 26.42 9.56
CA ARG H 416 -24.57 26.73 10.94
C ARG H 416 -23.23 26.16 11.38
N GLY H 417 -22.59 25.35 10.55
CA GLY H 417 -21.29 24.76 10.89
C GLY H 417 -21.36 23.41 11.58
N PHE H 418 -22.56 22.85 11.77
CA PHE H 418 -22.72 21.52 12.40
C PHE H 418 -22.21 20.41 11.46
N LEU H 419 -22.42 20.57 10.15
CA LEU H 419 -22.16 19.53 9.16
C LEU H 419 -21.36 20.04 8.00
N ARG H 420 -20.66 19.11 7.37
CA ARG H 420 -19.89 19.39 6.17
C ARG H 420 -19.94 18.12 5.27
N VAL H 421 -19.68 18.29 3.97
CA VAL H 421 -19.64 17.20 3.00
C VAL H 421 -18.67 16.11 3.44
N GLY H 422 -19.11 14.86 3.40
CA GLY H 422 -18.29 13.75 3.86
C GLY H 422 -18.61 13.29 5.26
N ASP H 423 -19.31 14.11 6.06
CA ASP H 423 -19.68 13.72 7.42
C ASP H 423 -20.72 12.60 7.38
N LEU H 424 -20.79 11.81 8.44
CA LEU H 424 -21.85 10.82 8.59
C LEU H 424 -22.85 11.38 9.59
N VAL H 425 -24.14 11.20 9.33
CA VAL H 425 -25.22 11.55 10.23
C VAL H 425 -26.13 10.32 10.38
N ILE H 426 -26.83 10.26 11.49
CA ILE H 426 -27.82 9.24 11.76
C ILE H 426 -29.16 9.93 11.59
N VAL H 427 -30.07 9.38 10.81
CA VAL H 427 -31.39 9.99 10.57
C VAL H 427 -32.47 9.14 11.19
N VAL H 428 -33.27 9.74 12.08
CA VAL H 428 -34.33 9.07 12.82
C VAL H 428 -35.71 9.54 12.39
N THR H 429 -36.50 8.62 11.82
CA THR H 429 -37.85 8.91 11.31
C THR H 429 -38.82 7.80 11.77
N GLY H 430 -40.08 7.87 11.34
CA GLY H 430 -41.10 6.89 11.65
C GLY H 430 -41.76 6.31 10.42
N TRP H 431 -42.63 5.30 10.62
CA TRP H 431 -43.20 4.58 9.49
C TRP H 431 -44.51 5.17 8.94
N ARG H 432 -45.12 6.11 9.68
CA ARG H 432 -46.37 6.73 9.22
C ARG H 432 -46.46 8.17 9.81
N PRO H 433 -47.33 9.03 9.27
CA PRO H 433 -47.48 10.39 9.84
C PRO H 433 -48.09 10.36 11.25
N GLY H 434 -47.92 11.45 11.96
CA GLY H 434 -48.43 11.57 13.32
C GLY H 434 -47.38 11.20 14.33
N SER H 435 -47.56 11.69 15.54
CA SER H 435 -46.70 11.46 16.68
C SER H 435 -46.79 10.02 17.19
N GLY H 436 -45.69 9.49 17.71
CA GLY H 436 -45.66 8.18 18.36
C GLY H 436 -45.22 7.00 17.52
N TYR H 437 -44.83 7.22 16.27
CA TYR H 437 -44.46 6.12 15.37
C TYR H 437 -43.01 6.09 14.92
N THR H 438 -42.09 6.75 15.66
CA THR H 438 -40.66 6.70 15.32
C THR H 438 -40.18 5.25 15.45
N ASN H 439 -39.54 4.73 14.41
CA ASN H 439 -39.05 3.34 14.45
C ASN H 439 -37.91 3.07 13.45
N ILE H 440 -37.35 4.10 12.81
CA ILE H 440 -36.33 3.91 11.78
C ILE H 440 -35.08 4.74 12.05
N MET H 441 -33.92 4.12 11.87
CA MET H 441 -32.66 4.83 11.93
C MET H 441 -31.86 4.51 10.66
N ARG H 442 -31.30 5.54 10.02
CA ARG H 442 -30.54 5.40 8.79
CA ARG H 442 -30.50 5.31 8.84
C ARG H 442 -29.17 6.05 8.90
N VAL H 443 -28.14 5.43 8.35
CA VAL H 443 -26.80 6.01 8.34
C VAL H 443 -26.63 6.72 6.99
N LEU H 444 -26.43 8.03 7.00
CA LEU H 444 -26.35 8.82 5.78
C LEU H 444 -25.05 9.59 5.67
N SER H 445 -24.50 9.61 4.47
CA SER H 445 -23.30 10.37 4.17
C SER H 445 -23.74 11.74 3.63
N ILE H 446 -23.17 12.81 4.16
CA ILE H 446 -23.50 14.17 3.73
C ILE H 446 -22.86 14.45 2.36
N SER H 447 -23.68 14.82 1.37
CA SER H 447 -23.18 15.17 0.03
C SER H 447 -23.35 16.69 -0.23
#